data_6PZW
#
_entry.id   6PZW
#
loop_
_entity.id
_entity.type
_entity.pdbx_description
1 polymer Neuraminidase
2 polymer 'NA-22 fragment antigen binding light chain'
3 polymer 'NA-22 fragment antigen binding heavy chain'
4 branched 2-acetamido-2-deoxy-beta-D-glucopyranose-(1-4)-2-acetamido-2-deoxy-beta-D-glucopyranose
5 branched alpha-D-mannopyranose-(1-2)-alpha-D-mannopyranose-(1-2)-alpha-D-mannopyranose-(1-3)-[alpha-D-mannopyranose-(1-3)-[alpha-D-mannopyranose-(1-6)]alpha-D-mannopyranose-(1-6)]beta-D-mannopyranose-(1-4)-2-acetamido-2-deoxy-beta-D-glucopyranose-(1-4)-2-acetamido-2-deoxy-beta-D-glucopyranose
6 non-polymer 2-acetamido-2-deoxy-beta-D-glucopyranose
#
loop_
_entity_poly.entity_id
_entity_poly.type
_entity_poly.pdbx_seq_one_letter_code
_entity_poly.pdbx_strand_id
1 'polypeptide(L)'
;LKPGCNCSHSQPETTNTSQTIINNYYNETNITNIQMEERTSRNFNNLTKGLCTINSWHIYGKDNAVRIGESSDVLVTREP
YVSCDPDECRFYALSQGTTIRGKHSNGTIHDRSQYRALISWPLSSPPTVYNSRVECIGWSSTSCHDGKSRMSICISGPNN
NASAVVWYNRRPVAEINTWARNILRTQESECVCHNGVCPVVFTDGSATGPADTRIYYFKEGKILKWESLTGTAKHIEECS
CYGERTGITCTCRDNWQGSNRPVIQIDPVAMTHTSQYICSPVLTDNPRPNDPNIGKCNDPYPGNNNNGVKGFSYLDGANT
WLGRTISTASRSGYEMLKVPNALTDDRSKPIQGQTIVLNADWSGYSGSFMDYWAEGDCYRACFYVELIRGRPKEDKVWWT
SNSIVSMCSSTEFLGQWNWPDGAKIEYFL
;
A,D,C,B
2 'polypeptide(L)'
;QSVLTQPASVSGSPGQSITISCTGTSSDVGGYNYVSWHQQHPGKAPKLMIYDVSNRPSGVSNRFSGSKSGNTASLTISGL
QTEDEADYYCSSYTSSTTNVFGTGTKVTVLGQPKAAPSVTLFPPSSEELQANKATLVCLISDFYPGAVTVAWKADSSPVK
AGVETTTPSKQSNNKYAASSYLSLTPEQWKSHRSYSCQVTHEGSTVEKTVAPTECS
;
I,E,G,L
3 'polypeptide(L)'
;QVQLVESGGGVVQPGRSLRLSCAASGFTFNNYGMHWVRQAPGKGLEWVAVISYDGSNKYYADSVKGRFTISRDNSKNTLY
LQMNSLRAEDTAVYYCAKDKRFITMILVGPFDYWGQGTLVTVSSASTKGPSVFPLAPSSKSTSGGTAALGCLVKDYFPEP
VTVSWNSGALTSGVHTFPAVLQSSGLYSLSSVVTVPSSSLGTQTYICNVNHKPSNTKVDKRVEPKSC
;
K,F,J,H
#
loop_
_chem_comp.id
_chem_comp.type
_chem_comp.name
_chem_comp.formula
BMA D-saccharide, beta linking beta-D-mannopyranose 'C6 H12 O6'
MAN D-saccharide, alpha linking alpha-D-mannopyranose 'C6 H12 O6'
NAG D-saccharide, beta linking 2-acetamido-2-deoxy-beta-D-glucopyranose 'C8 H15 N O6'
#
# COMPACT_ATOMS: atom_id res chain seq x y z
N ARG A 42 3.39 18.09 11.66
CA ARG A 42 4.74 17.75 12.08
C ARG A 42 5.57 18.96 12.45
N ASN A 43 6.73 18.70 13.04
CA ASN A 43 7.69 19.70 13.46
C ASN A 43 9.06 19.17 13.12
N PHE A 44 10.03 20.05 13.01
CA PHE A 44 11.35 19.57 12.70
C PHE A 44 11.97 18.85 13.87
N ASN A 45 12.76 17.84 13.58
CA ASN A 45 13.45 17.12 14.62
C ASN A 45 14.54 17.96 15.24
N ASN A 46 14.54 18.03 16.57
CA ASN A 46 15.56 18.76 17.30
C ASN A 46 16.44 17.78 18.06
N LEU A 47 17.74 18.00 18.02
CA LEU A 47 18.63 17.10 18.74
C LEU A 47 18.70 17.54 20.18
N THR A 48 17.85 16.95 21.00
CA THR A 48 17.73 17.30 22.41
C THR A 48 18.21 16.22 23.40
N LYS A 49 18.39 14.99 22.95
CA LYS A 49 18.76 13.91 23.87
C LYS A 49 20.23 13.50 23.77
N GLY A 50 20.75 12.81 24.79
CA GLY A 50 22.14 12.34 24.74
C GLY A 50 22.15 10.92 24.22
N LEU A 51 23.32 10.27 24.18
CA LEU A 51 23.33 8.86 23.75
C LEU A 51 23.10 7.94 24.93
N CYS A 52 22.49 6.79 24.66
CA CYS A 52 22.29 5.78 25.69
C CYS A 52 23.59 5.02 25.93
N THR A 53 23.85 4.62 27.16
CA THR A 53 25.05 3.87 27.47
C THR A 53 25.13 2.61 26.64
N ILE A 54 26.28 2.39 26.01
CA ILE A 54 26.45 1.22 25.19
C ILE A 54 27.28 0.18 25.92
N ASN A 55 26.65 -0.92 26.33
CA ASN A 55 27.36 -1.99 26.99
C ASN A 55 27.58 -3.12 26.00
N SER A 56 26.65 -3.28 25.06
CA SER A 56 26.78 -4.32 24.04
C SER A 56 25.91 -4.02 22.83
N TRP A 57 26.10 -4.76 21.73
CA TRP A 57 25.28 -4.56 20.53
C TRP A 57 24.41 -5.79 20.21
N HIS A 58 23.20 -5.57 19.68
CA HIS A 58 22.27 -6.66 19.32
C HIS A 58 21.77 -6.53 17.90
N ILE A 59 21.34 -7.64 17.31
CA ILE A 59 20.89 -7.58 15.92
C ILE A 59 19.65 -6.74 15.76
N TYR A 60 19.67 -5.85 14.76
CA TYR A 60 18.58 -4.96 14.43
C TYR A 60 17.93 -5.40 13.13
N GLY A 61 18.76 -5.74 12.16
CA GLY A 61 18.27 -6.14 10.85
C GLY A 61 19.33 -6.86 10.02
N LYS A 62 18.85 -7.56 9.01
CA LYS A 62 19.69 -8.33 8.11
C LYS A 62 18.86 -8.70 6.91
N ASP A 63 19.29 -8.36 5.69
CA ASP A 63 18.42 -8.68 4.56
C ASP A 63 18.65 -10.01 3.85
N ASN A 64 19.82 -10.60 3.99
CA ASN A 64 20.17 -11.84 3.31
C ASN A 64 20.01 -11.66 1.81
N ALA A 65 20.35 -10.47 1.29
CA ALA A 65 20.14 -10.24 -0.14
C ALA A 65 20.86 -11.16 -1.09
N VAL A 66 22.10 -11.52 -0.82
CA VAL A 66 22.79 -12.34 -1.81
C VAL A 66 22.24 -13.75 -1.78
N ARG A 67 21.99 -14.27 -0.59
CA ARG A 67 21.45 -15.60 -0.39
C ARG A 67 20.08 -15.77 -1.06
N ILE A 68 19.18 -14.81 -0.84
CA ILE A 68 17.85 -14.90 -1.45
C ILE A 68 17.96 -14.76 -2.95
N GLY A 69 18.80 -13.82 -3.39
CA GLY A 69 19.02 -13.48 -4.78
C GLY A 69 19.57 -14.60 -5.64
N GLU A 70 19.99 -15.71 -5.05
CA GLU A 70 20.47 -16.82 -5.84
C GLU A 70 19.38 -17.30 -6.77
N SER A 71 18.13 -17.24 -6.34
CA SER A 71 17.05 -17.69 -7.20
C SER A 71 15.77 -16.90 -7.02
N SER A 72 15.87 -15.59 -7.17
CA SER A 72 14.76 -14.64 -7.04
C SER A 72 15.13 -13.32 -7.72
N ASP A 73 14.17 -12.42 -7.92
CA ASP A 73 14.50 -11.14 -8.58
C ASP A 73 15.01 -10.04 -7.67
N VAL A 74 16.26 -10.22 -7.26
CA VAL A 74 16.97 -9.31 -6.35
C VAL A 74 18.03 -8.53 -7.10
N LEU A 75 18.03 -7.21 -6.90
CA LEU A 75 18.93 -6.27 -7.54
C LEU A 75 20.33 -6.31 -7.00
N VAL A 76 21.27 -6.00 -7.87
CA VAL A 76 22.66 -5.83 -7.50
C VAL A 76 22.82 -4.44 -6.96
N THR A 77 23.35 -4.34 -5.76
CA THR A 77 23.58 -3.07 -5.11
C THR A 77 24.97 -3.02 -4.52
N ARG A 78 25.37 -1.82 -4.13
CA ARG A 78 26.58 -1.51 -3.39
C ARG A 78 26.40 -0.30 -2.49
N GLU A 79 27.30 -0.13 -1.52
CA GLU A 79 27.32 1.06 -0.69
C GLU A 79 26.01 1.36 0.00
N PRO A 80 25.53 0.45 0.86
CA PRO A 80 24.30 0.51 1.57
C PRO A 80 24.38 1.45 2.72
N TYR A 81 23.24 1.87 3.19
CA TYR A 81 23.13 2.59 4.44
C TYR A 81 21.74 2.43 5.01
N VAL A 82 21.55 2.80 6.25
CA VAL A 82 20.25 2.67 6.85
C VAL A 82 19.83 4.03 7.32
N SER A 83 18.58 4.38 7.11
CA SER A 83 18.06 5.67 7.54
C SER A 83 16.62 5.59 7.94
N CYS A 84 16.26 6.34 8.97
CA CYS A 84 14.89 6.26 9.46
C CYS A 84 14.07 7.53 9.26
N ASP A 85 12.76 7.32 9.02
CA ASP A 85 11.76 8.37 8.95
C ASP A 85 11.08 8.33 10.32
N PRO A 86 10.15 9.24 10.68
CA PRO A 86 9.44 9.23 11.94
C PRO A 86 8.71 7.96 12.30
N ASP A 87 8.28 7.15 11.34
CA ASP A 87 7.59 5.93 11.64
C ASP A 87 8.09 4.69 10.89
N GLU A 88 9.26 4.78 10.27
CA GLU A 88 9.76 3.64 9.49
C GLU A 88 11.26 3.63 9.26
N CYS A 89 11.90 2.48 9.35
CA CYS A 89 13.29 2.43 8.94
C CYS A 89 13.40 1.64 7.66
N ARG A 90 14.26 2.14 6.76
CA ARG A 90 14.48 1.52 5.47
C ARG A 90 15.95 1.37 5.16
N PHE A 91 16.25 0.42 4.31
CA PHE A 91 17.58 0.23 3.84
C PHE A 91 17.72 1.01 2.57
N TYR A 92 18.88 1.63 2.38
CA TYR A 92 19.19 2.41 1.20
C TYR A 92 20.42 1.86 0.53
N ALA A 93 20.50 1.91 -0.78
CA ALA A 93 21.72 1.48 -1.46
C ALA A 93 21.76 1.99 -2.88
N LEU A 94 22.92 1.92 -3.49
CA LEU A 94 23.00 2.29 -4.88
C LEU A 94 22.91 1.04 -5.75
N SER A 95 21.90 1.02 -6.60
CA SER A 95 21.59 -0.08 -7.51
C SER A 95 22.37 0.01 -8.77
N GLN A 96 22.68 -1.13 -9.38
CA GLN A 96 23.35 -1.19 -10.69
C GLN A 96 22.39 -1.34 -11.87
N GLY A 97 21.08 -1.35 -11.58
CA GLY A 97 20.08 -1.47 -12.62
C GLY A 97 19.94 -2.88 -13.18
N THR A 98 20.26 -3.89 -12.39
CA THR A 98 20.19 -5.26 -12.85
C THR A 98 20.07 -6.21 -11.70
N THR A 99 19.54 -7.41 -11.97
CA THR A 99 19.44 -8.44 -10.95
C THR A 99 20.71 -9.28 -10.87
N ILE A 100 20.86 -9.97 -9.75
CA ILE A 100 22.06 -10.76 -9.48
C ILE A 100 22.29 -11.85 -10.49
N ARG A 101 21.23 -12.53 -10.91
CA ARG A 101 21.41 -13.61 -11.86
C ARG A 101 21.20 -13.17 -13.31
N GLY A 102 21.05 -11.87 -13.56
CA GLY A 102 20.83 -11.45 -14.94
C GLY A 102 22.16 -11.37 -15.64
N LYS A 103 22.16 -11.17 -16.94
CA LYS A 103 23.45 -11.11 -17.64
C LYS A 103 24.07 -9.74 -17.58
N HIS A 104 23.32 -8.77 -17.11
CA HIS A 104 23.85 -7.43 -17.02
C HIS A 104 24.59 -7.28 -15.70
N SER A 105 24.67 -8.35 -14.90
CA SER A 105 25.41 -8.31 -13.66
C SER A 105 26.90 -8.45 -13.95
N ASN A 106 27.24 -8.81 -15.19
CA ASN A 106 28.64 -8.96 -15.56
C ASN A 106 29.26 -7.58 -15.71
N GLY A 107 30.23 -7.26 -14.86
CA GLY A 107 30.84 -5.94 -14.89
C GLY A 107 30.33 -4.97 -13.82
N THR A 108 29.55 -5.45 -12.85
CA THR A 108 29.04 -4.59 -11.77
C THR A 108 30.08 -4.10 -10.81
N ILE A 109 31.31 -4.51 -11.00
CA ILE A 109 32.44 -4.05 -10.24
C ILE A 109 32.66 -2.55 -10.35
N HIS A 110 32.23 -1.93 -11.45
CA HIS A 110 32.44 -0.50 -11.62
C HIS A 110 31.59 0.37 -10.71
N ASP A 111 32.17 1.49 -10.29
CA ASP A 111 31.52 2.40 -9.36
C ASP A 111 30.64 3.47 -9.98
N ARG A 112 30.96 3.90 -11.19
CA ARG A 112 30.20 4.99 -11.75
C ARG A 112 29.69 4.70 -13.15
N SER A 113 28.38 4.78 -13.29
CA SER A 113 27.69 4.53 -14.55
C SER A 113 26.33 5.21 -14.54
N GLN A 114 25.72 5.31 -15.71
CA GLN A 114 24.40 5.93 -15.88
C GLN A 114 23.28 5.15 -15.26
N TYR A 115 23.56 3.91 -14.94
CA TYR A 115 22.58 2.98 -14.46
C TYR A 115 22.42 3.03 -12.97
N ARG A 116 23.29 3.76 -12.29
CA ARG A 116 23.20 3.79 -10.85
C ARG A 116 22.17 4.70 -10.30
N ALA A 117 21.47 4.20 -9.30
CA ALA A 117 20.44 5.00 -8.65
C ALA A 117 20.31 4.67 -7.20
N LEU A 118 19.80 5.62 -6.44
CA LEU A 118 19.58 5.43 -5.03
C LEU A 118 18.21 4.93 -4.80
N ILE A 119 18.13 3.76 -4.19
CA ILE A 119 16.87 3.11 -3.93
C ILE A 119 16.73 2.84 -2.47
N SER A 120 15.50 2.59 -2.05
CA SER A 120 15.29 2.20 -0.68
C SER A 120 14.23 1.14 -0.61
N TRP A 121 14.32 0.32 0.42
CA TRP A 121 13.35 -0.75 0.60
C TRP A 121 13.18 -1.02 2.09
N PRO A 122 12.11 -1.68 2.55
CA PRO A 122 11.82 -1.93 3.94
C PRO A 122 12.94 -2.65 4.63
N LEU A 123 13.21 -2.28 5.87
CA LEU A 123 14.29 -2.90 6.61
C LEU A 123 14.13 -4.39 6.76
N SER A 124 15.24 -5.08 6.51
CA SER A 124 15.46 -6.53 6.53
C SER A 124 14.83 -7.29 5.38
N SER A 125 14.26 -6.61 4.40
CA SER A 125 13.81 -7.28 3.20
C SER A 125 14.94 -7.12 2.21
N PRO A 126 15.13 -7.99 1.21
CA PRO A 126 16.11 -7.84 0.16
C PRO A 126 15.71 -6.71 -0.78
N PRO A 127 16.66 -6.13 -1.53
CA PRO A 127 16.48 -5.08 -2.51
C PRO A 127 15.93 -5.63 -3.77
N THR A 128 14.67 -5.98 -3.75
CA THR A 128 14.08 -6.60 -4.90
C THR A 128 13.70 -5.60 -5.95
N VAL A 129 13.42 -6.13 -7.13
CA VAL A 129 12.97 -5.32 -8.25
C VAL A 129 11.59 -4.75 -7.97
N TYR A 130 10.76 -5.57 -7.37
CA TYR A 130 9.37 -5.26 -7.14
C TYR A 130 9.01 -4.49 -5.86
N ASN A 131 9.88 -4.43 -4.84
CA ASN A 131 9.45 -3.69 -3.63
C ASN A 131 10.28 -2.44 -3.39
N SER A 132 11.18 -2.13 -4.30
CA SER A 132 12.08 -1.00 -4.12
C SER A 132 11.52 0.28 -4.68
N ARG A 133 11.89 1.40 -4.07
CA ARG A 133 11.52 2.71 -4.56
C ARG A 133 12.75 3.48 -4.90
N VAL A 134 12.75 4.18 -6.03
CA VAL A 134 13.92 4.97 -6.39
C VAL A 134 13.77 6.35 -5.81
N GLU A 135 14.79 6.81 -5.11
CA GLU A 135 14.74 8.12 -4.47
C GLU A 135 15.29 9.17 -5.42
N CYS A 136 16.40 8.84 -6.08
CA CYS A 136 17.05 9.73 -7.04
C CYS A 136 18.11 8.98 -7.86
N ILE A 137 18.62 9.62 -8.91
CA ILE A 137 19.63 9.00 -9.78
C ILE A 137 21.00 9.59 -9.69
N GLY A 138 22.00 8.72 -9.59
CA GLY A 138 23.38 9.11 -9.49
C GLY A 138 24.24 8.02 -8.87
N TRP A 139 25.55 8.16 -9.02
CA TRP A 139 26.51 7.20 -8.52
C TRP A 139 27.03 7.45 -7.12
N SER A 140 26.65 8.56 -6.53
CA SER A 140 27.01 8.88 -5.14
C SER A 140 25.87 9.61 -4.49
N SER A 141 25.61 9.30 -3.23
CA SER A 141 24.46 9.93 -2.59
C SER A 141 24.48 10.01 -1.08
N THR A 142 23.48 10.73 -0.55
CA THR A 142 23.19 10.86 0.89
C THR A 142 21.74 11.21 1.16
N SER A 143 21.22 10.84 2.33
CA SER A 143 19.85 11.26 2.63
C SER A 143 19.49 11.31 4.11
N CYS A 144 18.48 12.11 4.44
CA CYS A 144 17.98 12.19 5.81
C CYS A 144 16.63 12.85 5.93
N HIS A 145 15.88 12.42 6.94
CA HIS A 145 14.58 13.02 7.23
C HIS A 145 14.77 14.12 8.23
N ASP A 146 14.15 15.28 7.99
CA ASP A 146 14.33 16.38 8.93
C ASP A 146 13.25 16.53 9.99
N GLY A 147 12.29 15.62 10.04
CA GLY A 147 11.16 15.68 10.98
C GLY A 147 9.87 16.09 10.28
N LYS A 148 9.97 16.67 9.08
CA LYS A 148 8.79 17.00 8.31
C LYS A 148 8.80 16.24 7.00
N SER A 149 9.94 16.24 6.31
CA SER A 149 10.07 15.56 5.03
C SER A 149 11.51 15.14 4.71
N ARG A 150 11.65 14.12 3.88
CA ARG A 150 12.99 13.65 3.52
C ARG A 150 13.70 14.42 2.43
N MET A 151 15.00 14.64 2.68
CA MET A 151 15.93 15.23 1.74
C MET A 151 16.82 14.16 1.19
N SER A 152 17.16 14.24 -0.08
CA SER A 152 18.14 13.31 -0.61
C SER A 152 18.97 13.98 -1.66
N ILE A 153 20.22 13.56 -1.76
CA ILE A 153 21.11 14.12 -2.73
C ILE A 153 21.75 13.06 -3.56
N CYS A 154 21.69 13.20 -4.87
CA CYS A 154 22.38 12.27 -5.76
C CYS A 154 23.31 12.99 -6.70
N ILE A 155 24.47 12.37 -6.93
CA ILE A 155 25.48 12.88 -7.82
C ILE A 155 25.64 12.02 -9.04
N SER A 156 25.58 12.69 -10.18
CA SER A 156 25.68 12.04 -11.48
C SER A 156 26.49 12.87 -12.43
N GLY A 157 26.87 12.28 -13.54
CA GLY A 157 27.65 12.96 -14.55
C GLY A 157 29.00 12.25 -14.70
N PRO A 158 29.83 12.68 -15.64
CA PRO A 158 31.12 12.13 -15.95
C PRO A 158 32.09 12.57 -14.88
N ASN A 159 33.24 11.96 -14.85
CA ASN A 159 34.21 12.26 -13.82
C ASN A 159 34.66 13.73 -13.77
N ASN A 160 34.71 14.40 -14.92
CA ASN A 160 35.15 15.79 -14.99
C ASN A 160 34.04 16.82 -15.17
N ASN A 161 32.79 16.42 -15.00
CA ASN A 161 31.67 17.34 -15.18
C ASN A 161 30.47 16.87 -14.36
N ALA A 162 30.73 16.43 -13.13
CA ALA A 162 29.69 15.90 -12.25
C ALA A 162 28.86 16.99 -11.61
N SER A 163 27.64 16.64 -11.21
CA SER A 163 26.78 17.55 -10.48
C SER A 163 25.88 16.86 -9.47
N ALA A 164 25.50 17.61 -8.44
CA ALA A 164 24.61 17.10 -7.42
C ALA A 164 23.23 17.67 -7.53
N VAL A 165 22.24 16.81 -7.44
CA VAL A 165 20.87 17.29 -7.44
C VAL A 165 20.26 16.98 -6.11
N VAL A 166 19.76 18.03 -5.47
CA VAL A 166 19.18 17.95 -4.17
C VAL A 166 17.68 17.92 -4.29
N TRP A 167 17.09 16.87 -3.76
CA TRP A 167 15.67 16.59 -3.78
C TRP A 167 15.09 16.81 -2.40
N TYR A 168 13.85 17.24 -2.33
CA TYR A 168 13.20 17.33 -1.05
C TYR A 168 11.75 17.03 -1.25
N ASN A 169 11.22 16.17 -0.40
CA ASN A 169 9.82 15.80 -0.48
C ASN A 169 9.50 15.27 -1.87
N ARG A 170 10.43 14.47 -2.39
CA ARG A 170 10.37 13.80 -3.69
C ARG A 170 10.36 14.71 -4.91
N ARG A 171 10.79 15.97 -4.78
CA ARG A 171 10.88 16.85 -5.94
C ARG A 171 12.29 17.44 -5.98
N PRO A 172 12.88 17.76 -7.13
CA PRO A 172 14.14 18.46 -7.21
C PRO A 172 13.96 19.84 -6.61
N VAL A 173 14.94 20.31 -5.86
CA VAL A 173 14.92 21.65 -5.29
C VAL A 173 16.08 22.53 -5.72
N ALA A 174 17.29 21.97 -5.64
CA ALA A 174 18.51 22.76 -5.88
C ALA A 174 19.62 21.91 -6.44
N GLU A 175 20.57 22.54 -7.12
CA GLU A 175 21.71 21.79 -7.65
C GLU A 175 23.04 22.45 -7.35
N ILE A 176 24.06 21.62 -7.25
CA ILE A 176 25.44 22.06 -7.06
C ILE A 176 26.32 21.48 -8.16
N ASN A 177 27.03 22.31 -8.90
CA ASN A 177 27.89 21.76 -9.94
C ASN A 177 29.26 21.48 -9.35
N THR A 178 30.05 20.65 -10.01
CA THR A 178 31.43 20.36 -9.63
C THR A 178 32.30 21.59 -9.62
N TRP A 179 33.22 21.65 -8.64
CA TRP A 179 34.11 22.79 -8.53
C TRP A 179 35.58 22.44 -8.74
N ALA A 180 35.97 21.20 -8.51
CA ALA A 180 37.38 20.84 -8.68
C ALA A 180 37.57 19.98 -9.91
N ARG A 181 36.46 19.63 -10.53
CA ARG A 181 36.38 18.79 -11.72
C ARG A 181 37.03 17.44 -11.55
N ASN A 182 36.85 16.78 -10.39
CA ASN A 182 37.41 15.46 -10.21
C ASN A 182 36.58 14.63 -9.23
N ILE A 183 35.54 14.00 -9.76
CA ILE A 183 34.61 13.16 -9.03
C ILE A 183 33.95 13.92 -7.87
N LEU A 184 32.89 14.64 -8.13
CA LEU A 184 32.19 15.21 -6.99
C LEU A 184 31.61 14.04 -6.24
N ARG A 185 31.78 13.99 -4.93
CA ARG A 185 31.28 12.86 -4.15
C ARG A 185 30.81 13.25 -2.77
N THR A 186 29.97 12.41 -2.15
CA THR A 186 29.50 12.73 -0.81
C THR A 186 29.56 11.58 0.20
N GLN A 187 28.75 11.71 1.22
CA GLN A 187 28.76 10.83 2.40
C GLN A 187 28.41 9.35 2.29
N GLU A 188 27.48 8.94 1.42
CA GLU A 188 27.05 7.54 1.35
C GLU A 188 26.50 7.05 2.68
N SER A 189 25.79 7.92 3.37
CA SER A 189 25.17 7.60 4.64
C SER A 189 24.08 8.57 4.99
N GLU A 190 23.55 8.38 6.17
CA GLU A 190 22.51 9.22 6.71
C GLU A 190 23.08 10.59 7.11
N CYS A 191 22.36 11.63 6.76
CA CYS A 191 22.72 12.98 7.20
C CYS A 191 21.90 13.29 8.45
N VAL A 192 22.29 14.31 9.19
CA VAL A 192 21.56 14.58 10.41
C VAL A 192 21.04 15.99 10.41
N CYS A 193 19.78 16.17 10.69
CA CYS A 193 19.21 17.51 10.67
C CYS A 193 18.89 18.01 12.07
N HIS A 194 18.99 19.31 12.26
CA HIS A 194 18.59 19.94 13.51
C HIS A 194 17.74 21.17 13.23
N ASN A 195 16.50 21.11 13.62
CA ASN A 195 15.56 22.20 13.42
C ASN A 195 15.48 22.59 11.96
N GLY A 196 15.53 21.60 11.08
CA GLY A 196 15.41 21.81 9.66
C GLY A 196 16.74 21.99 8.93
N VAL A 197 17.85 22.18 9.63
CA VAL A 197 19.11 22.37 8.94
C VAL A 197 19.90 21.09 8.89
N CYS A 198 20.27 20.70 7.69
CA CYS A 198 20.94 19.44 7.42
C CYS A 198 22.32 19.65 6.76
N PRO A 199 23.43 19.69 7.52
CA PRO A 199 24.77 19.85 6.99
C PRO A 199 25.12 18.63 6.14
N VAL A 200 25.71 18.84 4.98
CA VAL A 200 26.15 17.74 4.13
C VAL A 200 27.60 17.94 3.75
N VAL A 201 28.39 16.88 3.88
CA VAL A 201 29.80 16.98 3.54
C VAL A 201 30.08 16.51 2.10
N PHE A 202 30.74 17.37 1.33
CA PHE A 202 31.09 17.06 -0.07
C PHE A 202 32.58 17.21 -0.36
N THR A 203 33.09 16.35 -1.20
CA THR A 203 34.50 16.44 -1.61
C THR A 203 34.63 16.41 -3.11
N ASP A 204 35.53 17.22 -3.66
CA ASP A 204 35.80 17.23 -5.09
C ASP A 204 37.31 17.46 -5.29
N GLY A 205 38.01 16.51 -5.88
CA GLY A 205 39.44 16.60 -5.97
C GLY A 205 40.10 15.23 -5.92
N SER A 206 41.42 15.20 -6.03
CA SER A 206 42.12 13.93 -6.08
C SER A 206 41.93 13.08 -4.86
N ALA A 207 41.81 11.76 -5.05
CA ALA A 207 41.65 10.85 -3.93
C ALA A 207 43.01 10.40 -3.38
N THR A 208 44.08 10.85 -4.02
CA THR A 208 45.44 10.48 -3.67
C THR A 208 46.27 11.70 -3.37
N GLY A 209 45.62 12.77 -2.97
CA GLY A 209 46.28 14.03 -2.70
C GLY A 209 45.27 14.97 -2.09
N PRO A 210 45.61 16.24 -1.93
CA PRO A 210 44.74 17.25 -1.36
C PRO A 210 43.49 17.37 -2.22
N ALA A 211 42.38 17.73 -1.59
CA ALA A 211 41.11 17.89 -2.29
C ALA A 211 40.33 18.99 -1.62
N ASP A 212 39.40 19.57 -2.36
CA ASP A 212 38.57 20.65 -1.87
C ASP A 212 37.34 20.09 -1.18
N THR A 213 37.33 20.18 0.14
CA THR A 213 36.28 19.60 0.96
C THR A 213 35.42 20.74 1.48
N ARG A 214 34.11 20.60 1.33
CA ARG A 214 33.17 21.63 1.75
C ARG A 214 31.98 21.09 2.50
N ILE A 215 31.40 21.94 3.32
CA ILE A 215 30.17 21.60 3.99
C ILE A 215 29.08 22.56 3.57
N TYR A 216 27.97 22.02 3.11
CA TYR A 216 26.86 22.88 2.73
C TYR A 216 25.76 22.67 3.74
N TYR A 217 25.11 23.74 4.11
CA TYR A 217 24.04 23.65 5.08
C TYR A 217 22.75 23.88 4.37
N PHE A 218 21.91 22.85 4.36
CA PHE A 218 20.65 22.89 3.64
C PHE A 218 19.43 23.00 4.52
N LYS A 219 18.40 23.68 4.04
CA LYS A 219 17.11 23.70 4.72
C LYS A 219 16.01 23.58 3.68
N GLU A 220 15.20 22.54 3.81
CA GLU A 220 14.13 22.23 2.87
C GLU A 220 14.66 22.14 1.44
N GLY A 221 15.86 21.60 1.30
CA GLY A 221 16.49 21.40 0.01
C GLY A 221 17.27 22.62 -0.52
N LYS A 222 17.19 23.76 0.14
CA LYS A 222 17.89 24.94 -0.36
C LYS A 222 19.15 25.20 0.44
N ILE A 223 20.11 25.91 -0.14
CA ILE A 223 21.36 26.13 0.60
C ILE A 223 21.32 27.44 1.38
N LEU A 224 21.58 27.35 2.68
CA LEU A 224 21.59 28.52 3.54
C LEU A 224 22.98 29.09 3.71
N LYS A 225 23.94 28.19 3.74
CA LYS A 225 25.34 28.57 3.98
C LYS A 225 26.28 27.51 3.42
N TRP A 226 27.53 27.89 3.21
CA TRP A 226 28.52 26.89 2.87
C TRP A 226 29.82 27.27 3.56
N GLU A 227 30.66 26.27 3.82
CA GLU A 227 31.98 26.50 4.38
C GLU A 227 33.05 25.63 3.76
N SER A 228 34.26 26.15 3.70
CA SER A 228 35.38 25.33 3.28
C SER A 228 35.78 24.52 4.50
N LEU A 229 36.32 23.34 4.33
CA LEU A 229 36.76 22.56 5.48
C LEU A 229 37.86 23.24 6.28
N THR A 230 37.70 23.27 7.60
CA THR A 230 38.74 23.80 8.47
C THR A 230 39.17 22.80 9.51
N GLY A 231 40.09 23.21 10.35
CA GLY A 231 40.61 22.35 11.41
C GLY A 231 41.87 21.65 10.95
N THR A 232 42.23 20.55 11.63
CA THR A 232 43.49 19.89 11.36
C THR A 232 43.41 18.60 10.55
N ALA A 233 42.22 18.19 10.13
CA ALA A 233 42.12 17.00 9.30
C ALA A 233 42.74 17.33 7.94
N LYS A 234 43.46 16.41 7.31
CA LYS A 234 44.06 16.76 6.02
C LYS A 234 43.34 16.26 4.77
N HIS A 235 42.53 15.22 4.90
CA HIS A 235 41.81 14.69 3.75
C HIS A 235 40.54 14.01 4.20
N ILE A 236 39.40 14.42 3.66
CA ILE A 236 38.13 13.85 4.06
C ILE A 236 37.20 13.30 3.00
N GLU A 237 36.79 12.05 3.20
CA GLU A 237 35.81 11.41 2.33
C GLU A 237 34.78 10.56 3.10
N GLU A 238 33.58 10.42 2.53
CA GLU A 238 32.59 9.46 3.03
C GLU A 238 32.25 9.55 4.53
N CYS A 239 31.94 10.74 5.02
CA CYS A 239 31.66 10.91 6.44
C CYS A 239 30.39 10.25 6.94
N SER A 240 30.51 9.51 8.05
CA SER A 240 29.43 8.85 8.77
C SER A 240 29.02 9.72 9.93
N CYS A 241 27.81 10.26 9.91
CA CYS A 241 27.46 11.23 10.92
C CYS A 241 26.30 10.80 11.80
N TYR A 242 26.37 11.20 13.06
CA TYR A 242 25.27 10.99 13.99
C TYR A 242 25.10 12.24 14.83
N GLY A 243 23.90 12.47 15.34
CA GLY A 243 23.73 13.63 16.18
C GLY A 243 23.45 13.30 17.60
N GLU A 244 23.54 14.32 18.42
CA GLU A 244 23.25 14.24 19.82
C GLU A 244 22.90 15.66 20.24
N ARG A 245 22.55 15.86 21.49
CA ARG A 245 22.25 17.19 22.02
C ARG A 245 23.40 18.16 21.95
N THR A 246 24.61 17.67 21.76
CA THR A 246 25.80 18.49 21.71
C THR A 246 26.17 18.92 20.30
N GLY A 247 25.48 18.42 19.27
CA GLY A 247 25.83 18.74 17.88
C GLY A 247 25.92 17.50 17.02
N ILE A 248 26.54 17.65 15.85
CA ILE A 248 26.64 16.57 14.89
C ILE A 248 28.09 16.11 14.76
N THR A 249 28.32 14.83 14.96
CA THR A 249 29.67 14.30 14.91
C THR A 249 29.85 13.35 13.75
N CYS A 250 30.89 13.60 12.96
CA CYS A 250 31.13 12.76 11.80
C CYS A 250 32.48 12.10 11.79
N THR A 251 32.52 10.82 11.49
CA THR A 251 33.78 10.10 11.36
C THR A 251 34.01 9.80 9.88
N CYS A 252 35.15 10.18 9.37
CA CYS A 252 35.36 10.10 7.94
C CYS A 252 36.56 9.24 7.55
N ARG A 253 36.74 9.03 6.25
CA ARG A 253 37.87 8.31 5.72
C ARG A 253 38.96 9.25 5.26
N ASP A 254 40.22 8.89 5.51
CA ASP A 254 41.35 9.63 4.95
C ASP A 254 42.02 8.72 3.97
N ASN A 255 41.70 8.92 2.70
CA ASN A 255 42.15 8.04 1.64
C ASN A 255 43.50 8.45 1.14
N TRP A 256 44.08 9.49 1.69
CA TRP A 256 45.35 9.95 1.20
C TRP A 256 46.48 9.39 2.03
N GLN A 257 46.49 9.71 3.33
CA GLN A 257 47.62 9.29 4.17
C GLN A 257 47.34 8.50 5.44
N GLY A 258 46.30 8.84 6.18
CA GLY A 258 46.14 8.27 7.53
C GLY A 258 45.47 6.92 7.70
N SER A 259 45.92 6.21 8.74
CA SER A 259 45.31 4.94 9.17
C SER A 259 44.31 5.18 10.32
N ASN A 260 44.32 6.40 10.81
CA ASN A 260 43.43 6.87 11.81
C ASN A 260 42.32 7.58 11.07
N ARG A 261 41.29 8.05 11.74
CA ARG A 261 40.25 8.71 10.99
C ARG A 261 40.03 10.14 11.40
N PRO A 262 39.73 11.05 10.45
CA PRO A 262 39.28 12.39 10.66
C PRO A 262 37.94 12.40 11.33
N VAL A 263 37.73 13.40 12.13
CA VAL A 263 36.47 13.67 12.78
C VAL A 263 36.04 15.09 12.52
N ILE A 264 34.81 15.28 12.10
CA ILE A 264 34.30 16.63 11.89
C ILE A 264 33.26 16.87 12.95
N GLN A 265 33.41 17.97 13.65
CA GLN A 265 32.46 18.32 14.69
C GLN A 265 31.67 19.54 14.23
N ILE A 266 30.37 19.35 13.99
CA ILE A 266 29.51 20.37 13.39
C ILE A 266 28.46 20.91 14.35
N ASP A 267 28.37 22.23 14.44
CA ASP A 267 27.36 22.90 15.22
C ASP A 267 26.28 23.41 14.27
N PRO A 268 25.11 22.76 14.16
CA PRO A 268 24.06 23.05 13.21
C PRO A 268 23.31 24.33 13.49
N VAL A 269 23.49 24.91 14.67
CA VAL A 269 22.76 26.11 15.00
C VAL A 269 23.58 27.28 14.52
N ALA A 270 24.86 27.21 14.85
CA ALA A 270 25.79 28.24 14.43
C ALA A 270 26.19 28.03 12.98
N MET A 271 26.05 26.80 12.52
CA MET A 271 26.48 26.35 11.21
C MET A 271 27.95 26.60 11.06
N THR A 272 28.72 26.09 12.04
CA THR A 272 30.18 26.18 12.06
C THR A 272 30.77 24.81 12.36
N HIS A 273 32.07 24.62 12.11
CA HIS A 273 32.65 23.33 12.40
C HIS A 273 34.15 23.38 12.65
N THR A 274 34.65 22.30 13.25
CA THR A 274 36.08 22.07 13.42
C THR A 274 36.43 20.64 13.06
N SER A 275 37.72 20.32 13.02
CA SER A 275 38.13 18.94 12.72
C SER A 275 39.45 18.54 13.35
N GLN A 276 39.63 17.23 13.48
CA GLN A 276 40.83 16.59 14.03
C GLN A 276 40.83 15.10 13.73
N TYR A 277 41.84 14.37 14.16
CA TYR A 277 41.85 12.92 14.03
C TYR A 277 41.53 12.27 15.37
N ILE A 278 41.11 11.02 15.35
CA ILE A 278 40.92 10.31 16.62
C ILE A 278 42.31 9.99 17.16
N CYS A 279 42.59 10.45 18.39
CA CYS A 279 43.89 10.31 19.05
C CYS A 279 44.29 8.88 19.36
N SER A 280 43.34 8.04 19.67
CA SER A 280 43.62 6.67 20.04
C SER A 280 44.61 5.96 19.13
N PRO A 281 45.51 5.12 19.66
CA PRO A 281 46.48 4.31 18.99
C PRO A 281 45.80 3.17 18.27
N VAL A 282 44.52 2.98 18.52
CA VAL A 282 43.82 1.90 17.86
C VAL A 282 43.52 2.42 16.47
N LEU A 283 44.04 1.77 15.44
CA LEU A 283 43.84 2.26 14.10
C LEU A 283 42.57 1.64 13.54
N THR A 284 41.85 2.40 12.72
CA THR A 284 40.59 1.88 12.21
C THR A 284 40.40 1.81 10.70
N ASP A 285 41.37 2.25 9.89
CA ASP A 285 41.17 2.19 8.46
C ASP A 285 41.63 0.83 7.90
N ASN A 286 41.50 0.62 6.60
CA ASN A 286 41.84 -0.65 5.97
C ASN A 286 42.28 -0.51 4.52
N PRO A 287 43.52 -0.86 4.16
CA PRO A 287 44.63 -1.41 4.91
C PRO A 287 45.20 -0.47 5.92
N ARG A 288 45.80 -1.03 6.96
CA ARG A 288 46.46 -0.24 7.99
C ARG A 288 47.72 -0.96 8.50
N PRO A 289 48.70 -0.24 9.06
CA PRO A 289 49.88 -0.77 9.70
C PRO A 289 49.43 -1.29 11.04
N ASN A 290 50.29 -1.99 11.74
CA ASN A 290 49.93 -2.46 13.07
C ASN A 290 49.84 -1.33 14.08
N ASP A 291 48.94 -1.50 15.04
CA ASP A 291 48.68 -0.51 16.08
C ASP A 291 49.93 -0.13 16.90
N PRO A 292 50.25 1.18 17.02
CA PRO A 292 51.33 1.77 17.78
C PRO A 292 50.99 1.83 19.24
N ASN A 293 51.95 2.18 20.07
CA ASN A 293 51.62 2.45 21.46
C ASN A 293 50.96 3.81 21.65
N ILE A 294 51.36 4.78 20.82
CA ILE A 294 50.86 6.16 20.91
C ILE A 294 50.30 6.62 19.57
N GLY A 295 49.10 7.19 19.56
CA GLY A 295 48.48 7.67 18.33
C GLY A 295 48.76 9.16 18.05
N LYS A 296 48.04 9.71 17.08
CA LYS A 296 48.20 11.11 16.66
C LYS A 296 46.86 11.81 16.63
N CYS A 297 46.84 13.10 16.90
CA CYS A 297 45.56 13.82 16.94
C CYS A 297 45.39 14.86 15.84
N ASN A 298 46.47 15.49 15.42
CA ASN A 298 46.38 16.56 14.44
C ASN A 298 47.14 16.25 13.18
N ASP A 299 47.32 14.98 12.90
CA ASP A 299 48.08 14.55 11.74
C ASP A 299 47.70 13.08 11.46
N PRO A 300 47.62 12.64 10.20
CA PRO A 300 47.34 11.28 9.82
C PRO A 300 48.43 10.36 10.27
N TYR A 301 48.05 9.16 10.68
CA TYR A 301 49.02 8.17 11.09
C TYR A 301 49.50 7.43 9.84
N PRO A 302 50.80 7.48 9.48
CA PRO A 302 51.38 6.93 8.27
C PRO A 302 51.52 5.43 8.23
N GLY A 303 51.68 4.88 7.02
CA GLY A 303 51.95 3.46 6.84
C GLY A 303 51.31 2.88 5.58
N ASN A 304 50.10 3.31 5.26
CA ASN A 304 49.39 2.82 4.08
C ASN A 304 48.73 3.95 3.32
N ASN A 305 49.32 4.33 2.20
CA ASN A 305 48.86 5.48 1.42
C ASN A 305 47.89 5.09 0.32
N ASN A 306 47.10 6.07 -0.10
CA ASN A 306 46.16 6.00 -1.21
C ASN A 306 45.10 4.91 -1.12
N ASN A 307 44.60 4.63 0.08
CA ASN A 307 43.57 3.61 0.22
C ASN A 307 42.76 3.82 1.50
N GLY A 308 41.78 2.96 1.74
CA GLY A 308 40.97 3.03 2.95
C GLY A 308 39.52 2.59 2.72
N VAL A 309 38.77 2.50 3.81
CA VAL A 309 37.38 2.07 3.83
C VAL A 309 36.51 3.01 4.69
N LYS A 310 35.28 3.25 4.27
CA LYS A 310 34.31 4.01 5.05
C LYS A 310 34.06 3.31 6.37
N GLY A 311 33.95 4.07 7.46
CA GLY A 311 33.70 3.47 8.76
C GLY A 311 33.11 4.47 9.74
N PHE A 312 33.03 4.10 11.00
CA PHE A 312 32.43 4.99 11.97
C PHE A 312 32.92 4.77 13.37
N SER A 313 32.56 5.72 14.20
CA SER A 313 32.80 5.65 15.62
C SER A 313 31.75 6.43 16.34
N TYR A 314 31.55 6.09 17.61
CA TYR A 314 30.71 6.85 18.52
C TYR A 314 31.60 7.42 19.57
N LEU A 315 31.69 8.72 19.62
CA LEU A 315 32.62 9.34 20.53
C LEU A 315 31.86 10.00 21.65
N ASP A 316 32.03 9.48 22.88
CA ASP A 316 31.28 9.99 24.03
C ASP A 316 32.04 9.80 25.35
N GLY A 317 33.28 10.25 25.38
CA GLY A 317 34.07 10.11 26.58
C GLY A 317 34.27 8.64 26.91
N ALA A 318 33.93 8.23 28.11
CA ALA A 318 34.09 6.83 28.49
C ALA A 318 33.23 5.92 27.62
N ASN A 319 32.08 6.41 27.14
CA ASN A 319 31.15 5.62 26.34
C ASN A 319 31.51 5.70 24.87
N THR A 320 32.75 5.35 24.57
CA THR A 320 33.26 5.44 23.22
C THR A 320 33.56 4.13 22.58
N TRP A 321 32.98 3.93 21.42
CA TRP A 321 33.16 2.71 20.65
C TRP A 321 33.68 2.97 19.26
N LEU A 322 34.61 2.16 18.80
CA LEU A 322 35.17 2.30 17.47
C LEU A 322 34.88 1.08 16.63
N GLY A 323 34.49 1.25 15.39
CA GLY A 323 34.33 0.05 14.58
C GLY A 323 35.51 -0.11 13.63
N ARG A 324 35.87 -1.35 13.31
CA ARG A 324 36.93 -1.58 12.34
C ARG A 324 36.90 -3.00 11.79
N THR A 325 37.65 -3.26 10.73
CA THR A 325 37.78 -4.60 10.18
C THR A 325 38.73 -5.38 11.04
N ILE A 326 38.79 -6.69 10.87
CA ILE A 326 39.72 -7.46 11.67
C ILE A 326 41.00 -7.60 10.91
N SER A 327 40.90 -7.85 9.63
CA SER A 327 42.11 -7.93 8.86
C SER A 327 42.68 -6.54 8.71
N THR A 328 44.00 -6.46 8.63
CA THR A 328 44.70 -5.21 8.40
C THR A 328 45.09 -5.09 6.94
N ALA A 329 44.95 -6.20 6.20
CA ALA A 329 45.35 -6.23 4.80
C ALA A 329 44.19 -6.14 3.83
N SER A 330 43.00 -6.53 4.26
CA SER A 330 41.85 -6.56 3.36
C SER A 330 40.56 -6.33 4.10
N ARG A 331 39.48 -6.09 3.37
CA ARG A 331 38.21 -5.82 4.03
C ARG A 331 37.45 -7.05 4.48
N SER A 332 37.93 -7.67 5.56
CA SER A 332 37.32 -8.87 6.12
C SER A 332 37.19 -8.76 7.63
N GLY A 333 36.12 -9.35 8.13
CA GLY A 333 35.81 -9.35 9.54
C GLY A 333 35.27 -8.01 9.94
N TYR A 334 34.77 -7.91 11.14
CA TYR A 334 34.37 -6.63 11.65
C TYR A 334 34.21 -6.73 13.14
N GLU A 335 34.70 -5.74 13.85
CA GLU A 335 34.58 -5.73 15.30
C GLU A 335 34.33 -4.36 15.88
N MET A 336 33.73 -4.36 17.06
CA MET A 336 33.51 -3.15 17.82
C MET A 336 34.36 -3.13 19.07
N LEU A 337 35.05 -2.03 19.31
CA LEU A 337 35.90 -1.93 20.48
C LEU A 337 35.52 -0.77 21.37
N LYS A 338 35.44 -0.99 22.66
CA LYS A 338 35.16 0.07 23.61
C LYS A 338 36.50 0.57 24.03
N VAL A 339 36.80 1.78 23.62
CA VAL A 339 38.09 2.45 23.80
C VAL A 339 37.85 3.81 24.41
N PRO A 340 37.82 3.92 25.73
CA PRO A 340 37.46 5.10 26.46
C PRO A 340 38.27 6.29 26.04
N ASN A 341 37.59 7.40 25.85
CA ASN A 341 38.20 8.66 25.47
C ASN A 341 39.06 8.56 24.22
N ALA A 342 38.70 7.70 23.26
CA ALA A 342 39.49 7.55 22.05
C ALA A 342 39.70 8.83 21.28
N LEU A 343 38.76 9.74 21.31
CA LEU A 343 38.94 10.96 20.57
C LEU A 343 40.10 11.79 21.06
N THR A 344 40.32 11.84 22.38
CA THR A 344 41.34 12.71 22.95
C THR A 344 42.54 12.04 23.64
N ASP A 345 42.44 10.76 23.98
CA ASP A 345 43.51 10.07 24.69
C ASP A 345 44.41 9.25 23.75
N ASP A 346 45.63 9.73 23.51
CA ASP A 346 46.55 9.15 22.54
C ASP A 346 47.15 7.83 22.99
N ARG A 347 46.93 7.42 24.24
CA ARG A 347 47.40 6.13 24.71
C ARG A 347 46.27 5.16 25.08
N SER A 348 45.02 5.50 24.73
CA SER A 348 43.90 4.63 25.11
C SER A 348 43.88 3.30 24.37
N LYS A 349 43.48 2.24 25.07
CA LYS A 349 43.38 0.89 24.50
C LYS A 349 42.02 0.33 24.86
N PRO A 350 41.50 -0.67 24.13
CA PRO A 350 40.22 -1.28 24.39
C PRO A 350 40.12 -1.92 25.75
N ILE A 351 38.95 -1.79 26.36
CA ILE A 351 38.69 -2.46 27.64
C ILE A 351 37.57 -3.48 27.47
N GLN A 352 36.87 -3.41 26.35
CA GLN A 352 35.76 -4.33 26.08
C GLN A 352 35.56 -4.40 24.58
N GLY A 353 35.01 -5.49 24.06
CA GLY A 353 34.69 -5.47 22.63
C GLY A 353 33.71 -6.56 22.21
N GLN A 354 33.35 -6.55 20.92
CA GLN A 354 32.41 -7.51 20.38
C GLN A 354 32.70 -7.82 18.92
N THR A 355 32.67 -9.09 18.55
CA THR A 355 32.89 -9.48 17.15
C THR A 355 31.57 -9.44 16.42
N ILE A 356 31.55 -8.81 15.26
CA ILE A 356 30.33 -8.71 14.48
C ILE A 356 30.40 -9.70 13.33
N VAL A 357 31.54 -9.71 12.64
CA VAL A 357 31.79 -10.57 11.50
C VAL A 357 33.14 -11.24 11.73
N LEU A 358 33.26 -12.52 11.44
CA LEU A 358 34.55 -13.20 11.63
C LEU A 358 35.46 -12.84 10.50
N ASN A 359 36.78 -12.88 10.69
CA ASN A 359 37.72 -12.51 9.64
C ASN A 359 37.81 -13.52 8.52
N ALA A 360 37.12 -14.62 8.68
CA ALA A 360 37.04 -15.60 7.64
C ALA A 360 36.08 -15.14 6.55
N ASP A 361 35.19 -14.21 6.90
CA ASP A 361 34.15 -13.71 6.01
C ASP A 361 34.43 -12.31 5.54
N TRP A 362 33.91 -12.00 4.37
CA TRP A 362 34.12 -10.69 3.80
C TRP A 362 33.24 -9.66 4.46
N SER A 363 33.80 -8.46 4.60
CA SER A 363 33.15 -7.29 5.17
C SER A 363 33.06 -6.21 4.13
N GLY A 364 33.16 -4.96 4.55
CA GLY A 364 32.95 -3.87 3.62
C GLY A 364 32.82 -2.54 4.33
N TYR A 365 32.07 -1.63 3.72
CA TYR A 365 31.89 -0.30 4.27
C TYR A 365 30.97 -0.37 5.46
N SER A 366 31.19 0.46 6.44
CA SER A 366 30.28 0.50 7.57
C SER A 366 29.94 1.91 7.90
N GLY A 367 28.94 2.11 8.72
CA GLY A 367 28.57 3.47 9.11
C GLY A 367 27.53 3.50 10.20
N SER A 368 27.23 4.70 10.68
CA SER A 368 26.29 4.88 11.78
C SER A 368 24.92 5.39 11.35
N PHE A 369 23.91 5.15 12.19
CA PHE A 369 22.56 5.71 12.00
C PHE A 369 21.83 5.73 13.32
N MET A 370 20.75 6.50 13.41
CA MET A 370 19.92 6.50 14.63
C MET A 370 18.44 6.71 14.39
N ASP A 371 17.63 6.25 15.31
CA ASP A 371 16.21 6.57 15.25
C ASP A 371 15.95 7.77 16.14
N TYR A 372 15.83 8.92 15.53
CA TYR A 372 15.77 10.16 16.29
C TYR A 372 14.36 10.47 16.75
N TRP A 373 13.44 9.57 16.43
CA TRP A 373 12.05 9.70 16.82
C TRP A 373 11.63 8.63 17.81
N ALA A 374 12.58 7.82 18.27
CA ALA A 374 12.27 6.74 19.20
C ALA A 374 11.92 7.27 20.57
N GLU A 375 11.06 6.54 21.26
CA GLU A 375 10.69 6.86 22.65
C GLU A 375 11.84 6.55 23.58
N GLY A 376 12.00 7.36 24.60
CA GLY A 376 13.04 7.17 25.60
C GLY A 376 13.69 8.50 25.89
N ASP A 377 14.63 8.51 26.84
CA ASP A 377 15.33 9.71 27.24
C ASP A 377 16.75 9.85 26.68
N CYS A 378 17.09 8.99 25.74
CA CYS A 378 18.39 8.98 25.09
C CYS A 378 18.29 8.37 23.70
N TYR A 379 19.32 8.54 22.87
CA TYR A 379 19.29 7.93 21.56
C TYR A 379 20.00 6.61 21.55
N ARG A 380 19.41 5.63 20.90
CA ARG A 380 20.03 4.33 20.82
C ARG A 380 20.92 4.31 19.60
N ALA A 381 22.21 4.18 19.82
CA ALA A 381 23.16 4.17 18.71
C ALA A 381 23.02 2.92 17.88
N CYS A 382 23.10 3.04 16.55
CA CYS A 382 23.08 1.85 15.70
C CYS A 382 24.12 1.94 14.60
N PHE A 383 24.42 0.82 13.96
CA PHE A 383 25.35 0.84 12.84
C PHE A 383 25.10 -0.28 11.85
N TYR A 384 25.67 -0.16 10.68
CA TYR A 384 25.54 -1.20 9.68
C TYR A 384 26.87 -1.55 9.06
N VAL A 385 26.96 -2.78 8.55
CA VAL A 385 28.12 -3.23 7.81
C VAL A 385 27.70 -3.85 6.47
N GLU A 386 28.36 -3.41 5.41
CA GLU A 386 28.18 -3.95 4.07
C GLU A 386 28.95 -5.24 3.98
N LEU A 387 28.36 -6.30 3.51
CA LEU A 387 29.12 -7.53 3.35
C LEU A 387 29.29 -7.77 1.86
N ILE A 388 30.50 -7.56 1.35
CA ILE A 388 30.71 -7.63 -0.08
C ILE A 388 31.05 -9.02 -0.56
N ARG A 389 30.33 -9.45 -1.58
CA ARG A 389 30.53 -10.75 -2.20
C ARG A 389 30.82 -10.59 -3.67
N GLY A 390 31.55 -11.55 -4.22
CA GLY A 390 31.87 -11.50 -5.64
C GLY A 390 33.14 -10.69 -5.87
N ARG A 391 33.19 -10.03 -7.00
CA ARG A 391 34.39 -9.31 -7.34
C ARG A 391 34.57 -8.20 -6.32
N PRO A 392 35.81 -7.81 -6.05
CA PRO A 392 37.10 -8.21 -6.58
C PRO A 392 37.77 -9.40 -5.90
N LYS A 393 37.10 -10.12 -4.98
CA LYS A 393 37.80 -11.17 -4.26
C LYS A 393 37.44 -12.55 -4.74
N GLU A 394 36.21 -12.73 -5.18
CA GLU A 394 35.76 -14.03 -5.64
C GLU A 394 35.65 -13.99 -7.14
N ASP A 395 36.68 -14.42 -7.84
CA ASP A 395 36.76 -14.22 -9.27
C ASP A 395 36.05 -15.26 -10.09
N LYS A 396 35.38 -16.17 -9.40
CA LYS A 396 34.59 -17.19 -10.02
C LYS A 396 33.31 -16.60 -10.60
N VAL A 397 32.95 -15.39 -10.16
CA VAL A 397 31.78 -14.73 -10.69
C VAL A 397 32.18 -13.39 -11.27
N TRP A 398 31.35 -12.84 -12.15
CA TRP A 398 31.64 -11.55 -12.77
C TRP A 398 30.94 -10.36 -12.14
N TRP A 399 30.14 -10.63 -11.13
CA TRP A 399 29.37 -9.63 -10.42
C TRP A 399 29.98 -9.27 -9.09
N THR A 400 29.60 -8.11 -8.58
CA THR A 400 29.91 -7.74 -7.20
C THR A 400 28.59 -7.32 -6.62
N SER A 401 28.34 -7.66 -5.37
CA SER A 401 27.09 -7.29 -4.71
C SER A 401 27.28 -7.31 -3.22
N ASN A 402 26.26 -6.90 -2.47
CA ASN A 402 26.42 -6.92 -1.04
C ASN A 402 25.16 -7.28 -0.30
N SER A 403 25.34 -7.71 0.93
CA SER A 403 24.26 -7.94 1.87
C SER A 403 24.40 -6.94 3.00
N ILE A 404 23.32 -6.66 3.72
CA ILE A 404 23.40 -5.72 4.84
C ILE A 404 23.15 -6.34 6.19
N VAL A 405 24.04 -6.09 7.13
CA VAL A 405 23.81 -6.49 8.52
C VAL A 405 23.79 -5.23 9.36
N SER A 406 22.80 -5.11 10.23
CA SER A 406 22.64 -3.92 11.08
C SER A 406 22.39 -4.26 12.53
N MET A 407 23.06 -3.53 13.42
CA MET A 407 22.98 -3.75 14.87
C MET A 407 22.80 -2.48 15.68
N CYS A 408 22.14 -2.60 16.83
CA CYS A 408 21.93 -1.48 17.74
C CYS A 408 22.44 -1.74 19.13
N SER A 409 22.77 -0.67 19.83
CA SER A 409 23.25 -0.78 21.17
C SER A 409 22.19 -1.15 22.16
N SER A 410 22.66 -1.65 23.30
CA SER A 410 21.88 -1.98 24.47
C SER A 410 22.68 -1.74 25.72
N THR A 411 21.95 -1.53 26.81
CA THR A 411 22.53 -1.31 28.12
C THR A 411 22.83 -2.61 28.84
N GLU A 412 22.33 -3.73 28.33
CA GLU A 412 22.60 -5.05 28.92
C GLU A 412 23.91 -5.57 28.37
N PHE A 413 24.57 -6.51 29.04
CA PHE A 413 25.74 -7.12 28.43
C PHE A 413 25.25 -8.39 27.80
N LEU A 414 25.02 -8.37 26.50
CA LEU A 414 24.39 -9.47 25.81
C LEU A 414 25.41 -10.35 25.15
N GLY A 415 25.03 -11.60 24.92
CA GLY A 415 25.90 -12.53 24.22
C GLY A 415 26.13 -12.09 22.78
N GLN A 416 27.24 -12.55 22.20
CA GLN A 416 27.61 -12.19 20.84
C GLN A 416 27.55 -13.36 19.89
N TRP A 417 27.42 -13.07 18.60
CA TRP A 417 27.38 -14.08 17.59
C TRP A 417 27.83 -13.43 16.32
N ASN A 418 28.67 -14.06 15.54
CA ASN A 418 29.01 -13.50 14.27
C ASN A 418 27.82 -13.57 13.35
N TRP A 419 27.68 -12.55 12.52
CA TRP A 419 26.62 -12.44 11.54
C TRP A 419 27.12 -12.33 10.10
N PRO A 420 27.57 -13.43 9.48
CA PRO A 420 28.21 -13.53 8.20
C PRO A 420 27.19 -13.42 7.12
N ASP A 421 27.63 -13.29 5.89
CA ASP A 421 26.71 -13.38 4.78
C ASP A 421 26.33 -14.82 4.51
N GLY A 422 27.28 -15.62 4.09
CA GLY A 422 27.01 -17.04 3.94
C GLY A 422 26.46 -17.51 2.61
N ALA A 423 26.19 -16.62 1.66
CA ALA A 423 25.69 -17.18 0.42
C ALA A 423 26.80 -18.08 -0.13
N LYS A 424 26.45 -19.24 -0.67
CA LYS A 424 27.50 -20.09 -1.18
C LYS A 424 27.80 -19.70 -2.61
N ILE A 425 29.05 -19.32 -2.87
CA ILE A 425 29.37 -18.78 -4.17
C ILE A 425 29.22 -19.82 -5.26
N GLU A 426 29.44 -21.09 -4.96
CA GLU A 426 29.33 -22.15 -5.94
C GLU A 426 27.94 -22.29 -6.53
N TYR A 427 26.93 -21.79 -5.85
CA TYR A 427 25.57 -21.92 -6.33
C TYR A 427 25.32 -20.97 -7.49
N PHE A 428 26.21 -20.00 -7.67
CA PHE A 428 26.10 -19.01 -8.70
C PHE A 428 26.97 -19.37 -9.89
N LEU A 429 27.57 -20.56 -9.87
CA LEU A 429 28.45 -20.96 -10.94
C LEU A 429 27.80 -22.06 -11.76
N VAL B 3 29.36 46.16 -27.34
CA VAL B 3 28.80 45.61 -28.56
C VAL B 3 27.32 45.94 -28.67
N LEU B 4 26.79 46.50 -27.60
CA LEU B 4 25.37 46.86 -27.54
C LEU B 4 25.22 48.33 -27.90
N THR B 5 24.47 48.58 -28.94
CA THR B 5 24.36 49.94 -29.45
C THR B 5 23.26 50.73 -28.76
N GLN B 6 23.60 51.93 -28.31
CA GLN B 6 22.64 52.80 -27.66
C GLN B 6 22.62 54.12 -28.43
N PRO B 7 21.54 54.91 -28.38
CA PRO B 7 21.51 56.24 -28.93
C PRO B 7 22.59 57.02 -28.24
N ALA B 8 23.29 57.90 -28.95
CA ALA B 8 24.34 58.67 -28.28
C ALA B 8 23.76 59.53 -27.20
N SER B 9 22.58 60.07 -27.47
CA SER B 9 21.89 60.92 -26.53
C SER B 9 20.41 60.96 -26.81
N VAL B 10 19.65 61.26 -25.78
CA VAL B 10 18.22 61.47 -25.87
C VAL B 10 17.89 62.72 -25.07
N SER B 11 16.72 63.29 -25.31
CA SER B 11 16.32 64.45 -24.55
C SER B 11 14.82 64.62 -24.50
N GLY B 12 14.41 65.52 -23.65
CA GLY B 12 13.03 65.94 -23.49
C GLY B 12 12.98 66.96 -22.37
N SER B 13 11.86 67.65 -22.25
CA SER B 13 11.66 68.67 -21.23
C SER B 13 11.13 68.01 -19.97
N PRO B 14 11.16 68.68 -18.81
CA PRO B 14 10.65 68.12 -17.59
C PRO B 14 9.21 67.70 -17.76
N GLY B 15 8.93 66.52 -17.25
CA GLY B 15 7.60 65.93 -17.26
C GLY B 15 7.36 65.00 -18.46
N GLN B 16 8.23 65.04 -19.46
CA GLN B 16 8.04 64.20 -20.64
C GLN B 16 8.66 62.84 -20.40
N SER B 17 8.21 61.83 -21.12
CA SER B 17 8.88 60.57 -21.01
C SER B 17 9.88 60.45 -22.13
N ILE B 18 10.94 59.71 -21.88
CA ILE B 18 11.91 59.40 -22.92
C ILE B 18 12.22 57.92 -22.96
N THR B 19 12.65 57.43 -24.13
CA THR B 19 13.03 56.03 -24.25
C THR B 19 14.45 55.87 -24.73
N ILE B 20 15.20 55.06 -24.02
CA ILE B 20 16.58 54.76 -24.35
C ILE B 20 16.67 53.32 -24.80
N SER B 21 17.06 53.10 -26.02
CA SER B 21 17.14 51.73 -26.50
C SER B 21 18.55 51.19 -26.34
N CYS B 22 18.65 49.87 -26.46
CA CYS B 22 19.88 49.10 -26.41
C CYS B 22 19.79 47.88 -27.29
N THR B 23 20.46 47.92 -28.43
CA THR B 23 20.30 46.83 -29.38
C THR B 23 21.52 45.94 -29.49
N GLY B 24 21.33 44.66 -29.26
CA GLY B 24 22.40 43.68 -29.33
C GLY B 24 22.04 42.58 -30.29
N THR B 25 22.66 41.43 -30.12
CA THR B 25 22.30 40.30 -30.96
C THR B 25 21.61 39.19 -30.16
N SER B 26 21.31 38.08 -30.83
CA SER B 26 20.60 36.94 -30.23
C SER B 26 21.41 36.21 -29.18
N SER B 27 22.70 36.45 -29.17
CA SER B 27 23.63 35.87 -28.21
C SER B 27 23.81 36.77 -27.00
N ASP B 28 23.20 37.97 -27.04
CA ASP B 28 23.36 38.98 -26.01
C ASP B 28 22.00 39.30 -25.37
N VAL B 29 21.38 40.39 -25.86
CA VAL B 29 20.14 40.90 -25.34
C VAL B 29 19.00 39.95 -25.57
N GLY B 30 18.96 39.33 -26.74
CA GLY B 30 17.87 38.42 -27.04
C GLY B 30 18.23 37.01 -26.64
N GLY B 31 19.38 36.82 -26.02
CA GLY B 31 19.85 35.50 -25.66
C GLY B 31 19.36 35.14 -24.30
N TYR B 32 19.57 36.05 -23.36
CA TYR B 32 19.21 35.78 -21.99
C TYR B 32 18.45 36.95 -21.39
N ASN B 33 17.54 36.69 -20.46
CA ASN B 33 16.84 37.80 -19.81
C ASN B 33 17.62 38.28 -18.59
N TYR B 34 18.84 38.72 -18.83
CA TYR B 34 19.74 39.21 -17.79
C TYR B 34 20.16 40.61 -18.10
N VAL B 35 19.29 41.32 -18.77
CA VAL B 35 19.55 42.68 -19.19
C VAL B 35 19.38 43.65 -18.05
N SER B 36 20.29 44.59 -17.90
CA SER B 36 20.17 45.55 -16.83
C SER B 36 20.55 46.95 -17.29
N TRP B 37 20.10 47.93 -16.51
CA TRP B 37 20.41 49.32 -16.77
C TRP B 37 21.06 50.00 -15.58
N HIS B 38 22.04 50.85 -15.87
CA HIS B 38 22.80 51.59 -14.86
C HIS B 38 22.82 53.09 -15.12
N GLN B 39 22.75 53.87 -14.05
CA GLN B 39 22.79 55.33 -14.13
C GLN B 39 24.03 55.95 -13.52
N GLN B 40 24.83 56.63 -14.33
CA GLN B 40 26.07 57.22 -13.83
C GLN B 40 26.13 58.74 -13.94
N HIS B 41 26.36 59.39 -12.81
CA HIS B 41 26.52 60.83 -12.79
C HIS B 41 28.02 61.06 -12.87
N PRO B 42 28.50 62.12 -13.51
CA PRO B 42 29.91 62.39 -13.61
C PRO B 42 30.57 62.41 -12.26
N GLY B 43 31.72 61.75 -12.16
CA GLY B 43 32.50 61.70 -10.94
C GLY B 43 32.06 60.60 -9.96
N LYS B 44 30.99 59.89 -10.26
CA LYS B 44 30.48 58.87 -9.36
C LYS B 44 30.47 57.48 -9.96
N ALA B 45 30.41 56.48 -9.09
CA ALA B 45 30.26 55.11 -9.54
C ALA B 45 28.83 54.95 -10.06
N PRO B 46 28.53 54.07 -11.03
CA PRO B 46 27.20 53.79 -11.53
C PRO B 46 26.24 53.19 -10.50
N LYS B 47 24.97 53.53 -10.62
CA LYS B 47 23.91 52.96 -9.78
C LYS B 47 23.05 51.98 -10.57
N LEU B 48 22.68 50.85 -9.98
CA LEU B 48 21.79 49.92 -10.69
C LEU B 48 20.37 50.41 -10.65
N MET B 49 19.73 50.52 -11.81
CA MET B 49 18.36 50.99 -11.87
C MET B 49 17.36 49.88 -12.18
N ILE B 50 17.70 49.04 -13.16
CA ILE B 50 16.82 47.95 -13.57
C ILE B 50 17.59 46.66 -13.78
N TYR B 51 17.04 45.54 -13.35
CA TYR B 51 17.71 44.26 -13.60
C TYR B 51 16.78 43.17 -14.10
N ASP B 52 17.34 42.17 -14.76
CA ASP B 52 16.56 41.07 -15.30
C ASP B 52 15.43 41.61 -16.16
N VAL B 53 15.77 42.56 -17.03
CA VAL B 53 14.91 43.26 -17.97
C VAL B 53 13.97 44.30 -17.35
N SER B 54 13.17 43.91 -16.35
CA SER B 54 12.20 44.85 -15.77
C SER B 54 12.12 45.00 -14.23
N ASN B 55 13.04 44.46 -13.44
CA ASN B 55 12.93 44.58 -11.98
C ASN B 55 13.65 45.78 -11.41
N ARG B 56 12.97 46.55 -10.56
CA ARG B 56 13.56 47.73 -9.93
C ARG B 56 14.06 47.41 -8.53
N PRO B 57 15.34 47.64 -8.20
CA PRO B 57 15.92 47.44 -6.88
C PRO B 57 15.24 48.36 -5.91
N SER B 58 15.16 47.96 -4.66
CA SER B 58 14.58 48.86 -3.69
C SER B 58 15.40 50.12 -3.67
N GLY B 59 14.73 51.26 -3.57
CA GLY B 59 15.41 52.55 -3.56
C GLY B 59 15.33 53.23 -4.93
N VAL B 60 14.94 52.47 -5.95
CA VAL B 60 14.76 52.99 -7.28
C VAL B 60 13.31 53.37 -7.44
N SER B 61 13.08 54.57 -7.93
CA SER B 61 11.73 55.07 -8.10
C SER B 61 11.03 54.39 -9.25
N ASN B 62 9.71 54.52 -9.26
CA ASN B 62 8.87 53.84 -10.24
C ASN B 62 8.73 54.59 -11.53
N ARG B 63 9.50 55.65 -11.68
CA ARG B 63 9.51 56.38 -12.90
C ARG B 63 10.45 55.69 -13.88
N PHE B 64 11.25 54.76 -13.37
CA PHE B 64 12.19 54.05 -14.21
C PHE B 64 11.65 52.65 -14.40
N SER B 65 11.44 52.28 -15.65
CA SER B 65 10.89 50.96 -15.98
C SER B 65 11.49 50.49 -17.28
N GLY B 66 11.25 49.26 -17.66
CA GLY B 66 11.83 48.81 -18.89
C GLY B 66 11.23 47.52 -19.39
N SER B 67 11.68 47.15 -20.57
CA SER B 67 11.18 45.99 -21.29
C SER B 67 12.16 45.50 -22.33
N LYS B 68 11.82 44.36 -22.92
CA LYS B 68 12.61 43.81 -24.01
C LYS B 68 11.74 43.15 -25.07
N SER B 69 12.12 43.33 -26.32
CA SER B 69 11.46 42.70 -27.45
C SER B 69 12.49 42.29 -28.50
N GLY B 70 12.48 41.04 -28.90
CA GLY B 70 13.47 40.61 -29.87
C GLY B 70 14.86 40.77 -29.27
N ASN B 71 15.73 41.49 -29.98
CA ASN B 71 17.09 41.71 -29.54
C ASN B 71 17.27 43.14 -29.02
N THR B 72 16.16 43.84 -28.81
CA THR B 72 16.25 45.21 -28.36
C THR B 72 15.71 45.42 -26.96
N ALA B 73 16.54 46.01 -26.12
CA ALA B 73 16.14 46.32 -24.77
C ALA B 73 15.74 47.77 -24.72
N SER B 74 14.85 48.09 -23.81
CA SER B 74 14.41 49.46 -23.68
C SER B 74 14.16 49.97 -22.26
N LEU B 75 14.75 51.14 -21.99
CA LEU B 75 14.60 51.87 -20.73
C LEU B 75 13.68 53.05 -20.88
N THR B 76 12.67 53.09 -20.05
CA THR B 76 11.73 54.20 -20.10
C THR B 76 11.86 55.05 -18.86
N ILE B 77 12.00 56.34 -19.06
CA ILE B 77 12.05 57.26 -17.94
C ILE B 77 10.84 58.17 -18.01
N SER B 78 9.90 57.97 -17.11
CA SER B 78 8.67 58.74 -17.11
C SER B 78 8.78 59.95 -16.22
N GLY B 79 8.10 61.04 -16.54
CA GLY B 79 8.13 62.14 -15.61
C GLY B 79 9.53 62.69 -15.52
N LEU B 80 10.24 62.82 -16.62
CA LEU B 80 11.63 63.23 -16.60
C LEU B 80 11.85 64.45 -15.72
N GLN B 81 12.82 64.33 -14.82
CA GLN B 81 13.18 65.39 -13.89
C GLN B 81 14.53 65.95 -14.24
N THR B 82 14.85 67.14 -13.78
CA THR B 82 16.15 67.73 -14.08
C THR B 82 17.29 66.96 -13.42
N GLU B 83 17.02 66.31 -12.29
CA GLU B 83 18.02 65.52 -11.61
C GLU B 83 18.31 64.20 -12.32
N ASP B 84 17.56 63.87 -13.38
CA ASP B 84 17.77 62.62 -14.08
C ASP B 84 18.89 62.73 -15.09
N GLU B 85 19.44 63.94 -15.30
CA GLU B 85 20.51 64.02 -16.27
C GLU B 85 21.65 63.11 -15.83
N ALA B 86 22.04 62.20 -16.72
CA ALA B 86 23.06 61.20 -16.41
C ALA B 86 23.43 60.42 -17.65
N ASP B 87 24.51 59.66 -17.57
CA ASP B 87 24.85 58.74 -18.64
C ASP B 87 24.26 57.38 -18.30
N TYR B 88 23.36 56.89 -19.14
CA TYR B 88 22.72 55.62 -18.85
C TYR B 88 23.34 54.53 -19.68
N TYR B 89 23.55 53.38 -19.05
CA TYR B 89 24.14 52.27 -19.76
C TYR B 89 23.32 51.03 -19.68
N CYS B 90 23.32 50.27 -20.74
CA CYS B 90 22.69 48.96 -20.70
C CYS B 90 23.79 47.96 -20.61
N SER B 91 23.48 46.80 -20.06
CA SER B 91 24.41 45.72 -20.03
C SER B 91 23.70 44.40 -20.11
N SER B 92 24.42 43.38 -20.52
CA SER B 92 23.84 42.05 -20.59
C SER B 92 24.86 40.96 -20.52
N TYR B 93 24.40 39.77 -20.19
CA TYR B 93 25.22 38.58 -20.19
C TYR B 93 25.26 38.01 -21.56
N THR B 94 26.42 37.62 -22.02
CA THR B 94 26.51 37.06 -23.35
C THR B 94 26.93 35.62 -23.31
N SER B 95 26.70 34.93 -24.43
CA SER B 95 26.96 33.50 -24.63
C SER B 95 28.43 33.12 -24.48
N SER B 96 29.30 34.10 -24.51
CA SER B 96 30.74 33.92 -24.39
C SER B 96 31.16 33.69 -22.93
N THR B 97 30.20 33.84 -22.03
CA THR B 97 30.34 33.79 -20.58
C THR B 97 31.10 35.01 -20.16
N THR B 98 30.64 36.11 -20.70
CA THR B 98 31.15 37.42 -20.40
C THR B 98 29.98 38.35 -20.23
N ASN B 99 30.23 39.51 -19.70
CA ASN B 99 29.21 40.53 -19.60
C ASN B 99 29.67 41.70 -20.42
N VAL B 100 28.73 42.42 -21.02
CA VAL B 100 29.10 43.59 -21.78
C VAL B 100 28.27 44.77 -21.40
N PHE B 101 28.80 45.95 -21.69
CA PHE B 101 28.08 47.19 -21.50
C PHE B 101 27.89 47.80 -22.86
N GLY B 102 26.85 48.57 -23.01
CA GLY B 102 26.62 49.25 -24.25
C GLY B 102 27.42 50.52 -24.34
N THR B 103 27.20 51.23 -25.42
CA THR B 103 27.95 52.44 -25.69
C THR B 103 27.60 53.59 -24.77
N GLY B 104 26.45 53.55 -24.17
CA GLY B 104 25.99 54.58 -23.27
C GLY B 104 25.17 55.64 -23.96
N THR B 105 24.19 56.19 -23.24
CA THR B 105 23.34 57.26 -23.74
C THR B 105 23.36 58.45 -22.82
N LYS B 106 23.62 59.62 -23.37
CA LYS B 106 23.58 60.79 -22.51
C LYS B 106 22.18 61.35 -22.49
N VAL B 107 21.62 61.47 -21.31
CA VAL B 107 20.28 61.99 -21.18
C VAL B 107 20.32 63.36 -20.64
N THR B 108 19.76 64.29 -21.39
CA THR B 108 19.75 65.68 -20.94
C THR B 108 18.32 66.12 -20.75
N VAL B 109 18.13 67.22 -20.03
CA VAL B 109 16.79 67.70 -19.76
C VAL B 109 16.66 69.11 -20.27
N LEU B 110 15.59 69.36 -21.00
CA LEU B 110 15.33 70.65 -21.64
C LEU B 110 14.36 71.50 -20.82
N GLN C 1 25.77 48.97 5.88
CA GLN C 1 25.43 48.62 4.51
C GLN C 1 26.65 48.09 3.77
N VAL C 2 26.45 47.73 2.52
CA VAL C 2 27.52 47.22 1.69
C VAL C 2 28.47 48.30 1.24
N GLN C 3 29.75 48.02 1.42
CA GLN C 3 30.80 48.89 0.97
C GLN C 3 31.87 48.08 0.26
N LEU C 4 32.43 48.67 -0.78
CA LEU C 4 33.53 48.06 -1.49
C LEU C 4 34.58 49.13 -1.63
N VAL C 5 35.78 48.90 -1.13
CA VAL C 5 36.79 49.95 -1.22
C VAL C 5 38.02 49.57 -1.99
N GLU C 6 38.19 50.23 -3.13
CA GLU C 6 39.32 50.02 -4.02
C GLU C 6 40.60 50.61 -3.51
N SER C 7 41.69 49.89 -3.74
CA SER C 7 43.00 50.42 -3.47
C SER C 7 44.01 49.88 -4.45
N GLY C 8 45.25 50.30 -4.26
CA GLY C 8 46.34 49.87 -5.12
C GLY C 8 46.48 50.62 -6.46
N GLY C 9 45.91 51.80 -6.60
CA GLY C 9 46.02 52.49 -7.88
C GLY C 9 47.39 53.15 -7.99
N GLY C 10 47.60 53.94 -9.04
CA GLY C 10 48.92 54.54 -9.23
C GLY C 10 49.32 54.63 -10.69
N VAL C 11 50.60 54.92 -10.93
CA VAL C 11 51.09 55.06 -12.28
C VAL C 11 52.10 53.96 -12.59
N VAL C 12 51.91 53.31 -13.72
CA VAL C 12 52.72 52.20 -14.15
C VAL C 12 53.38 52.45 -15.49
N GLN C 13 54.68 52.45 -15.55
CA GLN C 13 55.26 52.67 -16.86
C GLN C 13 54.87 51.46 -17.71
N PRO C 14 54.57 51.62 -19.01
CA PRO C 14 54.14 50.55 -19.87
C PRO C 14 55.08 49.36 -19.82
N GLY C 15 54.48 48.19 -19.75
CA GLY C 15 55.15 46.89 -19.68
C GLY C 15 55.26 46.39 -18.24
N ARG C 16 55.07 47.27 -17.28
CA ARG C 16 55.14 46.90 -15.88
C ARG C 16 53.79 46.42 -15.38
N SER C 17 53.80 45.72 -14.25
CA SER C 17 52.59 45.22 -13.59
C SER C 17 52.08 46.13 -12.48
N LEU C 18 50.82 45.91 -12.10
CA LEU C 18 50.16 46.57 -10.97
C LEU C 18 49.10 45.65 -10.36
N ARG C 19 49.01 45.63 -9.04
CA ARG C 19 48.01 44.78 -8.38
C ARG C 19 47.01 45.59 -7.58
N LEU C 20 45.73 45.45 -7.96
CA LEU C 20 44.61 46.14 -7.32
C LEU C 20 43.86 45.26 -6.37
N SER C 21 43.21 45.87 -5.41
CA SER C 21 42.36 45.08 -4.54
C SER C 21 41.18 45.85 -3.96
N CYS C 22 40.15 45.11 -3.53
CA CYS C 22 39.03 45.72 -2.84
C CYS C 22 38.73 45.06 -1.51
N ALA C 23 38.52 45.92 -0.53
CA ALA C 23 38.12 45.46 0.77
C ALA C 23 36.62 45.43 0.82
N ALA C 24 36.05 44.28 1.12
CA ALA C 24 34.60 44.19 1.15
C ALA C 24 34.05 44.11 2.56
N SER C 25 32.93 44.78 2.79
CA SER C 25 32.26 44.69 4.07
C SER C 25 30.76 44.92 3.95
N GLY C 26 30.00 44.51 4.98
CA GLY C 26 28.56 44.73 5.04
C GLY C 26 27.72 43.58 4.46
N PHE C 27 28.39 42.54 4.00
CA PHE C 27 27.73 41.38 3.41
C PHE C 27 28.64 40.20 3.56
N THR C 28 28.13 38.99 3.34
CA THR C 28 29.02 37.86 3.40
C THR C 28 29.72 37.75 2.08
N PHE C 29 31.03 37.87 2.12
CA PHE C 29 31.85 37.89 0.93
C PHE C 29 31.70 36.59 0.18
N ASN C 30 31.67 35.51 0.93
CA ASN C 30 31.65 34.15 0.41
C ASN C 30 30.37 33.79 -0.29
N ASN C 31 29.34 34.61 -0.20
CA ASN C 31 28.12 34.24 -0.86
C ASN C 31 27.92 34.87 -2.22
N TYR C 32 28.81 35.77 -2.64
CA TYR C 32 28.57 36.43 -3.93
C TYR C 32 29.80 36.42 -4.80
N GLY C 33 29.61 36.32 -6.11
CA GLY C 33 30.75 36.43 -7.00
C GLY C 33 31.01 37.91 -7.17
N MET C 34 32.12 38.23 -7.80
CA MET C 34 32.46 39.62 -7.99
C MET C 34 33.08 39.93 -9.33
N HIS C 35 32.93 41.19 -9.70
CA HIS C 35 33.38 41.67 -10.98
C HIS C 35 34.29 42.87 -10.90
N TRP C 36 35.15 42.99 -11.90
CA TRP C 36 35.90 44.21 -12.11
C TRP C 36 35.41 44.85 -13.40
N VAL C 37 35.24 46.16 -13.34
CA VAL C 37 34.81 46.99 -14.46
C VAL C 37 35.75 48.18 -14.54
N ARG C 38 36.11 48.63 -15.73
CA ARG C 38 36.97 49.81 -15.80
C ARG C 38 36.39 50.88 -16.68
N GLN C 39 36.72 52.13 -16.39
CA GLN C 39 36.28 53.21 -17.24
C GLN C 39 37.38 54.19 -17.62
N ALA C 40 37.74 54.22 -18.89
CA ALA C 40 38.78 55.15 -19.31
C ALA C 40 38.17 56.52 -19.19
N PRO C 41 38.90 57.58 -18.84
CA PRO C 41 38.34 58.90 -18.77
C PRO C 41 37.68 59.27 -20.08
N GLY C 42 36.45 59.77 -20.01
CA GLY C 42 35.71 60.19 -21.20
C GLY C 42 34.99 59.05 -21.94
N LYS C 43 35.15 57.83 -21.48
CA LYS C 43 34.57 56.65 -22.13
C LYS C 43 33.49 55.99 -21.30
N GLY C 44 32.82 54.99 -21.87
CA GLY C 44 31.79 54.26 -21.16
C GLY C 44 32.42 53.15 -20.33
N LEU C 45 31.59 52.29 -19.77
CA LEU C 45 32.06 51.23 -18.88
C LEU C 45 32.50 50.00 -19.66
N GLU C 46 33.61 49.40 -19.28
CA GLU C 46 34.09 48.18 -19.90
C GLU C 46 34.22 47.06 -18.88
N TRP C 47 33.58 45.95 -19.12
CA TRP C 47 33.68 44.85 -18.18
C TRP C 47 35.07 44.24 -18.32
N VAL C 48 35.73 43.91 -17.20
CA VAL C 48 37.07 43.33 -17.25
C VAL C 48 37.14 41.85 -16.88
N ALA C 49 36.56 41.49 -15.73
CA ALA C 49 36.68 40.10 -15.25
C ALA C 49 35.66 39.74 -14.19
N VAL C 50 35.35 38.45 -14.08
CA VAL C 50 34.50 37.93 -13.00
C VAL C 50 35.04 36.71 -12.33
N ILE C 51 34.83 36.63 -11.02
CA ILE C 51 35.19 35.46 -10.27
C ILE C 51 34.00 34.94 -9.47
N SER C 52 33.83 33.63 -9.44
CA SER C 52 32.76 32.99 -8.69
C SER C 52 32.98 33.07 -7.20
N TYR C 53 31.92 32.83 -6.43
CA TYR C 53 31.97 32.95 -4.97
C TYR C 53 33.02 32.08 -4.29
N ASP C 54 33.37 30.93 -4.86
CA ASP C 54 34.38 30.11 -4.26
C ASP C 54 35.72 30.15 -4.98
N GLY C 55 35.84 31.03 -5.95
CA GLY C 55 37.06 31.20 -6.72
C GLY C 55 37.29 30.15 -7.82
N SER C 56 36.34 29.23 -8.00
CA SER C 56 36.51 28.13 -8.97
C SER C 56 36.37 28.51 -10.44
N ASN C 57 35.63 29.56 -10.74
CA ASN C 57 35.39 29.96 -12.11
C ASN C 57 35.76 31.40 -12.36
N LYS C 58 36.69 31.58 -13.28
CA LYS C 58 37.24 32.88 -13.61
C LYS C 58 37.12 33.18 -15.09
N TYR C 59 36.46 34.29 -15.44
CA TYR C 59 36.29 34.66 -16.85
C TYR C 59 36.76 36.08 -17.10
N TYR C 60 37.27 36.32 -18.30
CA TYR C 60 37.82 37.63 -18.65
C TYR C 60 37.30 38.20 -19.95
N ALA C 61 37.30 39.51 -20.01
CA ALA C 61 36.99 40.20 -21.25
C ALA C 61 38.11 39.93 -22.23
N ASP C 62 37.81 39.83 -23.51
CA ASP C 62 38.87 39.55 -24.48
C ASP C 62 40.01 40.57 -24.44
N SER C 63 39.70 41.83 -24.16
CA SER C 63 40.68 42.90 -24.16
C SER C 63 41.80 42.79 -23.14
N VAL C 64 41.63 41.95 -22.12
CA VAL C 64 42.61 41.75 -21.06
C VAL C 64 42.99 40.28 -20.94
N LYS C 65 42.45 39.47 -21.83
CA LYS C 65 42.62 38.05 -21.67
C LYS C 65 44.05 37.67 -21.91
N GLY C 66 44.61 36.93 -20.97
CA GLY C 66 45.98 36.49 -21.06
C GLY C 66 46.94 37.45 -20.36
N ARG C 67 46.46 38.62 -19.95
CA ARG C 67 47.33 39.57 -19.28
C ARG C 67 46.90 39.77 -17.85
N PHE C 68 45.59 39.73 -17.61
CA PHE C 68 45.10 39.95 -16.26
C PHE C 68 44.69 38.64 -15.58
N THR C 69 44.88 38.59 -14.26
CA THR C 69 44.41 37.47 -13.43
C THR C 69 43.50 37.97 -12.30
N ILE C 70 42.39 37.28 -12.08
CA ILE C 70 41.47 37.68 -11.03
C ILE C 70 41.53 36.63 -9.95
N SER C 71 41.50 37.05 -8.70
CA SER C 71 41.53 36.12 -7.59
C SER C 71 40.85 36.70 -6.38
N ARG C 72 40.51 35.86 -5.41
CA ARG C 72 39.89 36.34 -4.20
C ARG C 72 40.36 35.57 -3.00
N ASP C 73 40.48 36.25 -1.88
CA ASP C 73 40.83 35.59 -0.64
C ASP C 73 39.65 35.70 0.29
N ASN C 74 38.94 34.60 0.44
CA ASN C 74 37.72 34.58 1.19
C ASN C 74 37.91 34.77 2.68
N SER C 75 39.12 34.56 3.18
CA SER C 75 39.35 34.70 4.60
C SER C 75 39.62 36.14 5.00
N LYS C 76 39.84 37.01 4.02
CA LYS C 76 40.19 38.40 4.24
C LYS C 76 39.16 39.34 3.66
N ASN C 77 38.10 38.77 3.11
CA ASN C 77 37.06 39.52 2.43
C ASN C 77 37.68 40.44 1.39
N THR C 78 38.66 39.93 0.65
CA THR C 78 39.33 40.78 -0.31
C THR C 78 39.37 40.25 -1.73
N LEU C 79 39.01 41.12 -2.68
CA LEU C 79 39.04 40.79 -4.11
C LEU C 79 40.32 41.36 -4.71
N TYR C 80 40.98 40.61 -5.59
CA TYR C 80 42.20 41.08 -6.24
C TYR C 80 42.18 41.06 -7.77
N LEU C 81 42.93 41.99 -8.37
CA LEU C 81 43.18 41.96 -9.81
C LEU C 81 44.66 42.18 -10.08
N GLN C 82 45.28 41.20 -10.71
CA GLN C 82 46.69 41.24 -11.02
C GLN C 82 46.84 41.61 -12.47
N MET C 83 47.37 42.79 -12.74
CA MET C 83 47.47 43.22 -14.12
C MET C 83 48.91 43.19 -14.58
N ASN C 84 49.22 42.35 -15.54
CA ASN C 84 50.59 42.27 -16.02
C ASN C 84 50.71 42.97 -17.35
N SER C 85 51.92 43.39 -17.72
CA SER C 85 52.15 43.98 -19.03
C SER C 85 51.13 45.05 -19.37
N LEU C 86 51.03 46.10 -18.55
CA LEU C 86 50.05 47.13 -18.78
C LEU C 86 50.46 47.99 -19.96
N ARG C 87 49.47 48.46 -20.68
CA ARG C 87 49.66 49.32 -21.84
C ARG C 87 48.88 50.61 -21.69
N ALA C 88 49.15 51.60 -22.53
CA ALA C 88 48.46 52.90 -22.41
C ALA C 88 46.95 52.75 -22.47
N GLU C 89 46.48 51.77 -23.22
CA GLU C 89 45.07 51.47 -23.41
C GLU C 89 44.38 51.03 -22.11
N ASP C 90 45.15 50.66 -21.09
CA ASP C 90 44.62 50.19 -19.83
C ASP C 90 44.42 51.33 -18.84
N THR C 91 44.70 52.58 -19.24
CA THR C 91 44.45 53.66 -18.29
C THR C 91 42.96 53.75 -18.07
N ALA C 92 42.56 53.67 -16.82
CA ALA C 92 41.16 53.69 -16.48
C ALA C 92 40.94 53.77 -15.00
N VAL C 93 39.73 54.12 -14.62
CA VAL C 93 39.36 53.97 -13.23
C VAL C 93 38.84 52.56 -13.09
N TYR C 94 39.41 51.78 -12.19
CA TYR C 94 38.98 50.42 -12.01
C TYR C 94 38.07 50.34 -10.82
N TYR C 95 36.98 49.61 -10.97
CA TYR C 95 35.98 49.45 -9.92
C TYR C 95 35.71 48.01 -9.58
N CYS C 96 35.42 47.77 -8.31
CA CYS C 96 34.89 46.48 -7.91
C CYS C 96 33.39 46.56 -7.90
N ALA C 97 32.76 45.44 -8.19
CA ALA C 97 31.33 45.38 -8.06
C ALA C 97 30.88 44.01 -7.57
N LYS C 98 29.84 44.03 -6.76
CA LYS C 98 29.19 42.88 -6.15
C LYS C 98 28.08 42.32 -7.00
N ASP C 99 28.16 41.03 -7.33
CA ASP C 99 27.13 40.35 -8.09
C ASP C 99 25.95 40.12 -7.18
N LYS C 100 24.76 40.47 -7.62
CA LYS C 100 23.56 40.34 -6.80
C LYS C 100 23.17 38.92 -6.39
N ARG C 101 23.50 37.92 -7.21
CA ARG C 101 23.03 36.56 -6.97
C ARG C 101 23.76 35.79 -5.86
N PHE C 102 22.97 35.12 -5.03
CA PHE C 102 23.42 34.35 -3.86
C PHE C 102 23.83 32.91 -4.15
N ILE C 103 25.08 32.57 -3.77
CA ILE C 103 25.73 31.27 -3.94
C ILE C 103 25.33 30.46 -5.15
N THR C 104 25.59 31.02 -6.30
CA THR C 104 25.31 30.44 -7.59
C THR C 104 26.51 30.47 -8.48
N MET C 105 26.57 29.58 -9.45
CA MET C 105 27.66 29.62 -10.41
C MET C 105 27.28 30.36 -11.69
N ILE C 106 26.14 31.05 -11.65
CA ILE C 106 25.68 31.86 -12.75
C ILE C 106 26.24 33.27 -12.61
N LEU C 107 27.25 33.56 -13.42
CA LEU C 107 27.98 34.81 -13.35
C LEU C 107 27.41 35.84 -14.29
N VAL C 108 26.17 36.26 -14.01
CA VAL C 108 25.45 37.12 -14.92
C VAL C 108 25.07 38.50 -14.39
N GLY C 109 25.42 38.85 -13.16
CA GLY C 109 24.99 40.15 -12.68
C GLY C 109 23.53 40.06 -12.25
N PRO C 110 22.92 41.19 -11.95
CA PRO C 110 23.35 42.55 -12.09
C PRO C 110 24.42 42.89 -11.10
N PHE C 111 25.05 44.03 -11.32
CA PHE C 111 26.07 44.53 -10.44
C PHE C 111 25.28 45.31 -9.41
N ASP C 112 25.14 44.73 -8.23
CA ASP C 112 24.27 45.24 -7.17
C ASP C 112 24.91 46.44 -6.51
N TYR C 113 26.19 46.33 -6.23
CA TYR C 113 26.93 47.42 -5.61
C TYR C 113 28.23 47.68 -6.28
N TRP C 114 28.59 48.94 -6.35
CA TRP C 114 29.83 49.40 -6.93
C TRP C 114 30.67 50.08 -5.88
N GLY C 115 31.97 49.99 -6.01
CA GLY C 115 32.87 50.73 -5.14
C GLY C 115 33.05 52.11 -5.73
N GLN C 116 34.08 52.84 -5.34
CA GLN C 116 34.20 54.21 -5.85
C GLN C 116 35.20 54.29 -6.98
N GLY C 117 36.09 53.35 -7.00
CA GLY C 117 37.08 53.22 -8.05
C GLY C 117 38.42 53.84 -7.74
N THR C 118 39.45 53.30 -8.37
CA THR C 118 40.79 53.85 -8.22
C THR C 118 41.44 53.97 -9.59
N LEU C 119 42.20 55.04 -9.80
CA LEU C 119 42.81 55.25 -11.10
C LEU C 119 44.16 54.64 -11.30
N VAL C 120 44.28 53.96 -12.42
CA VAL C 120 45.53 53.40 -12.88
C VAL C 120 45.91 54.12 -14.16
N THR C 121 47.10 54.72 -14.15
CA THR C 121 47.63 55.48 -15.28
C THR C 121 48.80 54.76 -15.89
N VAL C 122 48.81 54.62 -17.21
CA VAL C 122 49.93 53.92 -17.84
C VAL C 122 50.57 54.75 -18.93
N ARG D 42 -9.65 19.45 -1.87
CA ARG D 42 -8.86 19.90 -2.99
C ARG D 42 -9.56 20.97 -3.81
N ASN D 43 -8.80 21.57 -4.73
CA ASN D 43 -9.26 22.61 -5.63
C ASN D 43 -8.64 22.33 -6.97
N PHE D 44 -9.23 22.86 -8.03
CA PHE D 44 -8.65 22.62 -9.32
C PHE D 44 -7.37 23.38 -9.51
N ASN D 45 -6.44 22.79 -10.24
CA ASN D 45 -5.20 23.45 -10.52
C ASN D 45 -5.40 24.61 -11.47
N ASN D 46 -4.87 25.77 -11.11
CA ASN D 46 -4.93 26.95 -11.96
C ASN D 46 -3.55 27.28 -12.48
N LEU D 47 -3.46 27.61 -13.75
CA LEU D 47 -2.16 27.96 -14.30
C LEU D 47 -1.87 29.41 -14.02
N THR D 48 -1.19 29.64 -12.91
CA THR D 48 -0.89 30.99 -12.43
C THR D 48 0.59 31.39 -12.50
N LYS D 49 1.50 30.44 -12.67
CA LYS D 49 2.93 30.77 -12.64
C LYS D 49 3.57 30.77 -14.04
N GLY D 50 4.75 31.40 -14.16
CA GLY D 50 5.45 31.40 -15.46
C GLY D 50 6.44 30.26 -15.47
N LEU D 51 7.26 30.14 -16.52
CA LEU D 51 8.28 29.09 -16.51
C LEU D 51 9.56 29.59 -15.86
N CYS D 52 10.29 28.67 -15.23
CA CYS D 52 11.58 29.01 -14.64
C CYS D 52 12.63 29.10 -15.74
N THR D 53 13.59 30.00 -15.59
CA THR D 53 14.65 30.13 -16.58
C THR D 53 15.39 28.82 -16.76
N ILE D 54 15.56 28.40 -18.01
CA ILE D 54 16.24 27.17 -18.27
C ILE D 54 17.66 27.44 -18.75
N ASN D 55 18.65 27.12 -17.92
CA ASN D 55 20.03 27.29 -18.29
C ASN D 55 20.61 25.94 -18.66
N SER D 56 20.13 24.89 -18.02
CA SER D 56 20.60 23.54 -18.32
C SER D 56 19.60 22.48 -17.87
N TRP D 57 19.78 21.22 -18.28
CA TRP D 57 18.89 20.14 -17.87
C TRP D 57 19.61 19.10 -16.98
N HIS D 58 18.91 18.52 -16.00
CA HIS D 58 19.48 17.50 -15.11
C HIS D 58 18.62 16.25 -15.05
N ILE D 59 19.21 15.12 -14.68
CA ILE D 59 18.44 13.89 -14.65
C ILE D 59 17.36 13.92 -13.59
N TYR D 60 16.15 13.51 -13.99
CA TYR D 60 14.98 13.46 -13.14
C TYR D 60 14.63 12.01 -12.84
N GLY D 61 14.68 11.18 -13.87
CA GLY D 61 14.32 9.78 -13.73
C GLY D 61 14.82 8.92 -14.89
N LYS D 62 14.87 7.63 -14.65
CA LYS D 62 15.32 6.65 -15.62
C LYS D 62 14.91 5.29 -15.13
N ASP D 63 14.17 4.51 -15.92
CA ASP D 63 13.75 3.22 -15.37
C ASP D 63 14.63 2.01 -15.65
N ASN D 64 15.47 2.07 -16.66
CA ASN D 64 16.31 0.95 -17.06
C ASN D 64 15.45 -0.26 -17.35
N ALA D 65 14.27 -0.06 -17.94
CA ALA D 65 13.38 -1.20 -18.16
C ALA D 65 13.91 -2.32 -19.03
N VAL D 66 14.62 -2.02 -20.10
CA VAL D 66 15.05 -3.13 -20.95
C VAL D 66 16.16 -3.91 -20.26
N ARG D 67 17.08 -3.20 -19.63
CA ARG D 67 18.20 -3.79 -18.92
C ARG D 67 17.73 -4.71 -17.79
N ILE D 68 16.80 -4.23 -16.96
CA ILE D 68 16.30 -5.05 -15.86
C ILE D 68 15.53 -6.23 -16.40
N GLY D 69 14.71 -5.99 -17.42
CA GLY D 69 13.85 -6.95 -18.06
C GLY D 69 14.56 -8.12 -18.71
N GLU D 70 15.88 -8.08 -18.83
CA GLU D 70 16.59 -9.21 -19.39
C GLU D 70 16.34 -10.45 -18.57
N SER D 71 16.20 -10.30 -17.25
CA SER D 71 15.96 -11.45 -16.42
C SER D 71 15.06 -11.17 -15.23
N SER D 72 13.88 -10.63 -15.51
CA SER D 72 12.87 -10.27 -14.51
C SER D 72 11.51 -10.12 -15.20
N ASP D 73 10.42 -10.04 -14.43
CA ASP D 73 9.10 -9.91 -15.06
C ASP D 73 8.66 -8.50 -15.41
N VAL D 74 9.29 -7.99 -16.47
CA VAL D 74 9.07 -6.63 -16.98
C VAL D 74 8.30 -6.68 -18.30
N LEU D 75 7.25 -5.86 -18.38
CA LEU D 75 6.36 -5.77 -19.51
C LEU D 75 6.96 -5.05 -20.70
N VAL D 76 6.50 -5.45 -21.88
CA VAL D 76 6.84 -4.79 -23.10
C VAL D 76 5.92 -3.62 -23.26
N THR D 77 6.49 -2.44 -23.43
CA THR D 77 5.73 -1.23 -23.60
C THR D 77 6.27 -0.42 -24.77
N ARG D 78 5.50 0.57 -25.17
CA ARG D 78 5.84 1.60 -26.15
C ARG D 78 5.15 2.91 -25.85
N GLU D 79 5.65 4.00 -26.45
CA GLU D 79 5.00 5.29 -26.37
C GLU D 79 4.74 5.77 -24.95
N PRO D 80 5.81 5.95 -24.16
CA PRO D 80 5.79 6.35 -22.79
C PRO D 80 5.52 7.80 -22.64
N TYR D 81 5.11 8.18 -21.46
CA TYR D 81 5.01 9.57 -21.08
C TYR D 81 5.09 9.71 -19.59
N VAL D 82 5.28 10.91 -19.09
CA VAL D 82 5.37 11.10 -17.66
C VAL D 82 4.31 12.08 -17.28
N SER D 83 3.63 11.83 -16.18
CA SER D 83 2.58 12.73 -15.72
C SER D 83 2.51 12.74 -14.21
N CYS D 84 2.23 13.91 -13.65
CA CYS D 84 2.22 14.01 -12.20
C CYS D 84 0.84 14.31 -11.60
N ASP D 85 0.61 13.75 -10.41
CA ASP D 85 -0.56 14.02 -9.58
C ASP D 85 -0.06 15.02 -8.55
N PRO D 86 -0.90 15.59 -7.66
CA PRO D 86 -0.49 16.52 -6.62
C PRO D 86 0.61 16.05 -5.68
N ASP D 87 0.77 14.76 -5.46
CA ASP D 87 1.82 14.28 -4.59
C ASP D 87 2.66 13.14 -5.15
N GLU D 88 2.57 12.88 -6.45
CA GLU D 88 3.32 11.75 -7.02
C GLU D 88 3.57 11.84 -8.52
N CYS D 89 4.75 11.48 -8.98
CA CYS D 89 4.93 11.39 -10.42
C CYS D 89 5.07 9.94 -10.80
N ARG D 90 4.42 9.59 -11.92
CA ARG D 90 4.44 8.23 -12.43
C ARG D 90 4.76 8.18 -13.91
N PHE D 91 5.27 7.05 -14.33
CA PHE D 91 5.53 6.82 -15.72
C PHE D 91 4.31 6.15 -16.29
N TYR D 92 3.96 6.52 -17.51
CA TYR D 92 2.82 5.96 -18.22
C TYR D 92 3.28 5.36 -19.53
N ALA D 93 2.66 4.29 -19.97
CA ALA D 93 3.01 3.74 -21.28
C ALA D 93 1.94 2.80 -21.78
N LEU D 94 1.99 2.47 -23.05
CA LEU D 94 1.07 1.49 -23.56
C LEU D 94 1.74 0.12 -23.58
N SER D 95 1.15 -0.81 -22.85
CA SER D 95 1.62 -2.18 -22.69
C SER D 95 1.16 -3.05 -23.80
N GLN D 96 1.94 -4.07 -24.15
CA GLN D 96 1.56 -5.08 -25.16
C GLN D 96 0.94 -6.35 -24.55
N GLY D 97 0.78 -6.36 -23.22
CA GLY D 97 0.19 -7.50 -22.54
C GLY D 97 1.13 -8.70 -22.42
N THR D 98 2.43 -8.46 -22.40
CA THR D 98 3.40 -9.53 -22.32
C THR D 98 4.71 -9.05 -21.78
N THR D 99 5.50 -9.97 -21.22
CA THR D 99 6.83 -9.63 -20.74
C THR D 99 7.87 -9.72 -21.82
N ILE D 100 9.01 -9.09 -21.59
CA ILE D 100 10.09 -9.00 -22.57
C ILE D 100 10.62 -10.36 -22.97
N ARG D 101 10.78 -11.25 -22.00
CA ARG D 101 11.34 -12.56 -22.32
C ARG D 101 10.26 -13.61 -22.57
N GLY D 102 8.99 -13.22 -22.63
CA GLY D 102 7.96 -14.23 -22.85
C GLY D 102 7.88 -14.51 -24.34
N LYS D 103 7.12 -15.52 -24.72
CA LYS D 103 7.05 -15.83 -26.15
C LYS D 103 6.04 -14.99 -26.88
N HIS D 104 5.24 -14.26 -26.13
CA HIS D 104 4.24 -13.42 -26.75
C HIS D 104 4.86 -12.08 -27.10
N SER D 105 6.16 -11.91 -26.84
CA SER D 105 6.86 -10.70 -27.20
C SER D 105 7.18 -10.72 -28.69
N ASN D 106 7.02 -11.88 -29.33
CA ASN D 106 7.30 -11.99 -30.75
C ASN D 106 6.18 -11.32 -31.53
N GLY D 107 6.51 -10.25 -32.25
CA GLY D 107 5.49 -9.51 -32.97
C GLY D 107 5.01 -8.23 -32.29
N THR D 108 5.69 -7.79 -31.22
CA THR D 108 5.31 -6.55 -30.52
C THR D 108 5.56 -5.29 -31.29
N ILE D 109 6.10 -5.42 -32.48
CA ILE D 109 6.31 -4.32 -33.39
C ILE D 109 5.01 -3.63 -33.79
N HIS D 110 3.88 -4.35 -33.76
CA HIS D 110 2.62 -3.75 -34.16
C HIS D 110 2.08 -2.72 -33.18
N ASP D 111 1.43 -1.70 -33.74
CA ASP D 111 0.92 -0.59 -32.95
C ASP D 111 -0.49 -0.77 -32.40
N ARG D 112 -1.33 -1.52 -33.09
CA ARG D 112 -2.70 -1.61 -32.64
C ARG D 112 -3.19 -3.03 -32.51
N SER D 113 -3.62 -3.38 -31.31
CA SER D 113 -4.13 -4.70 -30.98
C SER D 113 -5.01 -4.62 -29.75
N GLN D 114 -5.77 -5.69 -29.51
CA GLN D 114 -6.68 -5.79 -28.37
C GLN D 114 -5.98 -5.86 -27.04
N TYR D 115 -4.71 -6.15 -27.08
CA TYR D 115 -3.90 -6.38 -25.92
C TYR D 115 -3.32 -5.13 -25.35
N ARG D 116 -3.45 -4.02 -26.06
CA ARG D 116 -2.85 -2.81 -25.58
C ARG D 116 -3.63 -2.09 -24.54
N ALA D 117 -2.91 -1.63 -23.54
CA ALA D 117 -3.54 -0.88 -22.46
C ALA D 117 -2.64 0.16 -21.89
N LEU D 118 -3.23 1.18 -21.29
CA LEU D 118 -2.49 2.23 -20.66
C LEU D 118 -2.27 1.92 -19.24
N ILE D 119 -1.00 1.84 -18.86
CA ILE D 119 -0.61 1.50 -17.53
C ILE D 119 0.25 2.58 -16.95
N SER D 120 0.37 2.57 -15.63
CA SER D 120 1.28 3.50 -15.01
C SER D 120 1.98 2.83 -13.86
N TRP D 121 3.17 3.32 -13.57
CA TRP D 121 3.95 2.76 -12.49
C TRP D 121 4.82 3.86 -11.87
N PRO D 122 5.35 3.71 -10.65
CA PRO D 122 6.13 4.71 -9.96
C PRO D 122 7.31 5.17 -10.76
N LEU D 123 7.61 6.46 -10.71
CA LEU D 123 8.72 6.99 -11.47
C LEU D 123 10.04 6.35 -11.11
N SER D 124 10.77 6.02 -12.17
CA SER D 124 12.09 5.37 -12.22
C SER D 124 12.09 3.89 -11.86
N SER D 125 10.94 3.28 -11.67
CA SER D 125 10.87 1.85 -11.50
C SER D 125 10.54 1.31 -12.88
N PRO D 126 10.89 0.07 -13.25
CA PRO D 126 10.52 -0.55 -14.49
C PRO D 126 9.03 -0.88 -14.50
N PRO D 127 8.40 -1.04 -15.68
CA PRO D 127 7.02 -1.40 -15.89
C PRO D 127 6.80 -2.84 -15.66
N THR D 128 6.83 -3.25 -14.41
CA THR D 128 6.72 -4.64 -14.11
C THR D 128 5.30 -5.11 -14.15
N VAL D 129 5.16 -6.43 -14.16
CA VAL D 129 3.86 -7.07 -14.13
C VAL D 129 3.18 -6.82 -12.81
N TYR D 130 3.97 -6.88 -11.75
CA TYR D 130 3.49 -6.81 -10.39
C TYR D 130 3.31 -5.42 -9.77
N ASN D 131 3.91 -4.35 -10.32
CA ASN D 131 3.72 -3.04 -9.65
C ASN D 131 2.94 -2.06 -10.50
N SER D 132 2.46 -2.50 -11.65
CA SER D 132 1.77 -1.62 -12.57
C SER D 132 0.28 -1.58 -12.34
N ARG D 133 -0.32 -0.44 -12.63
CA ARG D 133 -1.76 -0.28 -12.55
C ARG D 133 -2.30 0.05 -13.91
N VAL D 134 -3.41 -0.57 -14.30
CA VAL D 134 -3.99 -0.26 -15.60
C VAL D 134 -4.96 0.88 -15.44
N GLU D 135 -4.81 1.90 -16.26
CA GLU D 135 -5.66 3.08 -16.17
C GLU D 135 -6.88 2.90 -17.08
N CYS D 136 -6.64 2.39 -18.29
CA CYS D 136 -7.68 2.14 -19.27
C CYS D 136 -7.16 1.29 -20.43
N ILE D 137 -8.07 0.82 -21.28
CA ILE D 137 -7.69 -0.04 -22.42
C ILE D 137 -7.85 0.61 -23.77
N GLY D 138 -6.82 0.45 -24.60
CA GLY D 138 -6.80 1.00 -25.93
C GLY D 138 -5.39 1.16 -26.47
N TRP D 139 -5.28 1.36 -27.77
CA TRP D 139 -4.00 1.50 -28.44
C TRP D 139 -3.47 2.91 -28.57
N SER D 140 -4.26 3.89 -28.16
CA SER D 140 -3.83 5.29 -28.15
C SER D 140 -4.43 5.98 -26.95
N SER D 141 -3.66 6.84 -26.31
CA SER D 141 -4.17 7.47 -25.10
C SER D 141 -3.57 8.80 -24.70
N THR D 142 -4.18 9.40 -23.68
CA THR D 142 -3.71 10.63 -23.01
C THR D 142 -4.23 10.75 -21.59
N SER D 143 -3.50 11.46 -20.73
CA SER D 143 -4.04 11.65 -19.38
C SER D 143 -3.50 12.86 -18.62
N CYS D 144 -4.28 13.34 -17.66
CA CYS D 144 -3.85 14.44 -16.80
C CYS D 144 -4.67 14.60 -15.55
N HIS D 145 -4.02 15.10 -14.51
CA HIS D 145 -4.70 15.38 -13.25
C HIS D 145 -5.17 16.81 -13.26
N ASP D 146 -6.42 17.06 -12.86
CA ASP D 146 -6.90 18.43 -12.88
C ASP D 146 -6.81 19.20 -11.57
N GLY D 147 -6.21 18.60 -10.55
CA GLY D 147 -6.11 19.21 -9.22
C GLY D 147 -7.06 18.56 -8.22
N LYS D 148 -8.08 17.85 -8.72
CA LYS D 148 -8.98 17.12 -7.84
C LYS D 148 -8.91 15.64 -8.14
N SER D 149 -8.96 15.28 -9.42
CA SER D 149 -8.91 13.88 -9.84
C SER D 149 -8.36 13.69 -11.25
N ARG D 150 -7.82 12.51 -11.51
CA ARG D 150 -7.27 12.24 -12.84
C ARG D 150 -8.26 11.83 -13.91
N MET D 151 -8.05 12.41 -15.10
CA MET D 151 -8.77 12.08 -16.31
C MET D 151 -7.88 11.27 -17.21
N SER D 152 -8.44 10.29 -17.89
CA SER D 152 -7.65 9.57 -18.88
C SER D 152 -8.51 9.17 -20.03
N ILE D 153 -7.91 9.13 -21.21
CA ILE D 153 -8.63 8.75 -22.39
C ILE D 153 -7.93 7.66 -23.13
N CYS D 154 -8.65 6.60 -23.45
CA CYS D 154 -8.10 5.52 -24.26
C CYS D 154 -8.92 5.26 -25.49
N ILE D 155 -8.23 4.98 -26.59
CA ILE D 155 -8.84 4.68 -27.86
C ILE D 155 -8.60 3.25 -28.26
N SER D 156 -9.70 2.60 -28.60
CA SER D 156 -9.70 1.20 -28.99
C SER D 156 -10.66 0.96 -30.13
N GLY D 157 -10.57 -0.20 -30.73
CA GLY D 157 -11.42 -0.57 -31.85
C GLY D 157 -10.57 -0.78 -33.09
N PRO D 158 -11.17 -1.20 -34.19
CA PRO D 158 -10.55 -1.48 -35.45
C PRO D 158 -10.22 -0.17 -36.12
N ASN D 159 -9.42 -0.22 -37.14
CA ASN D 159 -8.99 1.00 -37.81
C ASN D 159 -10.14 1.84 -38.38
N ASN D 160 -11.22 1.21 -38.82
CA ASN D 160 -12.36 1.92 -39.40
C ASN D 160 -13.59 2.05 -38.51
N ASN D 161 -13.45 1.76 -37.23
CA ASN D 161 -14.57 1.84 -36.31
C ASN D 161 -14.08 2.07 -34.89
N ALA D 162 -13.09 2.94 -34.73
CA ALA D 162 -12.47 3.23 -33.44
C ALA D 162 -13.32 4.14 -32.59
N SER D 163 -13.12 4.07 -31.27
CA SER D 163 -13.77 4.97 -30.34
C SER D 163 -12.93 5.32 -29.13
N ALA D 164 -13.20 6.48 -28.55
CA ALA D 164 -12.50 6.92 -27.36
C ALA D 164 -13.37 6.84 -26.14
N VAL D 165 -12.81 6.30 -25.08
CA VAL D 165 -13.53 6.26 -23.83
C VAL D 165 -12.81 7.12 -22.83
N VAL D 166 -13.54 8.08 -22.29
CA VAL D 166 -13.02 9.03 -21.36
C VAL D 166 -13.39 8.62 -19.96
N TRP D 167 -12.38 8.44 -19.14
CA TRP D 167 -12.47 8.01 -17.76
C TRP D 167 -12.17 9.17 -16.84
N TYR D 168 -12.79 9.20 -15.68
CA TYR D 168 -12.45 10.21 -14.71
C TYR D 168 -12.60 9.60 -13.35
N ASN D 169 -11.61 9.80 -12.52
CA ASN D 169 -11.65 9.28 -11.17
C ASN D 169 -11.88 7.77 -11.20
N ARG D 170 -11.21 7.12 -12.15
CA ARG D 170 -11.22 5.68 -12.39
C ARG D 170 -12.56 5.09 -12.81
N ARG D 171 -13.49 5.90 -13.32
CA ARG D 171 -14.75 5.37 -13.83
C ARG D 171 -14.96 5.90 -15.25
N PRO D 172 -15.62 5.19 -16.17
CA PRO D 172 -15.97 5.71 -17.46
C PRO D 172 -16.93 6.87 -17.27
N VAL D 173 -16.78 7.93 -18.05
CA VAL D 173 -17.69 9.06 -18.00
C VAL D 173 -18.38 9.36 -19.33
N ALA D 174 -17.59 9.39 -20.40
CA ALA D 174 -18.10 9.81 -21.71
C ALA D 174 -17.37 9.14 -22.84
N GLU D 175 -18.00 9.05 -24.00
CA GLU D 175 -17.33 8.46 -25.16
C GLU D 175 -17.46 9.30 -26.41
N ILE D 176 -16.46 9.18 -27.27
CA ILE D 176 -16.45 9.83 -28.58
C ILE D 176 -16.24 8.78 -29.67
N ASN D 177 -17.12 8.70 -30.64
CA ASN D 177 -16.91 7.71 -31.70
C ASN D 177 -16.10 8.35 -32.81
N THR D 178 -15.49 7.53 -33.64
CA THR D 178 -14.77 7.98 -34.83
C THR D 178 -15.62 8.77 -35.79
N TRP D 179 -15.03 9.80 -36.40
CA TRP D 179 -15.75 10.63 -37.34
C TRP D 179 -15.21 10.58 -38.76
N ALA D 180 -13.95 10.23 -38.94
CA ALA D 180 -13.39 10.19 -40.29
C ALA D 180 -13.16 8.76 -40.73
N ARG D 181 -13.39 7.85 -39.81
CA ARG D 181 -13.21 6.41 -39.98
C ARG D 181 -11.82 6.01 -40.41
N ASN D 182 -10.77 6.64 -39.84
CA ASN D 182 -9.41 6.26 -40.19
C ASN D 182 -8.46 6.52 -39.03
N ILE D 183 -8.38 5.55 -38.12
CA ILE D 183 -7.54 5.59 -36.94
C ILE D 183 -7.83 6.80 -36.07
N LEU D 184 -8.81 6.74 -35.20
CA LEU D 184 -8.95 7.85 -34.27
C LEU D 184 -7.73 7.80 -33.39
N ARG D 185 -7.07 8.91 -33.17
CA ARG D 185 -5.86 8.92 -32.36
C ARG D 185 -5.68 10.20 -31.57
N THR D 186 -4.87 10.14 -30.50
CA THR D 186 -4.65 11.35 -29.71
C THR D 186 -3.20 11.65 -29.36
N GLN D 187 -3.03 12.42 -28.31
CA GLN D 187 -1.74 12.99 -27.90
C GLN D 187 -0.59 12.10 -27.44
N GLU D 188 -0.84 10.98 -26.76
CA GLU D 188 0.24 10.15 -26.21
C GLU D 188 1.14 10.93 -25.26
N SER D 189 0.53 11.81 -24.49
CA SER D 189 1.24 12.60 -23.50
C SER D 189 0.31 13.16 -22.47
N GLU D 190 0.88 13.97 -21.61
CA GLU D 190 0.16 14.63 -20.56
C GLU D 190 -0.72 15.75 -21.13
N CYS D 191 -1.94 15.83 -20.66
CA CYS D 191 -2.83 16.94 -21.01
C CYS D 191 -2.72 17.99 -19.92
N VAL D 192 -3.18 19.20 -20.19
CA VAL D 192 -3.04 20.22 -19.17
C VAL D 192 -4.38 20.81 -18.83
N CYS D 193 -4.69 20.89 -17.56
CA CYS D 193 -5.99 21.42 -17.17
C CYS D 193 -5.87 22.79 -16.53
N HIS D 194 -6.89 23.61 -16.70
CA HIS D 194 -6.96 24.90 -16.03
C HIS D 194 -8.34 25.11 -15.44
N ASN D 195 -8.40 25.16 -14.13
CA ASN D 195 -9.65 25.34 -13.41
C ASN D 195 -10.66 24.27 -13.78
N GLY D 196 -10.18 23.06 -13.97
CA GLY D 196 -11.03 21.94 -14.29
C GLY D 196 -11.21 21.65 -15.77
N VAL D 197 -10.80 22.57 -16.66
CA VAL D 197 -10.98 22.32 -18.08
C VAL D 197 -9.73 21.80 -18.71
N CYS D 198 -9.84 20.66 -19.36
CA CYS D 198 -8.72 19.95 -19.94
C CYS D 198 -8.88 19.76 -21.45
N PRO D 199 -8.33 20.64 -22.31
CA PRO D 199 -8.39 20.53 -23.75
C PRO D 199 -7.64 19.28 -24.20
N VAL D 200 -8.21 18.52 -25.11
CA VAL D 200 -7.54 17.34 -25.65
C VAL D 200 -7.54 17.40 -27.16
N VAL D 201 -6.39 17.14 -27.77
CA VAL D 201 -6.31 17.18 -29.22
C VAL D 201 -6.49 15.79 -29.84
N PHE D 202 -7.42 15.68 -30.78
CA PHE D 202 -7.71 14.41 -31.47
C PHE D 202 -7.63 14.53 -32.99
N THR D 203 -7.14 13.49 -33.63
CA THR D 203 -7.08 13.47 -35.09
C THR D 203 -7.70 12.21 -35.64
N ASP D 204 -8.44 12.31 -36.73
CA ASP D 204 -9.03 11.16 -37.40
C ASP D 204 -8.97 11.40 -38.91
N GLY D 205 -8.25 10.56 -39.64
CA GLY D 205 -8.05 10.81 -41.05
C GLY D 205 -6.69 10.31 -41.52
N SER D 206 -6.41 10.46 -42.81
CA SER D 206 -5.17 9.93 -43.35
C SER D 206 -3.94 10.52 -42.73
N ALA D 207 -2.91 9.69 -42.54
CA ALA D 207 -1.66 10.16 -41.98
C ALA D 207 -0.72 10.67 -43.07
N THR D 208 -1.15 10.55 -44.32
CA THR D 208 -0.36 10.94 -45.48
C THR D 208 -1.09 11.96 -46.32
N GLY D 209 -1.99 12.69 -45.69
CA GLY D 209 -2.80 13.67 -46.39
C GLY D 209 -3.57 14.45 -45.35
N PRO D 210 -4.52 15.28 -45.76
CA PRO D 210 -5.34 16.08 -44.88
C PRO D 210 -6.11 15.17 -43.94
N ALA D 211 -6.39 15.66 -42.74
CA ALA D 211 -7.13 14.90 -41.74
C ALA D 211 -7.96 15.85 -40.92
N ASP D 212 -9.01 15.33 -40.31
CA ASP D 212 -9.91 16.11 -39.49
C ASP D 212 -9.40 16.18 -38.06
N THR D 213 -8.89 17.35 -37.69
CA THR D 213 -8.26 17.55 -36.40
C THR D 213 -9.20 18.38 -35.56
N ARG D 214 -9.45 17.93 -34.33
CA ARG D 214 -10.37 18.60 -33.43
C ARG D 214 -9.84 18.75 -32.02
N ILE D 215 -10.33 19.74 -31.34
CA ILE D 215 -10.02 19.90 -29.93
C ILE D 215 -11.29 19.81 -29.12
N TYR D 216 -11.28 18.94 -28.13
CA TYR D 216 -12.44 18.82 -27.27
C TYR D 216 -12.06 19.35 -25.91
N TYR D 217 -12.97 20.07 -25.30
CA TYR D 217 -12.70 20.64 -24.00
C TYR D 217 -13.51 19.89 -22.99
N PHE D 218 -12.82 19.21 -22.08
CA PHE D 218 -13.47 18.38 -21.09
C PHE D 218 -13.45 18.94 -19.69
N LYS D 219 -14.48 18.66 -18.91
CA LYS D 219 -14.49 19.00 -17.50
C LYS D 219 -15.10 17.84 -16.72
N GLU D 220 -14.32 17.28 -15.81
CA GLU D 220 -14.72 16.12 -15.02
C GLU D 220 -15.16 14.97 -15.91
N GLY D 221 -14.49 14.81 -17.04
CA GLY D 221 -14.75 13.75 -17.99
C GLY D 221 -15.86 14.05 -19.01
N LYS D 222 -16.57 15.16 -18.87
CA LYS D 222 -17.66 15.45 -19.79
C LYS D 222 -17.24 16.50 -20.80
N ILE D 223 -17.88 16.55 -21.95
CA ILE D 223 -17.47 17.52 -22.96
C ILE D 223 -18.26 18.82 -22.84
N LEU D 224 -17.54 19.94 -22.71
CA LEU D 224 -18.16 21.24 -22.60
C LEU D 224 -18.27 21.93 -23.95
N LYS D 225 -17.25 21.71 -24.76
CA LYS D 225 -17.15 22.37 -26.06
C LYS D 225 -16.27 21.56 -27.00
N TRP D 226 -16.41 21.81 -28.30
CA TRP D 226 -15.47 21.23 -29.23
C TRP D 226 -15.20 22.25 -30.32
N GLU D 227 -14.03 22.15 -30.95
CA GLU D 227 -13.68 23.00 -32.07
C GLU D 227 -12.96 22.26 -33.17
N SER D 228 -13.16 22.69 -34.40
CA SER D 228 -12.38 22.15 -35.49
C SER D 228 -11.05 22.87 -35.45
N LEU D 229 -9.97 22.25 -35.89
CA LEU D 229 -8.69 22.93 -35.90
C LEU D 229 -8.66 24.16 -36.80
N THR D 230 -8.14 25.26 -36.28
CA THR D 230 -7.97 26.47 -37.08
C THR D 230 -6.54 26.93 -37.08
N GLY D 231 -6.31 28.04 -37.77
CA GLY D 231 -4.97 28.62 -37.89
C GLY D 231 -4.28 28.13 -39.14
N THR D 232 -2.95 28.23 -39.18
CA THR D 232 -2.21 27.93 -40.39
C THR D 232 -1.48 26.60 -40.40
N ALA D 233 -1.58 25.81 -39.34
CA ALA D 233 -0.95 24.49 -39.35
C ALA D 233 -1.70 23.63 -40.36
N LYS D 234 -1.02 22.78 -41.13
CA LYS D 234 -1.77 21.98 -42.10
C LYS D 234 -2.06 20.53 -41.71
N HIS D 235 -1.29 19.97 -40.79
CA HIS D 235 -1.51 18.59 -40.37
C HIS D 235 -1.00 18.39 -38.97
N ILE D 236 -1.86 17.91 -38.07
CA ILE D 236 -1.47 17.72 -36.69
C ILE D 236 -1.69 16.37 -36.04
N GLU D 237 -0.61 15.85 -35.47
CA GLU D 237 -0.67 14.60 -34.70
C GLU D 237 0.17 14.63 -33.42
N GLU D 238 -0.23 13.84 -32.42
CA GLU D 238 0.60 13.61 -31.23
C GLU D 238 1.11 14.86 -30.49
N CYS D 239 0.23 15.79 -30.19
CA CYS D 239 0.66 17.03 -29.54
C CYS D 239 1.16 16.88 -28.11
N SER D 240 2.33 17.49 -27.84
CA SER D 240 2.97 17.56 -26.53
C SER D 240 2.64 18.89 -25.91
N CYS D 241 1.89 18.90 -24.82
CA CYS D 241 1.43 20.16 -24.30
C CYS D 241 1.93 20.47 -22.90
N TYR D 242 2.17 21.75 -22.66
CA TYR D 242 2.51 22.22 -21.32
C TYR D 242 1.77 23.52 -21.06
N GLY D 243 1.53 23.83 -19.80
CA GLY D 243 0.86 25.07 -19.52
C GLY D 243 1.72 26.07 -18.82
N GLU D 244 1.22 27.28 -18.79
CA GLU D 244 1.85 28.37 -18.11
C GLU D 244 0.73 29.36 -17.80
N ARG D 245 1.04 30.45 -17.14
CA ARG D 245 0.06 31.49 -16.84
C ARG D 245 -0.55 32.14 -18.06
N THR D 246 0.07 31.97 -19.22
CA THR D 246 -0.39 32.56 -20.46
C THR D 246 -1.32 31.65 -21.25
N GLY D 247 -1.50 30.40 -20.82
CA GLY D 247 -2.32 29.44 -21.58
C GLY D 247 -1.61 28.12 -21.79
N ILE D 248 -2.13 27.32 -22.71
CA ILE D 248 -1.59 26.00 -22.97
C ILE D 248 -0.93 25.95 -24.34
N THR D 249 0.33 25.53 -24.37
CA THR D 249 1.07 25.49 -25.62
C THR D 249 1.40 24.08 -26.02
N CYS D 250 1.07 23.74 -27.26
CA CYS D 250 1.34 22.39 -27.72
C CYS D 250 2.21 22.31 -28.94
N THR D 251 3.19 21.43 -28.93
CA THR D 251 4.04 21.22 -30.09
C THR D 251 3.69 19.87 -30.69
N CYS D 252 3.40 19.84 -31.97
CA CYS D 252 2.87 18.63 -32.56
C CYS D 252 3.71 18.11 -33.72
N ARG D 253 3.35 16.94 -34.24
CA ARG D 253 4.00 16.36 -35.39
C ARG D 253 3.23 16.64 -36.66
N ASP D 254 3.94 16.92 -37.75
CA ASP D 254 3.31 17.04 -39.06
C ASP D 254 3.80 15.89 -39.88
N ASN D 255 2.99 14.84 -39.96
CA ASN D 255 3.37 13.60 -40.59
C ASN D 255 3.11 13.64 -42.06
N TRP D 256 2.59 14.74 -42.57
CA TRP D 256 2.27 14.79 -43.96
C TRP D 256 3.37 15.44 -44.75
N GLN D 257 3.68 16.71 -44.44
CA GLN D 257 4.68 17.43 -45.23
C GLN D 257 5.86 18.07 -44.52
N GLY D 258 5.66 18.66 -43.35
CA GLY D 258 6.72 19.50 -42.76
C GLY D 258 7.82 18.85 -41.94
N SER D 259 9.00 19.47 -41.99
CA SER D 259 10.15 19.09 -41.16
C SER D 259 10.23 19.99 -39.91
N ASN D 260 9.40 21.00 -39.91
CA ASN D 260 9.24 21.91 -38.82
C ASN D 260 8.04 21.41 -38.05
N ARG D 261 7.69 22.01 -36.93
CA ARG D 261 6.55 21.49 -36.22
C ARG D 261 5.45 22.50 -36.04
N PRO D 262 4.17 22.08 -36.12
CA PRO D 262 3.00 22.83 -35.77
C PRO D 262 2.98 23.14 -34.31
N VAL D 263 2.43 24.27 -33.98
CA VAL D 263 2.20 24.71 -32.63
C VAL D 263 0.76 25.10 -32.45
N ILE D 264 0.13 24.59 -31.41
CA ILE D 264 -1.25 24.98 -31.12
C ILE D 264 -1.22 25.80 -29.87
N GLN D 265 -1.82 26.96 -29.92
CA GLN D 265 -1.88 27.83 -28.76
C GLN D 265 -3.31 27.88 -28.27
N ILE D 266 -3.55 27.33 -27.07
CA ILE D 266 -4.90 27.15 -26.53
C ILE D 266 -5.18 28.02 -25.31
N ASP D 267 -6.30 28.73 -25.35
CA ASP D 267 -6.76 29.53 -24.24
C ASP D 267 -7.87 28.76 -23.52
N PRO D 268 -7.63 28.11 -22.37
CA PRO D 268 -8.54 27.25 -21.67
C PRO D 268 -9.70 27.97 -21.00
N VAL D 269 -9.62 29.28 -20.90
CA VAL D 269 -10.69 30.02 -20.25
C VAL D 269 -11.72 30.34 -21.29
N ALA D 270 -11.22 30.83 -22.41
CA ALA D 270 -12.09 31.17 -23.52
C ALA D 270 -12.47 29.92 -24.28
N MET D 271 -11.63 28.89 -24.16
CA MET D 271 -11.74 27.64 -24.88
C MET D 271 -11.68 27.93 -26.36
N THR D 272 -10.64 28.66 -26.76
CA THR D 272 -10.36 29.00 -28.16
C THR D 272 -8.91 28.70 -28.49
N HIS D 273 -8.57 28.65 -29.78
CA HIS D 273 -7.19 28.38 -30.12
C HIS D 273 -6.78 28.91 -31.48
N THR D 274 -5.46 28.99 -31.67
CA THR D 274 -4.86 29.30 -32.97
C THR D 274 -3.71 28.36 -33.25
N SER D 275 -3.15 28.42 -34.46
CA SER D 275 -2.01 27.57 -34.79
C SER D 275 -1.08 28.17 -35.83
N GLN D 276 0.16 27.67 -35.82
CA GLN D 276 1.23 28.06 -36.74
C GLN D 276 2.38 27.07 -36.67
N TYR D 277 3.44 27.27 -37.44
CA TYR D 277 4.64 26.46 -37.33
C TYR D 277 5.73 27.21 -36.58
N ILE D 278 6.70 26.49 -36.05
CA ILE D 278 7.84 27.19 -35.44
C ILE D 278 8.67 27.76 -36.58
N CYS D 279 8.90 29.09 -36.55
CA CYS D 279 9.60 29.84 -37.60
C CYS D 279 11.07 29.48 -37.74
N SER D 280 11.72 29.14 -36.65
CA SER D 280 13.14 28.83 -36.67
C SER D 280 13.57 27.90 -37.79
N PRO D 281 14.73 28.13 -38.42
CA PRO D 281 15.35 27.34 -39.44
C PRO D 281 15.87 26.04 -38.88
N VAL D 282 15.85 25.91 -37.57
CA VAL D 282 16.33 24.68 -36.97
C VAL D 282 15.18 23.69 -37.13
N LEU D 283 15.41 22.61 -37.85
CA LEU D 283 14.33 21.67 -38.09
C LEU D 283 14.34 20.64 -36.97
N THR D 284 13.15 20.17 -36.59
CA THR D 284 13.09 19.24 -35.47
C THR D 284 12.42 17.89 -35.72
N ASP D 285 11.90 17.61 -36.91
CA ASP D 285 11.27 16.32 -37.12
C ASP D 285 12.30 15.27 -37.57
N ASN D 286 11.87 14.04 -37.79
CA ASN D 286 12.76 12.95 -38.16
C ASN D 286 12.09 11.87 -39.01
N PRO D 287 12.52 11.63 -40.25
CA PRO D 287 13.58 12.22 -41.04
C PRO D 287 13.35 13.66 -41.40
N ARG D 288 14.43 14.38 -41.62
CA ARG D 288 14.36 15.77 -42.04
C ARG D 288 15.50 16.09 -43.02
N PRO D 289 15.35 17.12 -43.88
CA PRO D 289 16.36 17.63 -44.76
C PRO D 289 17.31 18.43 -43.91
N ASN D 290 18.43 18.85 -44.46
CA ASN D 290 19.34 19.67 -43.69
C ASN D 290 18.80 21.07 -43.43
N ASP D 291 19.17 21.62 -42.29
CA ASP D 291 18.73 22.93 -41.86
C ASP D 291 19.04 24.07 -42.87
N PRO D 292 18.04 24.87 -43.27
CA PRO D 292 18.11 26.02 -44.14
C PRO D 292 18.64 27.23 -43.42
N ASN D 293 18.93 28.29 -44.14
CA ASN D 293 19.25 29.53 -43.45
C ASN D 293 18.00 30.24 -42.92
N ILE D 294 16.88 30.09 -43.64
CA ILE D 294 15.61 30.74 -43.28
C ILE D 294 14.49 29.72 -43.17
N GLY D 295 13.72 29.76 -42.09
CA GLY D 295 12.61 28.83 -41.89
C GLY D 295 11.26 29.38 -42.40
N LYS D 296 10.19 28.68 -42.04
CA LYS D 296 8.82 29.04 -42.46
C LYS D 296 7.91 29.10 -41.26
N CYS D 297 6.90 29.96 -41.30
CA CYS D 297 6.01 30.09 -40.15
C CYS D 297 4.57 29.64 -40.40
N ASN D 298 4.09 29.80 -41.62
CA ASN D 298 2.70 29.48 -41.92
C ASN D 298 2.58 28.41 -42.97
N ASP D 299 3.60 27.58 -43.09
CA ASP D 299 3.62 26.53 -44.10
C ASP D 299 4.68 25.50 -43.65
N PRO D 300 4.48 24.20 -43.89
CA PRO D 300 5.42 23.16 -43.58
C PRO D 300 6.67 23.30 -44.40
N TYR D 301 7.79 22.98 -43.80
CA TYR D 301 9.06 23.03 -44.50
C TYR D 301 9.25 21.70 -45.23
N PRO D 302 9.34 21.67 -46.57
CA PRO D 302 9.41 20.49 -47.41
C PRO D 302 10.72 19.75 -47.40
N GLY D 303 10.69 18.49 -47.83
CA GLY D 303 11.90 17.68 -47.98
C GLY D 303 11.69 16.21 -47.67
N ASN D 304 10.90 15.91 -46.65
CA ASN D 304 10.64 14.53 -46.25
C ASN D 304 9.17 14.30 -45.96
N ASN D 305 8.47 13.66 -46.88
CA ASN D 305 7.02 13.47 -46.78
C ASN D 305 6.64 12.16 -46.13
N ASN D 306 5.43 12.12 -45.59
CA ASN D 306 4.78 10.96 -45.00
C ASN D 306 5.53 10.30 -43.85
N ASN D 307 6.19 11.08 -43.00
CA ASN D 307 6.90 10.50 -41.88
C ASN D 307 7.11 11.52 -40.76
N GLY D 308 7.74 11.12 -39.68
CA GLY D 308 8.03 12.02 -38.57
C GLY D 308 7.98 11.33 -37.21
N VAL D 309 8.37 12.07 -36.17
CA VAL D 309 8.43 11.59 -34.79
C VAL D 309 7.81 12.61 -33.82
N LYS D 310 7.13 12.13 -32.79
CA LYS D 310 6.60 12.98 -31.73
C LYS D 310 7.74 13.71 -31.04
N GLY D 311 7.56 14.98 -30.71
CA GLY D 311 8.60 15.74 -30.05
C GLY D 311 8.04 16.95 -29.32
N PHE D 312 8.90 17.82 -28.84
CA PHE D 312 8.42 18.97 -28.09
C PHE D 312 9.35 20.14 -28.14
N SER D 313 8.83 21.25 -27.67
CA SER D 313 9.58 22.46 -27.49
C SER D 313 8.98 23.25 -26.37
N TYR D 314 9.80 24.13 -25.79
CA TYR D 314 9.36 25.10 -24.81
C TYR D 314 9.54 26.44 -25.42
N LEU D 315 8.46 27.15 -25.63
CA LEU D 315 8.55 28.41 -26.33
C LEU D 315 8.30 29.53 -25.36
N ASP D 316 9.33 30.35 -25.11
CA ASP D 316 9.24 31.43 -24.13
C ASP D 316 10.16 32.61 -24.46
N GLY D 317 10.07 33.10 -25.69
CA GLY D 317 10.91 34.21 -26.09
C GLY D 317 12.37 33.80 -26.03
N ALA D 318 13.20 34.55 -25.32
CA ALA D 318 14.61 34.22 -25.22
C ALA D 318 14.81 32.86 -24.55
N ASN D 319 13.91 32.47 -23.64
CA ASN D 319 14.02 31.22 -22.90
C ASN D 319 13.38 30.09 -23.66
N THR D 320 13.83 29.90 -24.89
CA THR D 320 13.26 28.90 -25.77
C THR D 320 14.18 27.78 -26.10
N TRP D 321 13.70 26.58 -25.85
CA TRP D 321 14.46 25.36 -26.11
C TRP D 321 13.72 24.40 -27.02
N LEU D 322 14.43 23.80 -27.95
CA LEU D 322 13.84 22.85 -28.88
C LEU D 322 14.45 21.49 -28.71
N GLY D 323 13.66 20.43 -28.70
CA GLY D 323 14.30 19.12 -28.65
C GLY D 323 14.29 18.47 -30.02
N ARG D 324 15.29 17.66 -30.32
CA ARG D 324 15.30 16.93 -31.58
C ARG D 324 16.27 15.77 -31.56
N THR D 325 16.19 14.89 -32.55
CA THR D 325 17.14 13.78 -32.68
C THR D 325 18.41 14.32 -33.27
N ILE D 326 19.48 13.54 -33.24
CA ILE D 326 20.72 14.03 -33.81
C ILE D 326 20.79 13.57 -35.24
N SER D 327 20.42 12.33 -35.48
CA SER D 327 20.41 11.88 -36.84
C SER D 327 19.27 12.55 -37.56
N THR D 328 19.47 12.78 -38.85
CA THR D 328 18.45 13.33 -39.72
C THR D 328 17.78 12.23 -40.52
N ALA D 329 18.37 11.03 -40.48
CA ALA D 329 17.86 9.90 -41.25
C ALA D 329 17.08 8.90 -40.42
N SER D 330 17.35 8.84 -39.12
CA SER D 330 16.71 7.83 -38.28
C SER D 330 16.55 8.32 -36.86
N ARG D 331 15.76 7.61 -36.06
CA ARG D 331 15.54 8.05 -34.70
C ARG D 331 16.63 7.68 -33.71
N SER D 332 17.76 8.39 -33.81
CA SER D 332 18.91 8.15 -32.94
C SER D 332 19.45 9.46 -32.40
N GLY D 333 19.95 9.39 -31.17
CA GLY D 333 20.51 10.52 -30.49
C GLY D 333 19.41 11.41 -30.00
N TYR D 334 19.75 12.39 -29.20
CA TYR D 334 18.77 13.36 -28.80
C TYR D 334 19.49 14.56 -28.22
N GLU D 335 19.07 15.74 -28.59
CA GLU D 335 19.68 16.95 -28.07
C GLU D 335 18.70 18.06 -27.81
N MET D 336 19.09 18.95 -26.91
CA MET D 336 18.33 20.15 -26.61
C MET D 336 19.07 21.39 -27.08
N LEU D 337 18.38 22.27 -27.79
CA LEU D 337 19.01 23.48 -28.27
C LEU D 337 18.32 24.72 -27.79
N LYS D 338 19.07 25.70 -27.32
CA LYS D 338 18.51 26.97 -26.90
C LYS D 338 18.57 27.84 -28.11
N VAL D 339 17.41 28.13 -28.64
CA VAL D 339 17.21 28.87 -29.89
C VAL D 339 16.25 30.01 -29.64
N PRO D 340 16.74 31.18 -29.25
CA PRO D 340 15.96 32.31 -28.82
C PRO D 340 14.93 32.69 -29.84
N ASN D 341 13.73 32.94 -29.37
CA ASN D 341 12.61 33.35 -30.18
C ASN D 341 12.33 32.41 -31.35
N ALA D 342 12.57 31.11 -31.19
CA ALA D 342 12.34 30.16 -32.27
C ALA D 342 10.94 30.18 -32.82
N LEU D 343 9.94 30.47 -32.00
CA LEU D 343 8.60 30.47 -32.52
C LEU D 343 8.36 31.53 -33.57
N THR D 344 8.96 32.71 -33.41
CA THR D 344 8.69 33.83 -34.32
C THR D 344 9.86 34.31 -35.19
N ASP D 345 11.09 33.95 -34.87
CA ASP D 345 12.25 34.43 -35.62
C ASP D 345 12.75 33.41 -36.66
N ASP D 346 12.49 33.67 -37.94
CA ASP D 346 12.78 32.75 -39.02
C ASP D 346 14.26 32.60 -39.33
N ARG D 347 15.11 33.41 -38.72
CA ARG D 347 16.55 33.28 -38.91
C ARG D 347 17.30 32.89 -37.62
N SER D 348 16.57 32.51 -36.57
CA SER D 348 17.23 32.19 -35.30
C SER D 348 18.05 30.90 -35.35
N LYS D 349 19.19 30.90 -34.66
CA LYS D 349 20.07 29.74 -34.57
C LYS D 349 20.41 29.50 -33.12
N PRO D 350 20.83 28.28 -32.72
CA PRO D 350 21.18 27.95 -31.37
C PRO D 350 22.32 28.78 -30.83
N ILE D 351 22.22 29.13 -29.55
CA ILE D 351 23.31 29.83 -28.87
C ILE D 351 23.86 28.98 -27.75
N GLN D 352 23.13 27.92 -27.39
CA GLN D 352 23.56 27.02 -26.32
C GLN D 352 22.90 25.67 -26.54
N GLY D 353 23.49 24.59 -26.05
CA GLY D 353 22.76 23.32 -26.14
C GLY D 353 23.29 22.23 -25.21
N GLN D 354 22.62 21.08 -25.24
CA GLN D 354 22.99 19.96 -24.39
C GLN D 354 22.67 18.63 -25.04
N THR D 355 23.61 17.69 -24.99
CA THR D 355 23.36 16.35 -25.54
C THR D 355 22.70 15.49 -24.49
N ILE D 356 21.63 14.81 -24.87
CA ILE D 356 20.92 13.96 -23.93
C ILE D 356 21.28 12.51 -24.22
N VAL D 357 21.23 12.15 -25.50
CA VAL D 357 21.52 10.80 -25.97
C VAL D 357 22.52 10.94 -27.13
N LEU D 358 23.52 10.09 -27.19
CA LEU D 358 24.49 10.16 -28.29
C LEU D 358 23.87 9.56 -29.51
N ASN D 359 24.30 9.96 -30.71
CA ASN D 359 23.73 9.43 -31.95
C ASN D 359 24.11 8.01 -32.24
N ALA D 360 24.98 7.46 -31.43
CA ALA D 360 25.35 6.08 -31.53
C ALA D 360 24.24 5.19 -30.97
N ASP D 361 23.39 5.77 -30.13
CA ASP D 361 22.33 5.06 -29.43
C ASP D 361 20.96 5.40 -29.98
N TRP D 362 20.06 4.46 -29.85
CA TRP D 362 18.72 4.66 -30.34
C TRP D 362 17.91 5.56 -29.43
N SER D 363 17.07 6.38 -30.05
CA SER D 363 16.17 7.30 -29.39
C SER D 363 14.75 6.94 -29.71
N GLY D 364 13.88 7.92 -29.82
CA GLY D 364 12.47 7.63 -30.00
C GLY D 364 11.60 8.86 -29.82
N TYR D 365 10.38 8.64 -29.37
CA TYR D 365 9.44 9.73 -29.19
C TYR D 365 9.82 10.52 -27.97
N SER D 366 9.59 11.80 -27.99
CA SER D 366 9.85 12.60 -26.80
C SER D 366 8.70 13.52 -26.55
N GLY D 367 8.67 14.11 -25.37
CA GLY D 367 7.59 15.03 -25.05
C GLY D 367 7.80 15.77 -23.76
N SER D 368 6.92 16.71 -23.46
CA SER D 368 7.04 17.55 -22.27
C SER D 368 6.09 17.17 -21.15
N PHE D 369 6.45 17.56 -19.92
CA PHE D 369 5.58 17.41 -18.75
C PHE D 369 5.98 18.40 -17.68
N MET D 370 5.11 18.64 -16.71
CA MET D 370 5.47 19.51 -15.57
C MET D 370 4.83 19.12 -14.25
N ASP D 371 5.47 19.52 -13.17
CA ASP D 371 4.84 19.34 -11.86
C ASP D 371 4.14 20.64 -11.50
N TYR D 372 2.84 20.67 -11.68
CA TYR D 372 2.09 21.91 -11.53
C TYR D 372 1.72 22.17 -10.09
N TRP D 373 2.14 21.28 -9.21
CA TRP D 373 1.88 21.40 -7.79
C TRP D 373 3.15 21.63 -7.00
N ALA D 374 4.28 21.81 -7.69
CA ALA D 374 5.56 22.01 -7.02
C ALA D 374 5.63 23.36 -6.35
N GLU D 375 6.38 23.43 -5.25
CA GLU D 375 6.64 24.69 -4.56
C GLU D 375 7.59 25.55 -5.35
N GLY D 376 7.38 26.85 -5.30
CA GLY D 376 8.23 27.81 -5.99
C GLY D 376 7.36 28.84 -6.68
N ASP D 377 7.99 29.83 -7.30
CA ASP D 377 7.29 30.89 -7.99
C ASP D 377 7.24 30.77 -9.51
N CYS D 378 7.64 29.61 -10.01
CA CYS D 378 7.65 29.31 -11.44
C CYS D 378 7.54 27.81 -11.66
N TYR D 379 7.25 27.39 -12.89
CA TYR D 379 7.19 25.97 -13.17
C TYR D 379 8.49 25.46 -13.72
N ARG D 380 8.91 24.31 -13.23
CA ARG D 380 10.14 23.72 -13.71
C ARG D 380 9.80 22.85 -14.89
N ALA D 381 10.31 23.23 -16.05
CA ALA D 381 10.04 22.47 -17.27
C ALA D 381 10.72 21.12 -17.24
N CYS D 382 10.04 20.07 -17.70
CA CYS D 382 10.68 18.76 -17.79
C CYS D 382 10.35 18.07 -19.10
N PHE D 383 11.10 17.04 -19.45
CA PHE D 383 10.79 16.28 -20.66
C PHE D 383 11.26 14.84 -20.57
N TYR D 384 10.76 14.02 -21.47
CA TYR D 384 11.19 12.64 -21.51
C TYR D 384 11.52 12.19 -22.91
N VAL D 385 12.37 11.18 -23.01
CA VAL D 385 12.69 10.56 -24.28
C VAL D 385 12.53 9.03 -24.20
N GLU D 386 11.83 8.47 -25.17
CA GLU D 386 11.65 7.04 -25.32
C GLU D 386 12.90 6.48 -25.95
N LEU D 387 13.48 5.44 -25.39
CA LEU D 387 14.64 4.85 -26.04
C LEU D 387 14.22 3.51 -26.60
N ILE D 388 14.09 3.41 -27.91
CA ILE D 388 13.55 2.20 -28.51
C ILE D 388 14.61 1.18 -28.83
N ARG D 389 14.37 -0.04 -28.37
CA ARG D 389 15.27 -1.16 -28.60
C ARG D 389 14.53 -2.27 -29.31
N GLY D 390 15.28 -3.07 -30.06
CA GLY D 390 14.68 -4.19 -30.77
C GLY D 390 14.17 -3.73 -32.13
N ARG D 391 13.10 -4.36 -32.57
CA ARG D 391 12.60 -4.06 -33.88
C ARG D 391 12.13 -2.62 -33.89
N PRO D 392 12.20 -1.95 -35.03
CA PRO D 392 12.60 -2.34 -36.37
C PRO D 392 14.09 -2.22 -36.70
N LYS D 393 14.96 -1.93 -35.72
CA LYS D 393 16.36 -1.69 -36.08
C LYS D 393 17.26 -2.85 -35.71
N GLU D 394 16.93 -3.55 -34.65
CA GLU D 394 17.75 -4.67 -34.21
C GLU D 394 17.02 -5.94 -34.53
N ASP D 395 17.32 -6.54 -35.67
CA ASP D 395 16.51 -7.64 -36.16
C ASP D 395 16.89 -8.99 -35.61
N LYS D 396 17.83 -8.98 -34.68
CA LYS D 396 18.26 -10.17 -33.99
C LYS D 396 17.19 -10.61 -33.01
N VAL D 397 16.26 -9.72 -32.67
CA VAL D 397 15.19 -10.08 -31.76
C VAL D 397 13.86 -9.83 -32.45
N TRP D 398 12.80 -10.47 -31.96
CA TRP D 398 11.48 -10.31 -32.55
C TRP D 398 10.57 -9.33 -31.83
N TRP D 399 11.07 -8.76 -30.76
CA TRP D 399 10.36 -7.82 -29.93
C TRP D 399 10.77 -6.40 -30.17
N THR D 400 9.91 -5.46 -29.79
CA THR D 400 10.28 -4.05 -29.74
C THR D 400 9.88 -3.61 -28.36
N SER D 401 10.67 -2.77 -27.73
CA SER D 401 10.36 -2.27 -26.40
C SER D 401 11.09 -0.97 -26.16
N ASN D 402 10.84 -0.33 -25.02
CA ASN D 402 11.54 0.90 -24.76
C ASN D 402 11.89 1.10 -23.31
N SER D 403 12.85 1.97 -23.10
CA SER D 403 13.23 2.44 -21.77
C SER D 403 12.90 3.92 -21.70
N ILE D 404 12.74 4.46 -20.49
CA ILE D 404 12.44 5.89 -20.35
C ILE D 404 13.52 6.68 -19.67
N VAL D 405 13.93 7.78 -20.28
CA VAL D 405 14.85 8.71 -19.63
C VAL D 405 14.13 10.04 -19.50
N SER D 406 14.19 10.65 -18.33
CA SER D 406 13.50 11.91 -18.06
C SER D 406 14.39 12.93 -17.38
N MET D 407 14.31 14.18 -17.85
CA MET D 407 15.13 15.28 -17.34
C MET D 407 14.35 16.56 -17.07
N CYS D 408 14.83 17.34 -16.11
CA CYS D 408 14.22 18.63 -15.77
C CYS D 408 15.18 19.78 -15.84
N SER D 409 14.64 20.97 -16.07
CA SER D 409 15.45 22.14 -16.14
C SER D 409 15.97 22.59 -14.81
N SER D 410 17.02 23.40 -14.89
CA SER D 410 17.65 24.09 -13.78
C SER D 410 18.18 25.43 -14.21
N THR D 411 18.32 26.31 -13.23
CA THR D 411 18.85 27.64 -13.44
C THR D 411 20.37 27.67 -13.38
N GLU D 412 20.99 26.59 -12.94
CA GLU D 412 22.46 26.50 -12.89
C GLU D 412 22.96 26.03 -14.24
N PHE D 413 24.23 26.27 -14.58
CA PHE D 413 24.75 25.68 -15.80
C PHE D 413 25.45 24.42 -15.38
N LEU D 414 24.79 23.30 -15.53
CA LEU D 414 25.30 22.04 -15.01
C LEU D 414 25.99 21.25 -16.07
N GLY D 415 26.88 20.36 -15.64
CA GLY D 415 27.57 19.48 -16.57
C GLY D 415 26.60 18.52 -17.24
N GLN D 416 26.99 18.02 -18.41
CA GLN D 416 26.16 17.11 -19.18
C GLN D 416 26.73 15.72 -19.28
N TRP D 417 25.87 14.75 -19.54
CA TRP D 417 26.28 13.38 -19.68
C TRP D 417 25.26 12.71 -20.54
N ASN D 418 25.65 11.91 -21.49
CA ASN D 418 24.67 11.17 -22.23
C ASN D 418 24.05 10.12 -21.35
N TRP D 419 22.76 9.89 -21.56
CA TRP D 419 21.98 8.91 -20.83
C TRP D 419 21.36 7.83 -21.73
N PRO D 420 22.13 6.86 -22.21
CA PRO D 420 21.80 5.84 -23.17
C PRO D 420 20.98 4.78 -22.51
N ASP D 421 20.42 3.89 -23.29
CA ASP D 421 19.79 2.72 -22.72
C ASP D 421 20.83 1.71 -22.28
N GLY D 422 21.55 1.14 -23.22
CA GLY D 422 22.65 0.27 -22.86
C GLY D 422 22.34 -1.20 -22.65
N ALA D 423 21.08 -1.62 -22.76
CA ALA D 423 20.89 -3.05 -22.57
C ALA D 423 21.68 -3.74 -23.68
N LYS D 424 22.36 -4.83 -23.39
CA LYS D 424 23.11 -5.48 -24.44
C LYS D 424 22.20 -6.44 -25.17
N ILE D 425 22.04 -6.23 -26.48
CA ILE D 425 21.06 -7.01 -27.20
C ILE D 425 21.44 -8.47 -27.26
N GLU D 426 22.72 -8.80 -27.25
CA GLU D 426 23.17 -10.17 -27.31
C GLU D 426 22.71 -11.01 -26.13
N TYR D 427 22.36 -10.39 -25.03
CA TYR D 427 21.94 -11.12 -23.85
C TYR D 427 20.54 -11.69 -24.04
N PHE D 428 19.83 -11.19 -25.05
CA PHE D 428 18.48 -11.60 -25.33
C PHE D 428 18.46 -12.62 -26.46
N LEU D 429 19.64 -13.07 -26.90
CA LEU D 429 19.71 -14.00 -28.00
C LEU D 429 20.14 -15.36 -27.49
N VAL E 3 -45.47 5.21 -40.56
CA VAL E 3 -45.67 3.80 -40.31
C VAL E 3 -46.34 3.57 -38.97
N LEU E 4 -46.47 4.66 -38.22
CA LEU E 4 -47.07 4.60 -36.89
C LEU E 4 -48.54 4.99 -37.00
N THR E 5 -49.39 4.08 -36.61
CA THR E 5 -50.82 4.30 -36.79
C THR E 5 -51.45 5.05 -35.63
N GLN E 6 -52.20 6.09 -35.95
CA GLN E 6 -52.88 6.88 -34.94
C GLN E 6 -54.38 6.88 -35.28
N PRO E 7 -55.28 7.09 -34.33
CA PRO E 7 -56.69 7.28 -34.59
C PRO E 7 -56.80 8.45 -35.51
N ALA E 8 -57.72 8.42 -36.47
CA ALA E 8 -57.85 9.57 -37.36
C ALA E 8 -58.25 10.80 -36.60
N SER E 9 -59.10 10.61 -35.60
CA SER E 9 -59.57 11.68 -34.77
C SER E 9 -60.07 11.17 -33.45
N VAL E 10 -60.03 12.05 -32.46
CA VAL E 10 -60.59 11.80 -31.14
C VAL E 10 -61.38 13.02 -30.73
N SER E 11 -62.25 12.87 -29.75
CA SER E 11 -63.00 14.01 -29.27
C SER E 11 -63.47 13.84 -27.85
N GLY E 12 -63.97 14.92 -27.31
CA GLY E 12 -64.57 15.00 -25.99
C GLY E 12 -64.96 16.43 -25.74
N SER E 13 -65.76 16.65 -24.71
CA SER E 13 -66.23 17.98 -24.34
C SER E 13 -65.22 18.63 -23.42
N PRO E 14 -65.27 19.94 -23.18
CA PRO E 14 -64.36 20.60 -22.30
C PRO E 14 -64.39 19.97 -20.92
N GLY E 15 -63.21 19.77 -20.39
CA GLY E 15 -63.00 19.21 -19.06
C GLY E 15 -62.79 17.69 -19.07
N GLN E 16 -63.08 17.03 -20.19
CA GLN E 16 -62.92 15.58 -20.25
C GLN E 16 -61.51 15.24 -20.63
N SER E 17 -61.05 14.04 -20.30
CA SER E 17 -59.76 13.65 -20.77
C SER E 17 -59.93 12.83 -22.03
N ILE E 18 -58.94 12.89 -22.89
CA ILE E 18 -58.91 12.05 -24.08
C ILE E 18 -57.58 11.34 -24.22
N THR E 19 -57.59 10.20 -24.91
CA THR E 19 -56.34 9.48 -25.16
C THR E 19 -56.09 9.27 -26.64
N ILE E 20 -54.91 9.63 -27.06
CA ILE E 20 -54.48 9.46 -28.44
C ILE E 20 -53.41 8.40 -28.51
N SER E 21 -53.68 7.33 -29.19
CA SER E 21 -52.70 6.27 -29.27
C SER E 21 -51.83 6.41 -30.50
N CYS E 22 -50.72 5.69 -30.50
CA CYS E 22 -49.75 5.59 -31.58
C CYS E 22 -49.11 4.23 -31.60
N THR E 23 -49.50 3.41 -32.57
CA THR E 23 -49.03 2.03 -32.57
C THR E 23 -48.03 1.75 -33.67
N GLY E 24 -46.86 1.27 -33.29
CA GLY E 24 -45.80 0.94 -34.22
C GLY E 24 -45.36 -0.48 -34.04
N THR E 25 -44.15 -0.78 -34.45
CA THR E 25 -43.63 -2.13 -34.23
C THR E 25 -42.47 -2.12 -33.23
N SER E 26 -41.88 -3.29 -33.02
CA SER E 26 -40.79 -3.48 -32.05
C SER E 26 -39.50 -2.79 -32.45
N SER E 27 -39.40 -2.41 -33.71
CA SER E 27 -38.26 -1.71 -34.26
C SER E 27 -38.46 -0.19 -34.18
N ASP E 28 -39.66 0.24 -33.75
CA ASP E 28 -40.03 1.64 -33.71
C ASP E 28 -40.33 2.07 -32.27
N VAL E 29 -41.63 2.07 -31.92
CA VAL E 29 -42.13 2.52 -30.65
C VAL E 29 -41.66 1.64 -29.53
N GLY E 30 -41.66 0.33 -29.75
CA GLY E 30 -41.26 -0.58 -28.71
C GLY E 30 -39.78 -0.87 -28.79
N GLY E 31 -39.07 -0.21 -29.69
CA GLY E 31 -37.66 -0.47 -29.89
C GLY E 31 -36.85 0.42 -29.01
N TYR E 32 -37.18 1.71 -29.04
CA TYR E 32 -36.41 2.67 -28.29
C TYR E 32 -37.32 3.60 -27.51
N ASN E 33 -36.89 4.08 -26.35
CA ASN E 33 -37.72 5.05 -25.62
C ASN E 33 -37.41 6.47 -26.07
N TYR E 34 -37.62 6.72 -27.35
CA TYR E 34 -37.37 8.02 -27.97
C TYR E 34 -38.63 8.53 -28.61
N VAL E 35 -39.75 8.14 -28.04
CA VAL E 35 -41.04 8.50 -28.55
C VAL E 35 -41.41 9.90 -28.17
N SER E 36 -41.95 10.67 -29.09
CA SER E 36 -42.33 12.03 -28.78
C SER E 36 -43.66 12.41 -29.41
N TRP E 37 -44.26 13.46 -28.88
CA TRP E 37 -45.51 13.98 -29.39
C TRP E 37 -45.41 15.45 -29.74
N HIS E 38 -46.06 15.82 -30.85
CA HIS E 38 -46.07 17.18 -31.37
C HIS E 38 -47.48 17.71 -31.62
N GLN E 39 -47.69 18.99 -31.33
CA GLN E 39 -48.98 19.64 -31.55
C GLN E 39 -48.96 20.70 -32.63
N GLN E 40 -49.73 20.51 -33.69
CA GLN E 40 -49.73 21.47 -34.79
C GLN E 40 -51.09 22.14 -35.04
N HIS E 41 -51.09 23.45 -35.00
CA HIS E 41 -52.29 24.20 -35.31
C HIS E 41 -52.19 24.55 -36.79
N PRO E 42 -53.28 24.62 -37.54
CA PRO E 42 -53.24 24.94 -38.95
C PRO E 42 -52.50 26.23 -39.20
N GLY E 43 -51.62 26.22 -40.19
CA GLY E 43 -50.85 27.38 -40.58
C GLY E 43 -49.56 27.59 -39.78
N LYS E 44 -49.32 26.77 -38.77
CA LYS E 44 -48.16 26.93 -37.92
C LYS E 44 -47.23 25.74 -37.93
N ALA E 45 -45.98 25.98 -37.52
CA ALA E 45 -45.03 24.89 -37.37
C ALA E 45 -45.46 24.10 -36.13
N PRO E 46 -45.20 22.78 -36.03
CA PRO E 46 -45.48 21.95 -34.86
C PRO E 46 -44.72 22.34 -33.60
N LYS E 47 -45.35 22.17 -32.45
CA LYS E 47 -44.73 22.39 -31.15
C LYS E 47 -44.43 21.07 -30.45
N LEU E 48 -43.27 20.94 -29.80
CA LEU E 48 -42.99 19.71 -29.06
C LEU E 48 -43.72 19.70 -27.74
N MET E 49 -44.48 18.64 -27.46
CA MET E 49 -45.23 18.56 -26.23
C MET E 49 -44.63 17.55 -25.25
N ILE E 50 -44.27 16.38 -25.76
CA ILE E 50 -43.71 15.32 -24.92
C ILE E 50 -42.52 14.66 -25.58
N TYR E 51 -41.47 14.36 -24.82
CA TYR E 51 -40.33 13.66 -25.39
C TYR E 51 -39.82 12.51 -24.52
N ASP E 52 -39.12 11.58 -25.14
CA ASP E 52 -38.59 10.43 -24.43
C ASP E 52 -39.70 9.74 -23.65
N VAL E 53 -40.83 9.54 -24.32
CA VAL E 53 -42.05 8.91 -23.84
C VAL E 53 -42.89 9.77 -22.88
N SER E 54 -42.29 10.27 -21.80
CA SER E 54 -43.06 11.03 -20.80
C SER E 54 -42.52 12.39 -20.31
N ASN E 55 -41.50 12.98 -20.92
CA ASN E 55 -40.97 14.25 -20.41
C ASN E 55 -41.59 15.47 -21.06
N ARG E 56 -42.03 16.43 -20.25
CA ARG E 56 -42.63 17.66 -20.76
C ARG E 56 -41.61 18.79 -20.82
N PRO E 57 -41.37 19.44 -21.96
CA PRO E 57 -40.48 20.57 -22.13
C PRO E 57 -41.00 21.72 -21.30
N SER E 58 -40.11 22.57 -20.83
CA SER E 58 -40.58 23.72 -20.10
C SER E 58 -41.48 24.51 -21.01
N GLY E 59 -42.57 25.02 -20.47
CA GLY E 59 -43.53 25.80 -21.24
C GLY E 59 -44.75 24.96 -21.62
N VAL E 60 -44.63 23.64 -21.46
CA VAL E 60 -45.72 22.73 -21.72
C VAL E 60 -46.45 22.49 -20.42
N SER E 61 -47.76 22.63 -20.46
CA SER E 61 -48.58 22.46 -19.28
C SER E 61 -48.66 21.02 -18.86
N ASN E 62 -49.08 20.81 -17.62
CA ASN E 62 -49.12 19.49 -17.02
C ASN E 62 -50.38 18.73 -17.33
N ARG E 63 -51.19 19.27 -18.22
CA ARG E 63 -52.37 18.60 -18.66
C ARG E 63 -51.99 17.61 -19.75
N PHE E 64 -50.78 17.75 -20.27
CA PHE E 64 -50.32 16.87 -21.33
C PHE E 64 -49.33 15.91 -20.72
N SER E 65 -49.61 14.63 -20.83
CA SER E 65 -48.74 13.59 -20.26
C SER E 65 -48.78 12.39 -21.16
N GLY E 66 -47.94 11.40 -20.89
CA GLY E 66 -47.96 10.25 -21.75
C GLY E 66 -47.22 9.07 -21.19
N SER E 67 -47.32 7.98 -21.91
CA SER E 67 -46.76 6.71 -21.51
C SER E 67 -46.57 5.77 -22.68
N LYS E 68 -45.92 4.64 -22.41
CA LYS E 68 -45.76 3.60 -23.40
C LYS E 68 -45.87 2.21 -22.80
N SER E 69 -46.50 1.32 -23.54
CA SER E 69 -46.60 -0.09 -23.16
C SER E 69 -46.49 -0.97 -24.39
N GLY E 70 -45.58 -1.93 -24.36
CA GLY E 70 -45.42 -2.77 -25.54
C GLY E 70 -44.97 -1.91 -26.71
N ASN E 71 -45.72 -1.99 -27.82
CA ASN E 71 -45.40 -1.24 -29.02
C ASN E 71 -46.36 -0.06 -29.19
N THR E 72 -47.12 0.24 -28.15
CA THR E 72 -48.09 1.31 -28.25
C THR E 72 -47.77 2.50 -27.36
N ALA E 73 -47.71 3.66 -27.98
CA ALA E 73 -47.46 4.88 -27.25
C ALA E 73 -48.79 5.56 -27.01
N SER E 74 -48.86 6.32 -25.94
CA SER E 74 -50.09 7.01 -25.63
C SER E 74 -49.95 8.42 -25.04
N LEU E 75 -50.71 9.34 -25.65
CA LEU E 75 -50.81 10.73 -25.23
C LEU E 75 -52.11 11.01 -24.52
N THR E 76 -52.01 11.53 -23.33
CA THR E 76 -53.20 11.85 -22.56
C THR E 76 -53.35 13.35 -22.43
N ILE E 77 -54.52 13.84 -22.76
CA ILE E 77 -54.80 15.25 -22.59
C ILE E 77 -55.90 15.40 -21.55
N SER E 78 -55.53 15.89 -20.37
CA SER E 78 -56.48 16.02 -19.28
C SER E 78 -57.10 17.39 -19.27
N GLY E 79 -58.35 17.52 -18.82
CA GLY E 79 -58.87 18.85 -18.70
C GLY E 79 -58.99 19.48 -20.08
N LEU E 80 -59.43 18.74 -21.07
CA LEU E 80 -59.46 19.24 -22.44
C LEU E 80 -60.07 20.63 -22.52
N GLN E 81 -59.35 21.52 -23.18
CA GLN E 81 -59.76 22.90 -23.38
C GLN E 81 -60.10 23.14 -24.83
N THR E 82 -60.84 24.18 -25.12
CA THR E 82 -61.19 24.47 -26.52
C THR E 82 -59.97 24.88 -27.33
N GLU E 83 -58.97 25.46 -26.68
CA GLU E 83 -57.75 25.85 -27.37
C GLU E 83 -56.87 24.65 -27.71
N ASP E 84 -57.22 23.45 -27.25
CA ASP E 84 -56.41 22.28 -27.51
C ASP E 84 -56.70 21.70 -28.88
N GLU E 85 -57.72 22.22 -29.59
CA GLU E 85 -57.97 21.65 -30.90
C GLU E 85 -56.73 21.79 -31.76
N ALA E 86 -56.26 20.67 -32.29
CA ALA E 86 -55.02 20.64 -33.07
C ALA E 86 -54.81 19.27 -33.69
N ASP E 87 -53.88 19.18 -34.61
CA ASP E 87 -53.48 17.89 -35.15
C ASP E 87 -52.29 17.39 -34.34
N TYR E 88 -52.45 16.26 -33.67
CA TYR E 88 -51.36 15.76 -32.84
C TYR E 88 -50.64 14.64 -33.55
N TYR E 89 -49.33 14.65 -33.46
CA TYR E 89 -48.55 13.62 -34.11
C TYR E 89 -47.62 12.92 -33.16
N CYS E 90 -47.44 11.65 -33.38
CA CYS E 90 -46.44 10.92 -32.64
C CYS E 90 -45.28 10.72 -33.55
N SER E 91 -44.11 10.55 -32.98
CA SER E 91 -42.94 10.23 -33.74
C SER E 91 -42.00 9.37 -32.95
N SER E 92 -41.14 8.67 -33.64
CA SER E 92 -40.15 7.85 -32.97
C SER E 92 -38.94 7.57 -33.81
N TYR E 93 -37.87 7.17 -33.15
CA TYR E 93 -36.66 6.75 -33.81
C TYR E 93 -36.76 5.31 -34.17
N THR E 94 -36.37 4.96 -35.36
CA THR E 94 -36.46 3.57 -35.77
C THR E 94 -35.10 2.98 -36.00
N SER E 95 -35.06 1.65 -36.02
CA SER E 95 -33.86 0.83 -36.18
C SER E 95 -33.12 1.05 -37.50
N SER E 96 -33.78 1.69 -38.44
CA SER E 96 -33.25 1.98 -39.76
C SER E 96 -32.30 3.18 -39.73
N THR E 97 -32.24 3.83 -38.58
CA THR E 97 -31.53 5.07 -38.30
C THR E 97 -32.22 6.18 -39.02
N THR E 98 -33.51 6.16 -38.85
CA THR E 98 -34.40 7.17 -39.39
C THR E 98 -35.39 7.54 -38.33
N ASN E 99 -36.10 8.61 -38.55
CA ASN E 99 -37.17 8.99 -37.65
C ASN E 99 -38.45 8.96 -38.45
N VAL E 100 -39.54 8.62 -37.80
CA VAL E 100 -40.81 8.62 -38.48
C VAL E 100 -41.86 9.36 -37.71
N PHE E 101 -42.88 9.80 -38.42
CA PHE E 101 -44.04 10.42 -37.80
C PHE E 101 -45.22 9.54 -38.08
N GLY E 102 -46.19 9.58 -37.20
CA GLY E 102 -47.38 8.81 -37.41
C GLY E 102 -48.34 9.51 -38.33
N THR E 103 -49.48 8.91 -38.50
CA THR E 103 -50.49 9.42 -39.42
C THR E 103 -51.15 10.70 -38.95
N GLY E 104 -51.10 10.96 -37.67
CA GLY E 104 -51.69 12.14 -37.09
C GLY E 104 -53.11 11.92 -36.62
N THR E 105 -53.48 12.60 -35.53
CA THR E 105 -54.83 12.54 -34.98
C THR E 105 -55.44 13.91 -34.87
N LYS E 106 -56.64 14.07 -35.39
CA LYS E 106 -57.28 15.36 -35.24
C LYS E 106 -58.07 15.38 -33.96
N VAL E 107 -57.77 16.33 -33.10
CA VAL E 107 -58.47 16.44 -31.85
C VAL E 107 -59.40 17.57 -31.87
N THR E 108 -60.67 17.28 -31.65
CA THR E 108 -61.67 18.35 -31.66
C THR E 108 -62.29 18.44 -30.29
N VAL E 109 -62.96 19.56 -30.02
CA VAL E 109 -63.56 19.75 -28.71
C VAL E 109 -65.04 19.99 -28.89
N LEU E 110 -65.83 19.29 -28.10
CA LEU E 110 -67.29 19.33 -28.16
C LEU E 110 -67.88 20.25 -27.10
N GLN F 1 -33.85 34.09 -28.10
CA GLN F 1 -34.24 32.69 -28.13
C GLN F 1 -33.83 32.04 -29.43
N VAL F 2 -34.12 30.76 -29.55
CA VAL F 2 -33.81 30.02 -30.76
C VAL F 2 -34.72 30.35 -31.90
N GLN F 3 -34.11 30.62 -33.04
CA GLN F 3 -34.83 30.87 -34.27
C GLN F 3 -34.20 30.08 -35.40
N LEU F 4 -35.05 29.59 -36.29
CA LEU F 4 -34.59 28.91 -37.48
C LEU F 4 -35.34 29.52 -38.63
N VAL F 5 -34.64 30.07 -39.60
CA VAL F 5 -35.37 30.70 -40.70
C VAL F 5 -35.10 30.10 -42.06
N GLU F 6 -36.14 29.49 -42.61
CA GLU F 6 -36.10 28.85 -43.91
C GLU F 6 -36.09 29.83 -45.06
N SER F 7 -35.33 29.49 -46.08
CA SER F 7 -35.37 30.24 -47.31
C SER F 7 -35.10 29.34 -48.49
N GLY F 8 -35.10 29.95 -49.66
CA GLY F 8 -34.86 29.22 -50.91
C GLY F 8 -36.08 28.48 -51.49
N GLY F 9 -37.30 28.83 -51.11
CA GLY F 9 -38.44 28.11 -51.65
C GLY F 9 -38.75 28.60 -53.05
N GLY F 10 -39.85 28.14 -53.64
CA GLY F 10 -40.16 28.54 -55.01
C GLY F 10 -40.80 27.41 -55.82
N VAL F 11 -40.86 27.61 -57.13
CA VAL F 11 -41.47 26.62 -58.00
C VAL F 11 -40.43 26.03 -58.93
N VAL F 12 -40.42 24.71 -59.00
CA VAL F 12 -39.47 23.95 -59.77
C VAL F 12 -40.13 23.06 -60.80
N GLN F 13 -39.87 23.27 -62.06
CA GLN F 13 -40.51 22.38 -63.00
C GLN F 13 -39.93 20.99 -62.74
N PRO F 14 -40.72 19.90 -62.85
CA PRO F 14 -40.28 18.56 -62.57
C PRO F 14 -39.02 18.21 -63.32
N GLY F 15 -38.11 17.57 -62.60
CA GLY F 15 -36.80 17.13 -63.09
C GLY F 15 -35.70 18.13 -62.74
N ARG F 16 -36.08 19.34 -62.37
CA ARG F 16 -35.11 20.36 -62.00
C ARG F 16 -34.77 20.28 -60.53
N SER F 17 -33.66 20.90 -60.15
CA SER F 17 -33.21 20.98 -58.76
C SER F 17 -33.61 22.27 -58.05
N LEU F 18 -33.55 22.23 -56.72
CA LEU F 18 -33.76 23.38 -55.85
C LEU F 18 -32.94 23.25 -54.57
N ARG F 19 -32.34 24.34 -54.11
CA ARG F 19 -31.54 24.29 -52.88
C ARG F 19 -32.11 25.16 -51.78
N LEU F 20 -32.45 24.52 -50.65
CA LEU F 20 -33.02 25.19 -49.48
C LEU F 20 -32.00 25.41 -48.40
N SER F 21 -32.24 26.40 -47.57
CA SER F 21 -31.36 26.58 -46.44
C SER F 21 -32.04 27.22 -45.23
N CYS F 22 -31.45 27.02 -44.05
CA CYS F 22 -31.92 27.68 -42.85
C CYS F 22 -30.83 28.43 -42.12
N ALA F 23 -31.17 29.65 -41.73
CA ALA F 23 -30.28 30.45 -40.94
C ALA F 23 -30.58 30.18 -39.49
N ALA F 24 -29.58 29.76 -38.74
CA ALA F 24 -29.82 29.45 -37.34
C ALA F 24 -29.24 30.50 -36.41
N SER F 25 -29.98 30.81 -35.35
CA SER F 25 -29.48 31.72 -34.34
C SER F 25 -30.07 31.44 -32.97
N GLY F 26 -29.43 31.96 -31.92
CA GLY F 26 -29.92 31.84 -30.54
C GLY F 26 -29.37 30.62 -29.79
N PHE F 27 -28.53 29.85 -30.44
CA PHE F 27 -27.94 28.65 -29.86
C PHE F 27 -26.64 28.37 -30.56
N THR F 28 -25.82 27.50 -30.00
CA THR F 28 -24.61 27.16 -30.72
C THR F 28 -24.95 26.13 -31.75
N PHE F 29 -24.73 26.47 -32.99
CA PHE F 29 -25.09 25.64 -34.11
C PHE F 29 -24.34 24.33 -34.05
N ASN F 30 -23.08 24.43 -33.69
CA ASN F 30 -22.14 23.32 -33.68
C ASN F 30 -22.43 22.30 -32.61
N ASN F 31 -23.34 22.58 -31.70
CA ASN F 31 -23.59 21.59 -30.68
C ASN F 31 -24.79 20.71 -30.94
N TYR F 32 -25.55 20.97 -32.00
CA TYR F 32 -26.75 20.15 -32.20
C TYR F 32 -26.85 19.65 -33.61
N GLY F 33 -27.40 18.45 -33.79
CA GLY F 33 -27.63 17.97 -35.14
C GLY F 33 -28.93 18.61 -35.59
N MET F 34 -29.23 18.45 -36.86
CA MET F 34 -30.45 19.03 -37.39
C MET F 34 -31.17 18.17 -38.39
N HIS F 35 -32.46 18.44 -38.48
CA HIS F 35 -33.34 17.68 -39.32
C HIS F 35 -34.14 18.51 -40.29
N TRP F 36 -34.50 17.89 -41.41
CA TRP F 36 -35.48 18.46 -42.32
C TRP F 36 -36.72 17.59 -42.27
N VAL F 37 -37.86 18.25 -42.23
CA VAL F 37 -39.18 17.62 -42.22
C VAL F 37 -40.04 18.32 -43.27
N ARG F 38 -40.87 17.60 -44.00
CA ARG F 38 -41.72 18.29 -44.96
C ARG F 38 -43.18 17.96 -44.77
N GLN F 39 -44.05 18.88 -45.13
CA GLN F 39 -45.47 18.61 -45.06
C GLN F 39 -46.23 18.98 -46.32
N ALA F 40 -46.75 17.99 -47.04
CA ALA F 40 -47.50 18.29 -48.24
C ALA F 40 -48.77 18.94 -47.77
N PRO F 41 -49.37 19.90 -48.48
CA PRO F 41 -50.61 20.50 -48.06
C PRO F 41 -51.66 19.45 -47.84
N GLY F 42 -52.34 19.50 -46.70
CA GLY F 42 -53.41 18.56 -46.37
C GLY F 42 -52.92 17.23 -45.78
N LYS F 43 -51.62 17.05 -45.67
CA LYS F 43 -51.03 15.81 -45.18
C LYS F 43 -50.32 15.98 -43.84
N GLY F 44 -49.87 14.87 -43.26
CA GLY F 44 -49.15 14.91 -42.00
C GLY F 44 -47.68 15.19 -42.25
N LEU F 45 -46.88 15.09 -41.21
CA LEU F 45 -45.45 15.41 -41.30
C LEU F 45 -44.64 14.24 -41.80
N GLU F 46 -43.70 14.48 -42.70
CA GLU F 46 -42.81 13.45 -43.20
C GLU F 46 -41.36 13.79 -42.91
N TRP F 47 -40.64 12.91 -42.25
CA TRP F 47 -39.25 13.19 -41.97
C TRP F 47 -38.47 13.05 -43.27
N VAL F 48 -37.53 13.96 -43.55
CA VAL F 48 -36.75 13.90 -44.78
C VAL F 48 -35.29 13.51 -44.59
N ALA F 49 -34.59 14.19 -43.68
CA ALA F 49 -33.15 13.94 -43.50
C ALA F 49 -32.59 14.46 -42.19
N VAL F 50 -31.50 13.86 -41.74
CA VAL F 50 -30.77 14.35 -40.56
C VAL F 50 -29.29 14.43 -40.76
N ILE F 51 -28.68 15.46 -40.19
CA ILE F 51 -27.25 15.59 -40.20
C ILE F 51 -26.71 15.78 -38.78
N SER F 52 -25.61 15.13 -38.47
CA SER F 52 -24.95 15.24 -37.17
C SER F 52 -24.30 16.59 -36.97
N TYR F 53 -24.00 16.92 -35.72
CA TYR F 53 -23.44 18.22 -35.37
C TYR F 53 -22.14 18.58 -36.09
N ASP F 54 -21.33 17.60 -36.46
CA ASP F 54 -20.11 17.91 -37.16
C ASP F 54 -20.17 17.58 -38.65
N GLY F 55 -21.34 17.21 -39.13
CA GLY F 55 -21.55 16.88 -40.53
C GLY F 55 -21.08 15.47 -40.95
N SER F 56 -20.58 14.68 -40.00
CA SER F 56 -20.03 13.36 -40.32
C SER F 56 -21.05 12.26 -40.63
N ASN F 57 -22.26 12.38 -40.12
CA ASN F 57 -23.27 11.37 -40.32
C ASN F 57 -24.55 11.93 -40.90
N LYS F 58 -24.89 11.42 -42.06
CA LYS F 58 -26.05 11.89 -42.81
C LYS F 58 -27.00 10.75 -43.15
N TYR F 59 -28.26 10.88 -42.74
CA TYR F 59 -29.25 9.83 -43.01
C TYR F 59 -30.49 10.40 -43.68
N TYR F 60 -31.11 9.60 -44.53
CA TYR F 60 -32.28 10.05 -45.29
C TYR F 60 -33.46 9.13 -45.22
N ALA F 61 -34.63 9.73 -45.38
CA ALA F 61 -35.85 8.95 -45.51
C ALA F 61 -35.80 8.21 -46.82
N ASP F 62 -36.35 7.01 -46.88
CA ASP F 62 -36.31 6.26 -48.14
C ASP F 62 -36.91 7.01 -49.32
N SER F 63 -37.95 7.81 -49.08
CA SER F 63 -38.65 8.53 -50.13
C SER F 63 -37.84 9.56 -50.90
N VAL F 64 -36.70 9.98 -50.35
CA VAL F 64 -35.83 10.97 -50.97
C VAL F 64 -34.42 10.43 -51.15
N LYS F 65 -34.24 9.17 -50.79
CA LYS F 65 -32.90 8.65 -50.76
C LYS F 65 -32.35 8.53 -52.16
N GLY F 66 -31.16 9.07 -52.35
CA GLY F 66 -30.51 9.05 -53.64
C GLY F 66 -30.81 10.31 -54.45
N ARG F 67 -31.75 11.14 -54.00
CA ARG F 67 -32.07 12.34 -54.75
C ARG F 67 -31.71 13.57 -53.95
N PHE F 68 -31.86 13.50 -52.64
CA PHE F 68 -31.56 14.66 -51.80
C PHE F 68 -30.21 14.50 -51.09
N THR F 69 -29.54 15.64 -50.89
CA THR F 69 -28.30 15.70 -50.09
C THR F 69 -28.44 16.73 -48.96
N ILE F 70 -27.99 16.36 -47.77
CA ILE F 70 -28.08 17.26 -46.63
C ILE F 70 -26.67 17.68 -46.28
N SER F 71 -26.49 18.94 -45.94
CA SER F 71 -25.17 19.43 -45.56
C SER F 71 -25.29 20.61 -44.62
N ARG F 72 -24.20 20.96 -43.95
CA ARG F 72 -24.22 22.10 -43.07
C ARG F 72 -22.91 22.83 -43.09
N ASP F 73 -22.97 24.14 -42.97
CA ASP F 73 -21.76 24.94 -42.88
C ASP F 73 -21.72 25.55 -41.50
N ASN F 74 -20.86 24.99 -40.67
CA ASN F 74 -20.78 25.38 -39.29
C ASN F 74 -20.23 26.78 -39.07
N SER F 75 -19.56 27.33 -40.07
CA SER F 75 -18.98 28.65 -39.90
C SER F 75 -19.99 29.76 -40.20
N LYS F 76 -21.14 29.39 -40.78
CA LYS F 76 -22.16 30.34 -41.19
C LYS F 76 -23.46 30.09 -40.48
N ASN F 77 -23.46 29.14 -39.56
CA ASN F 77 -24.64 28.73 -38.84
C ASN F 77 -25.76 28.42 -39.82
N THR F 78 -25.43 27.73 -40.90
CA THR F 78 -26.45 27.47 -41.90
C THR F 78 -26.61 26.01 -42.29
N LEU F 79 -27.87 25.56 -42.30
CA LEU F 79 -28.22 24.19 -42.70
C LEU F 79 -28.69 24.21 -44.14
N TYR F 80 -28.29 23.22 -44.94
CA TYR F 80 -28.71 23.14 -46.34
C TYR F 80 -29.38 21.83 -46.75
N LEU F 81 -30.28 21.93 -47.74
CA LEU F 81 -30.85 20.74 -48.38
C LEU F 81 -30.81 20.91 -49.89
N GLN F 82 -30.11 20.01 -50.54
CA GLN F 82 -29.97 20.04 -51.99
C GLN F 82 -30.90 19.03 -52.58
N MET F 83 -31.92 19.48 -53.28
CA MET F 83 -32.88 18.54 -53.81
C MET F 83 -32.74 18.42 -55.30
N ASN F 84 -32.37 17.25 -55.79
CA ASN F 84 -32.20 17.07 -57.22
C ASN F 84 -33.38 16.31 -57.80
N SER F 85 -33.63 16.45 -59.09
CA SER F 85 -34.67 15.67 -59.73
C SER F 85 -35.99 15.70 -58.97
N LEU F 86 -36.54 16.90 -58.76
CA LEU F 86 -37.77 17.01 -57.99
C LEU F 86 -38.94 16.51 -58.81
N ARG F 87 -39.90 15.94 -58.12
CA ARG F 87 -41.12 15.41 -58.72
C ARG F 87 -42.34 16.02 -58.07
N ALA F 88 -43.52 15.84 -58.66
CA ALA F 88 -44.74 16.45 -58.11
C ALA F 88 -44.98 16.03 -56.67
N GLU F 89 -44.58 14.82 -56.33
CA GLU F 89 -44.72 14.24 -55.00
C GLU F 89 -43.92 14.98 -53.93
N ASP F 90 -42.97 15.82 -54.35
CA ASP F 90 -42.12 16.56 -53.43
C ASP F 90 -42.71 17.92 -53.08
N THR F 91 -43.90 18.25 -53.59
CA THR F 91 -44.47 19.54 -53.20
C THR F 91 -44.79 19.48 -51.73
N ALA F 92 -44.24 20.42 -50.99
CA ALA F 92 -44.43 20.45 -49.56
C ALA F 92 -43.89 21.69 -48.94
N VAL F 93 -44.30 21.96 -47.72
CA VAL F 93 -43.63 22.98 -46.96
C VAL F 93 -42.47 22.31 -46.28
N TYR F 94 -41.26 22.80 -46.48
CA TYR F 94 -40.10 22.21 -45.88
C TYR F 94 -39.70 22.99 -44.67
N TYR F 95 -39.39 22.29 -43.59
CA TYR F 95 -39.00 22.91 -42.33
C TYR F 95 -37.67 22.44 -41.83
N CYS F 96 -36.96 23.34 -41.16
CA CYS F 96 -35.79 22.94 -40.41
C CYS F 96 -36.19 22.71 -38.99
N ALA F 97 -35.50 21.78 -38.35
CA ALA F 97 -35.72 21.58 -36.94
C ALA F 97 -34.41 21.23 -36.23
N LYS F 98 -34.31 21.73 -35.01
CA LYS F 98 -33.19 21.55 -34.10
C LYS F 98 -33.34 20.34 -33.22
N ASP F 99 -32.35 19.44 -33.25
CA ASP F 99 -32.33 18.26 -32.41
C ASP F 99 -32.00 18.69 -31.00
N LYS F 100 -32.77 18.26 -30.03
CA LYS F 100 -32.56 18.65 -28.64
C LYS F 100 -31.24 18.22 -28.00
N ARG F 101 -30.67 17.10 -28.44
CA ARG F 101 -29.49 16.55 -27.78
C ARG F 101 -28.17 17.26 -28.09
N PHE F 102 -27.39 17.48 -27.03
CA PHE F 102 -26.10 18.17 -27.05
C PHE F 102 -24.89 17.31 -27.37
N ILE F 103 -24.14 17.71 -28.42
CA ILE F 103 -22.95 17.06 -28.95
C ILE F 103 -22.88 15.55 -28.82
N THR F 104 -23.82 14.90 -29.46
CA THR F 104 -23.95 13.46 -29.49
C THR F 104 -24.11 12.96 -30.89
N MET F 105 -23.76 11.71 -31.13
CA MET F 105 -23.97 11.13 -32.44
C MET F 105 -25.27 10.33 -32.51
N ILE F 106 -26.11 10.48 -31.48
CA ILE F 106 -27.41 9.85 -31.43
C ILE F 106 -28.44 10.77 -32.08
N LEU F 107 -28.82 10.43 -33.31
CA LEU F 107 -29.71 11.25 -34.12
C LEU F 107 -31.15 10.84 -33.95
N VAL F 108 -31.67 11.04 -32.74
CA VAL F 108 -32.99 10.55 -32.39
C VAL F 108 -34.02 11.61 -32.02
N GLY F 109 -33.70 12.89 -32.04
CA GLY F 109 -34.71 13.85 -31.64
C GLY F 109 -34.77 13.88 -30.12
N PRO F 110 -35.75 14.57 -29.57
CA PRO F 110 -36.89 15.21 -30.16
C PRO F 110 -36.50 16.42 -30.94
N PHE F 111 -37.44 16.92 -31.73
CA PHE F 111 -37.25 18.11 -32.50
C PHE F 111 -37.64 19.21 -31.54
N ASP F 112 -36.64 19.91 -31.01
CA ASP F 112 -36.81 20.88 -29.94
C ASP F 112 -37.40 22.16 -30.49
N TYR F 113 -36.89 22.59 -31.62
CA TYR F 113 -37.38 23.80 -32.27
C TYR F 113 -37.61 23.61 -33.73
N TRP F 114 -38.65 24.24 -34.22
CA TRP F 114 -39.02 24.22 -35.61
C TRP F 114 -38.96 25.61 -36.19
N GLY F 115 -38.64 25.71 -37.46
CA GLY F 115 -38.68 26.98 -38.15
C GLY F 115 -40.10 27.20 -38.63
N GLN F 116 -40.33 28.09 -39.58
CA GLN F 116 -41.71 28.36 -39.99
C GLN F 116 -42.05 27.63 -41.26
N GLY F 117 -41.05 27.32 -42.02
CA GLY F 117 -41.18 26.56 -43.25
C GLY F 117 -41.27 27.40 -44.51
N THR F 118 -40.86 26.80 -45.61
CA THR F 118 -40.96 27.45 -46.91
C THR F 118 -41.52 26.48 -47.92
N LEU F 119 -42.37 26.98 -48.82
CA LEU F 119 -43.00 26.10 -49.79
C LEU F 119 -42.25 25.89 -51.06
N VAL F 120 -42.14 24.63 -51.42
CA VAL F 120 -41.57 24.21 -52.68
C VAL F 120 -42.68 23.55 -53.49
N THR F 121 -42.92 24.09 -54.68
CA THR F 121 -43.97 23.61 -55.59
C THR F 121 -43.35 22.96 -56.79
N VAL F 122 -43.83 21.78 -57.16
CA VAL F 122 -43.24 21.12 -58.33
C VAL F 122 -44.30 20.73 -59.34
N VAL G 3 -33.02 -40.79 31.41
CA VAL G 3 -31.73 -41.31 31.82
C VAL G 3 -31.08 -40.41 32.86
N LEU G 4 -31.72 -39.26 33.08
CA LEU G 4 -31.22 -38.27 34.03
C LEU G 4 -31.94 -38.46 35.35
N THR G 5 -31.17 -38.75 36.38
CA THR G 5 -31.76 -39.07 37.67
C THR G 5 -32.03 -37.84 38.51
N GLN G 6 -33.25 -37.75 39.04
CA GLN G 6 -33.64 -36.65 39.88
C GLN G 6 -34.12 -37.23 41.21
N PRO G 7 -34.09 -36.49 42.33
CA PRO G 7 -34.68 -36.90 43.57
C PRO G 7 -36.13 -37.12 43.30
N ALA G 8 -36.75 -38.13 43.91
CA ALA G 8 -38.17 -38.35 43.66
C ALA G 8 -38.98 -37.18 44.12
N SER G 9 -38.57 -36.59 45.24
CA SER G 9 -39.23 -35.45 45.81
C SER G 9 -38.31 -34.68 46.71
N VAL G 10 -38.62 -33.40 46.86
CA VAL G 10 -37.94 -32.51 47.78
C VAL G 10 -38.99 -31.72 48.53
N SER G 11 -38.62 -31.13 49.65
CA SER G 11 -39.56 -30.32 50.38
C SER G 11 -38.88 -29.28 51.25
N GLY G 12 -39.69 -28.39 51.75
CA GLY G 12 -39.31 -27.36 52.69
C GLY G 12 -40.52 -26.51 52.99
N SER G 13 -40.44 -25.68 54.02
CA SER G 13 -41.52 -24.81 54.43
C SER G 13 -41.44 -23.51 53.65
N PRO G 14 -42.48 -22.68 53.63
CA PRO G 14 -42.45 -21.42 52.94
C PRO G 14 -41.30 -20.57 53.42
N GLY G 15 -40.62 -19.98 52.47
CA GLY G 15 -39.49 -19.10 52.71
C GLY G 15 -38.13 -19.81 52.67
N GLN G 16 -38.12 -21.14 52.69
CA GLN G 16 -36.87 -21.87 52.67
C GLN G 16 -36.41 -22.08 51.25
N SER G 17 -35.13 -22.30 51.04
CA SER G 17 -34.71 -22.64 49.71
C SER G 17 -34.60 -24.14 49.61
N ILE G 18 -34.81 -24.65 48.41
CA ILE G 18 -34.61 -26.07 48.15
C ILE G 18 -33.76 -26.28 46.91
N THR G 19 -33.09 -27.42 46.84
CA THR G 19 -32.29 -27.74 45.66
C THR G 19 -32.71 -29.05 45.03
N ILE G 20 -32.95 -29.00 43.74
CA ILE G 20 -33.32 -30.17 42.97
C ILE G 20 -32.19 -30.54 42.04
N SER G 21 -31.63 -31.70 42.21
CA SER G 21 -30.52 -32.09 41.37
C SER G 21 -31.00 -32.90 40.18
N CYS G 22 -30.12 -33.03 39.20
CA CYS G 22 -30.30 -33.81 37.98
C CYS G 22 -28.99 -34.38 37.51
N THR G 23 -28.80 -35.68 37.70
CA THR G 23 -27.50 -36.26 37.38
C THR G 23 -27.52 -37.14 36.15
N GLY G 24 -26.67 -36.82 35.20
CA GLY G 24 -26.57 -37.56 33.96
C GLY G 24 -25.15 -38.02 33.74
N THR G 25 -24.80 -38.28 32.50
CA THR G 25 -23.42 -38.65 32.21
C THR G 25 -22.71 -37.57 31.39
N SER G 26 -21.47 -37.85 31.00
CA SER G 26 -20.62 -36.91 30.26
C SER G 26 -21.11 -36.66 28.85
N SER G 27 -21.97 -37.52 28.36
CA SER G 27 -22.57 -37.42 27.04
C SER G 27 -23.89 -36.65 27.08
N ASP G 28 -24.34 -36.30 28.31
CA ASP G 28 -25.62 -35.65 28.53
C ASP G 28 -25.42 -34.28 29.17
N VAL G 29 -25.56 -34.24 30.51
CA VAL G 29 -25.50 -33.04 31.30
C VAL G 29 -24.12 -32.43 31.26
N GLY G 30 -23.09 -33.26 31.34
CA GLY G 30 -21.74 -32.74 31.34
C GLY G 30 -21.19 -32.66 29.94
N GLY G 31 -22.01 -32.96 28.94
CA GLY G 31 -21.55 -32.98 27.57
C GLY G 31 -21.74 -31.64 26.94
N TYR G 32 -22.94 -31.10 27.11
CA TYR G 32 -23.26 -29.83 26.49
C TYR G 32 -23.93 -28.90 27.48
N ASN G 33 -23.73 -27.60 27.34
CA ASN G 33 -24.42 -26.66 28.23
C ASN G 33 -25.78 -26.29 27.67
N TYR G 34 -26.62 -27.29 27.48
CA TYR G 34 -27.96 -27.13 26.93
C TYR G 34 -28.98 -27.67 27.90
N VAL G 35 -28.64 -27.60 29.16
CA VAL G 35 -29.47 -28.11 30.22
C VAL G 35 -30.60 -27.16 30.53
N SER G 36 -31.80 -27.68 30.70
CA SER G 36 -32.92 -26.82 31.02
C SER G 36 -33.84 -27.43 32.06
N TRP G 37 -34.64 -26.58 32.67
CA TRP G 37 -35.61 -27.00 33.66
C TRP G 37 -37.02 -26.56 33.32
N HIS G 38 -37.98 -27.44 33.59
CA HIS G 38 -39.39 -27.22 33.30
C HIS G 38 -40.29 -27.45 34.51
N GLN G 39 -41.31 -26.62 34.67
CA GLN G 39 -42.26 -26.73 35.77
C GLN G 39 -43.66 -27.13 35.33
N GLN G 40 -44.15 -28.27 35.79
CA GLN G 40 -45.46 -28.74 35.38
C GLN G 40 -46.46 -28.89 36.53
N HIS G 41 -47.58 -28.21 36.41
CA HIS G 41 -48.64 -28.33 37.38
C HIS G 41 -49.58 -29.40 36.84
N PRO G 42 -50.23 -30.22 37.66
CA PRO G 42 -51.12 -31.24 37.19
C PRO G 42 -52.18 -30.68 36.28
N GLY G 43 -52.42 -31.36 35.16
CA GLY G 43 -53.42 -30.97 34.19
C GLY G 43 -52.95 -29.93 33.17
N LYS G 44 -51.74 -29.43 33.31
CA LYS G 44 -51.23 -28.40 32.43
C LYS G 44 -49.99 -28.81 31.66
N ALA G 45 -49.73 -28.11 30.56
CA ALA G 45 -48.51 -28.32 29.81
C ALA G 45 -47.36 -27.74 30.65
N PRO G 46 -46.12 -28.25 30.57
CA PRO G 46 -44.94 -27.73 31.26
C PRO G 46 -44.54 -26.31 30.84
N LYS G 47 -44.02 -25.55 31.79
CA LYS G 47 -43.49 -24.21 31.54
C LYS G 47 -41.96 -24.21 31.59
N LEU G 48 -41.30 -23.50 30.68
CA LEU G 48 -39.84 -23.41 30.75
C LEU G 48 -39.41 -22.44 31.82
N MET G 49 -38.54 -22.87 32.73
CA MET G 49 -38.09 -22.01 33.80
C MET G 49 -36.64 -21.56 33.61
N ILE G 50 -35.78 -22.50 33.24
CA ILE G 50 -34.36 -22.20 33.06
C ILE G 50 -33.81 -22.85 31.81
N TYR G 51 -32.98 -22.14 31.06
CA TYR G 51 -32.36 -22.75 29.88
C TYR G 51 -30.87 -22.48 29.76
N ASP G 52 -30.18 -23.33 29.02
CA ASP G 52 -28.74 -23.18 28.84
C ASP G 52 -28.05 -23.07 30.18
N VAL G 53 -28.43 -23.97 31.10
CA VAL G 53 -27.95 -24.11 32.46
C VAL G 53 -28.46 -23.03 33.44
N SER G 54 -28.27 -21.75 33.12
CA SER G 54 -28.66 -20.68 34.06
C SER G 54 -29.49 -19.49 33.54
N ASN G 55 -30.04 -19.51 32.33
CA ASN G 55 -30.79 -18.35 31.83
C ASN G 55 -32.27 -18.43 32.11
N ARG G 56 -32.84 -17.36 32.65
CA ARG G 56 -34.27 -17.31 32.96
C ARG G 56 -35.04 -16.60 31.85
N PRO G 57 -36.06 -17.21 31.23
CA PRO G 57 -36.91 -16.61 30.21
C PRO G 57 -37.65 -15.45 30.82
N SER G 58 -37.97 -14.46 30.01
CA SER G 58 -38.75 -13.37 30.55
C SER G 58 -40.05 -13.93 31.07
N GLY G 59 -40.50 -13.43 32.21
CA GLY G 59 -41.73 -13.90 32.83
C GLY G 59 -41.45 -14.87 33.96
N VAL G 60 -40.21 -15.35 34.04
CA VAL G 60 -39.79 -16.24 35.10
C VAL G 60 -39.17 -15.39 36.18
N SER G 61 -39.60 -15.62 37.41
CA SER G 61 -39.11 -14.85 38.54
C SER G 61 -37.69 -15.22 38.89
N ASN G 62 -37.06 -14.36 39.66
CA ASN G 62 -35.66 -14.51 40.01
C ASN G 62 -35.43 -15.38 41.20
N ARG G 63 -36.48 -16.04 41.66
CA ARG G 63 -36.36 -16.97 42.74
C ARG G 63 -35.91 -18.31 42.18
N PHE G 64 -35.98 -18.44 40.86
CA PHE G 64 -35.59 -19.68 40.22
C PHE G 64 -34.27 -19.45 39.54
N SER G 65 -33.27 -20.22 39.91
CA SER G 65 -31.92 -20.08 39.36
C SER G 65 -31.29 -21.44 39.27
N GLY G 66 -30.13 -21.53 38.65
CA GLY G 66 -29.52 -22.83 38.55
C GLY G 66 -28.08 -22.78 38.12
N SER G 67 -27.48 -23.95 38.13
CA SER G 67 -26.07 -24.13 37.84
C SER G 67 -25.74 -25.55 37.44
N LYS G 68 -24.50 -25.74 37.01
CA LYS G 68 -24.01 -27.07 36.68
C LYS G 68 -22.56 -27.26 37.10
N SER G 69 -22.27 -28.45 37.59
CA SER G 69 -20.91 -28.84 37.94
C SER G 69 -20.66 -30.29 37.58
N GLY G 70 -19.61 -30.56 36.83
CA GLY G 70 -19.38 -31.94 36.43
C GLY G 70 -20.55 -32.43 35.59
N ASN G 71 -21.14 -33.55 35.99
CA ASN G 71 -22.25 -34.13 35.27
C ASN G 71 -23.57 -33.89 36.01
N THR G 72 -23.54 -33.01 37.00
CA THR G 72 -24.73 -32.76 37.79
C THR G 72 -25.28 -31.36 37.61
N ALA G 73 -26.55 -31.30 37.25
CA ALA G 73 -27.23 -30.04 37.09
C ALA G 73 -28.01 -29.75 38.35
N SER G 74 -28.20 -28.49 38.64
CA SER G 74 -28.94 -28.13 39.83
C SER G 74 -29.87 -26.91 39.71
N LEU G 75 -31.10 -27.13 40.16
CA LEU G 75 -32.14 -26.10 40.23
C LEU G 75 -32.36 -25.62 41.64
N THR G 76 -32.25 -24.33 41.83
CA THR G 76 -32.46 -23.76 43.14
C THR G 76 -33.73 -22.94 43.16
N ILE G 77 -34.57 -23.21 44.14
CA ILE G 77 -35.77 -22.42 44.30
C ILE G 77 -35.69 -21.68 45.63
N SER G 78 -35.50 -20.38 45.56
CA SER G 78 -35.34 -19.57 46.76
C SER G 78 -36.66 -19.00 47.21
N GLY G 79 -36.86 -18.81 48.51
CA GLY G 79 -38.08 -18.15 48.90
C GLY G 79 -39.27 -19.03 48.56
N LEU G 80 -39.17 -20.33 48.78
CA LEU G 80 -40.22 -21.25 48.37
C LEU G 80 -41.60 -20.76 48.78
N GLN G 81 -42.50 -20.74 47.81
CA GLN G 81 -43.88 -20.31 48.01
C GLN G 81 -44.81 -21.49 47.89
N THR G 82 -46.01 -21.38 48.41
CA THR G 82 -46.97 -22.48 48.32
C THR G 82 -47.40 -22.74 46.89
N GLU G 83 -47.39 -21.71 46.05
CA GLU G 83 -47.76 -21.86 44.66
C GLU G 83 -46.67 -22.56 43.84
N ASP G 84 -45.51 -22.83 44.44
CA ASP G 84 -44.43 -23.47 43.71
C ASP G 84 -44.60 -24.96 43.66
N GLU G 85 -45.60 -25.52 44.38
CA GLU G 85 -45.75 -26.96 44.32
C GLU G 85 -45.98 -27.38 42.88
N ALA G 86 -45.14 -28.28 42.40
CA ALA G 86 -45.18 -28.72 40.99
C ALA G 86 -44.23 -29.87 40.77
N ASP G 87 -44.35 -30.52 39.63
CA ASP G 87 -43.38 -31.53 39.23
C ASP G 87 -42.32 -30.86 38.38
N TYR G 88 -41.08 -30.87 38.83
CA TYR G 88 -40.02 -30.20 38.09
C TYR G 88 -39.22 -31.21 37.32
N TYR G 89 -38.88 -30.87 36.10
CA TYR G 89 -38.10 -31.78 35.28
C TYR G 89 -36.86 -31.13 34.73
N CYS G 90 -35.82 -31.91 34.63
CA CYS G 90 -34.63 -31.44 33.96
C CYS G 90 -34.60 -32.09 32.62
N SER G 91 -33.93 -31.45 31.68
CA SER G 91 -33.73 -32.03 30.39
C SER G 91 -32.42 -31.60 29.80
N SER G 92 -31.92 -32.36 28.86
CA SER G 92 -30.69 -32.00 28.20
C SER G 92 -30.55 -32.61 26.83
N TYR G 93 -29.66 -32.04 26.04
CA TYR G 93 -29.32 -32.56 24.74
C TYR G 93 -28.26 -33.60 24.90
N THR G 94 -28.40 -34.71 24.22
CA THR G 94 -27.40 -35.75 24.34
C THR G 94 -26.68 -35.97 23.04
N SER G 95 -25.54 -36.64 23.14
CA SER G 95 -24.62 -36.94 22.03
C SER G 95 -25.24 -37.81 20.94
N SER G 96 -26.36 -38.42 21.23
CA SER G 96 -27.08 -39.29 20.32
C SER G 96 -27.89 -38.49 19.30
N THR G 97 -27.93 -37.18 19.50
CA THR G 97 -28.70 -36.20 18.76
C THR G 97 -30.15 -36.41 19.10
N THR G 98 -30.35 -36.52 20.39
CA THR G 98 -31.67 -36.66 20.97
C THR G 98 -31.73 -35.77 22.17
N ASN G 99 -32.92 -35.57 22.68
CA ASN G 99 -33.09 -34.83 23.91
C ASN G 99 -33.71 -35.77 24.91
N VAL G 100 -33.38 -35.60 26.18
CA VAL G 100 -33.97 -36.43 27.20
C VAL G 100 -34.51 -35.62 28.33
N PHE G 101 -35.44 -36.20 29.06
CA PHE G 101 -35.96 -35.60 30.27
C PHE G 101 -35.59 -36.50 31.41
N GLY G 102 -35.46 -35.93 32.58
CA GLY G 102 -35.15 -36.71 33.74
C GLY G 102 -36.39 -37.34 34.32
N THR G 103 -36.20 -38.01 35.43
CA THR G 103 -37.29 -38.73 36.07
C THR G 103 -38.33 -37.84 36.71
N GLY G 104 -37.98 -36.61 36.98
CA GLY G 104 -38.87 -35.65 37.59
C GLY G 104 -38.79 -35.64 39.10
N THR G 105 -38.98 -34.46 39.69
CA THR G 105 -38.98 -34.28 41.13
C THR G 105 -40.26 -33.64 41.60
N LYS G 106 -40.91 -34.23 42.58
CA LYS G 106 -42.10 -33.59 43.10
C LYS G 106 -41.72 -32.65 44.21
N VAL G 107 -42.09 -31.40 44.07
CA VAL G 107 -41.78 -30.42 45.07
C VAL G 107 -42.99 -30.07 45.83
N THR G 108 -42.93 -30.27 47.14
CA THR G 108 -44.08 -29.95 47.98
C THR G 108 -43.69 -28.86 48.95
N VAL G 109 -44.69 -28.22 49.54
CA VAL G 109 -44.41 -27.13 50.46
C VAL G 109 -45.03 -27.46 51.81
N LEU G 110 -44.25 -27.28 52.85
CA LEU G 110 -44.64 -27.60 54.22
C LEU G 110 -45.09 -26.36 54.98
N GLN H 1 -49.76 -13.74 20.78
CA GLN H 1 -48.65 -14.53 21.29
C GLN H 1 -48.59 -15.88 20.61
N VAL H 2 -47.60 -16.67 20.99
CA VAL H 2 -47.42 -18.00 20.43
C VAL H 2 -48.43 -18.98 20.94
N GLN H 3 -49.03 -19.70 20.01
CA GLN H 3 -49.96 -20.76 20.33
C GLN H 3 -49.64 -21.98 19.49
N LEU H 4 -49.81 -23.14 20.10
CA LEU H 4 -49.65 -24.39 19.40
C LEU H 4 -50.86 -25.22 19.74
N VAL H 5 -51.61 -25.64 18.73
CA VAL H 5 -52.82 -26.40 19.04
C VAL H 5 -52.85 -27.80 18.47
N GLU H 6 -52.81 -28.77 19.37
CA GLU H 6 -52.82 -30.18 19.04
C GLU H 6 -54.18 -30.68 18.61
N SER H 7 -54.18 -31.56 17.62
CA SER H 7 -55.38 -32.24 17.24
C SER H 7 -55.07 -33.63 16.75
N GLY H 8 -56.12 -34.33 16.34
CA GLY H 8 -56.00 -35.69 15.85
C GLY H 8 -55.89 -36.79 16.92
N GLY H 9 -56.31 -36.54 18.15
CA GLY H 9 -56.18 -37.57 19.17
C GLY H 9 -57.31 -38.58 19.02
N GLY H 10 -57.42 -39.53 19.95
CA GLY H 10 -58.44 -40.55 19.82
C GLY H 10 -57.98 -41.91 20.32
N VAL H 11 -58.75 -42.94 19.99
CA VAL H 11 -58.43 -44.29 20.43
C VAL H 11 -58.09 -45.17 19.24
N VAL H 12 -56.98 -45.87 19.35
CA VAL H 12 -56.45 -46.71 18.30
C VAL H 12 -56.30 -48.15 18.74
N GLN H 13 -56.99 -49.07 18.11
CA GLN H 13 -56.78 -50.43 18.55
C GLN H 13 -55.33 -50.78 18.22
N PRO H 14 -54.62 -51.55 19.06
CA PRO H 14 -53.23 -51.89 18.86
C PRO H 14 -52.98 -52.45 17.48
N GLY H 15 -51.90 -51.98 16.88
CA GLY H 15 -51.44 -52.35 15.55
C GLY H 15 -51.89 -51.35 14.49
N ARG H 16 -52.86 -50.52 14.82
CA ARG H 16 -53.35 -49.51 13.90
C ARG H 16 -52.55 -48.23 14.00
N SER H 17 -52.66 -47.39 12.98
CA SER H 17 -52.01 -46.09 12.94
C SER H 17 -52.90 -44.93 13.38
N LEU H 18 -52.25 -43.80 13.70
CA LEU H 18 -52.91 -42.54 14.02
C LEU H 18 -52.03 -41.36 13.61
N ARG H 19 -52.63 -40.31 13.06
CA ARG H 19 -51.86 -39.14 12.65
C ARG H 19 -52.25 -37.89 13.41
N LEU H 20 -51.27 -37.31 14.12
CA LEU H 20 -51.45 -36.10 14.92
C LEU H 20 -50.92 -34.88 14.23
N SER H 21 -51.47 -33.74 14.59
CA SER H 21 -50.92 -32.51 14.05
C SER H 21 -51.09 -31.31 14.96
N CYS H 22 -50.25 -30.29 14.75
CA CYS H 22 -50.39 -29.03 15.47
C CYS H 22 -50.46 -27.83 14.56
N ALA H 23 -51.42 -26.98 14.86
CA ALA H 23 -51.55 -25.73 14.15
C ALA H 23 -50.74 -24.69 14.87
N ALA H 24 -49.81 -24.07 14.18
CA ALA H 24 -48.98 -23.08 14.83
C ALA H 24 -49.34 -21.66 14.43
N SER H 25 -49.30 -20.75 15.39
CA SER H 25 -49.52 -19.35 15.11
C SER H 25 -48.79 -18.44 16.09
N GLY H 26 -48.63 -17.16 15.72
CA GLY H 26 -48.02 -16.15 16.59
C GLY H 26 -46.50 -16.01 16.41
N PHE H 27 -45.93 -16.78 15.50
CA PHE H 27 -44.51 -16.75 15.23
C PHE H 27 -44.28 -17.23 13.82
N THR H 28 -43.09 -17.03 13.28
CA THR H 28 -42.84 -17.56 11.97
C THR H 28 -42.49 -19.01 12.11
N PHE H 29 -43.29 -19.85 11.52
CA PHE H 29 -43.15 -21.29 11.63
C PHE H 29 -41.82 -21.72 11.07
N ASN H 30 -41.47 -21.12 9.95
CA ASN H 30 -40.28 -21.48 9.19
C ASN H 30 -38.99 -21.13 9.87
N ASN H 31 -39.03 -20.40 10.96
CA ASN H 31 -37.78 -20.06 11.58
C ASN H 31 -37.40 -20.95 12.76
N TYR H 32 -38.28 -21.87 13.16
CA TYR H 32 -37.93 -22.68 14.33
C TYR H 32 -38.15 -24.15 14.08
N GLY H 33 -37.32 -24.99 14.68
CA GLY H 33 -37.56 -26.41 14.57
C GLY H 33 -38.61 -26.74 15.62
N MET H 34 -39.11 -27.96 15.57
CA MET H 34 -40.13 -28.36 16.51
C MET H 34 -40.00 -29.77 17.01
N HIS H 35 -40.57 -29.97 18.19
CA HIS H 35 -40.48 -31.23 18.88
C HIS H 35 -41.82 -31.80 19.28
N TRP H 36 -41.86 -33.13 19.37
CA TRP H 36 -42.99 -33.81 19.99
C TRP H 36 -42.49 -34.44 21.27
N VAL H 37 -43.30 -34.31 22.31
CA VAL H 37 -43.06 -34.87 23.63
C VAL H 37 -44.33 -35.58 24.08
N ARG H 38 -44.22 -36.71 24.75
CA ARG H 38 -45.45 -37.36 25.22
C ARG H 38 -45.40 -37.65 26.70
N GLN H 39 -46.56 -37.67 27.33
CA GLN H 39 -46.61 -38.03 28.74
C GLN H 39 -47.68 -39.06 29.07
N ALA H 40 -47.25 -40.25 29.46
CA ALA H 40 -48.23 -41.28 29.81
C ALA H 40 -48.87 -40.80 31.09
N PRO H 41 -50.15 -41.05 31.36
CA PRO H 41 -50.77 -40.65 32.59
C PRO H 41 -49.99 -41.18 33.76
N GLY H 42 -49.69 -40.32 34.73
CA GLY H 42 -48.97 -40.72 35.94
C GLY H 42 -47.44 -40.77 35.78
N LYS H 43 -46.94 -40.51 34.59
CA LYS H 43 -45.51 -40.59 34.29
C LYS H 43 -44.90 -39.23 33.97
N GLY H 44 -43.58 -39.19 33.83
CA GLY H 44 -42.89 -37.97 33.49
C GLY H 44 -42.91 -37.75 31.99
N LEU H 45 -42.17 -36.76 31.53
CA LEU H 45 -42.16 -36.40 30.11
C LEU H 45 -41.19 -37.24 29.32
N GLU H 46 -41.59 -37.69 28.14
CA GLU H 46 -40.72 -38.45 27.26
C GLU H 46 -40.55 -37.76 25.92
N TRP H 47 -39.33 -37.49 25.52
CA TRP H 47 -39.13 -36.84 24.24
C TRP H 47 -39.41 -37.86 23.15
N VAL H 48 -40.12 -37.47 22.07
CA VAL H 48 -40.43 -38.39 20.99
C VAL H 48 -39.67 -38.13 19.69
N ALA H 49 -39.70 -36.89 19.21
CA ALA H 49 -39.08 -36.58 17.91
C ALA H 49 -38.81 -35.10 17.69
N VAL H 50 -37.84 -34.80 16.84
CA VAL H 50 -37.57 -33.41 16.42
C VAL H 50 -37.39 -33.26 14.94
N ILE H 51 -37.89 -32.14 14.42
CA ILE H 51 -37.68 -31.81 13.04
C ILE H 51 -37.09 -30.41 12.90
N SER H 52 -36.14 -30.25 12.00
CA SER H 52 -35.50 -28.96 11.74
C SER H 52 -36.43 -28.00 11.03
N TYR H 53 -36.09 -26.71 11.06
CA TYR H 53 -36.93 -25.67 10.48
C TYR H 53 -37.27 -25.85 9.00
N ASP H 54 -36.40 -26.48 8.23
CA ASP H 54 -36.70 -26.69 6.84
C ASP H 54 -37.10 -28.13 6.51
N GLY H 55 -37.26 -28.95 7.53
CA GLY H 55 -37.65 -30.34 7.37
C GLY H 55 -36.51 -31.29 6.96
N SER H 56 -35.29 -30.78 6.83
CA SER H 56 -34.16 -31.59 6.35
C SER H 56 -33.59 -32.60 7.35
N ASN H 57 -33.73 -32.34 8.64
CA ASN H 57 -33.18 -33.21 9.66
C ASN H 57 -34.22 -33.67 10.65
N LYS H 58 -34.38 -34.97 10.71
CA LYS H 58 -35.38 -35.61 11.54
C LYS H 58 -34.76 -36.64 12.48
N TYR H 59 -34.97 -36.47 13.79
CA TYR H 59 -34.41 -37.42 14.77
C TYR H 59 -35.49 -37.94 15.70
N TYR H 60 -35.32 -39.19 16.14
CA TYR H 60 -36.32 -39.83 16.98
C TYR H 60 -35.76 -40.46 18.23
N ALA H 61 -36.61 -40.54 19.25
CA ALA H 61 -36.27 -41.26 20.45
C ALA H 61 -36.21 -42.73 20.11
N ASP H 62 -35.32 -43.48 20.75
CA ASP H 62 -35.23 -44.90 20.43
C ASP H 62 -36.55 -45.65 20.60
N SER H 63 -37.37 -45.26 21.56
CA SER H 63 -38.61 -45.94 21.87
C SER H 63 -39.67 -45.92 20.76
N VAL H 64 -39.53 -45.03 19.79
CA VAL H 64 -40.47 -44.90 18.68
C VAL H 64 -39.75 -45.04 17.34
N LYS H 65 -38.46 -45.32 17.40
CA LYS H 65 -37.69 -45.29 16.19
C LYS H 65 -38.09 -46.42 15.29
N GLY H 66 -38.37 -46.08 14.04
CA GLY H 66 -38.79 -47.07 13.06
C GLY H 66 -40.30 -47.20 12.98
N ARG H 67 -41.03 -46.59 13.92
CA ARG H 67 -42.48 -46.70 13.89
C ARG H 67 -43.11 -45.35 13.63
N PHE H 68 -42.49 -44.29 14.15
CA PHE H 68 -43.05 -42.96 13.98
C PHE H 68 -42.29 -42.16 12.92
N THR H 69 -43.03 -41.30 12.21
CA THR H 69 -42.45 -40.35 11.25
C THR H 69 -42.85 -38.92 11.59
N ILE H 70 -41.90 -38.00 11.54
CA ILE H 70 -42.20 -36.61 11.85
C ILE H 70 -42.08 -35.83 10.56
N SER H 71 -42.98 -34.89 10.34
CA SER H 71 -42.93 -34.06 9.14
C SER H 71 -43.55 -32.71 9.40
N ARG H 72 -43.31 -31.76 8.51
CA ARG H 72 -43.91 -30.45 8.66
C ARG H 72 -44.24 -29.86 7.32
N ASP H 73 -45.34 -29.12 7.27
CA ASP H 73 -45.72 -28.42 6.06
C ASP H 73 -45.62 -26.94 6.34
N ASN H 74 -44.56 -26.34 5.82
CA ASN H 74 -44.27 -24.96 6.09
C ASN H 74 -45.25 -23.98 5.48
N SER H 75 -46.03 -24.42 4.50
CA SER H 75 -46.96 -23.52 3.86
C SER H 75 -48.28 -23.43 4.62
N LYS H 76 -48.48 -24.32 5.59
CA LYS H 76 -49.72 -24.41 6.35
C LYS H 76 -49.48 -24.18 7.82
N ASN H 77 -48.25 -23.87 8.17
CA ASN H 77 -47.84 -23.69 9.55
C ASN H 77 -48.27 -24.89 10.37
N THR H 78 -48.08 -26.09 9.83
CA THR H 78 -48.53 -27.26 10.54
C THR H 78 -47.48 -28.34 10.74
N LEU H 79 -47.39 -28.82 11.99
CA LEU H 79 -46.46 -29.89 12.36
C LEU H 79 -47.23 -31.20 12.39
N TYR H 80 -46.64 -32.29 11.89
CA TYR H 80 -47.29 -33.61 11.91
C TYR H 80 -46.50 -34.72 12.57
N LEU H 81 -47.22 -35.69 13.14
CA LEU H 81 -46.61 -36.93 13.63
C LEU H 81 -47.43 -38.12 13.15
N GLN H 82 -46.79 -38.98 12.39
CA GLN H 82 -47.43 -40.16 11.85
C GLN H 82 -47.03 -41.34 12.68
N MET H 83 -47.96 -41.92 13.41
CA MET H 83 -47.61 -43.02 14.27
C MET H 83 -48.14 -44.32 13.72
N ASN H 84 -47.26 -45.23 13.36
CA ASN H 84 -47.71 -46.49 12.82
C ASN H 84 -47.58 -47.59 13.86
N SER H 85 -48.33 -48.67 13.72
CA SER H 85 -48.18 -49.80 14.62
C SER H 85 -48.17 -49.40 16.08
N LEU H 86 -49.23 -48.74 16.55
CA LEU H 86 -49.27 -48.28 17.92
C LEU H 86 -49.47 -49.44 18.86
N ARG H 87 -48.88 -49.33 20.03
CA ARG H 87 -48.97 -50.33 21.07
C ARG H 87 -49.49 -49.72 22.36
N ALA H 88 -49.87 -50.54 23.33
CA ALA H 88 -50.42 -50.02 24.59
C ALA H 88 -49.47 -49.04 25.27
N GLU H 89 -48.18 -49.27 25.11
CA GLU H 89 -47.12 -48.46 25.68
C GLU H 89 -47.10 -47.03 25.14
N ASP H 90 -47.79 -46.78 24.03
CA ASP H 90 -47.83 -45.48 23.40
C ASP H 90 -48.98 -44.63 23.91
N THR H 91 -49.77 -45.13 24.87
CA THR H 91 -50.84 -44.28 25.39
C THR H 91 -50.20 -43.12 26.11
N ALA H 92 -50.56 -41.93 25.70
CA ALA H 92 -49.98 -40.74 26.28
C ALA H 92 -50.66 -39.49 25.80
N VAL H 93 -50.43 -38.40 26.51
CA VAL H 93 -50.83 -37.12 25.97
C VAL H 93 -49.68 -36.65 25.13
N TYR H 94 -49.92 -36.35 23.88
CA TYR H 94 -48.87 -35.90 23.00
C TYR H 94 -48.92 -34.41 22.88
N TYR H 95 -47.76 -33.78 22.95
CA TYR H 95 -47.64 -32.33 22.88
C TYR H 95 -46.70 -31.87 21.80
N CYS H 96 -47.03 -30.72 21.21
CA CYS H 96 -46.08 -30.05 20.35
C CYS H 96 -45.33 -29.04 21.16
N ALA H 97 -44.08 -28.81 20.78
CA ALA H 97 -43.33 -27.76 21.41
C ALA H 97 -42.41 -27.07 20.39
N LYS H 98 -42.28 -25.77 20.58
CA LYS H 98 -41.46 -24.86 19.79
C LYS H 98 -40.05 -24.74 20.31
N ASP H 99 -39.06 -25.02 19.45
CA ASP H 99 -37.66 -24.88 19.80
C ASP H 99 -37.32 -23.40 19.83
N LYS H 100 -36.70 -22.95 20.88
CA LYS H 100 -36.37 -21.54 21.03
C LYS H 100 -35.41 -20.94 19.99
N ARG H 101 -34.50 -21.75 19.44
CA ARG H 101 -33.46 -21.23 18.57
C ARG H 101 -33.91 -20.89 17.14
N PHE H 102 -33.46 -19.73 16.68
CA PHE H 102 -33.77 -19.15 15.37
C PHE H 102 -32.89 -19.62 14.21
N ILE H 103 -33.53 -20.16 13.16
CA ILE H 103 -32.93 -20.70 11.94
C ILE H 103 -31.56 -21.31 12.07
N THR H 104 -31.49 -22.36 12.86
CA THR H 104 -30.29 -23.11 13.13
C THR H 104 -30.53 -24.58 12.94
N MET H 105 -29.47 -25.33 12.67
CA MET H 105 -29.60 -26.77 12.57
C MET H 105 -29.24 -27.48 13.87
N ILE H 106 -29.10 -26.70 14.94
CA ILE H 106 -28.83 -27.21 16.27
C ILE H 106 -30.15 -27.52 16.97
N LEU H 107 -30.49 -28.80 17.02
CA LEU H 107 -31.77 -29.26 17.55
C LEU H 107 -31.66 -29.60 19.02
N VAL H 108 -31.42 -28.57 19.82
CA VAL H 108 -31.13 -28.78 21.24
C VAL H 108 -32.12 -28.15 22.22
N GLY H 109 -33.16 -27.47 21.77
CA GLY H 109 -34.04 -26.86 22.74
C GLY H 109 -33.41 -25.56 23.22
N PRO H 110 -33.98 -24.95 24.24
CA PRO H 110 -35.05 -25.36 25.10
C PRO H 110 -36.36 -25.35 24.38
N PHE H 111 -37.36 -25.96 25.00
CA PHE H 111 -38.69 -26.00 24.47
C PHE H 111 -39.31 -24.72 25.00
N ASP H 112 -39.44 -23.73 24.12
CA ASP H 112 -39.84 -22.38 24.48
C ASP H 112 -41.33 -22.33 24.76
N TYR H 113 -42.09 -22.98 23.91
CA TYR H 113 -43.54 -23.03 24.07
C TYR H 113 -44.08 -24.41 23.89
N TRP H 114 -45.08 -24.72 24.68
CA TRP H 114 -45.77 -25.99 24.65
C TRP H 114 -47.22 -25.78 24.28
N GLY H 115 -47.80 -26.75 23.61
CA GLY H 115 -49.22 -26.71 23.32
C GLY H 115 -49.95 -27.30 24.51
N GLN H 116 -51.19 -27.71 24.36
CA GLN H 116 -51.92 -28.20 25.54
C GLN H 116 -51.94 -29.70 25.59
N GLY H 117 -51.79 -30.30 24.45
CA GLY H 117 -51.71 -31.74 24.31
C GLY H 117 -53.01 -32.42 23.95
N THR H 118 -52.89 -33.56 23.31
CA THR H 118 -54.06 -34.36 22.97
C THR H 118 -53.81 -35.81 23.33
N LEU H 119 -54.83 -36.49 23.84
CA LEU H 119 -54.65 -37.87 24.25
C LEU H 119 -54.87 -38.91 23.20
N VAL H 120 -53.91 -39.82 23.13
CA VAL H 120 -53.99 -40.98 22.28
C VAL H 120 -54.03 -42.20 23.18
N THR H 121 -55.08 -42.99 23.02
CA THR H 121 -55.31 -44.21 23.81
C THR H 121 -55.15 -45.43 22.95
N VAL H 122 -54.40 -46.42 23.42
CA VAL H 122 -54.22 -47.62 22.61
C VAL H 122 -54.57 -48.87 23.38
N ARG I 42 -19.85 6.07 6.63
CA ARG I 42 -20.56 5.49 5.51
C ARG I 42 -22.02 5.19 5.83
N ASN I 43 -22.77 4.85 4.80
CA ASN I 43 -24.18 4.51 4.86
C ASN I 43 -24.40 3.35 3.93
N PHE I 44 -25.46 2.60 4.13
CA PHE I 44 -25.70 1.50 3.24
C PHE I 44 -26.15 1.96 1.89
N ASN I 45 -25.76 1.24 0.86
CA ASN I 45 -26.18 1.57 -0.48
C ASN I 45 -27.64 1.28 -0.67
N ASN I 46 -28.36 2.27 -1.20
CA ASN I 46 -29.78 2.11 -1.50
C ASN I 46 -29.99 2.11 -3.00
N LEU I 47 -30.82 1.21 -3.49
CA LEU I 47 -31.07 1.16 -4.92
C LEU I 47 -32.13 2.18 -5.26
N THR I 48 -31.68 3.37 -5.62
CA THR I 48 -32.57 4.49 -5.92
C THR I 48 -32.61 4.92 -7.39
N LYS I 49 -31.65 4.49 -8.21
CA LYS I 49 -31.60 4.95 -9.60
C LYS I 49 -32.08 3.89 -10.60
N GLY I 50 -32.41 4.32 -11.83
CA GLY I 50 -32.83 3.36 -12.86
C GLY I 50 -31.63 2.99 -13.69
N LEU I 51 -31.81 2.20 -14.75
CA LEU I 51 -30.66 1.89 -15.61
C LEU I 51 -30.51 2.94 -16.70
N CYS I 52 -29.27 3.17 -17.12
CA CYS I 52 -29.00 4.08 -18.22
C CYS I 52 -29.33 3.41 -19.55
N THR I 53 -29.83 4.16 -20.52
CA THR I 53 -30.13 3.59 -21.82
C THR I 53 -28.92 2.94 -22.43
N ILE I 54 -29.08 1.71 -22.91
CA ILE I 54 -27.97 1.02 -23.50
C ILE I 54 -28.10 1.01 -25.01
N ASN I 55 -27.23 1.76 -25.69
CA ASN I 55 -27.23 1.80 -27.13
C ASN I 55 -26.09 0.94 -27.65
N SER I 56 -25.01 0.86 -26.89
CA SER I 56 -23.87 0.04 -27.28
C SER I 56 -22.98 -0.29 -26.09
N TRP I 57 -22.03 -1.22 -26.25
CA TRP I 57 -21.12 -1.57 -25.17
C TRP I 57 -19.65 -1.20 -25.50
N HIS I 58 -18.87 -0.78 -24.49
CA HIS I 58 -17.46 -0.41 -24.67
C HIS I 58 -16.55 -1.14 -23.70
N ILE I 59 -15.27 -1.27 -24.05
CA ILE I 59 -14.37 -2.00 -23.17
C ILE I 59 -14.17 -1.30 -21.85
N TYR I 60 -14.27 -2.07 -20.76
CA TYR I 60 -14.11 -1.61 -19.40
C TYR I 60 -12.80 -2.13 -18.84
N GLY I 61 -12.54 -3.41 -19.08
CA GLY I 61 -11.34 -4.04 -18.56
C GLY I 61 -11.01 -5.35 -19.27
N LYS I 62 -9.77 -5.77 -19.10
CA LYS I 62 -9.26 -6.99 -19.71
C LYS I 62 -7.95 -7.33 -19.04
N ASP I 63 -7.80 -8.52 -18.47
CA ASP I 63 -6.53 -8.77 -17.77
C ASP I 63 -5.41 -9.43 -18.56
N ASN I 64 -5.73 -10.09 -19.66
CA ASN I 64 -4.75 -10.82 -20.45
C ASN I 64 -4.02 -11.83 -19.58
N ALA I 65 -4.73 -12.46 -18.65
CA ALA I 65 -4.05 -13.38 -17.74
C ALA I 65 -3.35 -14.56 -18.38
N VAL I 66 -3.92 -15.19 -19.39
CA VAL I 66 -3.24 -16.37 -19.92
C VAL I 66 -2.01 -15.95 -20.70
N ARG I 67 -2.13 -14.89 -21.48
CA ARG I 67 -1.05 -14.35 -22.29
C ARG I 67 0.15 -13.94 -21.42
N ILE I 68 -0.11 -13.18 -20.35
CA ILE I 68 0.98 -12.75 -19.47
C ILE I 68 1.58 -13.94 -18.77
N GLY I 69 0.73 -14.84 -18.30
CA GLY I 69 1.07 -16.03 -17.55
C GLY I 69 1.96 -17.01 -18.29
N GLU I 70 2.18 -16.84 -19.59
CA GLU I 70 3.06 -17.73 -20.31
C GLU I 70 4.44 -17.69 -19.71
N SER I 71 4.87 -16.52 -19.22
CA SER I 71 6.19 -16.43 -18.63
C SER I 71 6.27 -15.46 -17.47
N SER I 72 5.41 -15.66 -16.48
CA SER I 72 5.32 -14.84 -15.27
C SER I 72 4.57 -15.62 -14.18
N ASP I 73 4.60 -15.14 -12.94
CA ASP I 73 3.90 -15.87 -11.87
C ASP I 73 2.42 -15.56 -11.70
N VAL I 74 1.65 -16.08 -12.65
CA VAL I 74 0.20 -15.89 -12.73
C VAL I 74 -0.52 -17.18 -12.36
N LEU I 75 -1.50 -17.06 -11.47
CA LEU I 75 -2.30 -18.15 -10.95
C LEU I 75 -3.31 -18.68 -11.92
N VAL I 76 -3.60 -19.97 -11.78
CA VAL I 76 -4.64 -20.62 -12.52
C VAL I 76 -5.93 -20.36 -11.81
N THR I 77 -6.90 -19.81 -12.53
CA THR I 77 -8.20 -19.51 -11.98
C THR I 77 -9.29 -20.00 -12.90
N ARG I 78 -10.51 -20.01 -12.39
CA ARG I 78 -11.75 -20.27 -13.09
C ARG I 78 -12.92 -19.50 -12.49
N GLU I 79 -14.01 -19.38 -13.25
CA GLU I 79 -15.24 -18.81 -12.74
C GLU I 79 -15.08 -17.41 -12.16
N PRO I 80 -14.64 -16.45 -12.97
CA PRO I 80 -14.37 -15.09 -12.61
C PRO I 80 -15.63 -14.31 -12.45
N TYR I 81 -15.52 -13.20 -11.77
CA TYR I 81 -16.57 -12.22 -11.72
C TYR I 81 -16.00 -10.86 -11.39
N VAL I 82 -16.77 -9.82 -11.56
CA VAL I 82 -16.28 -8.49 -11.26
C VAL I 82 -17.20 -7.89 -10.24
N SER I 83 -16.65 -7.22 -9.26
CA SER I 83 -17.46 -6.58 -8.23
C SER I 83 -16.81 -5.31 -7.73
N CYS I 84 -17.64 -4.32 -7.43
CA CYS I 84 -17.07 -3.04 -7.02
C CYS I 84 -17.37 -2.65 -5.57
N ASP I 85 -16.41 -1.96 -4.96
CA ASP I 85 -16.54 -1.36 -3.64
C ASP I 85 -16.83 0.11 -3.93
N PRO I 86 -17.12 0.98 -2.94
CA PRO I 86 -17.36 2.39 -3.14
C PRO I 86 -16.29 3.18 -3.87
N ASP I 87 -15.03 2.76 -3.83
CA ASP I 87 -13.99 3.47 -4.53
C ASP I 87 -13.06 2.60 -5.37
N GLU I 88 -13.44 1.35 -5.63
CA GLU I 88 -12.55 0.46 -6.39
C GLU I 88 -13.24 -0.72 -7.05
N CYS I 89 -12.87 -1.05 -8.27
CA CYS I 89 -13.39 -2.29 -8.83
C CYS I 89 -12.27 -3.30 -8.92
N ARG I 90 -12.62 -4.55 -8.58
CA ARG I 90 -11.66 -5.64 -8.60
C ARG I 90 -12.21 -6.85 -9.32
N PHE I 91 -11.31 -7.67 -9.80
CA PHE I 91 -11.67 -8.91 -10.41
C PHE I 91 -11.63 -9.96 -9.34
N TYR I 92 -12.57 -10.88 -9.38
CA TYR I 92 -12.67 -11.99 -8.45
C TYR I 92 -12.63 -13.30 -9.19
N ALA I 93 -12.04 -14.32 -8.61
CA ALA I 93 -12.07 -15.64 -9.25
C ALA I 93 -11.73 -16.72 -8.28
N LEU I 94 -12.00 -17.96 -8.65
CA LEU I 94 -11.59 -19.06 -7.81
C LEU I 94 -10.26 -19.62 -8.31
N SER I 95 -9.27 -19.57 -7.44
CA SER I 95 -7.90 -20.01 -7.70
C SER I 95 -7.75 -21.48 -7.48
N GLN I 96 -6.85 -22.12 -8.21
CA GLN I 96 -6.51 -23.54 -8.03
C GLN I 96 -5.29 -23.77 -7.13
N GLY I 97 -4.72 -22.68 -6.61
CA GLY I 97 -3.56 -22.78 -5.74
C GLY I 97 -2.26 -23.08 -6.47
N THR I 98 -2.16 -22.69 -7.72
CA THR I 98 -0.97 -22.96 -8.51
C THR I 98 -0.85 -22.01 -9.66
N THR I 99 0.37 -21.83 -10.17
CA THR I 99 0.60 -20.99 -11.33
C THR I 99 0.43 -21.76 -12.62
N ILE I 100 0.25 -21.02 -13.71
CA ILE I 100 -0.02 -21.61 -15.02
C ILE I 100 1.09 -22.50 -15.50
N ARG I 101 2.34 -22.08 -15.29
CA ARG I 101 3.45 -22.89 -15.77
C ARG I 101 4.00 -23.83 -14.70
N GLY I 102 3.34 -23.94 -13.55
CA GLY I 102 3.88 -24.82 -12.52
C GLY I 102 3.45 -26.24 -12.83
N LYS I 103 3.97 -27.21 -12.11
CA LYS I 103 3.59 -28.59 -12.41
C LYS I 103 2.30 -28.99 -11.74
N HIS I 104 1.83 -28.16 -10.84
CA HIS I 104 0.59 -28.47 -10.16
C HIS I 104 -0.58 -27.98 -10.98
N SER I 105 -0.31 -27.42 -12.17
CA SER I 105 -1.37 -27.00 -13.07
C SER I 105 -1.94 -28.21 -13.79
N ASN I 106 -1.26 -29.35 -13.69
CA ASN I 106 -1.73 -30.56 -14.35
C ASN I 106 -2.91 -31.11 -13.57
N GLY I 107 -4.09 -31.14 -14.20
CA GLY I 107 -5.28 -31.58 -13.51
C GLY I 107 -6.20 -30.47 -13.00
N THR I 108 -5.94 -29.21 -13.39
CA THR I 108 -6.79 -28.09 -12.96
C THR I 108 -8.17 -28.07 -13.55
N ILE I 109 -8.47 -29.04 -14.39
CA ILE I 109 -9.78 -29.23 -14.95
C ILE I 109 -10.84 -29.48 -13.90
N HIS I 110 -10.47 -30.03 -12.74
CA HIS I 110 -11.45 -30.32 -11.71
C HIS I 110 -12.03 -29.09 -11.03
N ASP I 111 -13.31 -29.19 -10.68
CA ASP I 111 -14.04 -28.08 -10.08
C ASP I 111 -13.95 -27.97 -8.57
N ARG I 112 -13.81 -29.09 -7.88
CA ARG I 112 -13.83 -29.03 -6.42
C ARG I 112 -12.66 -29.71 -5.78
N SER I 113 -11.92 -28.95 -5.00
CA SER I 113 -10.75 -29.42 -4.28
C SER I 113 -10.46 -28.51 -3.10
N GLN I 114 -9.60 -28.97 -2.20
CA GLN I 114 -9.21 -28.23 -1.00
C GLN I 114 -8.40 -27.00 -1.29
N TYR I 115 -7.88 -26.93 -2.48
CA TYR I 115 -6.97 -25.90 -2.89
C TYR I 115 -7.67 -24.69 -3.42
N ARG I 116 -8.97 -24.77 -3.62
CA ARG I 116 -9.67 -23.65 -4.18
C ARG I 116 -10.01 -22.57 -3.22
N ALA I 117 -9.79 -21.35 -3.68
CA ALA I 117 -10.10 -20.19 -2.84
C ALA I 117 -10.54 -19.02 -3.66
N LEU I 118 -11.29 -18.13 -3.03
CA LEU I 118 -11.75 -16.93 -3.68
C LEU I 118 -10.79 -15.83 -3.45
N ILE I 119 -10.27 -15.30 -4.55
CA ILE I 119 -9.28 -14.26 -4.51
C ILE I 119 -9.76 -13.08 -5.27
N SER I 120 -9.14 -11.93 -5.02
CA SER I 120 -9.46 -10.77 -5.81
C SER I 120 -8.20 -9.98 -6.10
N TRP I 121 -8.23 -9.26 -7.20
CA TRP I 121 -7.08 -8.47 -7.58
C TRP I 121 -7.55 -7.24 -8.35
N PRO I 122 -6.76 -6.17 -8.49
CA PRO I 122 -7.14 -4.94 -9.15
C PRO I 122 -7.62 -5.16 -10.55
N LEU I 123 -8.64 -4.43 -10.95
CA LEU I 123 -9.19 -4.59 -12.28
C LEU I 123 -8.18 -4.35 -13.37
N SER I 124 -8.20 -5.26 -14.33
CA SER I 124 -7.36 -5.36 -15.53
C SER I 124 -5.92 -5.79 -15.28
N SER I 125 -5.57 -6.15 -14.06
CA SER I 125 -4.27 -6.73 -13.80
C SER I 125 -4.50 -8.22 -13.82
N PRO I 126 -3.51 -9.08 -14.12
CA PRO I 126 -3.61 -10.51 -14.05
C PRO I 126 -3.68 -10.97 -12.60
N PRO I 127 -4.20 -12.17 -12.31
CA PRO I 127 -4.31 -12.80 -11.02
C PRO I 127 -3.00 -13.36 -10.60
N THR I 128 -2.09 -12.48 -10.23
CA THR I 128 -0.77 -12.94 -9.89
C THR I 128 -0.71 -13.48 -8.50
N VAL I 129 0.39 -14.16 -8.23
CA VAL I 129 0.67 -14.71 -6.91
C VAL I 129 0.89 -13.59 -5.91
N TYR I 130 1.59 -12.57 -6.36
CA TYR I 130 2.03 -11.48 -5.53
C TYR I 130 1.06 -10.30 -5.33
N ASN I 131 0.03 -10.12 -6.17
CA ASN I 131 -0.84 -8.96 -5.94
C ASN I 131 -2.25 -9.35 -5.55
N SER I 132 -2.49 -10.64 -5.36
CA SER I 132 -3.83 -11.12 -5.05
C SER I 132 -4.09 -11.19 -3.57
N ARG I 133 -5.35 -11.00 -3.20
CA ARG I 133 -5.78 -11.14 -1.82
C ARG I 133 -6.79 -12.24 -1.72
N VAL I 134 -6.69 -13.09 -0.71
CA VAL I 134 -7.67 -14.15 -0.56
C VAL I 134 -8.80 -13.64 0.29
N GLU I 135 -10.02 -13.81 -0.19
CA GLU I 135 -11.19 -13.32 0.52
C GLU I 135 -11.71 -14.42 1.45
N CYS I 136 -11.77 -15.65 0.93
CA CYS I 136 -12.23 -16.81 1.68
C CYS I 136 -11.89 -18.11 0.95
N ILE I 137 -12.07 -19.25 1.62
CA ILE I 137 -11.76 -20.56 1.04
C ILE I 137 -12.95 -21.42 0.75
N GLY I 138 -12.96 -22.00 -0.46
CA GLY I 138 -14.02 -22.85 -0.91
C GLY I 138 -14.08 -22.95 -2.43
N TRP I 139 -14.81 -23.94 -2.92
CA TRP I 139 -14.94 -24.19 -4.35
C TRP I 139 -16.10 -23.50 -5.03
N SER I 140 -16.94 -22.82 -4.27
CA SER I 140 -18.05 -22.05 -4.82
C SER I 140 -18.24 -20.81 -3.99
N SER I 141 -18.53 -19.69 -4.63
CA SER I 141 -18.65 -18.46 -3.87
C SER I 141 -19.48 -17.35 -4.47
N THR I 142 -19.68 -16.30 -3.67
CA THR I 142 -20.34 -15.04 -4.06
C THR I 142 -19.92 -13.88 -3.18
N SER I 143 -19.98 -12.66 -3.69
CA SER I 143 -19.67 -11.52 -2.83
C SER I 143 -20.26 -10.18 -3.26
N CYS I 144 -20.41 -9.28 -2.29
CA CYS I 144 -20.89 -7.92 -2.58
C CYS I 144 -20.66 -6.94 -1.47
N HIS I 145 -20.47 -5.68 -1.84
CA HIS I 145 -20.30 -4.62 -0.87
C HIS I 145 -21.65 -4.01 -0.58
N ASP I 146 -21.97 -3.80 0.70
CA ASP I 146 -23.27 -3.24 1.02
C ASP I 146 -23.33 -1.73 1.21
N GLY I 147 -22.22 -1.04 0.99
CA GLY I 147 -22.12 0.41 1.21
C GLY I 147 -21.34 0.75 2.47
N LYS I 148 -21.17 -0.22 3.37
CA LYS I 148 -20.36 -0.01 4.55
C LYS I 148 -19.19 -0.97 4.56
N SER I 149 -19.47 -2.25 4.28
CA SER I 149 -18.44 -3.28 4.27
C SER I 149 -18.77 -4.47 3.38
N ARG I 150 -17.75 -5.16 2.90
CA ARG I 150 -17.99 -6.32 2.03
C ARG I 150 -18.33 -7.62 2.72
N MET I 151 -19.32 -8.30 2.12
CA MET I 151 -19.74 -9.64 2.50
C MET I 151 -19.24 -10.62 1.48
N SER I 152 -18.83 -11.79 1.93
CA SER I 152 -18.47 -12.82 0.98
C SER I 152 -18.84 -14.17 1.51
N ILE I 153 -19.19 -15.07 0.62
CA ILE I 153 -19.56 -16.40 1.01
C ILE I 153 -18.78 -17.43 0.25
N CYS I 154 -18.17 -18.36 0.96
CA CYS I 154 -17.48 -19.47 0.32
C CYS I 154 -17.99 -20.80 0.79
N ILE I 155 -18.09 -21.74 -0.16
CA ILE I 155 -18.53 -23.08 0.10
C ILE I 155 -17.42 -24.08 -0.09
N SER I 156 -17.26 -24.90 0.93
CA SER I 156 -16.23 -25.92 0.97
C SER I 156 -16.75 -27.19 1.59
N GLY I 157 -15.99 -28.25 1.45
CA GLY I 157 -16.37 -29.55 2.00
C GLY I 157 -16.55 -30.54 0.86
N PRO I 158 -16.81 -31.80 1.16
CA PRO I 158 -16.99 -32.88 0.25
C PRO I 158 -18.35 -32.75 -0.39
N ASN I 159 -18.58 -33.48 -1.44
CA ASN I 159 -19.84 -33.37 -2.16
C ASN I 159 -21.08 -33.66 -1.32
N ASN I 160 -20.98 -34.56 -0.34
CA ASN I 160 -22.11 -34.93 0.50
C ASN I 160 -22.11 -34.35 1.91
N ASN I 161 -21.25 -33.37 2.17
CA ASN I 161 -21.16 -32.78 3.49
C ASN I 161 -20.61 -31.35 3.39
N ALA I 162 -21.07 -30.60 2.40
CA ALA I 162 -20.60 -29.25 2.15
C ALA I 162 -21.20 -28.24 3.10
N SER I 163 -20.50 -27.12 3.28
CA SER I 163 -21.02 -26.01 4.08
C SER I 163 -20.58 -24.65 3.57
N ALA I 164 -21.39 -23.64 3.88
CA ALA I 164 -21.08 -22.28 3.50
C ALA I 164 -20.66 -21.45 4.67
N VAL I 165 -19.59 -20.70 4.50
CA VAL I 165 -19.16 -19.80 5.54
C VAL I 165 -19.30 -18.39 5.04
N VAL I 166 -20.05 -17.60 5.80
CA VAL I 166 -20.34 -16.25 5.46
C VAL I 166 -19.44 -15.33 6.25
N TRP I 167 -18.69 -14.52 5.54
CA TRP I 167 -17.71 -13.58 6.05
C TRP I 167 -18.24 -12.17 5.90
N TYR I 168 -17.89 -11.30 6.82
CA TYR I 168 -18.25 -9.91 6.66
C TYR I 168 -17.15 -9.09 7.25
N ASN I 169 -16.72 -8.09 6.51
CA ASN I 169 -15.67 -7.21 6.99
C ASN I 169 -14.44 -8.01 7.36
N ARG I 170 -14.14 -9.01 6.53
CA ARG I 170 -13.01 -9.93 6.62
C ARG I 170 -13.00 -10.84 7.84
N ARG I 171 -14.13 -11.06 8.50
CA ARG I 171 -14.19 -11.99 9.61
C ARG I 171 -15.33 -12.98 9.36
N PRO I 172 -15.28 -14.24 9.80
CA PRO I 172 -16.40 -15.15 9.72
C PRO I 172 -17.53 -14.60 10.57
N VAL I 173 -18.76 -14.71 10.10
CA VAL I 173 -19.92 -14.30 10.86
C VAL I 173 -20.93 -15.41 11.10
N ALA I 174 -21.26 -16.15 10.04
CA ALA I 174 -22.32 -17.16 10.12
C ALA I 174 -22.08 -18.30 9.17
N GLU I 175 -22.67 -19.45 9.46
CA GLU I 175 -22.52 -20.59 8.56
C GLU I 175 -23.84 -21.27 8.24
N ILE I 176 -23.90 -21.87 7.06
CA ILE I 176 -25.04 -22.66 6.61
C ILE I 176 -24.57 -24.05 6.21
N ASN I 177 -25.13 -25.09 6.79
CA ASN I 177 -24.71 -26.43 6.40
C ASN I 177 -25.57 -26.90 5.25
N THR I 178 -25.10 -27.90 4.52
CA THR I 178 -25.86 -28.54 3.44
C THR I 178 -27.16 -29.13 3.90
N TRP I 179 -28.19 -29.03 3.06
CA TRP I 179 -29.50 -29.56 3.40
C TRP I 179 -29.96 -30.69 2.49
N ALA I 180 -29.46 -30.76 1.27
CA ALA I 180 -29.90 -31.82 0.37
C ALA I 180 -28.80 -32.85 0.17
N ARG I 181 -27.66 -32.56 0.74
CA ARG I 181 -26.45 -33.37 0.68
C ARG I 181 -25.98 -33.66 -0.73
N ASN I 182 -26.03 -32.67 -1.63
CA ASN I 182 -25.55 -32.88 -2.99
C ASN I 182 -25.04 -31.59 -3.60
N ILE I 183 -23.77 -31.27 -3.31
CA ILE I 183 -23.08 -30.09 -3.78
C ILE I 183 -23.81 -28.81 -3.40
N LEU I 184 -23.59 -28.30 -2.21
CA LEU I 184 -24.16 -26.99 -1.93
C LEU I 184 -23.45 -26.03 -2.84
N ARG I 185 -24.17 -25.17 -3.53
CA ARG I 185 -23.54 -24.23 -4.46
C ARG I 185 -24.24 -22.90 -4.54
N THR I 186 -23.53 -21.86 -5.00
CA THR I 186 -24.17 -20.56 -5.12
C THR I 186 -23.95 -19.83 -6.44
N GLN I 187 -24.10 -18.52 -6.39
CA GLN I 187 -24.12 -17.65 -7.56
C GLN I 187 -22.88 -17.47 -8.43
N GLU I 188 -21.67 -17.49 -7.89
CA GLU I 188 -20.46 -17.22 -8.68
C GLU I 188 -20.50 -15.85 -9.35
N SER I 189 -21.05 -14.88 -8.64
CA SER I 189 -21.14 -13.52 -9.12
C SER I 189 -21.37 -12.55 -8.01
N GLU I 190 -21.55 -11.31 -8.39
CA GLU I 190 -21.82 -10.23 -7.48
C GLU I 190 -23.24 -10.34 -6.92
N CYS I 191 -23.38 -10.14 -5.63
CA CYS I 191 -24.70 -10.07 -5.00
C CYS I 191 -25.10 -8.61 -4.90
N VAL I 192 -26.36 -8.33 -4.67
CA VAL I 192 -26.76 -6.94 -4.62
C VAL I 192 -27.42 -6.62 -3.32
N CYS I 193 -26.99 -5.57 -2.67
CA CYS I 193 -27.58 -5.23 -1.37
C CYS I 193 -28.44 -3.99 -1.46
N HIS I 194 -29.46 -3.93 -0.62
CA HIS I 194 -30.29 -2.75 -0.50
C HIS I 194 -30.52 -2.41 0.96
N ASN I 195 -30.00 -1.29 1.38
CA ASN I 195 -30.11 -0.83 2.76
C ASN I 195 -29.59 -1.87 3.72
N GLY I 196 -28.51 -2.53 3.35
CA GLY I 196 -27.88 -3.52 4.18
C GLY I 196 -28.34 -4.95 3.97
N VAL I 197 -29.43 -5.17 3.24
CA VAL I 197 -29.89 -6.54 3.04
C VAL I 197 -29.44 -7.08 1.71
N CYS I 198 -28.77 -8.22 1.76
CA CYS I 198 -28.16 -8.84 0.61
C CYS I 198 -28.71 -10.25 0.35
N PRO I 199 -29.74 -10.44 -0.51
CA PRO I 199 -30.30 -11.73 -0.84
C PRO I 199 -29.24 -12.57 -1.55
N VAL I 200 -29.12 -13.83 -1.19
CA VAL I 200 -28.20 -14.73 -1.86
C VAL I 200 -28.92 -15.99 -2.28
N VAL I 201 -28.71 -16.41 -3.52
CA VAL I 201 -29.38 -17.60 -4.02
C VAL I 201 -28.49 -18.85 -3.87
N PHE I 202 -29.02 -19.88 -3.23
CA PHE I 202 -28.31 -21.15 -3.02
C PHE I 202 -29.07 -22.36 -3.54
N THR I 203 -28.35 -23.32 -4.07
CA THR I 203 -28.97 -24.56 -4.54
C THR I 203 -28.26 -25.76 -3.97
N ASP I 204 -29.01 -26.79 -3.58
CA ASP I 204 -28.45 -28.03 -3.08
C ASP I 204 -29.32 -29.19 -3.60
N GLY I 205 -28.76 -30.08 -4.40
CA GLY I 205 -29.56 -31.11 -5.01
C GLY I 205 -29.02 -31.49 -6.39
N SER I 206 -29.66 -32.45 -7.03
CA SER I 206 -29.17 -32.94 -8.31
C SER I 206 -29.12 -31.88 -9.37
N ALA I 207 -28.08 -31.92 -10.21
CA ALA I 207 -27.95 -30.97 -11.30
C ALA I 207 -28.67 -31.46 -12.56
N THR I 208 -29.23 -32.66 -12.49
CA THR I 208 -29.90 -33.30 -13.61
C THR I 208 -31.32 -33.66 -13.25
N GLY I 209 -31.88 -32.94 -12.30
CA GLY I 209 -33.22 -33.21 -11.82
C GLY I 209 -33.61 -32.10 -10.88
N PRO I 210 -34.72 -32.22 -10.17
CA PRO I 210 -35.21 -31.24 -9.23
C PRO I 210 -34.18 -31.04 -8.13
N ALA I 211 -34.13 -29.84 -7.58
CA ALA I 211 -33.20 -29.51 -6.51
C ALA I 211 -33.84 -28.51 -5.59
N ASP I 212 -33.35 -28.45 -4.36
CA ASP I 212 -33.87 -27.55 -3.35
C ASP I 212 -33.17 -26.21 -3.45
N THR I 213 -33.90 -25.22 -3.96
CA THR I 213 -33.35 -23.90 -4.21
C THR I 213 -33.91 -22.96 -3.16
N ARG I 214 -33.02 -22.19 -2.54
CA ARG I 214 -33.41 -21.27 -1.48
C ARG I 214 -32.79 -19.91 -1.61
N ILE I 215 -33.45 -18.93 -1.04
CA ILE I 215 -32.89 -17.60 -0.96
C ILE I 215 -32.74 -17.20 0.48
N TYR I 216 -31.54 -16.79 0.85
CA TYR I 216 -31.31 -16.34 2.21
C TYR I 216 -31.08 -14.85 2.17
N TYR I 217 -31.64 -14.16 3.14
CA TYR I 217 -31.48 -12.73 3.18
C TYR I 217 -30.57 -12.39 4.32
N PHE I 218 -29.41 -11.82 3.99
CA PHE I 218 -28.40 -11.52 4.97
C PHE I 218 -28.25 -10.04 5.28
N LYS I 219 -27.90 -9.73 6.52
CA LYS I 219 -27.56 -8.36 6.89
C LYS I 219 -26.35 -8.39 7.81
N GLU I 220 -25.28 -7.74 7.39
CA GLU I 220 -24.01 -7.72 8.11
C GLU I 220 -23.52 -9.13 8.41
N GLY I 221 -23.74 -10.03 7.46
CA GLY I 221 -23.30 -11.41 7.56
C GLY I 221 -24.27 -12.34 8.30
N LYS I 222 -25.33 -11.82 8.90
CA LYS I 222 -26.24 -12.68 9.64
C LYS I 222 -27.50 -12.93 8.85
N ILE I 223 -28.21 -14.01 9.14
CA ILE I 223 -29.41 -14.31 8.35
C ILE I 223 -30.66 -13.73 9.00
N LEU I 224 -31.40 -12.93 8.24
CA LEU I 224 -32.62 -12.31 8.72
C LEU I 224 -33.85 -13.14 8.37
N LYS I 225 -33.79 -13.74 7.20
CA LYS I 225 -34.92 -14.50 6.67
C LYS I 225 -34.44 -15.52 5.65
N TRP I 226 -35.27 -16.53 5.39
CA TRP I 226 -34.97 -17.42 4.29
C TRP I 226 -36.28 -17.79 3.62
N GLU I 227 -36.20 -18.14 2.34
CA GLU I 227 -37.36 -18.61 1.60
C GLU I 227 -37.05 -19.77 0.68
N SER I 228 -38.02 -20.63 0.48
CA SER I 228 -37.86 -21.68 -0.51
C SER I 228 -38.16 -21.03 -1.85
N LEU I 229 -37.58 -21.49 -2.93
CA LEU I 229 -37.88 -20.92 -4.23
C LEU I 229 -39.34 -21.07 -4.64
N THR I 230 -39.94 -19.98 -5.11
CA THR I 230 -41.30 -20.04 -5.62
C THR I 230 -41.38 -19.53 -7.04
N GLY I 231 -42.59 -19.53 -7.57
CA GLY I 231 -42.84 -19.08 -8.94
C GLY I 231 -42.82 -20.25 -9.89
N THR I 232 -42.62 -19.97 -11.19
CA THR I 232 -42.74 -21.00 -12.20
C THR I 232 -41.42 -21.52 -12.76
N ALA I 233 -40.28 -21.03 -12.28
CA ALA I 233 -39.01 -21.56 -12.75
C ALA I 233 -38.89 -22.99 -12.22
N LYS I 234 -38.34 -23.93 -13.00
CA LYS I 234 -38.26 -25.29 -12.48
C LYS I 234 -36.89 -25.73 -11.94
N HIS I 235 -35.82 -25.07 -12.35
CA HIS I 235 -34.49 -25.44 -11.88
C HIS I 235 -33.57 -24.25 -11.95
N ILE I 236 -32.96 -23.89 -10.83
CA ILE I 236 -32.08 -22.73 -10.78
C ILE I 236 -30.68 -22.88 -10.25
N GLU I 237 -29.72 -22.44 -11.07
CA GLU I 237 -28.31 -22.42 -10.66
C GLU I 237 -27.57 -21.15 -11.11
N GLU I 238 -26.53 -20.77 -10.36
CA GLU I 238 -25.61 -19.71 -10.79
C GLU I 238 -26.24 -18.37 -11.21
N CYS I 239 -27.12 -17.82 -10.38
CA CYS I 239 -27.80 -16.58 -10.74
C CYS I 239 -26.92 -15.34 -10.80
N SER I 240 -27.05 -14.59 -11.90
CA SER I 240 -26.39 -13.32 -12.15
C SER I 240 -27.33 -12.20 -11.80
N CYS I 241 -27.02 -11.42 -10.78
CA CYS I 241 -27.99 -10.45 -10.33
C CYS I 241 -27.51 -9.01 -10.44
N TYR I 242 -28.46 -8.12 -10.74
CA TYR I 242 -28.19 -6.70 -10.74
C TYR I 242 -29.36 -5.98 -10.09
N GLY I 243 -29.12 -4.81 -9.54
CA GLY I 243 -30.23 -4.09 -8.96
C GLY I 243 -30.57 -2.84 -9.68
N GLU I 244 -31.72 -2.31 -9.33
CA GLU I 244 -32.22 -1.08 -9.85
C GLU I 244 -33.19 -0.55 -8.80
N ARG I 245 -33.77 0.61 -9.03
CA ARG I 245 -34.75 1.18 -8.12
C ARG I 245 -36.00 0.34 -7.95
N THR I 246 -36.23 -0.60 -8.85
CA THR I 246 -37.40 -1.45 -8.82
C THR I 246 -37.18 -2.76 -8.06
N GLY I 247 -35.95 -3.04 -7.63
CA GLY I 247 -35.65 -4.31 -6.96
C GLY I 247 -34.43 -5.00 -7.56
N ILE I 248 -34.28 -6.28 -7.24
CA ILE I 248 -33.13 -7.05 -7.69
C ILE I 248 -33.54 -8.10 -8.70
N THR I 249 -32.91 -8.09 -9.86
CA THR I 249 -33.26 -9.02 -10.91
C THR I 249 -32.15 -9.98 -11.20
N CYS I 250 -32.48 -11.27 -11.19
CA CYS I 250 -31.46 -12.28 -11.44
C CYS I 250 -31.75 -13.17 -12.60
N THR I 251 -30.76 -13.40 -13.44
CA THR I 251 -30.90 -14.33 -14.56
C THR I 251 -30.08 -15.57 -14.25
N CYS I 252 -30.69 -16.73 -14.33
CA CYS I 252 -30.03 -17.93 -13.87
C CYS I 252 -29.91 -19.00 -14.94
N ARG I 253 -29.21 -20.09 -14.61
CA ARG I 253 -29.08 -21.22 -15.50
C ARG I 253 -30.06 -22.32 -15.15
N ASP I 254 -30.63 -22.96 -16.16
CA ASP I 254 -31.47 -24.14 -15.95
C ASP I 254 -30.73 -25.31 -16.52
N ASN I 255 -30.04 -26.04 -15.65
CA ASN I 255 -29.16 -27.11 -16.07
C ASN I 255 -29.91 -28.40 -16.24
N TRP I 256 -31.21 -28.39 -16.00
CA TRP I 256 -31.95 -29.61 -16.09
C TRP I 256 -32.61 -29.74 -17.43
N GLN I 257 -33.50 -28.79 -17.77
CA GLN I 257 -34.26 -28.92 -19.02
C GLN I 257 -34.22 -27.77 -20.02
N GLY I 258 -34.26 -26.52 -19.57
CA GLY I 258 -34.47 -25.40 -20.50
C GLY I 258 -33.29 -24.81 -21.24
N SER I 259 -33.59 -24.32 -22.45
CA SER I 259 -32.62 -23.57 -23.27
C SER I 259 -32.82 -22.06 -23.09
N ASN I 260 -33.88 -21.72 -22.40
CA ASN I 260 -34.22 -20.38 -22.04
C ASN I 260 -33.72 -20.21 -20.63
N ARG I 261 -33.82 -19.03 -20.06
CA ARG I 261 -33.30 -18.90 -18.71
C ARG I 261 -34.35 -18.47 -17.71
N PRO I 262 -34.31 -19.00 -16.47
CA PRO I 262 -35.07 -18.57 -15.33
C PRO I 262 -34.69 -17.17 -14.94
N VAL I 263 -35.65 -16.45 -14.44
CA VAL I 263 -35.47 -15.14 -13.89
C VAL I 263 -36.05 -15.07 -12.50
N ILE I 264 -35.30 -14.56 -11.55
CA ILE I 264 -35.82 -14.40 -10.20
C ILE I 264 -35.96 -12.92 -9.96
N GLN I 265 -37.12 -12.52 -9.52
CA GLN I 265 -37.37 -11.11 -9.24
C GLN I 265 -37.51 -10.96 -7.72
N ILE I 266 -36.56 -10.26 -7.11
CA ILE I 266 -36.47 -10.15 -5.66
C ILE I 266 -36.74 -8.74 -5.14
N ASP I 267 -37.63 -8.64 -4.15
CA ASP I 267 -37.92 -7.40 -3.49
C ASP I 267 -37.20 -7.39 -2.15
N PRO I 268 -36.06 -6.68 -1.98
CA PRO I 268 -35.21 -6.69 -0.82
C PRO I 268 -35.79 -6.00 0.39
N VAL I 269 -36.87 -5.25 0.21
CA VAL I 269 -37.45 -4.54 1.33
C VAL I 269 -38.44 -5.46 1.99
N ALA I 270 -39.25 -6.09 1.15
CA ALA I 270 -40.23 -7.03 1.62
C ALA I 270 -39.58 -8.37 1.90
N MET I 271 -38.44 -8.60 1.25
CA MET I 271 -37.71 -9.85 1.28
C MET I 271 -38.61 -10.95 0.78
N THR I 272 -39.18 -10.73 -0.41
CA THR I 272 -40.05 -11.69 -1.10
C THR I 272 -39.60 -11.84 -2.55
N HIS I 273 -40.06 -12.89 -3.23
CA HIS I 273 -39.66 -13.04 -4.61
C HIS I 273 -40.63 -13.85 -5.44
N THR I 274 -40.49 -13.72 -6.76
CA THR I 274 -41.20 -14.55 -7.73
C THR I 274 -40.25 -15.03 -8.81
N SER I 275 -40.72 -15.91 -9.69
CA SER I 275 -39.87 -16.39 -10.78
C SER I 275 -40.64 -16.80 -12.03
N GLN I 276 -39.93 -16.79 -13.15
CA GLN I 276 -40.43 -17.17 -14.47
C GLN I 276 -39.28 -17.37 -15.45
N TYR I 277 -39.56 -17.71 -16.69
CA TYR I 277 -38.53 -17.79 -17.71
C TYR I 277 -38.61 -16.57 -18.62
N ILE I 278 -37.52 -16.28 -19.33
CA ILE I 278 -37.59 -15.20 -20.32
C ILE I 278 -38.41 -15.72 -21.49
N CYS I 279 -39.49 -15.00 -21.84
CA CYS I 279 -40.44 -15.38 -22.89
C CYS I 279 -39.86 -15.39 -24.29
N SER I 280 -38.93 -14.51 -24.56
CA SER I 280 -38.35 -14.40 -25.89
C SER I 280 -37.96 -15.72 -26.52
N PRO I 281 -38.17 -15.91 -27.83
CA PRO I 281 -37.81 -17.05 -28.63
C PRO I 281 -36.31 -17.10 -28.82
N VAL I 282 -35.61 -16.06 -28.42
CA VAL I 282 -34.17 -16.06 -28.58
C VAL I 282 -33.65 -16.91 -27.43
N LEU I 283 -32.99 -18.01 -27.73
CA LEU I 283 -32.52 -18.88 -26.67
C LEU I 283 -31.13 -18.44 -26.25
N THR I 284 -30.83 -18.58 -24.96
CA THR I 284 -29.54 -18.10 -24.49
C THR I 284 -28.63 -19.10 -23.78
N ASP I 285 -29.04 -20.35 -23.59
CA ASP I 285 -28.17 -21.28 -22.91
C ASP I 285 -27.22 -21.98 -23.92
N ASN I 286 -26.36 -22.86 -23.43
CA ASN I 286 -25.38 -23.53 -24.27
C ASN I 286 -24.98 -24.91 -23.75
N PRO I 287 -25.23 -26.00 -24.49
CA PRO I 287 -25.85 -26.18 -25.79
C PRO I 287 -27.30 -25.82 -25.82
N ARG I 288 -27.78 -25.44 -26.99
CA ARG I 288 -29.18 -25.13 -27.19
C ARG I 288 -29.64 -25.58 -28.58
N PRO I 289 -30.95 -25.83 -28.79
CA PRO I 289 -31.56 -26.13 -30.06
C PRO I 289 -31.65 -24.83 -30.81
N ASN I 290 -32.00 -24.87 -32.07
CA ASN I 290 -32.16 -23.63 -32.81
C ASN I 290 -33.38 -22.84 -32.37
N ASP I 291 -33.26 -21.52 -32.46
CA ASP I 291 -34.31 -20.60 -32.06
C ASP I 291 -35.67 -20.84 -32.76
N PRO I 292 -36.77 -20.98 -32.00
CA PRO I 292 -38.13 -21.15 -32.44
C PRO I 292 -38.74 -19.83 -32.87
N ASN I 293 -39.91 -19.86 -33.45
CA ASN I 293 -40.61 -18.61 -33.70
C ASN I 293 -41.26 -18.06 -32.43
N ILE I 294 -41.71 -18.96 -31.55
CA ILE I 294 -42.40 -18.59 -30.31
C ILE I 294 -41.73 -19.21 -29.10
N GLY I 295 -41.45 -18.42 -28.06
CA GLY I 295 -40.81 -18.93 -26.86
C GLY I 295 -41.82 -19.36 -25.77
N LYS I 296 -41.30 -19.60 -24.56
CA LYS I 296 -42.11 -20.05 -23.42
C LYS I 296 -41.83 -19.18 -22.22
N CYS I 297 -42.82 -18.99 -21.36
CA CYS I 297 -42.63 -18.13 -20.20
C CYS I 297 -42.67 -18.85 -18.86
N ASN I 298 -43.47 -19.89 -18.76
CA ASN I 298 -43.64 -20.58 -17.48
C ASN I 298 -43.21 -22.02 -17.55
N ASP I 299 -42.32 -22.33 -18.47
CA ASP I 299 -41.86 -23.69 -18.66
C ASP I 299 -40.53 -23.61 -19.44
N PRO I 300 -39.55 -24.50 -19.16
CA PRO I 300 -38.30 -24.57 -19.86
C PRO I 300 -38.50 -24.94 -21.31
N TYR I 301 -37.70 -24.36 -22.18
CA TYR I 301 -37.77 -24.69 -23.59
C TYR I 301 -36.91 -25.92 -23.84
N PRO I 302 -37.46 -27.06 -24.30
CA PRO I 302 -36.80 -28.34 -24.47
C PRO I 302 -35.85 -28.43 -25.64
N GLY I 303 -34.97 -29.43 -25.60
CA GLY I 303 -34.06 -29.71 -26.71
C GLY I 303 -32.69 -30.22 -26.27
N ASN I 304 -32.16 -29.65 -25.20
CA ASN I 304 -30.84 -30.04 -24.69
C ASN I 304 -30.85 -30.19 -23.18
N ASN I 305 -30.87 -31.43 -22.71
CA ASN I 305 -30.99 -31.72 -21.28
C ASN I 305 -29.65 -31.88 -20.59
N ASN I 306 -29.66 -31.68 -19.28
CA ASN I 306 -28.53 -31.88 -18.37
C ASN I 306 -27.28 -31.08 -18.69
N ASN I 307 -27.42 -29.85 -19.17
CA ASN I 307 -26.26 -29.04 -19.47
C ASN I 307 -26.60 -27.55 -19.46
N GLY I 308 -25.61 -26.70 -19.71
CA GLY I 308 -25.83 -25.26 -19.78
C GLY I 308 -24.63 -24.46 -19.27
N VAL I 309 -24.72 -23.14 -19.43
CA VAL I 309 -23.68 -22.19 -19.05
C VAL I 309 -24.27 -20.99 -18.29
N LYS I 310 -23.54 -20.48 -17.31
CA LYS I 310 -23.93 -19.27 -16.59
C LYS I 310 -23.99 -18.10 -17.57
N GLY I 311 -24.99 -17.23 -17.43
CA GLY I 311 -25.11 -16.09 -18.31
C GLY I 311 -25.95 -14.99 -17.70
N PHE I 312 -26.30 -13.99 -18.48
CA PHE I 312 -27.06 -12.88 -17.94
C PHE I 312 -27.88 -12.16 -18.96
N SER I 313 -28.75 -11.32 -18.44
CA SER I 313 -29.55 -10.43 -19.24
C SER I 313 -29.86 -9.20 -18.44
N TYR I 314 -30.17 -8.12 -19.15
CA TYR I 314 -30.68 -6.90 -18.55
C TYR I 314 -32.07 -6.72 -19.04
N LEU I 315 -33.03 -6.77 -18.14
CA LEU I 315 -34.40 -6.72 -18.55
C LEU I 315 -35.00 -5.39 -18.17
N ASP I 316 -35.36 -4.58 -19.17
CA ASP I 316 -35.88 -3.24 -18.92
C ASP I 316 -36.83 -2.76 -20.02
N GLY I 317 -37.82 -3.58 -20.32
CA GLY I 317 -38.77 -3.21 -21.36
C GLY I 317 -38.07 -3.07 -22.69
N ALA I 318 -38.21 -1.94 -23.36
CA ALA I 318 -37.56 -1.74 -24.64
C ALA I 318 -36.03 -1.80 -24.50
N ASN I 319 -35.49 -1.40 -23.35
CA ASN I 319 -34.06 -1.35 -23.11
C ASN I 319 -33.56 -2.69 -22.60
N THR I 320 -33.85 -3.73 -23.34
CA THR I 320 -33.50 -5.09 -22.95
C THR I 320 -32.47 -5.73 -23.80
N TRP I 321 -31.43 -6.20 -23.15
CA TRP I 321 -30.32 -6.88 -23.81
C TRP I 321 -30.07 -8.26 -23.26
N LEU I 322 -29.81 -9.21 -24.14
CA LEU I 322 -29.54 -10.58 -23.73
C LEU I 322 -28.14 -10.98 -24.13
N GLY I 323 -27.41 -11.65 -23.26
CA GLY I 323 -26.11 -12.12 -23.71
C GLY I 323 -26.16 -13.61 -24.02
N ARG I 324 -25.36 -14.07 -24.98
CA ARG I 324 -25.30 -15.49 -25.26
C ARG I 324 -24.06 -15.86 -26.06
N THR I 325 -23.76 -17.14 -26.17
CA THR I 325 -22.65 -17.62 -27.00
C THR I 325 -23.09 -17.60 -28.43
N ILE I 326 -22.16 -17.75 -29.36
CA ILE I 326 -22.55 -17.75 -30.75
C ILE I 326 -22.77 -19.18 -31.18
N SER I 327 -21.90 -20.06 -30.75
CA SER I 327 -22.11 -21.44 -31.08
C SER I 327 -23.28 -21.95 -30.27
N THR I 328 -24.01 -22.89 -30.85
CA THR I 328 -25.11 -23.55 -30.18
C THR I 328 -24.67 -24.91 -29.64
N ALA I 329 -23.47 -25.34 -30.07
CA ALA I 329 -22.95 -26.65 -29.69
C ALA I 329 -21.90 -26.59 -28.60
N SER I 330 -21.21 -25.47 -28.48
CA SER I 330 -20.11 -25.37 -27.53
C SER I 330 -19.93 -23.96 -27.03
N ARG I 331 -19.14 -23.78 -25.98
CA ARG I 331 -18.96 -22.45 -25.43
C ARG I 331 -17.94 -21.59 -26.15
N SER I 332 -18.35 -21.10 -27.33
CA SER I 332 -17.49 -20.25 -28.16
C SER I 332 -18.26 -19.04 -28.67
N GLY I 333 -17.53 -17.94 -28.79
CA GLY I 333 -18.08 -16.69 -29.25
C GLY I 333 -18.88 -16.06 -28.16
N TYR I 334 -19.29 -14.83 -28.36
CA TYR I 334 -20.17 -14.20 -27.42
C TYR I 334 -20.78 -12.99 -28.06
N GLU I 335 -22.07 -12.80 -27.90
CA GLU I 335 -22.74 -11.65 -28.47
C GLU I 335 -23.81 -11.07 -27.56
N MET I 336 -24.09 -9.80 -27.78
CA MET I 336 -25.16 -9.10 -27.10
C MET I 336 -26.28 -8.75 -28.06
N LEU I 337 -27.51 -9.05 -27.70
CA LEU I 337 -28.63 -8.75 -28.56
C LEU I 337 -29.65 -7.86 -27.90
N LYS I 338 -30.11 -6.84 -28.59
CA LYS I 338 -31.14 -5.96 -28.07
C LYS I 338 -32.42 -6.55 -28.56
N VAL I 339 -33.19 -7.09 -27.63
CA VAL I 339 -34.43 -7.82 -27.87
C VAL I 339 -35.51 -7.24 -27.00
N PRO I 340 -36.25 -6.24 -27.50
CA PRO I 340 -37.20 -5.47 -26.74
C PRO I 340 -38.23 -6.35 -26.09
N ASN I 341 -38.51 -6.06 -24.84
CA ASN I 341 -39.48 -6.77 -24.04
C ASN I 341 -39.25 -8.27 -24.00
N ALA I 342 -38.00 -8.74 -24.03
CA ALA I 342 -37.71 -10.16 -24.03
C ALA I 342 -38.30 -10.89 -22.85
N LEU I 343 -38.41 -10.25 -21.70
CA LEU I 343 -38.95 -10.95 -20.56
C LEU I 343 -40.39 -11.38 -20.75
N THR I 344 -41.21 -10.54 -21.40
CA THR I 344 -42.64 -10.82 -21.52
C THR I 344 -43.18 -11.09 -22.92
N ASP I 345 -42.44 -10.75 -23.97
CA ASP I 345 -42.93 -10.93 -25.34
C ASP I 345 -42.39 -12.21 -26.00
N ASP I 346 -43.26 -13.22 -26.14
CA ASP I 346 -42.88 -14.54 -26.62
C ASP I 346 -42.55 -14.59 -28.11
N ARG I 347 -42.79 -13.50 -28.84
CA ARG I 347 -42.43 -13.44 -30.24
C ARG I 347 -41.34 -12.40 -30.55
N SER I 348 -40.71 -11.83 -29.52
CA SER I 348 -39.71 -10.78 -29.76
C SER I 348 -38.43 -11.29 -30.42
N LYS I 349 -37.87 -10.49 -31.31
CA LYS I 349 -36.62 -10.81 -32.01
C LYS I 349 -35.68 -9.63 -31.89
N PRO I 350 -34.36 -9.81 -32.06
CA PRO I 350 -33.39 -8.75 -31.98
C PRO I 350 -33.60 -7.66 -33.00
N ILE I 351 -33.35 -6.43 -32.58
CA ILE I 351 -33.41 -5.29 -33.50
C ILE I 351 -32.05 -4.65 -33.62
N GLN I 352 -31.14 -5.01 -32.73
CA GLN I 352 -29.78 -4.45 -32.73
C GLN I 352 -28.86 -5.43 -32.02
N GLY I 353 -27.57 -5.43 -32.33
CA GLY I 353 -26.68 -6.28 -31.52
C GLY I 353 -25.21 -5.92 -31.64
N GLN I 354 -24.38 -6.64 -30.90
CA GLN I 354 -22.94 -6.39 -30.90
C GLN I 354 -22.15 -7.66 -30.63
N THR I 355 -21.10 -7.90 -31.41
CA THR I 355 -20.25 -9.07 -31.19
C THR I 355 -19.19 -8.73 -30.18
N ILE I 356 -19.01 -9.60 -29.19
CA ILE I 356 -18.02 -9.36 -28.16
C ILE I 356 -16.82 -10.25 -28.43
N VAL I 357 -17.08 -11.52 -28.71
CA VAL I 357 -16.06 -12.52 -28.97
C VAL I 357 -16.48 -13.24 -30.26
N LEU I 358 -15.54 -13.51 -31.15
CA LEU I 358 -15.88 -14.22 -32.39
C LEU I 358 -16.04 -15.68 -32.08
N ASN I 359 -16.83 -16.42 -32.87
CA ASN I 359 -17.06 -17.84 -32.61
C ASN I 359 -15.87 -18.71 -32.91
N ALA I 360 -14.84 -18.12 -33.45
CA ALA I 360 -13.60 -18.81 -33.69
C ALA I 360 -12.83 -18.99 -32.38
N ASP I 361 -13.15 -18.15 -31.40
CA ASP I 361 -12.47 -18.12 -30.12
C ASP I 361 -13.32 -18.69 -29.00
N TRP I 362 -12.66 -19.22 -28.00
CA TRP I 362 -13.35 -19.80 -26.88
C TRP I 362 -13.90 -18.74 -25.95
N SER I 363 -15.08 -19.03 -25.40
CA SER I 363 -15.79 -18.19 -24.46
C SER I 363 -15.94 -18.93 -23.16
N GLY I 364 -17.04 -18.70 -22.46
CA GLY I 364 -17.19 -19.28 -21.13
C GLY I 364 -18.37 -18.69 -20.39
N TYR I 365 -18.25 -18.66 -19.07
CA TYR I 365 -19.33 -18.15 -18.24
C TYR I 365 -19.38 -16.65 -18.34
N SER I 366 -20.55 -16.08 -18.26
CA SER I 366 -20.65 -14.63 -18.26
C SER I 366 -21.59 -14.19 -17.19
N GLY I 367 -21.58 -12.90 -16.90
CA GLY I 367 -22.48 -12.40 -15.87
C GLY I 367 -22.50 -10.90 -15.79
N SER I 368 -23.38 -10.36 -14.96
CA SER I 368 -23.54 -8.91 -14.83
C SER I 368 -22.92 -8.33 -13.57
N PHE I 369 -22.64 -7.02 -13.61
CA PHE I 369 -22.18 -6.27 -12.43
C PHE I 369 -22.47 -4.80 -12.62
N MET I 370 -22.43 -4.03 -11.54
CA MET I 370 -22.59 -2.56 -11.65
C MET I 370 -21.82 -1.76 -10.64
N ASP I 371 -21.53 -0.52 -10.98
CA ASP I 371 -20.94 0.38 -9.99
C ASP I 371 -22.06 1.19 -9.36
N TYR I 372 -22.45 0.79 -8.17
CA TYR I 372 -23.63 1.38 -7.55
C TYR I 372 -23.30 2.66 -6.83
N TRP I 373 -22.03 3.05 -6.88
CA TRP I 373 -21.56 4.27 -6.25
C TRP I 373 -21.12 5.30 -7.26
N ALA I 374 -21.33 5.03 -8.55
CA ALA I 374 -20.90 5.94 -9.60
C ALA I 374 -21.76 7.19 -9.63
N GLU I 375 -21.16 8.29 -10.04
CA GLU I 375 -21.87 9.56 -10.22
C GLU I 375 -22.76 9.49 -11.44
N GLY I 376 -23.91 10.13 -11.36
CA GLY I 376 -24.86 10.18 -12.47
C GLY I 376 -26.25 9.94 -11.95
N ASP I 377 -27.24 10.01 -12.82
CA ASP I 377 -28.63 9.82 -12.46
C ASP I 377 -29.22 8.45 -12.82
N CYS I 378 -28.35 7.54 -13.23
CA CYS I 378 -28.73 6.19 -13.61
C CYS I 378 -27.55 5.23 -13.41
N TYR I 379 -27.80 3.93 -13.44
CA TYR I 379 -26.72 2.98 -13.30
C TYR I 379 -26.22 2.52 -14.64
N ARG I 380 -24.91 2.45 -14.78
CA ARG I 380 -24.34 2.00 -16.03
C ARG I 380 -24.19 0.50 -15.95
N ALA I 381 -24.92 -0.19 -16.80
CA ALA I 381 -24.87 -1.66 -16.81
C ALA I 381 -23.54 -2.16 -17.30
N CYS I 382 -22.99 -3.20 -16.67
CA CYS I 382 -21.75 -3.79 -17.17
C CYS I 382 -21.82 -5.31 -17.15
N PHE I 383 -20.91 -5.97 -17.86
CA PHE I 383 -20.87 -7.42 -17.82
C PHE I 383 -19.48 -7.97 -18.10
N TYR I 384 -19.28 -9.23 -17.78
CA TYR I 384 -18.01 -9.86 -18.06
C TYR I 384 -18.17 -11.20 -18.72
N VAL I 385 -17.15 -11.62 -19.45
CA VAL I 385 -17.11 -12.94 -20.05
C VAL I 385 -15.79 -13.65 -19.71
N GLU I 386 -15.90 -14.89 -19.26
CA GLU I 386 -14.77 -15.75 -18.98
C GLU I 386 -14.28 -16.31 -20.29
N LEU I 387 -13.00 -16.24 -20.57
CA LEU I 387 -12.52 -16.85 -21.80
C LEU I 387 -11.70 -18.07 -21.42
N ILE I 388 -12.24 -19.25 -21.65
CA ILE I 388 -11.58 -20.46 -21.18
C ILE I 388 -10.60 -21.02 -22.17
N ARG I 389 -9.39 -21.29 -21.68
CA ARG I 389 -8.32 -21.85 -22.48
C ARG I 389 -7.85 -23.15 -21.87
N GLY I 390 -7.32 -24.03 -22.71
CA GLY I 390 -6.81 -25.30 -22.21
C GLY I 390 -7.93 -26.33 -22.15
N ARG I 391 -7.83 -27.22 -21.19
CA ARG I 391 -8.79 -28.29 -21.12
C ARG I 391 -10.15 -27.67 -20.83
N PRO I 392 -11.22 -28.30 -21.28
CA PRO I 392 -11.38 -29.55 -22.00
C PRO I 392 -11.30 -29.48 -23.53
N LYS I 393 -10.92 -28.33 -24.12
CA LYS I 393 -10.96 -28.25 -25.57
C LYS I 393 -9.59 -28.33 -26.21
N GLU I 394 -8.58 -27.84 -25.52
CA GLU I 394 -7.24 -27.85 -26.07
C GLU I 394 -6.45 -28.89 -25.32
N ASP I 395 -6.37 -30.10 -25.86
CA ASP I 395 -5.82 -31.21 -25.12
C ASP I 395 -4.32 -31.33 -25.17
N LYS I 396 -3.70 -30.36 -25.81
CA LYS I 396 -2.27 -30.27 -25.91
C LYS I 396 -1.69 -29.86 -24.56
N VAL I 397 -2.51 -29.31 -23.67
CA VAL I 397 -2.04 -28.93 -22.36
C VAL I 397 -2.86 -29.65 -21.31
N TRP I 398 -2.34 -29.76 -20.10
CA TRP I 398 -3.04 -30.44 -19.02
C TRP I 398 -3.77 -29.53 -18.05
N TRP I 399 -3.67 -28.24 -18.29
CA TRP I 399 -4.28 -27.22 -17.47
C TRP I 399 -5.52 -26.64 -18.09
N THR I 400 -6.35 -26.02 -17.25
CA THR I 400 -7.47 -25.22 -17.74
C THR I 400 -7.33 -23.91 -17.02
N SER I 401 -7.59 -22.81 -17.68
CA SER I 401 -7.49 -21.49 -17.07
C SER I 401 -8.34 -20.50 -17.83
N ASN I 402 -8.44 -19.27 -17.34
CA ASN I 402 -9.24 -18.32 -18.06
C ASN I 402 -8.68 -16.92 -18.01
N SER I 403 -9.12 -16.12 -18.97
CA SER I 403 -8.85 -14.69 -19.00
C SER I 403 -10.17 -13.96 -18.82
N ILE I 404 -10.13 -12.71 -18.39
CA ILE I 404 -11.37 -11.95 -18.21
C ILE I 404 -11.50 -10.77 -19.13
N VAL I 405 -12.63 -10.67 -19.81
CA VAL I 405 -12.94 -9.48 -20.61
C VAL I 405 -14.20 -8.85 -20.02
N SER I 406 -14.18 -7.55 -19.82
CA SER I 406 -15.31 -6.83 -19.22
C SER I 406 -15.69 -5.59 -19.98
N MET I 407 -16.99 -5.38 -20.16
CA MET I 407 -17.53 -4.25 -20.92
C MET I 407 -18.70 -3.54 -20.24
N CYS I 408 -18.83 -2.25 -20.50
CA CYS I 408 -19.93 -1.45 -19.96
C CYS I 408 -20.74 -0.76 -21.02
N SER I 409 -21.99 -0.47 -20.70
CA SER I 409 -22.86 0.20 -21.61
C SER I 409 -22.53 1.65 -21.78
N SER I 410 -23.03 2.19 -22.89
CA SER I 410 -22.98 3.59 -23.26
C SER I 410 -24.21 3.98 -24.02
N THR I 411 -24.50 5.28 -23.97
CA THR I 411 -25.63 5.86 -24.68
C THR I 411 -25.28 6.22 -26.11
N GLU I 412 -24.01 6.19 -26.47
CA GLU I 412 -23.57 6.47 -27.84
C GLU I 412 -23.66 5.20 -28.65
N PHE I 413 -23.73 5.27 -29.98
CA PHE I 413 -23.65 4.04 -30.76
C PHE I 413 -22.21 3.93 -31.17
N LEU I 414 -21.45 3.11 -30.48
CA LEU I 414 -20.02 3.04 -30.67
C LEU I 414 -19.65 1.89 -31.56
N GLY I 415 -18.49 1.99 -32.19
CA GLY I 415 -17.98 0.90 -33.02
C GLY I 415 -17.67 -0.32 -32.17
N GLN I 416 -17.68 -1.49 -32.82
CA GLN I 416 -17.43 -2.76 -32.15
C GLN I 416 -16.14 -3.40 -32.58
N TRP I 417 -15.61 -4.28 -31.73
CA TRP I 417 -14.40 -4.99 -32.02
C TRP I 417 -14.44 -6.24 -31.21
N ASN I 418 -14.08 -7.37 -31.77
CA ASN I 418 -14.00 -8.55 -30.96
C ASN I 418 -12.83 -8.44 -30.01
N TRP I 419 -13.02 -8.98 -28.82
CA TRP I 419 -12.02 -9.00 -27.77
C TRP I 419 -11.64 -10.41 -27.31
N PRO I 420 -10.84 -11.15 -28.08
CA PRO I 420 -10.46 -12.53 -27.92
C PRO I 420 -9.43 -12.65 -26.85
N ASP I 421 -9.14 -13.86 -26.44
CA ASP I 421 -8.02 -14.08 -25.54
C ASP I 421 -6.71 -13.99 -26.31
N GLY I 422 -6.48 -14.92 -27.21
CA GLY I 422 -5.31 -14.83 -28.06
C GLY I 422 -4.02 -15.44 -27.55
N ALA I 423 -3.99 -15.98 -26.34
CA ALA I 423 -2.71 -16.56 -25.95
C ALA I 423 -2.43 -17.69 -26.95
N LYS I 424 -1.20 -17.84 -27.39
CA LYS I 424 -0.94 -18.90 -28.34
C LYS I 424 -0.65 -20.18 -27.57
N ILE I 425 -1.45 -21.21 -27.81
CA ILE I 425 -1.32 -22.40 -27.00
C ILE I 425 0.01 -23.10 -27.22
N GLU I 426 0.58 -22.99 -28.40
CA GLU I 426 1.85 -23.63 -28.70
C GLU I 426 3.00 -23.14 -27.85
N TYR I 427 2.87 -21.97 -27.27
CA TYR I 427 3.94 -21.41 -26.46
C TYR I 427 4.02 -22.12 -25.12
N PHE I 428 2.98 -22.87 -24.78
CA PHE I 428 2.90 -23.58 -23.53
C PHE I 428 3.27 -25.04 -23.72
N LEU I 429 3.73 -25.40 -24.92
CA LEU I 429 4.06 -26.78 -25.20
C LEU I 429 5.56 -26.93 -25.33
N ARG J 42 -6.81 4.72 20.16
CA ARG J 42 -6.97 3.34 20.58
C ARG J 42 -6.89 3.18 22.09
N ASN J 43 -7.23 1.99 22.55
CA ASN J 43 -7.23 1.60 23.95
C ASN J 43 -6.70 0.20 24.02
N PHE J 44 -6.20 -0.20 25.17
CA PHE J 44 -5.69 -1.55 25.27
C PHE J 44 -6.81 -2.56 25.26
N ASN J 45 -6.55 -3.71 24.68
CA ASN J 45 -7.53 -4.77 24.67
C ASN J 45 -7.70 -5.36 26.04
N ASN J 46 -8.96 -5.47 26.48
CA ASN J 46 -9.28 -6.07 27.76
C ASN J 46 -10.00 -7.39 27.53
N LEU J 47 -9.62 -8.41 28.29
CA LEU J 47 -10.28 -9.69 28.13
C LEU J 47 -11.55 -9.69 28.93
N THR J 48 -12.64 -9.33 28.28
CA THR J 48 -13.95 -9.21 28.92
C THR J 48 -14.99 -10.25 28.50
N LYS J 49 -14.76 -10.97 27.41
CA LYS J 49 -15.77 -11.91 26.91
C LYS J 49 -15.42 -13.37 27.20
N GLY J 50 -16.41 -14.27 27.13
CA GLY J 50 -16.14 -15.69 27.34
C GLY J 50 -15.91 -16.35 26.00
N LEU J 51 -15.75 -17.67 25.96
CA LEU J 51 -15.60 -18.33 24.65
C LEU J 51 -16.97 -18.71 24.09
N CYS J 52 -17.07 -18.72 22.77
CA CYS J 52 -18.29 -19.15 22.10
C CYS J 52 -18.37 -20.67 22.12
N THR J 53 -19.57 -21.22 22.24
CA THR J 53 -19.74 -22.66 22.23
C THR J 53 -19.17 -23.26 20.96
N ILE J 54 -18.36 -24.30 21.11
CA ILE J 54 -17.77 -24.93 19.96
C ILE J 54 -18.47 -26.24 19.66
N ASN J 55 -19.22 -26.27 18.56
CA ASN J 55 -19.90 -27.48 18.15
C ASN J 55 -19.13 -28.12 17.01
N SER J 56 -18.48 -27.30 16.19
CA SER J 56 -17.68 -27.82 15.08
C SER J 56 -16.67 -26.79 14.60
N TRP J 57 -15.71 -27.20 13.76
CA TRP J 57 -14.72 -26.27 13.22
C TRP J 57 -14.86 -26.08 11.70
N HIS J 58 -14.58 -24.88 11.19
CA HIS J 58 -14.66 -24.57 9.76
C HIS J 58 -13.39 -23.92 9.24
N ILE J 59 -13.15 -24.03 7.94
CA ILE J 59 -11.92 -23.47 7.40
C ILE J 59 -11.88 -21.96 7.51
N TYR J 60 -10.75 -21.44 7.99
CA TYR J 60 -10.51 -20.02 8.17
C TYR J 60 -9.50 -19.54 7.14
N GLY J 61 -8.45 -20.33 6.95
CA GLY J 61 -7.39 -19.96 6.02
C GLY J 61 -6.50 -21.14 5.65
N LYS J 62 -5.78 -20.96 4.55
CA LYS J 62 -4.88 -21.98 4.02
C LYS J 62 -4.00 -21.31 3.00
N ASP J 63 -2.68 -21.39 3.14
CA ASP J 63 -1.86 -20.67 2.16
C ASP J 63 -1.38 -21.45 0.93
N ASN J 64 -1.37 -22.76 1.00
CA ASN J 64 -0.88 -23.60 -0.09
C ASN J 64 0.54 -23.22 -0.43
N ALA J 65 1.35 -22.87 0.58
CA ALA J 65 2.71 -22.42 0.29
C ALA J 65 3.60 -23.41 -0.44
N VAL J 66 3.56 -24.68 -0.11
CA VAL J 66 4.50 -25.58 -0.78
C VAL J 66 4.07 -25.80 -2.22
N ARG J 67 2.77 -25.96 -2.44
CA ARG J 67 2.20 -26.17 -3.75
C ARG J 67 2.50 -25.00 -4.69
N ILE J 68 2.27 -23.77 -4.22
CA ILE J 68 2.53 -22.60 -5.06
C ILE J 68 4.01 -22.46 -5.32
N GLY J 69 4.81 -22.68 -4.27
CA GLY J 69 6.25 -22.56 -4.27
C GLY J 69 6.97 -23.49 -5.22
N GLU J 70 6.29 -24.47 -5.81
CA GLU J 70 6.94 -25.35 -6.76
C GLU J 70 7.48 -24.54 -7.91
N SER J 71 6.79 -23.47 -8.31
CA SER J 71 7.28 -22.67 -9.41
C SER J 71 6.98 -21.20 -9.26
N SER J 72 7.40 -20.62 -8.14
CA SER J 72 7.20 -19.21 -7.80
C SER J 72 8.20 -18.81 -6.70
N ASP J 73 8.35 -17.52 -6.42
CA ASP J 73 9.30 -17.10 -5.38
C ASP J 73 8.77 -17.10 -3.96
N VAL J 74 8.62 -18.31 -3.44
CA VAL J 74 8.09 -18.57 -2.09
C VAL J 74 9.21 -19.03 -1.16
N LEU J 75 9.27 -18.40 0.01
CA LEU J 75 10.27 -18.66 1.03
C LEU J 75 10.07 -19.94 1.78
N VAL J 76 11.18 -20.50 2.22
CA VAL J 76 11.17 -21.66 3.08
C VAL J 76 10.96 -21.18 4.49
N THR J 77 9.96 -21.71 5.15
CA THR J 77 9.64 -21.36 6.51
C THR J 77 9.40 -22.59 7.34
N ARG J 78 9.36 -22.40 8.65
CA ARG J 78 8.99 -23.37 9.67
C ARG J 78 8.33 -22.71 10.87
N GLU J 79 7.64 -23.51 11.68
CA GLU J 79 7.09 -23.04 12.93
C GLU J 79 6.18 -21.83 12.80
N PRO J 80 5.08 -21.95 12.05
CA PRO J 80 4.14 -20.93 11.76
C PRO J 80 3.24 -20.66 12.91
N TYR J 81 2.61 -19.51 12.89
CA TYR J 81 1.54 -19.19 13.80
C TYR J 81 0.65 -18.14 13.21
N VAL J 82 -0.51 -17.92 13.78
CA VAL J 82 -1.40 -16.92 13.26
C VAL J 82 -1.68 -15.94 14.36
N SER J 83 -1.69 -14.67 14.03
CA SER J 83 -1.97 -13.63 15.02
C SER J 83 -2.69 -12.47 14.42
N CYS J 84 -3.61 -11.89 15.18
CA CYS J 84 -4.40 -10.80 14.64
C CYS J 84 -4.15 -9.44 15.29
N ASP J 85 -4.26 -8.39 14.47
CA ASP J 85 -4.22 -7.00 14.89
C ASP J 85 -5.69 -6.58 14.94
N PRO J 86 -6.07 -5.37 15.39
CA PRO J 86 -7.43 -4.89 15.42
C PRO J 86 -8.19 -4.92 14.11
N ASP J 87 -7.53 -4.84 12.97
CA ASP J 87 -8.22 -4.89 11.70
C ASP J 87 -7.63 -5.84 10.67
N GLU J 88 -6.75 -6.75 11.09
CA GLU J 88 -6.11 -7.65 10.13
C GLU J 88 -5.55 -8.94 10.72
N CYS J 89 -5.72 -10.06 10.06
CA CYS J 89 -5.03 -11.25 10.53
C CYS J 89 -3.94 -11.60 9.55
N ARG J 90 -2.78 -11.99 10.10
CA ARG J 90 -1.63 -12.36 9.31
C ARG J 90 -1.03 -13.67 9.75
N PHE J 91 -0.33 -14.30 8.84
CA PHE J 91 0.39 -15.50 9.14
C PHE J 91 1.78 -15.10 9.52
N TYR J 92 2.35 -15.77 10.50
CA TYR J 92 3.70 -15.54 10.97
C TYR J 92 4.51 -16.81 10.87
N ALA J 93 5.79 -16.70 10.58
CA ALA J 93 6.63 -17.90 10.56
C ALA J 93 8.08 -17.54 10.62
N LEU J 94 8.93 -18.51 10.91
CA LEU J 94 10.35 -18.25 10.87
C LEU J 94 10.91 -18.69 9.52
N SER J 95 11.48 -17.74 8.81
CA SER J 95 12.06 -17.91 7.49
C SER J 95 13.46 -18.41 7.56
N GLN J 96 13.89 -19.17 6.56
CA GLN J 96 15.28 -19.65 6.44
C GLN J 96 16.16 -18.76 5.55
N GLY J 97 15.58 -17.67 5.04
CA GLY J 97 16.32 -16.75 4.19
C GLY J 97 16.55 -17.27 2.77
N THR J 98 15.67 -18.12 2.29
CA THR J 98 15.82 -18.69 0.96
C THR J 98 14.51 -19.17 0.42
N THR J 99 14.41 -19.27 -0.91
CA THR J 99 13.22 -19.80 -1.54
C THR J 99 13.26 -21.32 -1.66
N ILE J 100 12.10 -21.91 -1.87
CA ILE J 100 11.95 -23.36 -1.92
C ILE J 100 12.76 -23.99 -3.03
N ARG J 101 12.78 -23.36 -4.20
CA ARG J 101 13.52 -23.95 -5.31
C ARG J 101 14.94 -23.40 -5.43
N GLY J 102 15.40 -22.60 -4.47
CA GLY J 102 16.75 -22.06 -4.60
C GLY J 102 17.73 -23.10 -4.13
N LYS J 103 19.02 -22.86 -4.32
CA LYS J 103 19.98 -23.87 -3.89
C LYS J 103 20.34 -23.74 -2.44
N HIS J 104 19.91 -22.67 -1.82
CA HIS J 104 20.20 -22.48 -0.42
C HIS J 104 19.15 -23.18 0.41
N SER J 105 18.23 -23.87 -0.24
CA SER J 105 17.20 -24.68 0.46
C SER J 105 17.81 -25.99 0.97
N ASN J 106 18.97 -26.37 0.42
CA ASN J 106 19.67 -27.60 0.85
C ASN J 106 20.19 -27.39 2.27
N GLY J 107 19.61 -28.08 3.25
CA GLY J 107 20.06 -27.98 4.65
C GLY J 107 19.12 -27.15 5.49
N THR J 108 17.92 -26.87 4.98
CA THR J 108 16.94 -26.12 5.79
C THR J 108 16.34 -26.89 6.94
N ILE J 109 16.74 -28.13 7.09
CA ILE J 109 16.36 -28.96 8.21
C ILE J 109 16.81 -28.40 9.55
N HIS J 110 17.88 -27.61 9.57
CA HIS J 110 18.37 -27.07 10.82
C HIS J 110 17.48 -26.01 11.44
N ASP J 111 17.43 -26.00 12.77
CA ASP J 111 16.57 -25.10 13.52
C ASP J 111 17.18 -23.74 13.85
N ARG J 112 18.49 -23.68 14.02
CA ARG J 112 19.07 -22.42 14.45
C ARG J 112 20.22 -21.98 13.58
N SER J 113 20.08 -20.79 13.02
CA SER J 113 21.08 -20.18 12.15
C SER J 113 20.88 -18.68 12.11
N GLN J 114 21.88 -17.98 11.60
CA GLN J 114 21.87 -16.52 11.49
C GLN J 114 20.86 -15.99 10.50
N TYR J 115 20.38 -16.87 9.66
CA TYR J 115 19.51 -16.54 8.57
C TYR J 115 18.07 -16.53 8.96
N ARG J 116 17.76 -16.99 10.16
CA ARG J 116 16.38 -17.06 10.55
C ARG J 116 15.79 -15.77 11.02
N ALA J 117 14.58 -15.52 10.56
CA ALA J 117 13.88 -14.31 10.97
C ALA J 117 12.41 -14.51 11.03
N LEU J 118 11.75 -13.69 11.83
CA LEU J 118 10.32 -13.73 11.96
C LEU J 118 9.69 -12.81 10.99
N ILE J 119 8.86 -13.39 10.13
CA ILE J 119 8.20 -12.65 9.09
C ILE J 119 6.73 -12.81 9.20
N SER J 120 5.99 -11.91 8.56
CA SER J 120 4.56 -12.07 8.52
C SER J 120 4.04 -11.69 7.16
N TRP J 121 2.91 -12.27 6.80
CA TRP J 121 2.32 -11.98 5.52
C TRP J 121 0.80 -12.12 5.62
N PRO J 122 0.00 -11.56 4.71
CA PRO J 122 -1.45 -11.59 4.76
C PRO J 122 -1.99 -12.98 4.85
N LEU J 123 -3.04 -13.16 5.63
CA LEU J 123 -3.62 -14.48 5.80
C LEU J 123 -4.09 -15.09 4.50
N SER J 124 -3.73 -16.36 4.35
CA SER J 124 -3.99 -17.26 3.22
C SER J 124 -3.18 -16.97 1.96
N SER J 125 -2.25 -16.04 2.01
CA SER J 125 -1.33 -15.86 0.90
C SER J 125 -0.10 -16.65 1.27
N PRO J 126 0.73 -17.13 0.33
CA PRO J 126 1.98 -17.80 0.60
C PRO J 126 3.01 -16.80 1.12
N PRO J 127 4.06 -17.25 1.83
CA PRO J 127 5.16 -16.48 2.36
C PRO J 127 6.12 -16.14 1.29
N THR J 128 5.74 -15.22 0.44
CA THR J 128 6.59 -14.90 -0.68
C THR J 128 7.69 -13.97 -0.29
N VAL J 129 8.65 -13.86 -1.20
CA VAL J 129 9.78 -12.96 -1.03
C VAL J 129 9.31 -11.52 -1.08
N TYR J 130 8.38 -11.26 -1.98
CA TYR J 130 7.91 -9.93 -2.28
C TYR J 130 6.76 -9.38 -1.43
N ASN J 131 6.00 -10.21 -0.70
CA ASN J 131 4.89 -9.61 0.08
C ASN J 131 5.09 -9.74 1.58
N SER J 132 6.23 -10.26 1.99
CA SER J 132 6.48 -10.50 3.40
C SER J 132 7.15 -9.33 4.08
N ARG J 133 6.87 -9.17 5.36
CA ARG J 133 7.50 -8.15 6.17
C ARG J 133 8.27 -8.80 7.29
N VAL J 134 9.48 -8.34 7.56
CA VAL J 134 10.24 -8.93 8.65
C VAL J 134 9.92 -8.18 9.92
N GLU J 135 9.57 -8.90 10.96
CA GLU J 135 9.20 -8.29 12.23
C GLU J 135 10.45 -8.14 13.10
N CYS J 136 11.27 -9.20 13.14
CA CYS J 136 12.51 -9.23 13.91
C CYS J 136 13.38 -10.42 13.52
N ILE J 137 14.62 -10.44 14.00
CA ILE J 137 15.56 -11.52 13.68
C ILE J 137 15.91 -12.42 14.82
N GLY J 138 15.87 -13.73 14.55
CA GLY J 138 16.16 -14.74 15.53
C GLY J 138 15.55 -16.09 15.16
N TRP J 139 16.02 -17.13 15.83
CA TRP J 139 15.57 -18.49 15.58
C TRP J 139 14.41 -18.97 16.42
N SER J 140 13.97 -18.15 17.36
CA SER J 140 12.80 -18.46 18.18
C SER J 140 12.06 -17.18 18.47
N SER J 141 10.74 -17.23 18.45
CA SER J 141 9.98 -16.00 18.65
C SER J 141 8.56 -16.13 19.15
N THR J 142 7.97 -14.97 19.46
CA THR J 142 6.56 -14.81 19.85
C THR J 142 6.05 -13.42 19.57
N SER J 143 4.74 -13.27 19.36
CA SER J 143 4.22 -11.91 19.18
C SER J 143 2.73 -11.73 19.48
N CYS J 144 2.35 -10.50 19.81
CA CYS J 144 0.94 -10.17 20.03
C CYS J 144 0.64 -8.70 20.02
N HIS J 145 -0.57 -8.37 19.60
CA HIS J 145 -1.02 -6.98 19.61
C HIS J 145 -1.72 -6.70 20.91
N ASP J 146 -1.40 -5.58 21.56
CA ASP J 146 -2.04 -5.29 22.83
C ASP J 146 -3.27 -4.39 22.78
N GLY J 147 -3.72 -4.02 21.59
CA GLY J 147 -4.85 -3.11 21.40
C GLY J 147 -4.40 -1.72 20.97
N LYS J 148 -3.12 -1.40 21.16
CA LYS J 148 -2.59 -0.13 20.70
C LYS J 148 -1.49 -0.37 19.69
N SER J 149 -0.57 -1.29 20.01
CA SER J 149 0.55 -1.60 19.13
C SER J 149 1.11 -3.01 19.33
N ARG J 150 1.72 -3.55 18.29
CA ARG J 150 2.28 -4.90 18.39
C ARG J 150 3.63 -5.02 19.05
N MET J 151 3.73 -6.06 19.90
CA MET J 151 4.96 -6.48 20.55
C MET J 151 5.47 -7.72 19.88
N SER J 152 6.77 -7.84 19.74
CA SER J 152 7.32 -9.09 19.24
C SER J 152 8.64 -9.36 19.89
N ILE J 153 8.94 -10.64 20.07
CA ILE J 153 10.18 -11.03 20.67
C ILE J 153 10.91 -12.02 19.82
N CYS J 154 12.17 -11.76 19.54
CA CYS J 154 13.00 -12.72 18.81
C CYS J 154 14.24 -13.07 19.58
N ILE J 155 14.61 -14.35 19.50
CA ILE J 155 15.78 -14.88 20.14
C ILE J 155 16.82 -15.31 19.14
N SER J 156 18.02 -14.82 19.36
CA SER J 156 19.15 -15.08 18.49
C SER J 156 20.41 -15.28 19.29
N GLY J 157 21.44 -15.77 18.64
CA GLY J 157 22.72 -16.02 19.28
C GLY J 157 23.02 -17.51 19.25
N PRO J 158 24.19 -17.92 19.72
CA PRO J 158 24.68 -19.27 19.74
C PRO J 158 23.96 -20.01 20.85
N ASN J 159 24.07 -21.30 20.85
CA ASN J 159 23.37 -22.11 21.83
C ASN J 159 23.72 -21.78 23.29
N ASN J 160 24.95 -21.37 23.56
CA ASN J 160 25.39 -21.06 24.92
C ASN J 160 25.52 -19.58 25.25
N ASN J 161 24.99 -18.71 24.40
CA ASN J 161 25.09 -17.28 24.63
C ASN J 161 23.94 -16.55 23.92
N ALA J 162 22.74 -17.12 24.00
CA ALA J 162 21.56 -16.58 23.34
C ALA J 162 20.98 -15.39 24.07
N SER J 163 20.25 -14.54 23.34
CA SER J 163 19.53 -13.43 23.94
C SER J 163 18.23 -13.10 23.23
N ALA J 164 17.31 -12.51 23.99
CA ALA J 164 16.03 -12.10 23.44
C ALA J 164 15.94 -10.61 23.28
N VAL J 165 15.46 -10.19 22.13
CA VAL J 165 15.24 -8.78 21.92
C VAL J 165 13.77 -8.53 21.77
N VAL J 166 13.25 -7.65 22.61
CA VAL J 166 11.86 -7.33 22.65
C VAL J 166 11.63 -6.04 21.92
N TRP J 167 10.78 -6.09 20.91
CA TRP J 167 10.42 -5.00 20.03
C TRP J 167 9.02 -4.54 20.34
N TYR J 168 8.75 -3.27 20.18
CA TYR J 168 7.40 -2.79 20.33
C TYR J 168 7.20 -1.67 19.36
N ASN J 169 6.10 -1.72 18.63
CA ASN J 169 5.79 -0.68 17.67
C ASN J 169 6.94 -0.52 16.68
N ARG J 170 7.49 -1.66 16.28
CA ARG J 170 8.58 -1.81 15.32
C ARG J 170 9.92 -1.21 15.75
N ARG J 171 10.15 -0.98 17.04
CA ARG J 171 11.44 -0.51 17.50
C ARG J 171 11.92 -1.43 18.62
N PRO J 172 13.22 -1.67 18.84
CA PRO J 172 13.72 -2.40 19.97
C PRO J 172 13.37 -1.64 21.23
N VAL J 173 12.97 -2.33 22.28
CA VAL J 173 12.69 -1.71 23.56
C VAL J 173 13.53 -2.24 24.71
N ALA J 174 13.62 -3.57 24.81
CA ALA J 174 14.29 -4.21 25.95
C ALA J 174 14.91 -5.53 25.57
N GLU J 175 15.90 -5.97 26.34
CA GLU J 175 16.51 -7.26 26.06
C GLU J 175 16.65 -8.12 27.30
N ILE J 176 16.63 -9.43 27.09
CA ILE J 176 16.85 -10.42 28.13
C ILE J 176 17.99 -11.35 27.72
N ASN J 177 19.01 -11.48 28.53
CA ASN J 177 20.10 -12.39 28.16
C ASN J 177 19.79 -13.77 28.71
N THR J 178 20.43 -14.79 28.16
CA THR J 178 20.33 -16.16 28.64
C THR J 178 20.76 -16.31 30.08
N TRP J 179 20.05 -17.18 30.81
CA TRP J 179 20.37 -17.41 32.21
C TRP J 179 20.83 -18.82 32.52
N ALA J 180 20.47 -19.80 31.70
CA ALA J 180 20.87 -21.18 31.98
C ALA J 180 21.92 -21.63 30.98
N ARG J 181 22.19 -20.78 30.02
CA ARG J 181 23.14 -21.00 28.94
C ARG J 181 22.86 -22.24 28.13
N ASN J 182 21.60 -22.52 27.82
CA ASN J 182 21.28 -23.69 27.00
C ASN J 182 20.00 -23.47 26.20
N ILE J 183 20.15 -22.82 25.04
CA ILE J 183 19.07 -22.51 24.13
C ILE J 183 17.97 -21.70 24.80
N LEU J 184 18.11 -20.40 24.87
CA LEU J 184 16.98 -19.63 25.35
C LEU J 184 15.90 -19.79 24.31
N ARG J 185 14.68 -20.09 24.71
CA ARG J 185 13.60 -20.30 23.75
C ARG J 185 12.25 -19.85 24.26
N THR J 186 11.31 -19.59 23.35
CA THR J 186 9.98 -19.18 23.79
C THR J 186 8.81 -19.90 23.12
N GLN J 187 7.67 -19.24 23.15
CA GLN J 187 6.39 -19.81 22.74
C GLN J 187 6.12 -20.22 21.29
N GLU J 188 6.66 -19.53 20.29
CA GLU J 188 6.35 -19.83 18.89
C GLU J 188 4.86 -19.74 18.60
N SER J 189 4.21 -18.77 19.22
CA SER J 189 2.80 -18.52 19.02
C SER J 189 2.41 -17.15 19.46
N GLU J 190 1.12 -16.90 19.39
CA GLU J 190 0.53 -15.65 19.79
C GLU J 190 0.55 -15.51 21.31
N CYS J 191 0.92 -14.34 21.79
CA CYS J 191 0.85 -14.03 23.21
C CYS J 191 -0.47 -13.31 23.47
N VAL J 192 -0.89 -13.22 24.71
CA VAL J 192 -2.16 -12.58 24.96
C VAL J 192 -2.00 -11.44 25.92
N CYS J 193 -2.53 -10.29 25.59
CA CYS J 193 -2.37 -9.14 26.47
C CYS J 193 -3.68 -8.77 27.14
N HIS J 194 -3.59 -8.23 28.34
CA HIS J 194 -4.74 -7.71 29.04
C HIS J 194 -4.43 -6.35 29.63
N ASN J 195 -5.10 -5.34 29.14
CA ASN J 195 -4.91 -3.97 29.59
C ASN J 195 -3.45 -3.55 29.46
N GLY J 196 -2.80 -3.99 28.40
CA GLY J 196 -1.43 -3.64 28.13
C GLY J 196 -0.39 -4.62 28.66
N VAL J 197 -0.78 -5.56 29.53
CA VAL J 197 0.21 -6.49 30.06
C VAL J 197 0.19 -7.79 29.31
N CYS J 198 1.34 -8.18 28.81
CA CYS J 198 1.50 -9.35 27.96
C CYS J 198 2.48 -10.37 28.57
N PRO J 199 2.03 -11.39 29.32
CA PRO J 199 2.86 -12.41 29.90
C PRO J 199 3.52 -13.22 28.78
N VAL J 200 4.79 -13.51 28.90
CA VAL J 200 5.49 -14.34 27.93
C VAL J 200 6.22 -15.46 28.64
N VAL J 201 6.07 -16.67 28.12
CA VAL J 201 6.73 -17.81 28.75
C VAL J 201 8.08 -18.12 28.07
N PHE J 202 9.14 -18.19 28.87
CA PHE J 202 10.49 -18.50 28.38
C PHE J 202 11.13 -19.68 29.09
N THR J 203 11.89 -20.46 28.35
CA THR J 203 12.61 -21.59 28.94
C THR J 203 14.07 -21.56 28.56
N ASP J 204 14.95 -21.88 29.49
CA ASP J 204 16.38 -21.96 29.22
C ASP J 204 16.96 -23.13 30.03
N GLY J 205 17.50 -24.14 29.37
CA GLY J 205 17.93 -25.33 30.07
C GLY J 205 17.77 -26.57 29.21
N SER J 206 18.16 -27.72 29.74
CA SER J 206 18.12 -28.94 28.96
C SER J 206 16.74 -29.32 28.50
N ALA J 207 16.64 -29.85 27.28
CA ALA J 207 15.36 -30.28 26.75
C ALA J 207 15.06 -31.72 27.13
N THR J 208 16.00 -32.37 27.81
CA THR J 208 15.90 -33.76 28.21
C THR J 208 16.04 -33.91 29.70
N GLY J 209 15.72 -32.86 30.42
CA GLY J 209 15.86 -32.85 31.87
C GLY J 209 15.24 -31.58 32.38
N PRO J 210 15.41 -31.26 33.66
CA PRO J 210 14.87 -30.08 34.29
C PRO J 210 15.42 -28.84 33.59
N ALA J 211 14.64 -27.78 33.57
CA ALA J 211 15.05 -26.53 32.95
C ALA J 211 14.45 -25.38 33.71
N ASP J 212 15.06 -24.21 33.59
CA ASP J 212 14.61 -23.01 34.27
C ASP J 212 13.56 -22.30 33.43
N THR J 213 12.32 -22.38 33.88
CA THR J 213 11.18 -21.85 33.15
C THR J 213 10.72 -20.60 33.87
N ARG J 214 10.53 -19.52 33.13
CA ARG J 214 10.12 -18.25 33.70
C ARG J 214 9.03 -17.56 32.92
N ILE J 215 8.28 -16.74 33.61
CA ILE J 215 7.30 -15.90 32.96
C ILE J 215 7.64 -14.45 33.17
N TYR J 216 7.72 -13.70 32.09
CA TYR J 216 7.99 -12.28 32.21
C TYR J 216 6.74 -11.54 31.82
N TYR J 217 6.45 -10.49 32.55
CA TYR J 217 5.26 -9.72 32.27
C TYR J 217 5.69 -8.41 31.68
N PHE J 218 5.31 -8.19 30.42
CA PHE J 218 5.72 -7.00 29.70
C PHE J 218 4.62 -5.99 29.49
N LYS J 219 4.98 -4.71 29.47
CA LYS J 219 4.04 -3.66 29.10
C LYS J 219 4.76 -2.66 28.22
N GLU J 220 4.25 -2.48 27.01
CA GLU J 220 4.84 -1.61 26.00
C GLU J 220 6.30 -1.95 25.76
N GLY J 221 6.61 -3.25 25.80
CA GLY J 221 7.94 -3.75 25.55
C GLY J 221 8.86 -3.77 26.79
N LYS J 222 8.44 -3.21 27.91
CA LYS J 222 9.30 -3.18 29.08
C LYS J 222 8.88 -4.23 30.08
N ILE J 223 9.79 -4.66 30.95
CA ILE J 223 9.42 -5.70 31.91
C ILE J 223 8.92 -5.11 33.22
N LEU J 224 7.72 -5.51 33.63
CA LEU J 224 7.13 -5.04 34.87
C LEU J 224 7.40 -5.98 36.02
N LYS J 225 7.41 -7.25 35.70
CA LYS J 225 7.57 -8.31 36.71
C LYS J 225 8.11 -9.58 36.08
N TRP J 226 8.67 -10.46 36.90
CA TRP J 226 9.03 -11.76 36.40
C TRP J 226 8.74 -12.77 37.50
N GLU J 227 8.49 -14.02 37.10
CA GLU J 227 8.30 -15.10 38.04
C GLU J 227 8.96 -16.39 37.61
N SER J 228 9.40 -17.18 38.57
CA SER J 228 9.89 -18.50 38.26
C SER J 228 8.67 -19.38 38.10
N LEU J 229 8.72 -20.41 37.28
CA LEU J 229 7.57 -21.29 37.15
C LEU J 229 7.19 -21.99 38.44
N THR J 230 5.90 -21.98 38.76
CA THR J 230 5.41 -22.71 39.93
C THR J 230 4.32 -23.68 39.56
N GLY J 231 3.80 -24.36 40.56
CA GLY J 231 2.74 -25.35 40.36
C GLY J 231 3.33 -26.73 40.20
N THR J 232 2.55 -27.65 39.61
CA THR J 232 2.97 -29.05 39.54
C THR J 232 3.47 -29.52 38.19
N ALA J 233 3.51 -28.64 37.19
CA ALA J 233 4.05 -29.06 35.90
C ALA J 233 5.55 -29.29 36.08
N LYS J 234 6.14 -30.30 35.44
CA LYS J 234 7.57 -30.51 35.65
C LYS J 234 8.50 -29.99 34.54
N HIS J 235 7.99 -29.82 33.34
CA HIS J 235 8.82 -29.33 32.24
C HIS J 235 7.97 -28.62 31.22
N ILE J 236 8.31 -27.38 30.91
CA ILE J 236 7.52 -26.60 29.96
C ILE J 236 8.21 -25.95 28.79
N GLU J 237 7.69 -26.24 27.60
CA GLU J 237 8.17 -25.61 26.37
C GLU J 237 7.04 -25.22 25.41
N GLU J 238 7.28 -24.19 24.59
CA GLU J 238 6.38 -23.86 23.47
C GLU J 238 4.89 -23.68 23.82
N CYS J 239 4.59 -22.88 24.83
CA CYS J 239 3.20 -22.70 25.25
C CYS J 239 2.31 -21.98 24.26
N SER J 240 1.13 -22.57 24.00
CA SER J 240 0.07 -22.02 23.15
C SER J 240 -0.96 -21.36 24.04
N CYS J 241 -1.11 -20.06 23.95
CA CYS J 241 -1.96 -19.38 24.89
C CYS J 241 -3.15 -18.68 24.26
N TYR J 242 -4.26 -18.68 24.98
CA TYR J 242 -5.43 -17.93 24.57
C TYR J 242 -6.03 -17.26 25.80
N GLY J 243 -6.74 -16.17 25.60
CA GLY J 243 -7.36 -15.54 26.74
C GLY J 243 -8.84 -15.60 26.73
N GLU J 244 -9.40 -15.27 27.87
CA GLU J 244 -10.82 -15.21 28.07
C GLU J 244 -11.02 -14.25 29.24
N ARG J 245 -12.26 -13.98 29.60
CA ARG J 245 -12.56 -13.12 30.74
C ARG J 245 -12.05 -13.63 32.07
N THR J 246 -11.69 -14.91 32.14
CA THR J 246 -11.21 -15.53 33.35
C THR J 246 -9.69 -15.48 33.49
N GLY J 247 -8.97 -15.02 32.46
CA GLY J 247 -7.50 -15.02 32.50
C GLY J 247 -6.90 -15.62 31.24
N ILE J 248 -5.62 -15.95 31.32
CA ILE J 248 -4.89 -16.48 30.18
C ILE J 248 -4.53 -17.94 30.40
N THR J 249 -4.91 -18.79 29.47
CA THR J 249 -4.66 -20.21 29.61
C THR J 249 -3.70 -20.71 28.57
N CYS J 250 -2.66 -21.40 29.01
CA CYS J 250 -1.67 -21.90 28.09
C CYS J 250 -1.48 -23.39 28.13
N THR J 251 -1.43 -24.02 26.97
CA THR J 251 -1.16 -25.45 26.89
C THR J 251 0.24 -25.63 26.32
N CYS J 252 1.06 -26.39 27.01
CA CYS J 252 2.46 -26.46 26.64
C CYS J 252 2.93 -27.87 26.33
N ARG J 253 4.18 -27.99 25.87
CA ARG J 253 4.79 -29.27 25.61
C ARG J 253 5.67 -29.71 26.77
N ASP J 254 5.65 -31.00 27.10
CA ASP J 254 6.57 -31.56 28.08
C ASP J 254 7.49 -32.47 27.33
N ASN J 255 8.67 -31.96 27.00
CA ASN J 255 9.61 -32.67 26.16
C ASN J 255 10.47 -33.59 26.96
N TRP J 256 10.28 -33.64 28.27
CA TRP J 256 11.13 -34.46 29.08
C TRP J 256 10.49 -35.79 29.34
N GLN J 257 9.32 -35.79 29.99
CA GLN J 257 8.69 -37.06 30.38
C GLN J 257 7.26 -37.34 29.94
N GLY J 258 6.38 -36.34 29.97
CA GLY J 258 4.94 -36.63 29.79
C GLY J 258 4.37 -36.74 28.40
N SER J 259 3.33 -37.58 28.28
CA SER J 259 2.54 -37.72 27.06
C SER J 259 1.27 -36.87 27.14
N ASN J 260 1.04 -36.32 28.31
CA ASN J 260 -0.03 -35.43 28.59
C ASN J 260 0.57 -34.04 28.49
N ARG J 261 -0.22 -33.00 28.62
CA ARG J 261 0.39 -31.69 28.50
C ARG J 261 0.22 -30.84 29.73
N PRO J 262 1.24 -30.03 30.10
CA PRO J 262 1.21 -29.00 31.10
C PRO J 262 0.27 -27.91 30.69
N VAL J 263 -0.36 -27.32 31.68
CA VAL J 263 -1.21 -26.17 31.52
C VAL J 263 -0.78 -25.08 32.46
N ILE J 264 -0.62 -23.87 31.95
CA ILE J 264 -0.27 -22.74 32.81
C ILE J 264 -1.47 -21.84 32.85
N GLN J 265 -1.89 -21.50 34.05
CA GLN J 265 -3.03 -20.62 34.21
C GLN J 265 -2.52 -19.29 34.76
N ILE J 266 -2.64 -18.24 33.95
CA ILE J 266 -2.06 -16.93 34.27
C ILE J 266 -3.11 -15.85 34.52
N ASP J 267 -2.95 -15.14 35.63
CA ASP J 267 -3.80 -14.02 35.97
C ASP J 267 -3.04 -12.74 35.65
N PRO J 268 -3.32 -12.03 34.55
CA PRO J 268 -2.60 -10.88 34.06
C PRO J 268 -2.79 -9.63 34.88
N VAL J 269 -3.76 -9.63 35.78
CA VAL J 269 -4.01 -8.44 36.57
C VAL J 269 -3.14 -8.53 37.80
N ALA J 270 -3.16 -9.70 38.40
CA ALA J 270 -2.36 -9.96 39.57
C ALA J 270 -0.93 -10.25 39.17
N MET J 271 -0.76 -10.69 37.93
CA MET J 271 0.50 -11.14 37.37
C MET J 271 1.03 -12.28 38.20
N THR J 272 0.17 -13.29 38.39
CA THR J 272 0.50 -14.52 39.12
C THR J 272 0.08 -15.73 38.31
N HIS J 273 0.58 -16.92 38.66
CA HIS J 273 0.18 -18.09 37.91
C HIS J 273 0.29 -19.39 38.69
N THR J 274 -0.38 -20.41 38.17
CA THR J 274 -0.26 -21.78 38.66
C THR J 274 -0.12 -22.74 37.50
N SER J 275 0.15 -24.02 37.80
CA SER J 275 0.27 -25.01 36.72
C SER J 275 -0.11 -26.42 37.15
N GLN J 276 -0.46 -27.23 36.15
CA GLN J 276 -0.83 -28.64 36.30
C GLN J 276 -0.84 -29.34 34.96
N TYR J 277 -1.16 -30.62 34.91
CA TYR J 277 -1.32 -31.32 33.65
C TYR J 277 -2.80 -31.51 33.33
N ILE J 278 -3.12 -31.76 32.07
CA ILE J 278 -4.51 -32.07 31.74
C ILE J 278 -4.77 -33.49 32.25
N CYS J 279 -5.80 -33.64 33.11
CA CYS J 279 -6.15 -34.90 33.76
C CYS J 279 -6.64 -35.99 32.81
N SER J 280 -7.32 -35.60 31.76
CA SER J 280 -7.87 -36.56 30.82
C SER J 280 -6.92 -37.67 30.41
N PRO J 281 -7.39 -38.91 30.25
CA PRO J 281 -6.68 -40.08 29.81
C PRO J 281 -6.38 -39.98 28.33
N VAL J 282 -6.94 -38.99 27.67
CA VAL J 282 -6.68 -38.84 26.25
C VAL J 282 -5.32 -38.18 26.17
N LEU J 283 -4.35 -38.84 25.56
CA LEU J 283 -3.02 -38.28 25.51
C LEU J 283 -2.90 -37.44 24.26
N THR J 284 -2.13 -36.35 24.35
CA THR J 284 -2.04 -35.46 23.20
C THR J 284 -0.65 -35.18 22.63
N ASP J 285 0.43 -35.71 23.22
CA ASP J 285 1.73 -35.42 22.67
C ASP J 285 2.10 -36.43 21.56
N ASN J 286 3.27 -36.28 20.96
CA ASN J 286 3.71 -37.13 19.86
C ASN J 286 5.22 -37.29 19.77
N PRO J 287 5.77 -38.49 19.92
CA PRO J 287 5.20 -39.81 20.16
C PRO J 287 4.55 -39.94 21.51
N ARG J 288 3.59 -40.85 21.59
CA ARG J 288 2.92 -41.14 22.84
C ARG J 288 2.58 -42.63 22.94
N PRO J 289 2.40 -43.19 24.15
CA PRO J 289 1.95 -44.53 24.40
C PRO J 289 0.47 -44.54 24.14
N ASN J 290 -0.14 -45.70 24.12
CA ASN J 290 -1.58 -45.76 23.94
C ASN J 290 -2.34 -45.23 25.14
N ASP J 291 -3.49 -44.64 24.86
CA ASP J 291 -4.35 -44.05 25.88
C ASP J 291 -4.77 -45.02 26.99
N PRO J 292 -4.56 -44.67 28.29
CA PRO J 292 -4.92 -45.39 29.48
C PRO J 292 -6.38 -45.22 29.79
N ASN J 293 -6.89 -45.97 30.76
CA ASN J 293 -8.24 -45.70 31.22
C ASN J 293 -8.30 -44.48 32.14
N ILE J 294 -7.23 -44.26 32.91
CA ILE J 294 -7.15 -43.16 33.88
C ILE J 294 -5.91 -42.31 33.64
N GLY J 295 -6.07 -40.99 33.58
CA GLY J 295 -4.94 -40.09 33.37
C GLY J 295 -4.32 -39.57 34.68
N LYS J 296 -3.45 -38.57 34.55
CA LYS J 296 -2.74 -37.98 35.69
C LYS J 296 -2.88 -36.48 35.67
N CYS J 297 -2.89 -35.85 36.84
CA CYS J 297 -3.08 -34.40 36.89
C CYS J 297 -1.86 -33.62 37.39
N ASN J 298 -1.09 -34.21 38.29
CA ASN J 298 0.03 -33.50 38.88
C ASN J 298 1.34 -34.18 38.60
N ASP J 299 1.40 -34.93 37.53
CA ASP J 299 2.61 -35.67 37.17
C ASP J 299 2.49 -36.04 35.68
N PRO J 300 3.60 -36.04 34.92
CA PRO J 300 3.63 -36.43 33.53
C PRO J 300 3.26 -37.88 33.36
N TYR J 301 2.56 -38.18 32.29
CA TYR J 301 2.19 -39.55 32.00
C TYR J 301 3.34 -40.19 31.23
N PRO J 302 3.99 -41.26 31.75
CA PRO J 302 5.17 -41.90 31.21
C PRO J 302 4.95 -42.75 29.99
N GLY J 303 6.02 -43.04 29.25
CA GLY J 303 5.98 -43.94 28.12
C GLY J 303 6.93 -43.54 26.98
N ASN J 304 7.04 -42.25 26.72
CA ASN J 304 7.91 -41.75 25.65
C ASN J 304 8.70 -40.55 26.09
N ASN J 305 9.98 -40.76 26.37
CA ASN J 305 10.85 -39.71 26.92
C ASN J 305 11.60 -38.94 25.85
N ASN J 306 12.01 -37.74 26.21
CA ASN J 306 12.84 -36.84 25.41
C ASN J 306 12.30 -36.47 24.04
N ASN J 307 10.99 -36.30 23.91
CA ASN J 307 10.42 -35.93 22.63
C ASN J 307 9.06 -35.26 22.80
N GLY J 308 8.44 -34.86 21.70
CA GLY J 308 7.11 -34.25 21.74
C GLY J 308 6.91 -33.20 20.65
N VAL J 309 5.68 -32.70 20.55
CA VAL J 309 5.27 -31.71 19.56
C VAL J 309 4.43 -30.59 20.22
N LYS J 310 4.60 -29.36 19.75
CA LYS J 310 3.79 -28.23 20.19
C LYS J 310 2.33 -28.50 19.85
N GLY J 311 1.41 -28.15 20.75
CA GLY J 311 0.00 -28.36 20.50
C GLY J 311 -0.87 -27.47 21.36
N PHE J 312 -2.17 -27.71 21.36
CA PHE J 312 -3.05 -26.85 22.12
C PHE J 312 -4.32 -27.53 22.55
N SER J 313 -5.01 -26.85 23.43
CA SER J 313 -6.32 -27.24 23.87
C SER J 313 -7.09 -26.02 24.27
N TYR J 314 -8.42 -26.15 24.25
CA TYR J 314 -9.33 -25.15 24.77
C TYR J 314 -10.01 -25.75 25.94
N LEU J 315 -9.79 -25.19 27.11
CA LEU J 315 -10.32 -25.79 28.30
C LEU J 315 -11.44 -24.93 28.84
N ASP J 316 -12.67 -25.45 28.82
CA ASP J 316 -13.84 -24.68 29.24
C ASP J 316 -14.96 -25.57 29.79
N GLY J 317 -14.61 -26.42 30.74
CA GLY J 317 -15.61 -27.31 31.31
C GLY J 317 -16.17 -28.23 30.25
N ALA J 318 -17.48 -28.27 30.08
CA ALA J 318 -18.08 -29.13 29.07
C ALA J 318 -17.61 -28.75 27.66
N ASN J 319 -17.32 -27.46 27.44
CA ASN J 319 -16.93 -26.96 26.12
C ASN J 319 -15.43 -27.08 25.94
N THR J 320 -14.93 -28.28 26.11
CA THR J 320 -13.50 -28.54 26.04
C THR J 320 -13.09 -29.38 24.88
N TRP J 321 -12.15 -28.85 24.12
CA TRP J 321 -11.62 -29.53 22.95
C TRP J 321 -10.12 -29.70 23.01
N LEU J 322 -9.63 -30.86 22.61
CA LEU J 322 -8.20 -31.13 22.61
C LEU J 322 -7.71 -31.39 21.21
N GLY J 323 -6.58 -30.84 20.83
CA GLY J 323 -6.08 -31.20 19.51
C GLY J 323 -4.94 -32.20 19.63
N ARG J 324 -4.79 -33.08 18.65
CA ARG J 324 -3.67 -34.01 18.66
C ARG J 324 -3.43 -34.62 17.29
N THR J 325 -2.30 -35.29 17.11
CA THR J 325 -2.01 -36.00 15.87
C THR J 325 -2.76 -37.30 15.88
N ILE J 326 -2.84 -37.98 14.75
CA ILE J 326 -3.55 -39.24 14.73
C ILE J 326 -2.56 -40.34 14.97
N SER J 327 -1.41 -40.24 14.35
CA SER J 327 -0.41 -41.24 14.61
C SER J 327 0.13 -41.03 16.00
N THR J 328 0.52 -42.13 16.64
CA THR J 328 1.14 -42.10 17.95
C THR J 328 2.65 -42.23 17.82
N ALA J 329 3.11 -42.57 16.61
CA ALA J 329 4.53 -42.78 16.36
C ALA J 329 5.21 -41.63 15.65
N SER J 330 4.45 -40.84 14.90
CA SER J 330 5.04 -39.77 14.11
C SER J 330 4.08 -38.61 13.93
N ARG J 331 4.58 -37.48 13.45
CA ARG J 331 3.72 -36.33 13.30
C ARG J 331 2.88 -36.32 12.05
N SER J 332 1.83 -37.16 12.04
CA SER J 332 0.93 -37.28 10.90
C SER J 332 -0.52 -37.26 11.36
N GLY J 333 -1.36 -36.68 10.52
CA GLY J 333 -2.78 -36.57 10.77
C GLY J 333 -3.02 -35.48 11.78
N TYR J 334 -4.26 -35.13 11.99
CA TYR J 334 -4.58 -34.20 13.04
C TYR J 334 -6.06 -34.27 13.30
N GLU J 335 -6.45 -34.29 14.55
CA GLU J 335 -7.85 -34.34 14.91
C GLU J 335 -8.19 -33.50 16.13
N MET J 336 -9.44 -33.11 16.19
CA MET J 336 -9.99 -32.40 17.34
C MET J 336 -10.98 -33.27 18.09
N LEU J 337 -10.84 -33.34 19.40
CA LEU J 337 -11.74 -34.15 20.20
C LEU J 337 -12.44 -33.35 21.26
N LYS J 338 -13.74 -33.52 21.40
CA LYS J 338 -14.50 -32.86 22.44
C LYS J 338 -14.50 -33.81 23.58
N VAL J 339 -13.80 -33.44 24.63
CA VAL J 339 -13.55 -34.24 25.82
C VAL J 339 -13.92 -33.43 27.04
N PRO J 340 -15.17 -33.50 27.50
CA PRO J 340 -15.71 -32.68 28.54
C PRO J 340 -14.89 -32.75 29.80
N ASN J 341 -14.65 -31.60 30.38
CA ASN J 341 -13.90 -31.47 31.61
C ASN J 341 -12.53 -32.13 31.56
N ALA J 342 -11.86 -32.14 30.41
CA ALA J 342 -10.56 -32.77 30.29
C ALA J 342 -9.53 -32.25 31.25
N LEU J 343 -9.59 -30.98 31.61
CA LEU J 343 -8.60 -30.47 32.52
C LEU J 343 -8.65 -31.11 33.88
N THR J 344 -9.85 -31.42 34.39
CA THR J 344 -9.99 -31.93 35.76
C THR J 344 -10.50 -33.36 35.91
N ASP J 345 -11.10 -33.94 34.87
CA ASP J 345 -11.66 -35.29 34.97
C ASP J 345 -10.73 -36.37 34.41
N ASP J 346 -10.12 -37.16 35.30
CA ASP J 346 -9.11 -38.14 34.94
C ASP J 346 -9.66 -39.36 34.22
N ARG J 347 -10.98 -39.49 34.13
CA ARG J 347 -11.57 -40.59 33.38
C ARG J 347 -12.37 -40.12 32.14
N SER J 348 -12.26 -38.84 31.78
CA SER J 348 -13.04 -38.33 30.64
C SER J 348 -12.60 -38.90 29.29
N LYS J 349 -13.57 -39.15 28.42
CA LYS J 349 -13.32 -39.66 27.07
C LYS J 349 -14.08 -38.79 26.08
N PRO J 350 -13.70 -38.76 24.79
CA PRO J 350 -14.35 -37.98 23.78
C PRO J 350 -15.80 -38.36 23.57
N ILE J 351 -16.62 -37.35 23.33
CA ILE J 351 -18.03 -37.58 23.01
C ILE J 351 -18.33 -37.09 21.59
N GLN J 352 -17.41 -36.34 21.02
CA GLN J 352 -17.58 -35.80 19.67
C GLN J 352 -16.21 -35.50 19.10
N GLY J 353 -16.05 -35.51 17.78
CA GLY J 353 -14.75 -35.07 17.25
C GLY J 353 -14.78 -34.71 15.77
N GLN J 354 -13.65 -34.26 15.26
CA GLN J 354 -13.53 -33.86 13.87
C GLN J 354 -12.13 -34.11 13.32
N THR J 355 -12.04 -34.68 12.13
CA THR J 355 -10.73 -34.90 11.50
C THR J 355 -10.33 -33.66 10.74
N ILE J 356 -9.09 -33.22 10.94
CA ILE J 356 -8.62 -32.03 10.26
C ILE J 356 -7.69 -32.46 9.12
N VAL J 357 -6.78 -33.37 9.43
CA VAL J 357 -5.80 -33.89 8.49
C VAL J 357 -5.85 -35.42 8.60
N LEU J 358 -5.79 -36.12 7.48
CA LEU J 358 -5.82 -37.58 7.53
C LEU J 358 -4.46 -38.07 7.93
N ASN J 359 -4.35 -39.26 8.54
CA ASN J 359 -3.06 -39.78 8.98
C ASN J 359 -2.17 -40.23 7.85
N ALA J 360 -2.69 -40.20 6.65
CA ALA J 360 -1.91 -40.50 5.49
C ALA J 360 -1.00 -39.32 5.14
N ASP J 361 -1.35 -38.14 5.63
CA ASP J 361 -0.66 -36.90 5.34
C ASP J 361 0.14 -36.40 6.52
N TRP J 362 1.20 -35.68 6.22
CA TRP J 362 2.05 -35.15 7.27
C TRP J 362 1.43 -33.96 7.94
N SER J 363 1.65 -33.87 9.25
CA SER J 363 1.19 -32.79 10.10
C SER J 363 2.37 -32.07 10.69
N GLY J 364 2.24 -31.59 11.91
CA GLY J 364 3.30 -30.77 12.48
C GLY J 364 2.85 -30.08 13.75
N TYR J 365 3.44 -28.92 14.02
CA TYR J 365 3.13 -28.18 15.22
C TYR J 365 1.77 -27.54 15.08
N SER J 366 1.05 -27.42 16.16
CA SER J 366 -0.22 -26.73 16.10
C SER J 366 -0.34 -25.78 17.25
N GLY J 367 -1.32 -24.91 17.20
CA GLY J 367 -1.50 -23.97 18.29
C GLY J 367 -2.77 -23.16 18.17
N SER J 368 -3.07 -22.37 19.18
CA SER J 368 -4.29 -21.58 19.22
C SER J 368 -4.09 -20.10 18.93
N PHE J 369 -5.18 -19.44 18.50
CA PHE J 369 -5.19 -17.98 18.32
C PHE J 369 -6.61 -17.47 18.39
N MET J 370 -6.79 -16.17 18.58
CA MET J 370 -8.14 -15.58 18.54
C MET J 370 -8.21 -14.17 18.00
N ASP J 371 -9.36 -13.79 17.50
CA ASP J 371 -9.57 -12.40 17.12
C ASP J 371 -10.24 -11.68 18.28
N TYR J 372 -9.46 -10.95 19.03
CA TYR J 372 -9.95 -10.37 20.27
C TYR J 372 -10.66 -9.05 20.03
N TRP J 373 -10.74 -8.66 18.76
CA TRP J 373 -11.39 -7.43 18.36
C TRP J 373 -12.65 -7.70 17.54
N ALA J 374 -13.03 -8.97 17.41
CA ALA J 374 -14.20 -9.33 16.61
C ALA J 374 -15.48 -8.91 17.29
N GLU J 375 -16.48 -8.59 16.48
CA GLU J 375 -17.82 -8.27 16.98
C GLU J 375 -18.51 -9.51 17.49
N GLY J 376 -19.29 -9.35 18.54
CA GLY J 376 -20.04 -10.45 19.13
C GLY J 376 -19.92 -10.41 20.63
N ASP J 377 -20.60 -11.31 21.32
CA ASP J 377 -20.58 -11.37 22.77
C ASP J 377 -19.70 -12.46 23.37
N CYS J 378 -18.90 -13.09 22.52
CA CYS J 378 -17.98 -14.14 22.92
C CYS J 378 -16.80 -14.21 21.96
N TYR J 379 -15.74 -14.92 22.33
CA TYR J 379 -14.62 -15.06 21.43
C TYR J 379 -14.71 -16.33 20.63
N ARG J 380 -14.41 -16.23 19.34
CA ARG J 380 -14.45 -17.40 18.50
C ARG J 380 -13.08 -18.04 18.54
N ALA J 381 -13.03 -19.24 19.06
CA ALA J 381 -11.75 -19.95 19.17
C ALA J 381 -11.24 -20.36 17.81
N CYS J 382 -9.93 -20.23 17.58
CA CYS J 382 -9.36 -20.70 16.32
C CYS J 382 -8.05 -21.44 16.55
N PHE J 383 -7.60 -22.19 15.55
CA PHE J 383 -6.31 -22.86 15.68
C PHE J 383 -5.64 -23.09 14.34
N TYR J 384 -4.37 -23.40 14.36
CA TYR J 384 -3.66 -23.70 13.14
C TYR J 384 -2.83 -24.96 13.26
N VAL J 385 -2.57 -25.58 12.11
CA VAL J 385 -1.68 -26.72 12.04
C VAL J 385 -0.61 -26.53 10.96
N GLU J 386 0.63 -26.77 11.32
CA GLU J 386 1.76 -26.74 10.41
C GLU J 386 1.77 -28.03 9.64
N LEU J 387 1.87 -27.98 8.33
CA LEU J 387 1.96 -29.23 7.59
C LEU J 387 3.37 -29.34 7.04
N ILE J 388 4.17 -30.23 7.61
CA ILE J 388 5.58 -30.30 7.25
C ILE J 388 5.84 -31.22 6.09
N ARG J 389 6.57 -30.70 5.11
CA ARG J 389 6.94 -31.44 3.92
C ARG J 389 8.44 -31.47 3.78
N GLY J 390 8.94 -32.51 3.13
CA GLY J 390 10.38 -32.61 2.92
C GLY J 390 11.04 -33.29 4.11
N ARG J 391 12.27 -32.88 4.38
CA ARG J 391 13.00 -33.54 5.43
C ARG J 391 12.29 -33.26 6.74
N PRO J 392 12.39 -34.16 7.70
CA PRO J 392 13.11 -35.42 7.79
C PRO J 392 12.39 -36.66 7.27
N LYS J 393 11.22 -36.52 6.62
CA LYS J 393 10.49 -37.72 6.25
C LYS J 393 10.59 -38.04 4.78
N GLU J 394 10.69 -37.02 3.95
CA GLU J 394 10.77 -37.22 2.51
C GLU J 394 12.18 -36.94 2.08
N ASP J 395 13.00 -37.97 1.97
CA ASP J 395 14.42 -37.79 1.78
C ASP J 395 14.84 -37.60 0.34
N LYS J 396 13.85 -37.54 -0.53
CA LYS J 396 14.06 -37.30 -1.93
C LYS J 396 14.44 -35.83 -2.16
N VAL J 397 14.18 -34.98 -1.17
CA VAL J 397 14.55 -33.58 -1.29
C VAL J 397 15.45 -33.21 -0.13
N TRP J 398 16.21 -32.13 -0.28
CA TRP J 398 17.12 -31.69 0.76
C TRP J 398 16.60 -30.56 1.64
N TRP J 399 15.40 -30.11 1.34
CA TRP J 399 14.74 -29.03 2.04
C TRP J 399 13.68 -29.51 2.99
N THR J 400 13.33 -28.67 3.95
CA THR J 400 12.16 -28.91 4.80
C THR J 400 11.39 -27.62 4.72
N SER J 401 10.08 -27.70 4.68
CA SER J 401 9.23 -26.51 4.61
C SER J 401 7.85 -26.84 5.10
N ASN J 402 6.98 -25.84 5.21
CA ASN J 402 5.65 -26.14 5.67
C ASN J 402 4.59 -25.30 5.00
N SER J 403 3.37 -25.80 5.06
CA SER J 403 2.18 -25.07 4.65
C SER J 403 1.33 -24.83 5.88
N ILE J 404 0.46 -23.83 5.83
CA ILE J 404 -0.41 -23.55 6.98
C ILE J 404 -1.87 -23.78 6.72
N VAL J 405 -2.52 -24.53 7.60
CA VAL J 405 -3.98 -24.68 7.54
C VAL J 405 -4.54 -24.12 8.85
N SER J 406 -5.57 -23.31 8.75
CA SER J 406 -6.18 -22.67 9.92
C SER J 406 -7.69 -22.78 9.93
N MET J 407 -8.24 -23.09 11.10
CA MET J 407 -9.68 -23.28 11.29
C MET J 407 -10.25 -22.58 12.51
N CYS J 408 -11.52 -22.20 12.43
CA CYS J 408 -12.22 -21.56 13.55
C CYS J 408 -13.47 -22.28 13.95
N SER J 409 -13.86 -22.11 15.20
CA SER J 409 -15.05 -22.73 15.70
C SER J 409 -16.31 -22.10 15.19
N SER J 410 -17.38 -22.86 15.29
CA SER J 410 -18.75 -22.48 14.99
C SER J 410 -19.71 -23.18 15.91
N THR J 411 -20.87 -22.56 16.07
CA THR J 411 -21.95 -23.09 16.88
C THR J 411 -22.83 -24.07 16.11
N GLU J 412 -22.67 -24.13 14.80
CA GLU J 412 -23.43 -25.07 13.96
C GLU J 412 -22.70 -26.40 13.96
N PHE J 413 -23.38 -27.51 13.64
CA PHE J 413 -22.65 -28.76 13.48
C PHE J 413 -22.41 -28.89 12.00
N LEU J 414 -21.22 -28.54 11.55
CA LEU J 414 -20.92 -28.47 10.14
C LEU J 414 -20.23 -29.71 9.67
N GLY J 415 -20.34 -29.97 8.37
CA GLY J 415 -19.66 -31.10 7.77
C GLY J 415 -18.15 -30.93 7.84
N GLN J 416 -17.43 -32.06 7.79
CA GLN J 416 -15.98 -32.06 7.87
C GLN J 416 -15.31 -32.49 6.59
N TRP J 417 -14.06 -32.09 6.42
CA TRP J 417 -13.30 -32.45 5.25
C TRP J 417 -11.86 -32.38 5.65
N ASN J 418 -11.05 -33.34 5.27
CA ASN J 418 -9.65 -33.22 5.54
C ASN J 418 -9.06 -32.13 4.69
N TRP J 419 -8.10 -31.42 5.26
CA TRP J 419 -7.39 -30.34 4.60
C TRP J 419 -5.87 -30.57 4.52
N PRO J 420 -5.40 -31.44 3.61
CA PRO J 420 -4.05 -31.90 3.45
C PRO J 420 -3.23 -30.85 2.78
N ASP J 421 -1.93 -31.04 2.74
CA ASP J 421 -1.09 -30.16 1.95
C ASP J 421 -1.21 -30.52 0.47
N GLY J 422 -0.75 -31.69 0.10
CA GLY J 422 -0.95 -32.14 -1.27
C GLY J 422 0.10 -31.75 -2.29
N ALA J 423 1.12 -30.98 -1.92
CA ALA J 423 2.08 -30.69 -2.97
C ALA J 423 2.68 -32.04 -3.39
N LYS J 424 2.89 -32.25 -4.68
CA LYS J 424 3.45 -33.52 -5.08
C LYS J 424 4.96 -33.44 -5.01
N ILE J 425 5.56 -34.31 -4.21
CA ILE J 425 6.98 -34.18 -3.97
C ILE J 425 7.79 -34.44 -5.23
N GLU J 426 7.30 -35.29 -6.12
CA GLU J 426 8.01 -35.61 -7.34
C GLU J 426 8.22 -34.41 -8.25
N TYR J 427 7.44 -33.37 -8.09
CA TYR J 427 7.56 -32.20 -8.94
C TYR J 427 8.80 -31.40 -8.57
N PHE J 428 9.36 -31.67 -7.40
CA PHE J 428 10.51 -30.98 -6.90
C PHE J 428 11.78 -31.79 -7.15
N LEU J 429 11.66 -32.90 -7.88
CA LEU J 429 12.80 -33.74 -8.13
C LEU J 429 13.21 -33.63 -9.59
N VAL K 3 41.81 0.17 44.63
CA VAL K 3 42.74 0.51 43.58
C VAL K 3 42.57 1.96 43.16
N LEU K 4 41.54 2.58 43.70
CA LEU K 4 41.22 3.97 43.39
C LEU K 4 41.81 4.86 44.47
N THR K 5 42.70 5.75 44.05
CA THR K 5 43.42 6.57 45.01
C THR K 5 42.67 7.83 45.38
N GLN K 6 42.55 8.08 46.68
CA GLN K 6 41.88 9.27 47.17
C GLN K 6 42.87 10.02 48.07
N PRO K 7 42.74 11.33 48.27
CA PRO K 7 43.51 12.07 49.23
C PRO K 7 43.26 11.45 50.56
N ALA K 8 44.26 11.34 51.43
CA ALA K 8 44.01 10.74 52.74
C ALA K 8 43.02 11.56 53.52
N SER K 9 43.11 12.87 53.37
CA SER K 9 42.23 13.79 54.05
C SER K 9 42.17 15.11 53.34
N VAL K 10 41.07 15.81 53.54
CA VAL K 10 40.87 17.16 53.06
C VAL K 10 40.28 17.97 54.19
N SER K 11 40.35 19.29 54.09
CA SER K 11 39.76 20.13 55.10
C SER K 11 39.41 21.50 54.59
N GLY K 12 38.68 22.21 55.41
CA GLY K 12 38.29 23.59 55.20
C GLY K 12 37.42 24.02 56.36
N SER K 13 37.18 25.31 56.47
CA SER K 13 36.37 25.88 57.53
C SER K 13 34.91 25.88 57.09
N PRO K 14 33.95 26.06 58.00
CA PRO K 14 32.56 26.10 57.64
C PRO K 14 32.30 27.15 56.59
N GLY K 15 31.52 26.76 55.61
CA GLY K 15 31.12 27.62 54.50
C GLY K 15 32.03 27.50 53.28
N GLN K 16 33.19 26.87 53.41
CA GLN K 16 34.10 26.75 52.29
C GLN K 16 33.75 25.52 51.48
N SER K 17 34.13 25.49 50.21
CA SER K 17 33.93 24.28 49.48
C SER K 17 35.21 23.47 49.51
N ILE K 18 35.06 22.16 49.42
CA ILE K 18 36.21 21.29 49.30
C ILE K 18 36.04 20.29 48.18
N THR K 19 37.15 19.81 47.63
CA THR K 19 37.08 18.81 46.57
C THR K 19 37.83 17.55 46.93
N ILE K 20 37.16 16.43 46.79
CA ILE K 20 37.74 15.13 47.05
C ILE K 20 37.90 14.38 45.75
N SER K 21 39.11 14.07 45.39
CA SER K 21 39.32 13.37 44.13
C SER K 21 39.38 11.87 44.34
N CYS K 22 39.26 11.15 43.24
CA CYS K 22 39.34 9.70 43.15
C CYS K 22 39.92 9.28 41.82
N THR K 23 41.17 8.83 41.84
CA THR K 23 41.82 8.54 40.57
C THR K 23 42.03 7.06 40.34
N GLY K 24 41.52 6.57 39.22
CA GLY K 24 41.63 5.17 38.85
C GLY K 24 42.25 5.04 37.49
N THR K 25 42.00 3.93 36.83
CA THR K 25 42.51 3.77 35.48
C THR K 25 41.37 3.74 34.46
N SER K 26 41.72 3.52 33.19
CA SER K 26 40.76 3.52 32.07
C SER K 26 39.80 2.35 32.11
N SER K 27 40.13 1.34 32.90
CA SER K 27 39.32 0.16 33.09
C SER K 27 38.38 0.31 34.27
N ASP K 28 38.52 1.44 35.01
CA ASP K 28 37.76 1.69 36.22
C ASP K 28 36.91 2.95 36.07
N VAL K 29 37.45 4.08 36.58
CA VAL K 29 36.77 5.35 36.61
C VAL K 29 36.54 5.88 35.22
N GLY K 30 37.53 5.74 34.35
CA GLY K 30 37.39 6.27 33.01
C GLY K 30 36.82 5.22 32.08
N GLY K 31 36.45 4.07 32.61
CA GLY K 31 35.95 2.98 31.80
C GLY K 31 34.47 3.07 31.66
N TYR K 32 33.80 3.25 32.79
CA TYR K 32 32.36 3.28 32.79
C TYR K 32 31.84 4.45 33.60
N ASN K 33 30.70 5.01 33.23
CA ASN K 33 30.13 6.09 34.05
C ASN K 33 29.25 5.52 35.15
N TYR K 34 29.84 4.71 36.00
CA TYR K 34 29.15 4.06 37.11
C TYR K 34 29.82 4.41 38.41
N VAL K 35 30.40 5.59 38.43
CA VAL K 35 31.12 6.07 39.58
C VAL K 35 30.19 6.58 40.64
N SER K 36 30.43 6.24 41.89
CA SER K 36 29.58 6.71 42.96
C SER K 36 30.37 7.11 44.18
N TRP K 37 29.72 7.89 45.04
CA TRP K 37 30.31 8.34 46.28
C TRP K 37 29.45 7.98 47.48
N HIS K 38 30.12 7.59 48.57
CA HIS K 38 29.48 7.18 49.81
C HIS K 38 30.01 7.92 51.03
N GLN K 39 29.13 8.26 51.96
CA GLN K 39 29.51 8.95 53.19
C GLN K 39 29.33 8.12 54.44
N GLN K 40 30.42 7.84 55.16
CA GLN K 40 30.34 7.01 56.35
C GLN K 40 30.75 7.72 57.64
N HIS K 41 29.86 7.72 58.61
CA HIS K 41 30.16 8.29 59.90
C HIS K 41 30.62 7.12 60.75
N PRO K 42 31.55 7.28 61.69
CA PRO K 42 32.03 6.21 62.52
C PRO K 42 30.89 5.50 63.22
N GLY K 43 30.92 4.17 63.19
CA GLY K 43 29.92 3.35 63.84
C GLY K 43 28.67 3.08 62.99
N LYS K 44 28.58 3.69 61.82
CA LYS K 44 27.41 3.54 60.98
C LYS K 44 27.71 2.93 59.63
N ALA K 45 26.66 2.39 59.00
CA ALA K 45 26.79 1.89 57.64
C ALA K 45 26.93 3.11 56.72
N PRO K 46 27.62 3.04 55.57
CA PRO K 46 27.73 4.11 54.58
C PRO K 46 26.42 4.53 53.94
N LYS K 47 26.30 5.81 53.63
CA LYS K 47 25.16 6.36 52.91
C LYS K 47 25.52 6.70 51.47
N LEU K 48 24.65 6.41 50.50
CA LEU K 48 24.94 6.80 49.12
C LEU K 48 24.68 8.27 48.91
N MET K 49 25.66 9.00 48.39
CA MET K 49 25.50 10.42 48.16
C MET K 49 25.35 10.76 46.68
N ILE K 50 26.19 10.15 45.85
CA ILE K 50 26.17 10.43 44.41
C ILE K 50 26.30 9.16 43.60
N TYR K 51 25.54 9.03 42.53
CA TYR K 51 25.68 7.86 41.68
C TYR K 51 25.73 8.18 40.19
N ASP K 52 26.29 7.26 39.41
CA ASP K 52 26.41 7.46 37.97
C ASP K 52 27.08 8.79 37.68
N VAL K 53 28.17 9.05 38.39
CA VAL K 53 29.01 10.24 38.34
C VAL K 53 28.41 11.50 38.98
N SER K 54 27.20 11.90 38.57
CA SER K 54 26.61 13.14 39.10
C SER K 54 25.15 13.12 39.62
N ASN K 55 24.50 11.97 39.80
CA ASN K 55 23.11 11.98 40.26
C ASN K 55 22.97 11.88 41.76
N ARG K 56 22.15 12.76 42.34
CA ARG K 56 21.92 12.76 43.78
C ARG K 56 20.63 12.02 44.13
N PRO K 57 20.65 10.99 45.00
CA PRO K 57 19.49 10.25 45.46
C PRO K 57 18.58 11.20 46.21
N SER K 58 17.29 10.93 46.19
CA SER K 58 16.41 11.77 46.96
C SER K 58 16.83 11.68 48.41
N GLY K 59 16.81 12.81 49.10
CA GLY K 59 17.21 12.86 50.50
C GLY K 59 18.62 13.41 50.66
N VAL K 60 19.36 13.48 49.55
CA VAL K 60 20.69 14.02 49.54
C VAL K 60 20.59 15.48 49.16
N SER K 61 21.24 16.33 49.95
CA SER K 61 21.19 17.75 49.72
C SER K 61 21.99 18.15 48.50
N ASN K 62 21.73 19.35 48.02
CA ASN K 62 22.34 19.85 46.79
C ASN K 62 23.68 20.47 47.00
N ARG K 63 24.21 20.34 48.20
CA ARG K 63 25.52 20.82 48.48
C ARG K 63 26.54 19.77 48.05
N PHE K 64 26.05 18.57 47.76
CA PHE K 64 26.92 17.50 47.34
C PHE K 64 26.71 17.30 45.86
N SER K 65 27.78 17.43 45.09
CA SER K 65 27.72 17.29 43.64
C SER K 65 28.99 16.68 43.15
N GLY K 66 29.06 16.33 41.88
CA GLY K 66 30.28 15.72 41.41
C GLY K 66 30.37 15.67 39.91
N SER K 67 31.52 15.22 39.46
CA SER K 67 31.86 15.16 38.06
C SER K 67 32.99 14.19 37.78
N LYS K 68 33.25 13.97 36.50
CA LYS K 68 34.36 13.14 36.07
C LYS K 68 35.04 13.69 34.83
N SER K 69 36.35 13.58 34.80
CA SER K 69 37.16 13.95 33.66
C SER K 69 38.31 12.98 33.47
N GLY K 70 38.45 12.41 32.29
CA GLY K 70 39.51 11.44 32.10
C GLY K 70 39.29 10.26 33.03
N ASN K 71 40.31 9.93 33.83
CA ASN K 71 40.24 8.82 34.75
C ASN K 71 40.06 9.31 36.18
N THR K 72 39.75 10.59 36.34
CA THR K 72 39.61 11.14 37.67
C THR K 72 38.20 11.57 38.00
N ALA K 73 37.70 11.05 39.11
CA ALA K 73 36.38 11.40 39.57
C ALA K 73 36.52 12.45 40.64
N SER K 74 35.51 13.28 40.77
CA SER K 74 35.56 14.32 41.78
C SER K 74 34.25 14.64 42.50
N LEU K 75 34.35 14.68 43.82
CA LEU K 75 33.27 15.03 44.73
C LEU K 75 33.43 16.43 45.28
N THR K 76 32.42 17.23 45.10
CA THR K 76 32.46 18.59 45.61
C THR K 76 31.48 18.76 46.73
N ILE K 77 31.96 19.30 47.84
CA ILE K 77 31.08 19.58 48.95
C ILE K 77 31.05 21.09 49.16
N SER K 78 29.93 21.71 48.83
CA SER K 78 29.80 23.16 48.93
C SER K 78 29.22 23.55 50.25
N GLY K 79 29.59 24.72 50.78
CA GLY K 79 28.92 25.13 51.99
C GLY K 79 29.26 24.18 53.11
N LEU K 80 30.50 23.74 53.23
CA LEU K 80 30.87 22.74 54.21
C LEU K 80 30.32 23.06 55.59
N GLN K 81 29.66 22.07 56.18
CA GLN K 81 29.06 22.18 57.50
C GLN K 81 29.82 21.32 58.48
N THR K 82 29.68 21.58 59.76
CA THR K 82 30.38 20.77 60.76
C THR K 82 29.86 19.34 60.80
N GLU K 83 28.60 19.14 60.45
CA GLU K 83 28.02 17.81 60.42
C GLU K 83 28.51 16.99 59.23
N ASP K 84 29.27 17.59 58.31
CA ASP K 84 29.75 16.87 57.15
C ASP K 84 30.97 16.06 57.46
N GLU K 85 31.55 16.20 58.67
CA GLU K 85 32.74 15.41 58.95
C GLU K 85 32.40 13.94 58.80
N ALA K 86 33.16 13.25 57.96
CA ALA K 86 32.90 11.84 57.65
C ALA K 86 34.01 11.27 56.81
N ASP K 87 34.03 9.96 56.67
CA ASP K 87 34.95 9.32 55.74
C ASP K 87 34.23 9.13 54.41
N TYR K 88 34.73 9.75 53.36
CA TYR K 88 34.05 9.66 52.07
C TYR K 88 34.77 8.67 51.20
N TYR K 89 34.01 7.86 50.50
CA TYR K 89 34.59 6.87 49.62
C TYR K 89 34.08 6.97 48.22
N CYS K 90 34.94 6.71 47.27
CA CYS K 90 34.50 6.60 45.90
C CYS K 90 34.47 5.15 45.56
N SER K 91 33.65 4.80 44.60
CA SER K 91 33.62 3.45 44.10
C SER K 91 33.28 3.43 42.64
N SER K 92 33.63 2.35 41.98
CA SER K 92 33.31 2.21 40.58
C SER K 92 33.26 0.78 40.12
N TYR K 93 32.61 0.56 39.00
CA TYR K 93 32.56 -0.73 38.36
C TYR K 93 33.76 -0.90 37.50
N THR K 94 34.39 -2.05 37.56
CA THR K 94 35.57 -2.26 36.76
C THR K 94 35.34 -3.34 35.73
N SER K 95 36.22 -3.35 34.73
CA SER K 95 36.20 -4.27 33.58
C SER K 95 36.32 -5.73 33.95
N SER K 96 36.73 -6.01 35.17
CA SER K 96 36.91 -7.35 35.69
C SER K 96 35.57 -7.98 36.09
N THR K 97 34.52 -7.18 36.04
CA THR K 97 33.16 -7.47 36.48
C THR K 97 33.17 -7.57 37.97
N THR K 98 33.79 -6.58 38.54
CA THR K 98 33.88 -6.41 39.97
C THR K 98 33.64 -4.96 40.28
N ASN K 99 33.41 -4.66 41.53
CA ASN K 99 33.29 -3.29 41.97
C ASN K 99 34.41 -3.02 42.94
N VAL K 100 34.90 -1.80 42.96
CA VAL K 100 35.94 -1.46 43.89
C VAL K 100 35.62 -0.21 44.64
N PHE K 101 36.25 -0.05 45.80
CA PHE K 101 36.15 1.16 46.58
C PHE K 101 37.52 1.76 46.63
N GLY K 102 37.58 3.06 46.78
CA GLY K 102 38.85 3.73 46.89
C GLY K 102 39.36 3.67 48.31
N THR K 103 40.48 4.32 48.51
CA THR K 103 41.15 4.29 49.80
C THR K 103 40.43 5.07 50.88
N GLY K 104 39.57 5.97 50.49
CA GLY K 104 38.81 6.78 51.42
C GLY K 104 39.49 8.09 51.76
N THR K 105 38.69 9.12 51.99
CA THR K 105 39.18 10.44 52.37
C THR K 105 38.54 10.91 53.65
N LYS K 106 39.35 11.32 54.61
CA LYS K 106 38.76 11.83 55.82
C LYS K 106 38.53 13.31 55.68
N VAL K 107 37.30 13.74 55.86
CA VAL K 107 36.97 15.13 55.74
C VAL K 107 36.73 15.72 57.07
N THR K 108 37.51 16.74 57.40
CA THR K 108 37.34 17.38 58.70
C THR K 108 36.92 18.81 58.48
N VAL K 109 36.41 19.44 59.54
CA VAL K 109 35.94 20.81 59.42
C VAL K 109 36.68 21.67 60.42
N LEU K 110 37.17 22.79 59.95
CA LEU K 110 37.97 23.72 60.74
C LEU K 110 37.14 24.89 61.26
N GLN L 1 9.86 1.14 54.76
CA GLN L 1 11.02 1.41 53.92
C GLN L 1 11.89 0.17 53.81
N VAL L 2 12.97 0.30 53.06
CA VAL L 2 13.91 -0.79 52.88
C VAL L 2 14.76 -1.04 54.09
N GLN L 3 14.83 -2.30 54.48
CA GLN L 3 15.67 -2.73 55.56
C GLN L 3 16.43 -3.98 55.15
N LEU L 4 17.66 -4.06 55.61
CA LEU L 4 18.47 -5.24 55.39
C LEU L 4 19.06 -5.60 56.73
N VAL L 5 18.80 -6.81 57.20
CA VAL L 5 19.33 -7.15 58.53
C VAL L 5 20.27 -8.33 58.53
N GLU L 6 21.52 -8.03 58.85
CA GLU L 6 22.59 -9.01 58.92
C GLU L 6 22.52 -9.89 60.15
N SER L 7 22.84 -11.16 59.96
CA SER L 7 22.98 -12.05 61.07
C SER L 7 24.04 -13.09 60.79
N GLY L 8 24.22 -13.98 61.75
CA GLY L 8 25.21 -15.05 61.63
C GLY L 8 26.66 -14.65 61.95
N GLY L 9 26.90 -13.57 62.67
CA GLY L 9 28.28 -13.19 62.94
C GLY L 9 28.83 -14.03 64.08
N GLY L 10 30.04 -13.73 64.55
CA GLY L 10 30.63 -14.54 65.60
C GLY L 10 32.14 -14.70 65.44
N VAL L 11 32.71 -15.63 66.19
CA VAL L 11 34.14 -15.85 66.15
C VAL L 11 34.44 -17.23 65.59
N VAL L 12 35.35 -17.26 64.63
CA VAL L 12 35.73 -18.46 63.92
C VAL L 12 37.21 -18.77 64.05
N GLN L 13 37.56 -19.89 64.63
CA GLN L 13 38.99 -20.14 64.70
C GLN L 13 39.47 -20.31 63.26
N PRO L 14 40.67 -19.84 62.90
CA PRO L 14 41.19 -19.90 61.55
C PRO L 14 41.12 -21.30 60.98
N GLY L 15 40.69 -21.36 59.74
CA GLY L 15 40.52 -22.59 58.96
C GLY L 15 39.07 -23.08 58.99
N ARG L 16 38.28 -22.58 59.92
CA ARG L 16 36.89 -22.97 60.03
C ARG L 16 36.01 -22.10 59.15
N SER L 17 34.80 -22.57 58.88
CA SER L 17 33.80 -21.84 58.11
C SER L 17 32.80 -21.07 58.96
N LEU L 18 32.11 -20.12 58.32
CA LEU L 18 31.02 -19.35 58.90
C LEU L 18 30.01 -18.95 57.82
N ARG L 19 28.72 -19.02 58.13
CA ARG L 19 27.70 -18.65 57.15
C ARG L 19 26.87 -17.46 57.60
N LEU L 20 26.91 -16.39 56.81
CA LEU L 20 26.18 -15.15 57.08
C LEU L 20 24.93 -15.03 56.25
N SER L 21 23.98 -14.27 56.75
CA SER L 21 22.81 -14.02 55.95
C SER L 21 22.14 -12.69 56.24
N CYS L 22 21.36 -12.20 55.27
CA CYS L 22 20.56 -11.00 55.48
C CYS L 22 19.09 -11.20 55.16
N ALA L 23 18.27 -10.71 56.07
CA ALA L 23 16.85 -10.72 55.87
C ALA L 23 16.45 -9.45 55.18
N ALA L 24 15.82 -9.55 54.04
CA ALA L 24 15.44 -8.34 53.32
C ALA L 24 13.96 -8.06 53.40
N SER L 25 13.61 -6.79 53.54
CA SER L 25 12.22 -6.38 53.52
C SER L 25 12.04 -4.96 53.01
N GLY L 26 10.80 -4.62 52.61
CA GLY L 26 10.46 -3.26 52.17
C GLY L 26 10.60 -3.05 50.66
N PHE L 27 10.99 -4.08 49.94
CA PHE L 27 11.17 -4.02 48.50
C PHE L 27 11.01 -5.41 47.94
N THR L 28 10.86 -5.53 46.63
CA THR L 28 10.79 -6.86 46.08
C THR L 28 12.18 -7.39 45.94
N PHE L 29 12.46 -8.46 46.63
CA PHE L 29 13.79 -9.04 46.68
C PHE L 29 14.22 -9.47 45.29
N ASN L 30 13.28 -10.05 44.58
CA ASN L 30 13.51 -10.64 43.27
C ASN L 30 13.81 -9.64 42.20
N ASN L 31 13.66 -8.36 42.46
CA ASN L 31 13.93 -7.42 41.41
C ASN L 31 15.31 -6.79 41.47
N TYR L 32 16.09 -7.07 42.52
CA TYR L 32 17.39 -6.41 42.60
C TYR L 32 18.50 -7.38 42.90
N GLY L 33 19.69 -7.12 42.37
CA GLY L 33 20.81 -7.96 42.72
C GLY L 33 21.33 -7.44 44.04
N MET L 34 22.24 -8.18 44.63
CA MET L 34 22.78 -7.77 45.91
C MET L 34 24.25 -8.02 46.08
N HIS L 35 24.82 -7.23 46.97
CA HIS L 35 26.24 -7.25 47.22
C HIS L 35 26.61 -7.45 48.67
N TRP L 36 27.78 -8.03 48.87
CA TRP L 36 28.39 -8.06 50.19
C TRP L 36 29.63 -7.18 50.15
N VAL L 37 29.79 -6.40 51.20
CA VAL L 37 30.93 -5.50 51.39
C VAL L 37 31.45 -5.72 52.81
N ARG L 38 32.76 -5.68 53.02
CA ARG L 38 33.24 -5.84 54.38
C ARG L 38 34.17 -4.72 54.79
N GLN L 39 34.21 -4.43 56.07
CA GLN L 39 35.14 -3.42 56.56
C GLN L 39 35.93 -3.85 57.77
N ALA L 40 37.24 -4.02 57.61
CA ALA L 40 38.06 -4.42 58.74
C ALA L 40 38.07 -3.23 59.66
N PRO L 41 38.12 -3.37 60.99
CA PRO L 41 38.18 -2.25 61.88
C PRO L 41 39.34 -1.36 61.53
N GLY L 42 39.10 -0.06 61.42
CA GLY L 42 40.15 0.91 61.11
C GLY L 42 40.47 1.05 59.62
N LYS L 43 39.83 0.27 58.78
CA LYS L 43 40.09 0.26 57.34
C LYS L 43 38.90 0.77 56.52
N GLY L 44 39.11 0.93 55.22
CA GLY L 44 38.06 1.38 54.33
C GLY L 44 37.19 0.21 53.91
N LEU L 45 36.30 0.45 52.97
CA LEU L 45 35.35 -0.58 52.53
C LEU L 45 35.95 -1.48 51.46
N GLU L 46 35.72 -2.77 51.56
CA GLU L 46 36.18 -3.72 50.56
C GLU L 46 35.02 -4.49 49.95
N TRP L 47 34.88 -4.46 48.65
CA TRP L 47 33.80 -5.18 48.03
C TRP L 47 34.13 -6.67 48.10
N VAL L 48 33.14 -7.52 48.43
CA VAL L 48 33.38 -8.96 48.52
C VAL L 48 32.76 -9.79 47.40
N ALA L 49 31.46 -9.58 47.16
CA ALA L 49 30.75 -10.41 46.17
C ALA L 49 29.44 -9.83 45.70
N VAL L 50 29.01 -10.21 44.50
CA VAL L 50 27.69 -9.83 43.98
C VAL L 50 26.93 -10.97 43.38
N ILE L 51 25.62 -10.97 43.58
CA ILE L 51 24.76 -11.94 42.96
C ILE L 51 23.62 -11.25 42.21
N SER L 52 23.30 -11.74 41.04
CA SER L 52 22.21 -11.21 40.22
C SER L 52 20.85 -11.53 40.81
N TYR L 53 19.83 -10.80 40.35
CA TYR L 53 18.48 -10.94 40.88
C TYR L 53 17.89 -12.35 40.80
N ASP L 54 18.30 -13.15 39.83
CA ASP L 54 17.79 -14.49 39.74
C ASP L 54 18.79 -15.56 40.18
N GLY L 55 19.92 -15.13 40.71
CA GLY L 55 20.96 -16.02 41.18
C GLY L 55 21.86 -16.61 40.08
N SER L 56 21.64 -16.23 38.83
CA SER L 56 22.38 -16.81 37.70
C SER L 56 23.83 -16.35 37.54
N ASN L 57 24.15 -15.16 38.02
CA ASN L 57 25.48 -14.61 37.87
C ASN L 57 26.09 -14.20 39.19
N LYS L 58 27.21 -14.82 39.49
CA LYS L 58 27.90 -14.62 40.75
C LYS L 58 29.35 -14.21 40.53
N TYR L 59 29.75 -13.06 41.09
CA TYR L 59 31.13 -12.58 40.93
C TYR L 59 31.75 -12.26 42.27
N TYR L 60 33.06 -12.47 42.37
CA TYR L 60 33.78 -12.26 43.62
C TYR L 60 35.01 -11.40 43.51
N ALA L 61 35.34 -10.74 44.61
CA ALA L 61 36.57 -10.01 44.70
C ALA L 61 37.71 -11.01 44.70
N ASP L 62 38.84 -10.66 44.12
CA ASP L 62 39.95 -11.61 44.09
C ASP L 62 40.37 -12.09 45.47
N SER L 63 40.28 -11.24 46.48
CA SER L 63 40.72 -11.56 47.83
C SER L 63 39.97 -12.70 48.52
N VAL L 64 38.80 -13.06 48.02
CA VAL L 64 37.98 -14.12 48.59
C VAL L 64 37.66 -15.19 47.55
N LYS L 65 38.22 -15.02 46.36
CA LYS L 65 37.83 -15.88 45.29
C LYS L 65 38.31 -17.29 45.53
N GLY L 66 37.40 -18.23 45.41
CA GLY L 66 37.71 -19.62 45.63
C GLY L 66 37.44 -20.06 47.07
N ARG L 67 37.18 -19.10 47.97
CA ARG L 67 36.93 -19.46 49.35
C ARG L 67 35.50 -19.14 49.73
N PHE L 68 34.96 -18.06 49.18
CA PHE L 68 33.61 -17.66 49.53
C PHE L 68 32.61 -18.03 48.42
N THR L 69 31.38 -18.35 48.83
CA THR L 69 30.26 -18.59 47.91
C THR L 69 29.08 -17.67 48.24
N ILE L 70 28.48 -17.08 47.22
CA ILE L 70 27.35 -16.19 47.44
C ILE L 70 26.12 -16.88 46.89
N SER L 71 25.01 -16.78 47.58
CA SER L 71 23.77 -17.38 47.11
C SER L 71 22.58 -16.63 47.64
N ARG L 72 21.41 -16.86 47.05
CA ARG L 72 20.21 -16.21 47.53
C ARG L 72 19.02 -17.11 47.41
N ASP L 73 18.12 -17.01 48.36
CA ASP L 73 16.88 -17.77 48.31
C ASP L 73 15.75 -16.78 48.14
N ASN L 74 15.24 -16.72 46.92
CA ASN L 74 14.23 -15.76 46.57
C ASN L 74 12.89 -16.00 47.23
N SER L 75 12.65 -17.19 47.74
CA SER L 75 11.37 -17.48 48.36
C SER L 75 11.33 -17.04 49.82
N LYS L 76 12.49 -16.70 50.38
CA LYS L 76 12.63 -16.34 51.78
C LYS L 76 13.14 -14.94 51.95
N ASN L 77 13.31 -14.24 50.84
CA ASN L 77 13.87 -12.90 50.82
C ASN L 77 15.18 -12.88 51.59
N THR L 78 16.01 -13.89 51.38
CA THR L 78 17.24 -13.95 52.13
C THR L 78 18.51 -14.10 51.30
N LEU L 79 19.50 -13.26 51.61
CA LEU L 79 20.80 -13.29 50.94
C LEU L 79 21.78 -14.06 51.83
N TYR L 80 22.62 -14.91 51.24
CA TYR L 80 23.62 -15.66 52.00
C TYR L 80 25.06 -15.49 51.55
N LEU L 81 25.99 -15.63 52.50
CA LEU L 81 27.42 -15.70 52.19
C LEU L 81 28.05 -16.85 52.96
N GLN L 82 28.60 -17.79 52.23
CA GLN L 82 29.23 -18.96 52.81
C GLN L 82 30.71 -18.76 52.78
N MET L 83 31.33 -18.60 53.94
CA MET L 83 32.75 -18.34 53.96
C MET L 83 33.50 -19.55 54.45
N ASN L 84 34.33 -20.13 53.61
CA ASN L 84 35.08 -21.30 54.02
C ASN L 84 36.52 -20.92 54.29
N SER L 85 37.23 -21.72 55.09
CA SER L 85 38.64 -21.49 55.32
C SER L 85 38.95 -20.05 55.68
N LEU L 86 38.34 -19.54 56.76
CA LEU L 86 38.55 -18.15 57.13
C LEU L 86 39.93 -17.96 57.71
N ARG L 87 40.49 -16.80 57.46
CA ARG L 87 41.81 -16.42 57.95
C ARG L 87 41.74 -15.13 58.74
N ALA L 88 42.80 -14.79 59.46
CA ALA L 88 42.78 -13.57 60.29
C ALA L 88 42.46 -12.32 59.47
N GLU L 89 42.88 -12.32 58.22
CA GLU L 89 42.68 -11.23 57.28
C GLU L 89 41.20 -10.98 56.96
N ASP L 90 40.33 -11.94 57.28
CA ASP L 90 38.91 -11.85 57.00
C ASP L 90 38.14 -11.22 58.16
N THR L 91 38.83 -10.80 59.23
CA THR L 91 38.08 -10.16 60.30
C THR L 91 37.55 -8.85 59.77
N ALA L 92 36.25 -8.68 59.88
CA ALA L 92 35.61 -7.49 59.37
C ALA L 92 34.17 -7.42 59.75
N VAL L 93 33.59 -6.24 59.61
CA VAL L 93 32.15 -6.15 59.71
C VAL L 93 31.63 -6.40 58.32
N TYR L 94 30.76 -7.36 58.17
CA TYR L 94 30.21 -7.68 56.87
C TYR L 94 28.86 -7.06 56.73
N TYR L 95 28.61 -6.46 55.57
CA TYR L 95 27.35 -5.79 55.29
C TYR L 95 26.68 -6.30 54.04
N CYS L 96 25.35 -6.30 54.06
CA CYS L 96 24.60 -6.51 52.85
C CYS L 96 24.26 -5.18 52.25
N ALA L 97 24.18 -5.15 50.93
CA ALA L 97 23.72 -3.95 50.28
C ALA L 97 22.88 -4.29 49.04
N LYS L 98 21.87 -3.46 48.83
CA LYS L 98 20.92 -3.54 47.73
C LYS L 98 21.37 -2.76 46.52
N ASP L 99 21.45 -3.43 45.37
CA ASP L 99 21.80 -2.80 44.12
C ASP L 99 20.62 -1.98 43.65
N LYS L 100 20.83 -0.74 43.30
CA LYS L 100 19.76 0.15 42.87
C LYS L 100 19.00 -0.25 41.61
N ARG L 101 19.66 -0.94 40.68
CA ARG L 101 19.05 -1.22 39.38
C ARG L 101 18.02 -2.35 39.37
N PHE L 102 16.91 -2.09 38.68
CA PHE L 102 15.75 -2.98 38.55
C PHE L 102 15.83 -4.01 37.43
N ILE L 103 15.69 -5.30 37.81
CA ILE L 103 15.74 -6.48 36.95
C ILE L 103 16.65 -6.40 35.74
N THR L 104 17.92 -6.23 36.02
CA THR L 104 18.97 -6.14 35.03
C THR L 104 20.09 -7.07 35.35
N MET L 105 20.86 -7.46 34.34
CA MET L 105 22.03 -8.28 34.60
C MET L 105 23.31 -7.45 34.69
N ILE L 106 23.15 -6.13 34.78
CA ILE L 106 24.25 -5.21 34.95
C ILE L 106 24.52 -5.02 36.44
N LEU L 107 25.58 -5.67 36.91
CA LEU L 107 25.92 -5.69 38.32
C LEU L 107 26.90 -4.60 38.68
N VAL L 108 26.42 -3.36 38.55
CA VAL L 108 27.30 -2.20 38.70
C VAL L 108 26.98 -1.26 39.86
N GLY L 109 25.95 -1.51 40.65
CA GLY L 109 25.66 -0.55 41.70
C GLY L 109 24.90 0.61 41.09
N PRO L 110 24.69 1.66 41.86
CA PRO L 110 25.19 1.98 43.17
C PRO L 110 24.56 1.12 44.22
N PHE L 111 25.14 1.15 45.40
CA PHE L 111 24.62 0.43 46.53
C PHE L 111 23.61 1.38 47.13
N ASP L 112 22.34 1.10 46.91
CA ASP L 112 21.23 1.98 47.25
C ASP L 112 20.98 1.95 48.74
N TYR L 113 20.99 0.76 49.30
CA TYR L 113 20.77 0.59 50.73
C TYR L 113 21.76 -0.34 51.34
N TRP L 114 22.16 -0.02 52.55
CA TRP L 114 23.08 -0.81 53.33
C TRP L 114 22.40 -1.31 54.59
N GLY L 115 22.81 -2.46 55.05
CA GLY L 115 22.33 -2.97 56.33
C GLY L 115 23.21 -2.39 57.41
N GLN L 116 23.21 -2.96 58.61
CA GLN L 116 23.99 -2.34 59.68
C GLN L 116 25.31 -3.04 59.87
N GLY L 117 25.35 -4.28 59.47
CA GLY L 117 26.55 -5.09 59.51
C GLY L 117 26.68 -5.97 60.72
N THR L 118 27.42 -7.06 60.55
CA THR L 118 27.69 -7.97 61.65
C THR L 118 29.16 -8.33 61.66
N LEU L 119 29.74 -8.43 62.85
CA LEU L 119 31.16 -8.72 62.94
C LEU L 119 31.53 -10.17 62.97
N VAL L 120 32.51 -10.48 62.13
CA VAL L 120 33.11 -11.79 62.09
C VAL L 120 34.57 -11.64 62.51
N THR L 121 34.94 -12.37 63.55
CA THR L 121 36.29 -12.33 64.12
C THR L 121 37.00 -13.63 63.85
N VAL L 122 38.24 -13.57 63.37
CA VAL L 122 38.95 -14.82 63.10
C VAL L 122 40.30 -14.85 63.79
C1 NAG M . 31.60 -11.07 -18.82
C2 NAG M . 31.54 -12.37 -19.55
C3 NAG M . 32.90 -12.68 -20.00
C4 NAG M . 33.48 -11.58 -20.94
C5 NAG M . 33.45 -10.25 -20.14
C6 NAG M . 33.92 -9.07 -20.93
C7 NAG M . 30.00 -14.03 -18.69
C8 NAG M . 29.73 -15.04 -17.65
N2 NAG M . 31.14 -13.41 -18.63
O3 NAG M . 32.90 -13.96 -20.68
O4 NAG M . 34.83 -11.92 -21.14
O5 NAG M . 32.12 -9.93 -19.72
O6 NAG M . 33.91 -7.88 -20.17
O7 NAG M . 29.18 -13.79 -19.59
C1 NAG M . 35.19 -12.09 -22.49
C2 NAG M . 36.67 -12.19 -22.52
C3 NAG M . 37.16 -12.34 -23.90
C4 NAG M . 36.54 -13.68 -24.44
C5 NAG M . 34.98 -13.59 -24.42
C6 NAG M . 34.37 -14.89 -24.88
C7 NAG M . 37.83 -11.00 -20.75
C8 NAG M . 38.27 -9.69 -20.20
N2 NAG M . 37.22 -10.98 -21.92
O3 NAG M . 38.61 -12.38 -23.91
O4 NAG M . 36.99 -13.88 -25.74
O5 NAG M . 34.57 -13.39 -23.06
O6 NAG M . 35.29 -15.66 -25.63
O7 NAG M . 38.04 -12.06 -20.15
C1 NAG N . 31.11 20.29 -19.06
C2 NAG N . 31.61 20.20 -20.47
C3 NAG N . 31.30 21.45 -21.20
C4 NAG N . 29.75 21.71 -21.25
C5 NAG N . 29.29 21.81 -19.76
C6 NAG N . 27.82 21.98 -19.57
C7 NAG N . 33.67 18.94 -20.66
C8 NAG N . 35.15 18.94 -20.50
N2 NAG N . 33.06 20.07 -20.43
O3 NAG N . 31.84 21.36 -22.54
O4 NAG N . 29.46 22.93 -21.94
O5 NAG N . 29.61 20.59 -19.11
O6 NAG N . 27.30 22.97 -20.41
O7 NAG N . 33.07 17.92 -20.99
C1 NAG N . 28.71 22.73 -23.14
C2 NAG N . 28.17 24.05 -23.61
C3 NAG N . 27.32 23.74 -24.79
C4 NAG N . 28.09 23.10 -26.00
C5 NAG N . 28.72 21.82 -25.37
C6 NAG N . 29.57 21.09 -26.37
C7 NAG N . 27.65 25.77 -21.96
C8 NAG N . 26.69 26.26 -20.91
N2 NAG N . 27.33 24.65 -22.58
O3 NAG N . 26.66 24.96 -25.19
O4 NAG N . 27.13 22.67 -26.95
O5 NAG N . 29.56 22.07 -24.24
O6 NAG N . 28.76 20.57 -27.40
O7 NAG N . 28.68 26.37 -22.23
C1 BMA N . 27.21 23.31 -28.28
C2 BMA N . 26.19 22.64 -29.21
C3 BMA N . 26.22 23.19 -30.59
C4 BMA N . 25.90 24.66 -30.45
C5 BMA N . 26.94 25.34 -29.53
C6 BMA N . 26.58 26.86 -29.29
O2 BMA N . 24.98 22.90 -28.70
O3 BMA N . 25.23 22.51 -31.41
O4 BMA N . 25.93 25.25 -31.72
O5 BMA N . 26.90 24.72 -28.23
O6 BMA N . 27.72 27.72 -28.92
C1 MAN N . 25.79 22.14 -32.73
C2 MAN N . 24.69 21.53 -33.62
C3 MAN N . 24.25 20.22 -33.04
C4 MAN N . 25.45 19.28 -33.01
C5 MAN N . 26.54 19.92 -32.12
C6 MAN N . 27.84 19.03 -32.09
O2 MAN N . 25.30 21.42 -34.85
O3 MAN N . 23.19 19.60 -33.80
O4 MAN N . 25.04 18.06 -32.47
O5 MAN N . 26.90 21.20 -32.67
O6 MAN N . 27.57 17.58 -32.13
C1 MAN N . 24.35 21.35 -35.98
C2 MAN N . 25.10 21.24 -37.31
C3 MAN N . 25.80 22.50 -37.65
C4 MAN N . 24.75 23.59 -37.75
C5 MAN N . 24.03 23.71 -36.39
C6 MAN N . 22.90 24.79 -36.46
O2 MAN N . 24.11 21.01 -38.23
O3 MAN N . 26.52 22.35 -38.90
O4 MAN N . 25.37 24.79 -38.09
O5 MAN N . 23.40 22.46 -36.09
O6 MAN N . 23.35 26.04 -37.09
C1 MAN N . 24.20 19.68 -38.87
C2 MAN N . 23.33 19.68 -40.13
C3 MAN N . 21.90 19.85 -39.79
C4 MAN N . 21.46 18.68 -38.93
C5 MAN N . 22.35 18.70 -37.67
C6 MAN N . 22.03 17.51 -36.70
O2 MAN N . 23.49 18.49 -40.73
O3 MAN N . 21.14 19.90 -41.00
O4 MAN N . 20.13 18.87 -38.58
O5 MAN N . 23.75 18.57 -38.03
O6 MAN N . 22.94 16.36 -36.76
C1 MAN N . 28.45 28.21 -30.09
C2 MAN N . 29.79 28.73 -29.59
C3 MAN N . 29.62 29.85 -28.64
C4 MAN N . 28.89 30.95 -29.39
C5 MAN N . 27.52 30.41 -29.90
C6 MAN N . 26.74 31.47 -30.77
O2 MAN N . 30.46 29.17 -30.66
O3 MAN N . 30.93 30.33 -28.19
O4 MAN N . 28.67 32.00 -28.50
O5 MAN N . 27.76 29.29 -30.76
O6 MAN N . 27.51 32.66 -31.21
C1 MAN N . 31.48 29.55 -27.06
C2 MAN N . 32.57 30.34 -26.35
C3 MAN N . 33.77 30.55 -27.20
C4 MAN N . 34.32 29.18 -27.54
C5 MAN N . 33.21 28.39 -28.29
C6 MAN N . 33.71 26.95 -28.65
O2 MAN N . 32.92 29.66 -25.26
O3 MAN N . 34.76 31.33 -26.47
O4 MAN N . 35.44 29.32 -28.34
O5 MAN N . 32.06 28.27 -27.44
O6 MAN N . 35.11 26.89 -29.11
C1 MAN N . 28.11 32.51 -32.54
C2 MAN N . 29.31 33.45 -32.63
C3 MAN N . 28.89 34.87 -32.53
C4 MAN N . 27.95 35.13 -33.70
C5 MAN N . 26.72 34.17 -33.62
C6 MAN N . 25.80 34.37 -34.87
O2 MAN N . 29.89 33.26 -33.82
O3 MAN N . 30.07 35.72 -32.59
O4 MAN N . 27.53 36.46 -33.65
O5 MAN N . 27.21 32.83 -33.65
O6 MAN N . 25.57 35.78 -35.25
C1 NAG O . 8.34 -15.21 -34.27
C2 NAG O . 9.13 -16.49 -34.28
C3 NAG O . 9.50 -16.76 -35.67
C4 NAG O . 8.26 -16.90 -36.60
C5 NAG O . 7.46 -15.57 -36.49
C6 NAG O . 6.20 -15.57 -37.29
C7 NAG O . 10.59 -16.87 -32.39
C8 NAG O . 11.88 -16.54 -31.73
N2 NAG O . 10.34 -16.29 -33.53
O3 NAG O . 10.30 -17.96 -35.74
O4 NAG O . 8.77 -16.97 -37.91
O5 NAG O . 7.08 -15.32 -35.13
O6 NAG O . 5.50 -14.34 -37.19
O7 NAG O . 9.80 -17.68 -31.89
C1 NAG O . 8.40 -18.13 -38.61
C2 NAG O . 8.81 -17.91 -40.03
C3 NAG O . 8.43 -19.06 -40.87
C4 NAG O . 9.21 -20.30 -40.28
C5 NAG O . 8.79 -20.54 -38.80
C6 NAG O . 9.56 -21.69 -38.21
C7 NAG O . 8.84 -15.60 -40.76
C8 NAG O . 8.05 -14.40 -41.17
N2 NAG O . 8.16 -16.70 -40.51
O3 NAG O . 8.79 -18.80 -42.24
O4 NAG O . 8.90 -21.41 -41.05
O5 NAG O . 9.12 -19.37 -38.05
O6 NAG O . 10.11 -22.53 -39.21
O7 NAG O . 10.07 -15.56 -40.68
C1 NAG P . -19.00 -0.12 -37.18
C2 NAG P . -19.44 -1.26 -38.05
C3 NAG P . -20.91 -1.33 -38.08
C4 NAG P . -21.51 -1.55 -36.65
C5 NAG P . -21.04 -0.32 -35.80
C6 NAG P . -21.43 -0.37 -34.36
C7 NAG P . -17.95 -1.64 -39.93
C8 NAG P . -17.56 -1.21 -41.30
N2 NAG P . -18.97 -1.00 -39.40
O3 NAG P . -21.31 -2.41 -38.97
O4 NAG P . -22.94 -1.59 -36.69
O5 NAG P . -19.62 -0.30 -35.79
O6 NAG P . -22.79 -0.70 -34.20
O7 NAG P . -17.36 -2.54 -39.34
C1 NAG P . -23.47 -2.85 -36.29
C2 NAG P . -24.95 -2.71 -36.04
C3 NAG P . -25.41 -4.03 -35.54
C4 NAG P . -25.22 -5.22 -36.54
C5 NAG P . -23.69 -5.19 -36.83
C6 NAG P . -23.31 -6.23 -37.85
C7 NAG P . -25.81 -0.57 -35.27
C8 NAG P . -26.00 0.37 -34.11
N2 NAG P . -25.20 -1.71 -35.02
O3 NAG P . -26.79 -3.90 -35.14
O4 NAG P . -25.49 -6.43 -35.85
O5 NAG P . -23.21 -3.95 -37.34
O6 NAG P . -23.51 -7.52 -37.31
O7 NAG P . -26.22 -0.29 -36.39
C1 BMA P . -26.62 -7.23 -36.37
C2 BMA P . -26.69 -8.55 -35.59
C3 BMA P . -27.78 -9.44 -36.06
C4 BMA P . -29.06 -8.66 -35.87
C5 BMA P . -29.00 -7.34 -36.67
C6 BMA P . -30.29 -6.47 -36.42
O2 BMA P . -26.96 -8.22 -34.32
O3 BMA P . -27.79 -10.66 -35.28
O4 BMA P . -30.13 -9.45 -36.32
O5 BMA P . -27.89 -6.55 -36.21
O6 BMA P . -30.60 -5.51 -37.49
C1 MAN P . -27.93 -11.85 -36.14
C2 MAN P . -28.05 -13.13 -35.28
C3 MAN P . -26.75 -13.36 -34.57
C4 MAN P . -25.66 -13.56 -35.59
C5 MAN P . -25.56 -12.28 -36.45
C6 MAN P . -24.49 -12.44 -37.59
O2 MAN P . -28.36 -14.10 -36.19
O3 MAN P . -26.80 -14.52 -33.69
O4 MAN P . -24.45 -13.79 -34.92
O5 MAN P . -26.83 -12.05 -37.09
O6 MAN P . -23.31 -13.23 -37.19
C1 MAN P . -29.03 -15.28 -35.60
C2 MAN P . -29.35 -16.33 -36.68
C3 MAN P . -30.43 -15.85 -37.57
C4 MAN P . -31.66 -15.61 -36.72
C5 MAN P . -31.32 -14.54 -35.66
C6 MAN P . -32.54 -14.29 -34.72
O2 MAN P . -29.79 -17.40 -35.98
O3 MAN P . -30.70 -16.85 -38.60
O4 MAN P . -32.71 -15.18 -37.53
O5 MAN P . -30.25 -15.01 -34.84
O6 MAN P . -33.80 -14.12 -35.45
C1 MAN P . -28.90 -18.59 -36.10
C2 MAN P . -29.67 -19.82 -35.62
C3 MAN P . -29.99 -19.74 -34.18
C4 MAN P . -28.70 -19.67 -33.39
C5 MAN P . -27.94 -18.41 -33.89
C6 MAN P . -26.56 -18.24 -33.18
O2 MAN P . -28.87 -20.89 -35.82
O3 MAN P . -30.75 -20.89 -33.79
O4 MAN P . -29.01 -19.54 -32.05
O5 MAN P . -27.68 -18.50 -35.31
O6 MAN P . -25.38 -18.67 -33.94
C1 MAN P . -31.39 -6.11 -38.58
C2 MAN P . -31.30 -5.17 -39.77
C3 MAN P . -31.89 -3.85 -39.46
C4 MAN P . -33.35 -4.09 -39.09
C5 MAN P . -33.42 -5.05 -37.87
C6 MAN P . -34.90 -5.42 -37.48
O2 MAN P . -32.01 -5.73 -40.76
O3 MAN P . -31.81 -2.98 -40.63
O4 MAN P . -33.90 -2.86 -38.74
O5 MAN P . -32.78 -6.29 -38.22
O6 MAN P . -35.94 -5.06 -38.46
C1 MAN P . -30.49 -2.29 -40.75
C2 MAN P . -30.62 -1.08 -41.68
C3 MAN P . -30.90 -1.47 -43.09
C4 MAN P . -29.75 -2.33 -43.56
C5 MAN P . -29.65 -3.56 -42.63
C6 MAN P . -28.45 -4.48 -43.06
O2 MAN P . -29.46 -0.43 -41.64
O3 MAN P . -31.03 -0.27 -43.91
O4 MAN P . -29.98 -2.72 -44.87
O5 MAN P . -29.43 -3.13 -41.28
O6 MAN P . -28.29 -4.63 -44.52
C1 MAN P . -36.28 -6.15 -39.40
C2 MAN P . -36.85 -5.53 -40.67
C3 MAN P . -38.13 -4.82 -40.39
C4 MAN P . -39.10 -5.88 -39.85
C5 MAN P . -38.51 -6.52 -38.55
C6 MAN P . -39.46 -7.66 -38.04
O2 MAN P . -37.09 -6.52 -41.53
O3 MAN P . -38.63 -4.24 -41.62
O4 MAN P . -40.32 -5.27 -39.57
O5 MAN P . -37.25 -7.11 -38.88
O6 MAN P . -40.89 -7.34 -38.08
C1 NAG Q . -0.29 -34.92 -15.99
C2 NAG Q . 0.99 -35.40 -16.60
C3 NAG Q . 0.69 -36.64 -17.33
C4 NAG Q . 0.11 -37.75 -16.39
C5 NAG Q . -1.17 -37.15 -15.74
C6 NAG Q . -1.81 -38.08 -14.76
C7 NAG Q . 2.50 -33.70 -17.43
C8 NAG Q . 2.80 -32.73 -18.51
N2 NAG Q . 1.44 -34.43 -17.58
O3 NAG Q . 1.88 -37.13 -17.98
O4 NAG Q . -0.29 -38.79 -17.24
O5 NAG Q . -0.87 -35.96 -15.02
O6 NAG Q . -2.99 -37.52 -14.20
O7 NAG Q . 3.24 -33.83 -16.45
C1 NAG Q . 0.31 -40.03 -16.96
C2 NAG Q . -0.42 -41.04 -17.77
C3 NAG Q . 0.11 -42.39 -17.53
C4 NAG Q . 1.62 -42.36 -17.97
C5 NAG Q . 2.40 -41.29 -17.13
C6 NAG Q . 3.83 -41.20 -17.59
C7 NAG Q . -2.75 -40.53 -18.25
C8 NAG Q . -4.14 -40.44 -17.74
N2 NAG Q . -1.83 -40.99 -17.42
O3 NAG Q . -0.65 -43.37 -18.28
O4 NAG Q . 2.17 -43.62 -17.78
O5 NAG Q . 1.79 -40.02 -17.36
O6 NAG Q . 4.23 -42.37 -18.28
O7 NAG Q . -2.46 -40.20 -19.40
C1 NAG R . -20.87 -35.34 7.67
C2 NAG R . -20.37 -36.72 7.97
C3 NAG R . -20.66 -37.07 9.37
C4 NAG R . -19.96 -36.08 10.37
C5 NAG R . -20.54 -34.67 10.03
C6 NAG R . -19.95 -33.55 10.81
C7 NAG R . -20.55 -38.21 6.07
C8 NAG R . -21.43 -39.09 5.26
N2 NAG R . -21.09 -37.65 7.12
O3 NAG R . -20.22 -38.43 9.62
O4 NAG R . -20.27 -36.42 11.73
O5 NAG R . -20.23 -34.37 8.67
O6 NAG R . -19.90 -33.84 12.19
O7 NAG R . -19.37 -38.04 5.76
C1 NAG R . -19.13 -36.81 12.48
C2 NAG R . -19.48 -36.81 13.95
C3 NAG R . -18.21 -37.12 14.66
C4 NAG R . -17.59 -38.52 14.32
C5 NAG R . -17.39 -38.45 12.78
C6 NAG R . -16.87 -39.75 12.24
C7 NAG R . -21.18 -35.27 14.76
C8 NAG R . -21.51 -33.87 15.16
N2 NAG R . -19.94 -35.50 14.37
O3 NAG R . -18.46 -37.00 16.08
O4 NAG R . -16.29 -38.58 14.91
O5 NAG R . -18.58 -38.18 12.05
O6 NAG R . -15.55 -39.97 12.72
O7 NAG R . -22.01 -36.18 14.81
C1 BMA R . -16.09 -39.64 15.92
C2 BMA R . -14.62 -39.63 16.35
C3 BMA R . -14.31 -40.69 17.35
C4 BMA R . -15.18 -40.40 18.55
C5 BMA R . -16.67 -40.42 18.12
C6 BMA R . -17.61 -40.03 19.33
O2 BMA R . -14.39 -38.45 16.93
O3 BMA R . -12.90 -40.63 17.70
O4 BMA R . -14.95 -41.37 19.52
O5 BMA R . -16.90 -39.42 17.11
O6 BMA R . -18.98 -40.53 19.22
C1 MAN R . -12.29 -41.97 17.72
C2 MAN R . -10.83 -41.89 18.22
C3 MAN R . -10.02 -41.14 17.20
C4 MAN R . -10.05 -41.90 15.89
C5 MAN R . -11.52 -41.98 15.43
C6 MAN R . -11.64 -42.81 14.10
O2 MAN R . -10.47 -43.20 18.36
O3 MAN R . -8.63 -40.98 17.62
O4 MAN R . -9.28 -41.21 14.96
O5 MAN R . -12.29 -42.65 16.43
O6 MAN R . -10.51 -42.64 13.17
C1 MAN R . -9.33 -43.41 19.29
C2 MAN R . -8.98 -44.90 19.40
C3 MAN R . -10.04 -45.64 20.13
C4 MAN R . -10.15 -45.04 21.52
C5 MAN R . -10.52 -43.54 21.37
C6 MAN R . -10.59 -42.86 22.78
O2 MAN R . -7.84 -44.92 20.13
O3 MAN R . -9.70 -47.05 20.20
O4 MAN R . -11.12 -45.72 22.25
O5 MAN R . -9.50 -42.88 20.64
O6 MAN R . -11.36 -43.65 23.76
C1 MAN R . -6.67 -45.43 19.38
C2 MAN R . -5.56 -45.78 20.37
C3 MAN R . -5.06 -44.58 21.07
C4 MAN R . -4.48 -43.62 20.06
C5 MAN R . -5.61 -43.29 19.06
C6 MAN R . -5.13 -42.32 17.92
O2 MAN R . -4.55 -46.32 19.67
O3 MAN R . -4.07 -44.97 22.03
O4 MAN R . -4.06 -42.48 20.71
O5 MAN R . -6.11 -44.48 18.42
O6 MAN R . -4.83 -42.95 16.63
C1 MAN R . -19.13 -41.90 19.73
C2 MAN R . -20.46 -42.43 19.22
C3 MAN R . -21.60 -41.63 19.72
C4 MAN R . -21.55 -41.72 21.24
C5 MAN R . -20.19 -41.17 21.76
C6 MAN R . -20.03 -41.32 23.32
O2 MAN R . -20.58 -43.68 19.67
O3 MAN R . -22.86 -42.18 19.22
O4 MAN R . -22.59 -40.93 21.74
O5 MAN R . -19.14 -41.96 21.18
O6 MAN R . -21.02 -42.18 24.00
C1 MAN R . -23.21 -41.69 17.86
C2 MAN R . -24.69 -41.91 17.59
C3 MAN R . -25.05 -43.35 17.51
C4 MAN R . -24.26 -43.94 16.37
C5 MAN R . -22.76 -43.75 16.67
C6 MAN R . -21.88 -44.32 15.50
O2 MAN R . -24.98 -41.33 16.43
O3 MAN R . -26.48 -43.49 17.28
O4 MAN R . -24.56 -45.30 16.27
O5 MAN R . -22.47 -42.34 16.79
O6 MAN R . -22.36 -45.60 14.95
C1 MAN R . -20.58 -43.57 24.17
C2 MAN R . -21.82 -44.46 24.29
C3 MAN R . -22.59 -44.12 25.52
C4 MAN R . -21.66 -44.37 26.71
C5 MAN R . -20.39 -43.47 26.58
C6 MAN R . -19.39 -43.79 27.74
O2 MAN R . -21.40 -45.72 24.39
O3 MAN R . -23.76 -44.97 25.59
O4 MAN R . -22.34 -44.08 27.88
O5 MAN R . -19.74 -43.80 25.35
O6 MAN R . -20.01 -43.94 29.07
C1 NAG S . 29.24 -14.93 25.79
C2 NAG S . 30.69 -15.26 25.54
C3 NAG S . 31.55 -14.29 26.26
C4 NAG S . 31.30 -12.82 25.77
C5 NAG S . 29.79 -12.54 26.07
C6 NAG S . 29.31 -11.20 25.60
C7 NAG S . 31.08 -17.64 25.34
C8 NAG S . 31.27 -18.93 26.05
N2 NAG S . 30.94 -16.58 26.09
O3 NAG S . 32.94 -14.67 26.04
O4 NAG S . 32.13 -11.90 26.48
O5 NAG S . 29.00 -13.48 25.36
O6 NAG S . 30.19 -10.17 25.98
O7 NAG S . 31.06 -17.58 24.11
C1 NAG S . 33.06 -11.23 25.64
C2 NAG S . 33.64 -10.05 26.38
C3 NAG S . 34.52 -9.35 25.41
C4 NAG S . 35.72 -10.20 24.87
C5 NAG S . 35.01 -11.44 24.24
C6 NAG S . 36.02 -12.43 23.73
C7 NAG S . 32.29 -8.94 28.07
C8 NAG S . 31.17 -7.98 28.36
N2 NAG S . 32.59 -9.15 26.81
O3 NAG S . 34.99 -8.13 26.04
O4 NAG S . 36.33 -9.49 23.81
O5 NAG S . 34.18 -12.16 25.15
O6 NAG S . 36.72 -11.88 22.63
O7 NAG S . 32.90 -9.51 28.97
C1 BMA S . 37.74 -9.10 24.01
C2 BMA S . 38.26 -8.45 22.72
C3 BMA S . 39.69 -8.06 22.82
C4 BMA S . 39.78 -7.07 23.96
C5 BMA S . 39.26 -7.73 25.27
C6 BMA S . 39.26 -6.70 26.46
O2 BMA S . 37.55 -7.33 22.55
O3 BMA S . 40.12 -7.45 21.57
O4 BMA S . 41.11 -6.68 24.11
O5 BMA S . 37.90 -8.15 25.09
O6 BMA S . 39.33 -7.31 27.80
C1 MAN S . 41.43 -7.97 21.13
C2 MAN S . 41.91 -7.23 19.87
C3 MAN S . 40.99 -7.56 18.73
C4 MAN S . 41.06 -9.05 18.48
C5 MAN S . 40.58 -9.78 19.76
C6 MAN S . 40.68 -11.34 19.59
O2 MAN S . 43.20 -7.68 19.71
O3 MAN S . 41.36 -6.86 17.51
O4 MAN S . 40.21 -9.36 17.40
O5 MAN S . 41.44 -9.40 20.85
O6 MAN S . 40.37 -11.82 18.23
C1 MAN S . 44.04 -6.77 18.90
C2 MAN S . 45.47 -7.34 18.76
C3 MAN S . 46.20 -7.29 20.06
C4 MAN S . 46.27 -5.84 20.48
C5 MAN S . 44.83 -5.30 20.64
C6 MAN S . 44.85 -3.78 21.04
O2 MAN S . 46.07 -6.50 17.88
O3 MAN S . 47.52 -7.85 19.90
O4 MAN S . 46.96 -5.75 21.69
O5 MAN S . 44.15 -5.40 19.39
O6 MAN S . 45.79 -3.49 22.12
C1 MAN S . 46.44 -7.17 16.60
C2 MAN S . 47.44 -6.28 15.86
C3 MAN S . 46.83 -4.99 15.46
C4 MAN S . 45.68 -5.27 14.51
C5 MAN S . 44.69 -6.17 15.28
C6 MAN S . 43.45 -6.57 14.40
O2 MAN S . 47.82 -6.94 14.76
O3 MAN S . 47.82 -4.18 14.82
O4 MAN S . 45.08 -4.07 14.18
O5 MAN S . 45.32 -7.40 15.70
O6 MAN S . 43.49 -7.92 13.81
C1 MAN S . 40.71 -7.57 28.22
C2 MAN S . 40.63 -8.53 29.40
C3 MAN S . 39.91 -7.93 30.54
C4 MAN S . 40.68 -6.68 30.94
C5 MAN S . 40.74 -5.71 29.73
C6 MAN S . 41.61 -4.42 30.03
O2 MAN S . 41.90 -8.78 29.77
O3 MAN S . 39.88 -8.87 31.66
O4 MAN S . 39.98 -6.07 31.98
O5 MAN S . 41.40 -6.38 28.64
O6 MAN S . 42.43 -4.46 31.26
C1 MAN S . 38.76 -9.86 31.56
C2 MAN S . 38.50 -10.48 32.92
C3 MAN S . 39.62 -11.33 33.40
C4 MAN S . 39.80 -12.44 32.38
C5 MAN S . 40.11 -11.79 31.01
C6 MAN S . 40.28 -12.89 29.91
O2 MAN S . 37.40 -11.24 32.81
O3 MAN S . 39.31 -11.88 34.71
O4 MAN S . 40.86 -13.25 32.78
O5 MAN S . 39.01 -10.95 30.62
O6 MAN S . 41.03 -14.09 30.35
C1 MAN S . 43.81 -4.91 31.02
C2 MAN S . 44.35 -5.48 32.34
C3 MAN S . 44.44 -4.43 33.38
C4 MAN S . 45.39 -3.36 32.85
C5 MAN S . 44.85 -2.78 31.51
C6 MAN S . 45.87 -1.75 30.92
O2 MAN S . 45.58 -5.95 32.10
O3 MAN S . 44.93 -5.02 34.61
O4 MAN S . 45.51 -2.35 33.81
O5 MAN S . 44.72 -3.86 30.58
O6 MAN S . 46.45 -0.83 31.90
C1 NAG T . 22.74 -31.13 -0.72
C2 NAG T . 23.19 -31.69 -2.06
C3 NAG T . 23.81 -33.07 -1.84
C4 NAG T . 24.94 -32.96 -0.83
C5 NAG T . 24.42 -32.35 0.47
C6 NAG T . 25.50 -32.12 1.49
C7 NAG T . 21.51 -30.83 -3.65
C8 NAG T . 20.38 -31.22 -4.56
N2 NAG T . 22.10 -31.84 -3.01
O3 NAG T . 24.27 -33.59 -3.07
O4 NAG T . 25.42 -34.26 -0.55
O5 NAG T . 23.82 -31.06 0.19
O6 NAG T . 26.51 -31.24 0.99
O7 NAG T . 21.88 -29.66 -3.52
C1 NAG T . 26.81 -34.32 -0.86
C2 NAG T . 27.47 -35.50 -0.15
C3 NAG T . 28.96 -35.53 -0.51
C4 NAG T . 29.12 -35.57 -2.03
C5 NAG T . 28.40 -34.38 -2.66
C6 NAG T . 28.43 -34.41 -4.17
C7 NAG T . 26.29 -35.86 1.99
C8 NAG T . 25.40 -36.82 1.28
N2 NAG T . 27.34 -35.41 1.29
O3 NAG T . 29.58 -36.64 0.10
O4 NAG T . 30.51 -35.50 -2.36
O5 NAG T . 27.01 -34.39 -2.26
O6 NAG T . 27.82 -35.58 -4.68
O7 NAG T . 26.08 -35.49 3.15
C1 NAG U . -8.82 29.85 -11.27
C2 NAG U . -9.45 29.84 -9.90
C3 NAG U . -10.85 30.25 -10.00
C4 NAG U . -10.96 31.67 -10.61
C5 NAG U . -10.33 31.61 -12.02
C6 NAG U . -10.41 32.94 -12.74
C7 NAG U . -9.03 28.10 -8.27
C8 NAG U . -9.09 26.65 -8.01
N2 NAG U . -9.47 28.48 -9.44
O3 NAG U . -11.44 30.20 -8.67
O4 NAG U . -12.31 32.02 -10.70
O5 NAG U . -8.95 31.25 -11.91
O6 NAG U . -11.71 33.50 -12.61
O7 NAG U . -8.60 28.92 -7.44
C1 NAG V . -32.86 3.35 2.10
C2 NAG V . -32.39 4.40 3.07
C3 NAG V . -33.10 4.24 4.34
C4 NAG V . -34.63 4.39 4.13
C5 NAG V . -35.07 3.29 3.13
C6 NAG V . -36.55 3.32 2.87
C7 NAG V . -30.06 5.01 3.32
C8 NAG V . -28.70 4.50 3.61
N2 NAG V . -31.01 4.11 3.37
O3 NAG V . -32.60 5.23 5.28
O4 NAG V . -35.28 4.23 5.35
O5 NAG V . -34.39 3.49 1.89
O6 NAG V . -37.28 3.45 4.09
O7 NAG V . -30.30 6.20 3.06
C1 NAG W . -9.44 -3.01 31.58
C2 NAG W . -9.80 -1.58 31.29
C3 NAG W . -9.26 -0.72 32.35
C4 NAG W . -9.84 -1.13 33.73
C5 NAG W . -9.43 -2.60 33.98
C6 NAG W . -9.91 -3.09 35.32
C7 NAG W . -9.69 -0.62 29.08
C8 NAG W . -8.81 -0.35 27.91
N2 NAG W . -9.11 -1.20 30.09
O3 NAG W . -9.58 0.66 32.03
O4 NAG W . -9.30 -0.30 34.71
O5 NAG W . -10.00 -3.43 32.97
O6 NAG W . -9.64 -2.14 36.34
O7 NAG W . -10.89 -0.30 29.11
#